data_7R7P
#
_entry.id   7R7P
#
loop_
_entity.id
_entity.type
_entity.pdbx_description
1 polymer 'Gag polyprotein'
2 non-polymer 'INOSITOL HEXAKISPHOSPHATE'
3 non-polymer '3alpha-[(3-carboxy-3-methylbutanoyl)oxy]-8alpha,9beta,10alpha,13alpha,17alpha,19beta-lup-20(29)-en-28-oic acid'
#
_entity_poly.entity_id   1
_entity_poly.type   'polypeptide(L)'
_entity_poly.pdbx_seq_one_letter_code
;GGSPTSILDIRQGPKEPFRDYVDRFYKTLRAEQASQEVKNWMTETLLVQNANPDCKTILKALGPGATLEEMMTACQGVGG
PGHKARVLAEAMSQVTNTATIM
;
_entity_poly.pdbx_strand_id   G,H,I,J,K,L
#
# COMPACT_ATOMS: atom_id res chain seq x y z
N GLY A 1 12.85 -16.62 -27.23
CA GLY A 1 11.87 -15.50 -27.23
C GLY A 1 10.89 -15.69 -26.09
N GLY A 2 9.73 -16.23 -26.40
CA GLY A 2 8.70 -16.47 -25.40
C GLY A 2 7.43 -15.66 -25.72
N SER A 3 6.49 -16.29 -26.41
CA SER A 3 5.23 -15.63 -26.80
C SER A 3 4.22 -15.68 -25.65
N PRO A 4 3.18 -14.89 -25.72
CA PRO A 4 2.12 -14.81 -24.66
C PRO A 4 1.44 -16.16 -24.39
N THR A 5 1.01 -16.34 -23.14
CA THR A 5 0.34 -17.59 -22.71
C THR A 5 1.31 -18.75 -22.57
N SER A 6 2.47 -18.67 -23.19
CA SER A 6 3.41 -19.74 -23.03
C SER A 6 4.05 -19.60 -21.66
N ILE A 7 4.65 -20.67 -21.16
CA ILE A 7 5.34 -20.61 -19.88
C ILE A 7 6.57 -19.74 -20.04
N LEU A 8 6.96 -19.52 -21.29
CA LEU A 8 8.10 -18.68 -21.56
C LEU A 8 7.73 -17.22 -21.32
N ASP A 9 6.44 -16.92 -21.47
CA ASP A 9 5.93 -15.58 -21.22
C ASP A 9 5.42 -15.41 -19.76
N ILE A 10 5.42 -16.51 -19.04
CA ILE A 10 5.02 -16.56 -17.65
C ILE A 10 6.10 -15.99 -16.75
N ARG A 11 5.78 -14.86 -16.11
CA ARG A 11 6.69 -14.23 -15.17
C ARG A 11 5.98 -13.72 -13.95
N GLN A 12 6.61 -13.96 -12.78
CA GLN A 12 6.08 -13.50 -11.52
C GLN A 12 5.99 -12.02 -11.53
N GLY A 13 4.80 -11.53 -11.22
CA GLY A 13 4.66 -10.11 -11.13
C GLY A 13 5.61 -9.62 -10.05
N PRO A 14 6.23 -8.47 -10.27
CA PRO A 14 7.20 -7.89 -9.32
C PRO A 14 6.72 -7.94 -7.88
N LYS A 15 5.39 -7.89 -7.74
CA LYS A 15 4.76 -7.95 -6.45
C LYS A 15 4.07 -9.27 -6.27
N GLU A 16 3.75 -9.92 -7.40
CA GLU A 16 3.03 -11.18 -7.41
C GLU A 16 3.68 -12.20 -6.50
N PRO A 17 2.95 -12.77 -5.59
CA PRO A 17 3.54 -13.78 -4.70
C PRO A 17 4.05 -14.94 -5.50
N PHE A 18 5.08 -15.56 -4.98
CA PHE A 18 5.63 -16.73 -5.61
C PHE A 18 4.53 -17.80 -5.62
N ARG A 19 3.80 -17.83 -4.53
CA ARG A 19 2.72 -18.78 -4.37
C ARG A 19 1.72 -18.55 -5.47
N ASP A 20 1.53 -17.30 -5.79
CA ASP A 20 0.60 -16.99 -6.85
C ASP A 20 1.26 -17.32 -8.17
N TYR A 21 2.38 -16.61 -8.43
CA TYR A 21 3.11 -16.74 -9.67
C TYR A 21 3.40 -18.17 -10.02
N VAL A 22 3.79 -18.92 -9.04
CA VAL A 22 4.05 -20.34 -9.27
C VAL A 22 2.75 -21.05 -9.62
N ASP A 23 1.63 -20.58 -9.09
CA ASP A 23 0.36 -21.24 -9.40
C ASP A 23 -0.02 -21.08 -10.89
N ARG A 24 0.01 -19.83 -11.37
CA ARG A 24 -0.30 -19.53 -12.78
C ARG A 24 0.79 -20.07 -13.68
N PHE A 25 1.97 -20.26 -13.10
CA PHE A 25 3.03 -20.75 -13.90
C PHE A 25 2.61 -22.09 -14.39
N TYR A 26 2.27 -22.93 -13.42
CA TYR A 26 1.87 -24.29 -13.71
C TYR A 26 0.52 -24.35 -14.37
N LYS A 27 -0.38 -23.43 -14.05
CA LYS A 27 -1.66 -23.44 -14.73
C LYS A 27 -1.40 -23.12 -16.20
N THR A 28 -0.66 -22.03 -16.39
CA THR A 28 -0.27 -21.61 -17.74
C THR A 28 0.54 -22.70 -18.43
N LEU A 29 1.37 -23.42 -17.67
CA LEU A 29 2.19 -24.47 -18.25
C LEU A 29 1.28 -25.50 -18.92
N ARG A 30 0.23 -25.87 -18.23
CA ARG A 30 -0.69 -26.85 -18.78
C ARG A 30 -1.17 -26.33 -20.10
N ALA A 31 -1.36 -25.02 -20.13
CA ALA A 31 -1.82 -24.37 -21.34
C ALA A 31 -0.77 -24.56 -22.41
N GLU A 32 0.46 -24.47 -22.02
CA GLU A 32 1.49 -24.70 -22.96
C GLU A 32 1.50 -26.21 -23.29
N GLN A 33 1.68 -26.54 -24.54
CA GLN A 33 1.65 -27.94 -24.91
C GLN A 33 3.03 -28.49 -25.03
N ALA A 34 3.72 -28.55 -23.91
CA ALA A 34 5.08 -29.07 -23.88
C ALA A 34 5.07 -30.51 -23.35
N SER A 35 5.95 -31.34 -23.89
CA SER A 35 6.01 -32.71 -23.45
C SER A 35 6.18 -32.69 -21.94
N GLN A 36 5.83 -33.77 -21.28
CA GLN A 36 5.94 -33.79 -19.83
C GLN A 36 7.38 -33.43 -19.42
N GLU A 37 8.33 -33.96 -20.15
CA GLU A 37 9.72 -33.66 -19.87
C GLU A 37 10.00 -32.18 -20.16
N VAL A 38 9.35 -31.64 -21.18
CA VAL A 38 9.56 -30.25 -21.54
C VAL A 38 8.90 -29.36 -20.47
N LYS A 39 7.69 -29.72 -20.04
CA LYS A 39 7.02 -29.00 -18.98
C LYS A 39 7.78 -29.11 -17.64
N ASN A 40 8.31 -30.29 -17.33
CA ASN A 40 9.05 -30.48 -16.08
C ASN A 40 10.34 -29.63 -16.04
N TRP A 41 11.06 -29.57 -17.14
CA TRP A 41 12.27 -28.75 -17.13
C TRP A 41 11.91 -27.27 -17.26
N MET A 42 10.69 -26.93 -17.78
CA MET A 42 10.29 -25.50 -17.83
C MET A 42 9.98 -25.07 -16.42
N THR A 43 9.28 -25.99 -15.78
CA THR A 43 8.89 -25.86 -14.41
C THR A 43 10.09 -25.51 -13.55
N GLU A 44 11.27 -25.93 -13.99
CA GLU A 44 12.52 -25.69 -13.26
C GLU A 44 13.28 -24.44 -13.73
N THR A 45 13.66 -24.43 -15.01
CA THR A 45 14.43 -23.31 -15.53
C THR A 45 13.60 -22.04 -15.67
N LEU A 46 12.30 -22.18 -16.20
CA LEU A 46 11.39 -21.01 -16.38
C LEU A 46 10.81 -20.56 -15.05
N LEU A 47 10.68 -21.48 -14.08
CA LEU A 47 10.12 -21.07 -12.81
C LEU A 47 11.05 -20.16 -12.05
N VAL A 48 12.33 -20.47 -12.03
CA VAL A 48 13.27 -19.65 -11.31
C VAL A 48 13.59 -18.35 -12.08
N GLN A 49 13.92 -18.50 -13.36
CA GLN A 49 14.29 -17.38 -14.24
C GLN A 49 13.17 -16.40 -14.44
N ASN A 50 11.94 -16.88 -14.44
CA ASN A 50 10.80 -16.00 -14.63
C ASN A 50 10.08 -15.77 -13.33
N ALA A 51 10.75 -15.85 -12.21
CA ALA A 51 10.03 -15.70 -10.95
C ALA A 51 10.30 -14.40 -10.21
N ASN A 52 10.23 -13.22 -10.83
CA ASN A 52 10.40 -12.03 -10.02
C ASN A 52 11.81 -11.99 -9.33
N PRO A 53 12.77 -11.20 -9.81
CA PRO A 53 14.15 -11.09 -9.23
C PRO A 53 14.19 -11.21 -7.68
N ASP A 54 13.07 -10.96 -7.00
CA ASP A 54 13.04 -11.12 -5.54
C ASP A 54 12.99 -12.60 -5.19
N CYS A 55 12.05 -13.30 -5.78
CA CYS A 55 11.92 -14.73 -5.53
C CYS A 55 12.95 -15.46 -6.36
N LYS A 56 13.01 -15.07 -7.59
CA LYS A 56 13.94 -15.60 -8.50
C LYS A 56 15.33 -15.62 -7.88
N THR A 57 15.74 -14.50 -7.28
CA THR A 57 17.06 -14.49 -6.65
C THR A 57 17.07 -15.39 -5.40
N ILE A 58 15.94 -15.38 -4.66
CA ILE A 58 15.81 -16.20 -3.44
C ILE A 58 15.99 -17.66 -3.74
N LEU A 59 15.39 -18.10 -4.84
CA LEU A 59 15.45 -19.48 -5.26
C LEU A 59 16.92 -19.89 -5.32
N LYS A 60 17.68 -19.05 -6.05
CA LYS A 60 19.11 -19.22 -6.25
C LYS A 60 19.76 -19.14 -4.88
N ALA A 61 19.20 -18.23 -4.06
CA ALA A 61 19.65 -18.03 -2.69
C ALA A 61 19.42 -19.29 -1.86
N LEU A 62 18.32 -19.94 -2.14
CA LEU A 62 18.03 -21.15 -1.48
C LEU A 62 19.08 -22.15 -1.94
N GLY A 63 19.66 -21.89 -3.11
CA GLY A 63 20.65 -22.76 -3.60
C GLY A 63 20.00 -23.75 -4.55
N PRO A 64 20.61 -23.96 -5.69
CA PRO A 64 20.10 -24.91 -6.72
C PRO A 64 19.74 -26.26 -6.13
N GLY A 65 18.80 -26.91 -6.77
CA GLY A 65 18.33 -28.18 -6.29
C GLY A 65 17.29 -27.91 -5.19
N ALA A 66 17.05 -26.59 -4.89
CA ALA A 66 16.08 -26.21 -3.86
C ALA A 66 14.76 -26.82 -4.14
N THR A 67 14.15 -27.32 -3.09
CA THR A 67 12.86 -27.91 -3.25
C THR A 67 11.81 -26.83 -3.52
N LEU A 68 10.89 -27.14 -4.42
CA LEU A 68 9.84 -26.19 -4.75
C LEU A 68 9.20 -25.68 -3.46
N GLU A 69 9.21 -26.53 -2.45
CA GLU A 69 8.67 -26.19 -1.14
C GLU A 69 9.46 -25.06 -0.48
N GLU A 70 10.85 -25.11 -0.66
CA GLU A 70 11.76 -24.08 -0.14
C GLU A 70 11.59 -22.75 -0.88
N MET A 71 11.42 -22.83 -2.19
CA MET A 71 11.22 -21.63 -2.98
C MET A 71 9.89 -21.11 -2.59
N MET A 72 8.97 -22.01 -2.40
CA MET A 72 7.66 -21.61 -2.03
C MET A 72 7.72 -20.99 -0.63
N THR A 73 8.48 -21.57 0.28
CA THR A 73 8.59 -21.02 1.64
C THR A 73 9.37 -19.69 1.69
N ALA A 74 10.43 -19.55 0.86
CA ALA A 74 11.26 -18.32 0.90
C ALA A 74 10.74 -17.24 0.00
N CYS A 75 10.19 -17.66 -1.15
CA CYS A 75 9.65 -16.71 -2.11
C CYS A 75 8.22 -16.33 -1.72
N GLN A 76 7.68 -16.98 -0.67
CA GLN A 76 6.34 -16.67 -0.18
C GLN A 76 6.44 -15.46 0.79
N GLY A 77 7.60 -15.29 1.39
CA GLY A 77 7.77 -14.15 2.24
C GLY A 77 7.75 -12.85 1.41
N VAL A 78 7.78 -13.01 0.07
CA VAL A 78 7.79 -11.85 -0.83
C VAL A 78 6.41 -11.35 -1.17
N GLY A 79 6.22 -10.05 -1.06
CA GLY A 79 4.95 -9.46 -1.44
C GLY A 79 4.49 -8.38 -0.48
N GLY A 80 4.07 -8.79 0.69
CA GLY A 80 3.55 -7.85 1.66
C GLY A 80 4.67 -7.18 2.46
N PRO A 81 4.29 -6.57 3.59
CA PRO A 81 5.24 -5.89 4.48
C PRO A 81 6.27 -6.87 5.00
N GLY A 82 5.96 -8.19 4.89
CA GLY A 82 6.92 -9.22 5.29
C GLY A 82 8.18 -9.03 4.50
N HIS A 83 8.00 -8.57 3.27
CA HIS A 83 9.13 -8.36 2.40
C HIS A 83 9.69 -7.05 2.49
N LYS A 84 8.86 -6.10 2.21
CA LYS A 84 9.29 -4.76 2.27
C LYS A 84 10.07 -4.59 3.56
N ALA A 85 9.60 -5.29 4.61
CA ALA A 85 10.24 -5.24 5.90
C ALA A 85 11.63 -5.93 5.93
N ARG A 86 11.65 -7.21 5.61
CA ARG A 86 12.88 -7.94 5.68
C ARG A 86 13.89 -7.31 4.74
N VAL A 87 13.46 -7.12 3.49
CA VAL A 87 14.30 -6.50 2.48
C VAL A 87 14.74 -5.12 2.88
N LEU A 88 13.83 -4.27 3.37
CA LEU A 88 14.26 -2.92 3.80
C LEU A 88 15.36 -3.05 4.87
N ALA A 89 15.18 -3.95 5.83
CA ALA A 89 16.18 -4.11 6.89
C ALA A 89 17.59 -4.43 6.34
N GLU A 90 17.68 -5.32 5.36
CA GLU A 90 18.97 -5.72 4.81
C GLU A 90 19.54 -4.64 3.91
N ALA A 91 18.67 -4.10 3.06
CA ALA A 91 19.04 -3.06 2.15
C ALA A 91 19.47 -1.87 2.95
N MET A 92 18.74 -1.63 4.02
CA MET A 92 18.99 -0.53 4.89
C MET A 92 20.38 -0.65 5.47
N SER A 93 20.72 -1.83 5.95
CA SER A 93 22.06 -1.96 6.54
C SER A 93 23.11 -2.23 5.45
N GLN A 94 22.64 -2.59 4.23
CA GLN A 94 23.55 -2.89 3.16
C GLN A 94 24.21 -1.61 2.78
N VAL A 95 23.39 -0.59 2.73
CA VAL A 95 23.87 0.73 2.37
C VAL A 95 24.60 1.34 3.54
N THR A 96 24.40 0.84 4.74
CA THR A 96 25.11 1.42 5.86
C THR A 96 26.59 1.02 5.79
N ASN A 97 26.86 -0.28 5.74
CA ASN A 97 28.23 -0.79 5.65
C ASN A 97 28.68 -1.04 4.22
N THR A 98 27.84 -1.79 3.50
CA THR A 98 28.09 -2.19 2.12
C THR A 98 27.76 -1.11 1.10
N ALA A 99 27.59 0.13 1.53
CA ALA A 99 27.21 1.18 0.58
C ALA A 99 28.20 1.23 -0.56
N THR A 100 29.47 1.01 -0.25
CA THR A 100 30.46 0.99 -1.31
C THR A 100 30.42 -0.37 -1.99
N ILE A 101 29.98 -0.39 -3.25
CA ILE A 101 29.87 -1.64 -3.98
C ILE A 101 30.63 -1.56 -5.30
N MET A 102 31.50 -2.56 -5.53
CA MET A 102 32.29 -2.59 -6.75
C MET A 102 32.43 -4.02 -7.25
N GLY B 1 1.96 13.36 -31.19
CA GLY B 1 1.43 13.65 -29.83
C GLY B 1 0.95 12.35 -29.19
N GLY B 2 -0.01 11.68 -29.83
CA GLY B 2 -0.55 10.43 -29.30
C GLY B 2 -1.97 10.62 -28.76
N SER B 3 -2.96 10.20 -29.55
CA SER B 3 -4.36 10.31 -29.14
C SER B 3 -4.77 9.05 -28.37
N PRO B 4 -5.93 9.07 -27.75
CA PRO B 4 -6.45 7.92 -26.95
C PRO B 4 -6.58 6.64 -27.77
N THR B 5 -6.26 5.53 -27.11
CA THR B 5 -6.33 4.17 -27.68
C THR B 5 -5.15 3.85 -28.55
N SER B 6 -4.40 4.87 -28.89
CA SER B 6 -3.25 4.66 -29.72
C SER B 6 -2.15 4.06 -28.87
N ILE B 7 -1.27 3.35 -29.52
CA ILE B 7 -0.15 2.80 -28.82
C ILE B 7 0.71 3.96 -28.32
N LEU B 8 0.46 5.14 -28.90
CA LEU B 8 1.18 6.35 -28.51
C LEU B 8 0.70 6.75 -27.09
N ASP B 9 -0.63 6.76 -26.89
CA ASP B 9 -1.17 7.05 -25.59
C ASP B 9 -0.67 6.00 -24.62
N ILE B 10 -0.76 4.73 -25.06
CA ILE B 10 -0.34 3.58 -24.27
C ILE B 10 0.87 3.88 -23.42
N ARG B 11 0.75 3.55 -22.11
CA ARG B 11 1.84 3.75 -21.13
C ARG B 11 1.80 2.73 -20.01
N GLN B 12 2.99 2.29 -19.55
CA GLN B 12 3.03 1.38 -18.41
C GLN B 12 2.56 2.15 -17.25
N GLY B 13 1.46 1.70 -16.66
CA GLY B 13 0.94 2.38 -15.48
C GLY B 13 2.00 2.30 -14.39
N PRO B 14 1.90 3.12 -13.37
CA PRO B 14 2.88 3.08 -12.26
C PRO B 14 2.85 1.73 -11.52
N LYS B 15 1.70 1.10 -11.65
CA LYS B 15 1.45 -0.20 -11.02
C LYS B 15 1.35 -1.28 -12.07
N GLU B 16 1.09 -0.86 -13.29
CA GLU B 16 1.04 -1.78 -14.37
C GLU B 16 2.42 -2.40 -14.52
N PRO B 17 2.56 -3.66 -14.30
CA PRO B 17 3.87 -4.29 -14.47
C PRO B 17 4.24 -4.35 -15.94
N PHE B 18 5.56 -4.19 -16.24
CA PHE B 18 6.06 -4.20 -17.59
C PHE B 18 5.53 -5.41 -18.33
N ARG B 19 5.55 -6.57 -17.68
CA ARG B 19 5.01 -7.81 -18.31
C ARG B 19 3.50 -7.65 -18.67
N ASP B 20 2.80 -6.77 -17.94
CA ASP B 20 1.40 -6.47 -18.20
C ASP B 20 1.31 -5.27 -19.12
N TYR B 21 2.10 -4.20 -18.84
CA TYR B 21 2.05 -3.01 -19.65
C TYR B 21 2.32 -3.40 -21.07
N VAL B 22 3.42 -4.10 -21.23
CA VAL B 22 3.81 -4.62 -22.49
C VAL B 22 2.67 -5.48 -23.04
N ASP B 23 1.79 -6.00 -22.15
CA ASP B 23 0.65 -6.87 -22.61
C ASP B 23 -0.51 -6.03 -23.20
N ARG B 24 -0.85 -4.91 -22.56
CA ARG B 24 -1.94 -4.05 -23.06
C ARG B 24 -1.44 -3.22 -24.23
N PHE B 25 -0.13 -2.97 -24.22
CA PHE B 25 0.52 -2.22 -25.27
C PHE B 25 0.33 -2.97 -26.58
N TYR B 26 0.84 -4.17 -26.62
CA TYR B 26 0.76 -4.97 -27.81
C TYR B 26 -0.69 -5.22 -28.23
N LYS B 27 -1.60 -5.42 -27.27
CA LYS B 27 -3.02 -5.57 -27.61
C LYS B 27 -3.54 -4.27 -28.18
N THR B 28 -3.07 -3.16 -27.59
CA THR B 28 -3.47 -1.83 -28.01
C THR B 28 -2.79 -1.45 -29.32
N LEU B 29 -1.62 -2.04 -29.60
CA LEU B 29 -0.91 -1.75 -30.86
C LEU B 29 -1.66 -2.39 -31.99
N ARG B 30 -2.16 -3.58 -31.73
CA ARG B 30 -2.97 -4.29 -32.71
C ARG B 30 -4.24 -3.49 -32.99
N ALA B 31 -4.70 -2.77 -31.96
CA ALA B 31 -5.92 -1.96 -32.08
C ALA B 31 -5.75 -0.79 -33.05
N GLU B 32 -4.58 -0.18 -33.00
CA GLU B 32 -4.28 0.93 -33.91
C GLU B 32 -3.86 0.31 -35.26
N GLN B 33 -4.59 0.62 -36.32
CA GLN B 33 -4.23 0.05 -37.61
C GLN B 33 -3.02 0.78 -38.16
N ALA B 34 -1.91 0.07 -38.14
CA ALA B 34 -0.66 0.59 -38.61
C ALA B 34 -0.03 -0.45 -39.53
N SER B 35 0.97 -0.05 -40.29
CA SER B 35 1.65 -1.02 -41.15
C SER B 35 2.59 -1.85 -40.28
N GLN B 36 3.15 -2.91 -40.82
CA GLN B 36 4.05 -3.70 -40.02
C GLN B 36 5.24 -2.86 -39.62
N GLU B 37 5.83 -2.14 -40.55
CA GLU B 37 6.96 -1.28 -40.19
C GLU B 37 6.55 -0.32 -39.08
N VAL B 38 5.34 0.21 -39.18
CA VAL B 38 4.87 1.13 -38.18
C VAL B 38 4.76 0.45 -36.82
N LYS B 39 4.06 -0.70 -36.76
CA LYS B 39 3.91 -1.38 -35.47
C LYS B 39 5.27 -1.87 -35.03
N ASN B 40 6.06 -2.34 -36.00
CA ASN B 40 7.41 -2.83 -35.72
C ASN B 40 8.20 -1.82 -34.89
N TRP B 41 8.23 -0.55 -35.30
CA TRP B 41 8.94 0.42 -34.49
C TRP B 41 8.04 1.00 -33.36
N MET B 42 6.69 0.95 -33.48
CA MET B 42 5.83 1.45 -32.36
C MET B 42 6.12 0.63 -31.15
N THR B 43 6.21 -0.63 -31.39
CA THR B 43 6.52 -1.55 -30.36
C THR B 43 7.83 -1.13 -29.69
N GLU B 44 8.68 -0.40 -30.42
CA GLU B 44 9.94 0.01 -29.88
C GLU B 44 9.90 1.39 -29.20
N THR B 45 9.70 2.40 -30.02
CA THR B 45 9.71 3.78 -29.55
C THR B 45 8.60 4.04 -28.56
N LEU B 46 7.43 3.42 -28.70
CA LEU B 46 6.34 3.69 -27.73
C LEU B 46 6.47 2.82 -26.50
N LEU B 47 7.04 1.60 -26.67
CA LEU B 47 7.22 0.70 -25.55
C LEU B 47 8.26 1.21 -24.51
N VAL B 48 9.34 1.82 -24.93
CA VAL B 48 10.36 2.30 -23.98
C VAL B 48 10.04 3.69 -23.42
N GLN B 49 9.55 4.60 -24.29
CA GLN B 49 9.25 6.01 -23.88
C GLN B 49 7.96 6.16 -23.06
N ASN B 50 7.01 5.29 -23.32
CA ASN B 50 5.77 5.33 -22.57
C ASN B 50 5.87 4.37 -21.42
N ALA B 51 7.06 3.72 -21.30
CA ALA B 51 7.23 2.64 -20.34
C ALA B 51 7.36 2.97 -18.86
N ASN B 52 6.44 3.79 -18.27
CA ASN B 52 6.53 3.98 -16.84
C ASN B 52 7.88 4.52 -16.44
N PRO B 53 8.03 5.80 -16.11
CA PRO B 53 9.35 6.40 -15.76
C PRO B 53 10.31 5.34 -15.17
N ASP B 54 9.83 4.44 -14.27
CA ASP B 54 10.69 3.33 -13.74
C ASP B 54 11.17 2.30 -14.82
N CYS B 55 10.24 1.64 -15.50
CA CYS B 55 10.61 0.61 -16.50
C CYS B 55 11.29 1.21 -17.70
N LYS B 56 10.77 2.33 -18.13
CA LYS B 56 11.30 3.05 -19.27
C LYS B 56 12.74 3.48 -19.04
N THR B 57 12.96 4.22 -17.94
CA THR B 57 14.27 4.65 -17.60
C THR B 57 15.11 3.43 -17.32
N ILE B 58 14.44 2.30 -16.95
CA ILE B 58 15.17 1.07 -16.72
C ILE B 58 15.75 0.60 -18.02
N LEU B 59 14.93 0.62 -19.04
CA LEU B 59 15.39 0.18 -20.34
C LEU B 59 16.66 0.95 -20.67
N LYS B 60 16.55 2.26 -20.57
CA LYS B 60 17.67 3.15 -20.83
C LYS B 60 18.77 2.82 -19.85
N ALA B 61 18.35 2.37 -18.63
CA ALA B 61 19.30 1.99 -17.55
C ALA B 61 20.11 0.78 -17.96
N LEU B 62 19.43 -0.17 -18.58
CA LEU B 62 20.05 -1.38 -19.08
C LEU B 62 20.97 -1.02 -20.23
N GLY B 63 20.52 -0.02 -20.99
CA GLY B 63 21.20 0.40 -22.18
C GLY B 63 20.22 0.24 -23.35
N PRO B 64 19.77 1.35 -23.97
CA PRO B 64 18.79 1.32 -25.12
C PRO B 64 19.16 0.32 -26.20
N GLY B 65 18.13 -0.32 -26.75
CA GLY B 65 18.31 -1.37 -27.73
C GLY B 65 18.34 -2.70 -27.00
N ALA B 66 18.29 -2.62 -25.65
CA ALA B 66 18.32 -3.80 -24.80
C ALA B 66 17.33 -4.82 -25.27
N THR B 67 17.73 -6.07 -25.12
CA THR B 67 16.87 -7.15 -25.52
C THR B 67 15.60 -7.10 -24.70
N LEU B 68 14.49 -7.44 -25.35
CA LEU B 68 13.21 -7.41 -24.66
C LEU B 68 13.33 -8.19 -23.35
N GLU B 69 14.21 -9.18 -23.31
CA GLU B 69 14.44 -9.95 -22.09
C GLU B 69 15.11 -9.11 -21.01
N GLU B 70 16.07 -8.26 -21.42
CA GLU B 70 16.76 -7.42 -20.44
C GLU B 70 15.82 -6.36 -19.87
N MET B 71 14.98 -5.77 -20.73
CA MET B 71 14.03 -4.77 -20.23
C MET B 71 12.92 -5.49 -19.53
N MET B 72 12.61 -6.69 -19.97
CA MET B 72 11.56 -7.45 -19.34
C MET B 72 11.98 -7.91 -17.97
N THR B 73 13.17 -8.48 -17.82
CA THR B 73 13.61 -8.96 -16.52
C THR B 73 13.71 -7.77 -15.58
N ALA B 74 14.39 -6.74 -16.06
CA ALA B 74 14.57 -5.52 -15.29
C ALA B 74 13.24 -4.83 -14.94
N CYS B 75 12.31 -4.83 -15.89
CA CYS B 75 11.06 -4.13 -15.67
C CYS B 75 10.01 -5.09 -15.08
N GLN B 76 10.19 -6.39 -15.29
CA GLN B 76 9.27 -7.39 -14.72
C GLN B 76 9.58 -7.54 -13.23
N GLY B 77 10.66 -6.86 -12.80
CA GLY B 77 11.01 -6.82 -11.40
C GLY B 77 10.40 -5.53 -10.81
N VAL B 78 10.00 -4.56 -11.74
CA VAL B 78 9.33 -3.26 -11.30
C VAL B 78 7.83 -3.45 -11.05
N GLY B 79 7.42 -3.31 -9.79
CA GLY B 79 6.03 -3.39 -9.44
C GLY B 79 5.81 -3.49 -7.93
N GLY B 80 6.39 -4.50 -7.30
CA GLY B 80 6.19 -4.71 -5.88
C GLY B 80 7.38 -4.29 -5.09
N PRO B 81 7.43 -4.68 -3.84
CA PRO B 81 8.55 -4.31 -2.93
C PRO B 81 9.87 -4.91 -3.39
N GLY B 82 9.81 -5.93 -4.26
CA GLY B 82 11.06 -6.36 -4.86
C GLY B 82 11.65 -5.09 -5.46
N HIS B 83 10.73 -4.23 -5.94
CA HIS B 83 11.08 -2.95 -6.47
C HIS B 83 10.99 -1.81 -5.49
N LYS B 84 9.80 -1.62 -4.93
CA LYS B 84 9.60 -0.54 -4.00
C LYS B 84 10.70 -0.59 -2.91
N ALA B 85 11.26 -1.79 -2.70
CA ALA B 85 12.34 -2.00 -1.74
C ALA B 85 13.75 -1.87 -2.35
N ARG B 86 14.01 -2.63 -3.44
CA ARG B 86 15.33 -2.59 -4.07
C ARG B 86 15.69 -1.15 -4.34
N VAL B 87 14.68 -0.41 -4.82
CA VAL B 87 14.83 0.98 -5.08
C VAL B 87 14.94 1.73 -3.75
N LEU B 88 14.01 1.50 -2.80
CA LEU B 88 14.10 2.24 -1.51
C LEU B 88 15.51 2.22 -0.98
N ALA B 89 16.18 1.08 -1.10
CA ALA B 89 17.56 0.96 -0.62
C ALA B 89 18.48 1.90 -1.39
N GLU B 90 18.35 1.85 -2.72
CA GLU B 90 19.18 2.67 -3.61
C GLU B 90 18.83 4.15 -3.62
N ALA B 91 17.57 4.50 -3.78
CA ALA B 91 17.19 5.90 -3.77
C ALA B 91 17.63 6.47 -2.43
N MET B 92 17.46 5.63 -1.40
CA MET B 92 17.93 5.97 -0.06
C MET B 92 19.44 6.20 -0.13
N SER B 93 20.13 5.37 -0.94
CA SER B 93 21.56 5.53 -1.08
C SER B 93 21.87 6.64 -2.10
N GLN B 94 20.84 7.10 -2.79
CA GLN B 94 21.02 8.16 -3.72
C GLN B 94 20.98 9.49 -2.94
N VAL B 95 20.12 9.57 -1.93
CA VAL B 95 20.02 10.80 -1.12
C VAL B 95 20.97 10.79 0.07
N THR B 96 21.48 9.62 0.45
CA THR B 96 22.41 9.61 1.57
C THR B 96 23.73 10.24 1.12
N ASN B 97 24.27 9.73 0.01
CA ASN B 97 25.53 10.22 -0.55
C ASN B 97 25.32 11.28 -1.64
N THR B 98 24.48 10.91 -2.61
CA THR B 98 24.20 11.73 -3.79
C THR B 98 23.09 12.77 -3.58
N ALA B 99 22.68 13.04 -2.34
CA ALA B 99 21.59 13.99 -2.14
C ALA B 99 21.94 15.32 -2.78
N THR B 100 23.20 15.73 -2.69
CA THR B 100 23.59 16.96 -3.34
C THR B 100 23.62 16.71 -4.83
N ILE B 101 22.69 17.32 -5.56
CA ILE B 101 22.60 17.12 -6.99
C ILE B 101 22.58 18.46 -7.72
N MET B 102 23.46 18.61 -8.70
CA MET B 102 23.53 19.85 -9.47
C MET B 102 23.77 19.56 -10.94
N GLY C 1 -17.12 28.02 -5.67
CA GLY C 1 -17.56 26.68 -5.19
C GLY C 1 -17.63 25.72 -6.37
N GLY C 2 -17.60 24.43 -6.09
CA GLY C 2 -17.66 23.42 -7.13
C GLY C 2 -18.58 22.24 -6.74
N SER C 3 -19.67 22.06 -7.50
CA SER C 3 -20.63 20.97 -7.23
C SER C 3 -20.28 19.68 -7.98
N PRO C 4 -20.80 18.55 -7.54
CA PRO C 4 -20.54 17.22 -8.19
C PRO C 4 -20.82 17.20 -9.70
N THR C 5 -20.11 16.32 -10.42
CA THR C 5 -20.21 16.20 -11.88
C THR C 5 -19.42 17.28 -12.55
N SER C 6 -19.70 18.51 -12.14
CA SER C 6 -18.99 19.64 -12.68
C SER C 6 -17.51 19.47 -12.44
N ILE C 7 -16.77 19.86 -13.43
CA ILE C 7 -15.33 19.77 -13.40
C ILE C 7 -14.78 20.57 -12.23
N LEU C 8 -15.62 21.41 -11.65
CA LEU C 8 -15.22 22.21 -10.51
C LEU C 8 -15.15 21.33 -9.25
N ASP C 9 -15.54 20.07 -9.39
CA ASP C 9 -15.45 19.11 -8.30
C ASP C 9 -14.54 17.98 -8.74
N ILE C 10 -13.92 18.16 -9.88
CA ILE C 10 -13.02 17.17 -10.40
C ILE C 10 -11.63 17.37 -9.82
N ARG C 11 -11.22 16.45 -8.94
CA ARG C 11 -9.90 16.49 -8.33
C ARG C 11 -9.18 15.14 -8.45
N GLN C 12 -7.86 15.20 -8.71
CA GLN C 12 -7.05 14.00 -8.85
C GLN C 12 -7.03 13.23 -7.57
N GLY C 13 -7.04 11.93 -7.74
CA GLY C 13 -6.91 11.06 -6.60
C GLY C 13 -5.38 11.01 -6.24
N PRO C 14 -5.02 11.23 -4.96
CA PRO C 14 -3.61 11.20 -4.54
C PRO C 14 -2.94 9.92 -5.04
N LYS C 15 -3.72 8.85 -5.08
CA LYS C 15 -3.22 7.59 -5.62
C LYS C 15 -3.58 7.47 -7.10
N GLU C 16 -4.60 8.20 -7.51
CA GLU C 16 -5.04 8.20 -8.89
C GLU C 16 -3.94 8.75 -9.75
N PRO C 17 -3.49 8.06 -10.77
CA PRO C 17 -2.44 8.59 -11.66
C PRO C 17 -2.86 9.85 -12.36
N PHE C 18 -1.91 10.75 -12.55
CA PHE C 18 -2.20 11.95 -13.27
C PHE C 18 -2.66 11.58 -14.64
N ARG C 19 -2.11 10.44 -15.14
CA ARG C 19 -2.49 9.89 -16.44
C ARG C 19 -3.98 9.49 -16.43
N ASP C 20 -4.46 9.12 -15.25
CA ASP C 20 -5.88 8.77 -15.12
C ASP C 20 -6.67 10.03 -14.82
N TYR C 21 -6.33 10.67 -13.70
CA TYR C 21 -7.02 11.89 -13.29
C TYR C 21 -7.11 12.87 -14.44
N VAL C 22 -6.02 13.04 -15.18
CA VAL C 22 -6.06 13.94 -16.32
C VAL C 22 -7.22 13.54 -17.22
N ASP C 23 -7.40 12.23 -17.44
CA ASP C 23 -8.50 11.77 -18.25
C ASP C 23 -9.82 12.08 -17.56
N ARG C 24 -9.95 11.69 -16.28
CA ARG C 24 -11.22 11.94 -15.55
C ARG C 24 -11.63 13.40 -15.71
N PHE C 25 -10.64 14.27 -15.78
CA PHE C 25 -10.91 15.67 -15.94
C PHE C 25 -11.54 15.98 -17.30
N TYR C 26 -11.03 15.38 -18.34
CA TYR C 26 -11.53 15.73 -19.66
C TYR C 26 -12.85 15.02 -19.95
N LYS C 27 -12.94 13.75 -19.60
CA LYS C 27 -14.18 12.99 -19.77
C LYS C 27 -15.27 13.60 -18.89
N THR C 28 -14.95 13.86 -17.61
CA THR C 28 -15.94 14.46 -16.71
C THR C 28 -16.40 15.78 -17.29
N LEU C 29 -15.49 16.47 -17.92
CA LEU C 29 -15.81 17.74 -18.56
C LEU C 29 -16.85 17.48 -19.68
N ARG C 30 -16.70 16.35 -20.38
CA ARG C 30 -17.66 16.04 -21.43
C ARG C 30 -19.04 16.01 -20.79
N ALA C 31 -19.06 15.62 -19.50
CA ALA C 31 -20.29 15.53 -18.70
C ALA C 31 -20.90 16.92 -18.45
N GLU C 32 -20.06 17.94 -18.54
CA GLU C 32 -20.50 19.33 -18.31
C GLU C 32 -20.71 20.00 -19.68
N GLN C 33 -21.74 20.81 -19.82
CA GLN C 33 -21.94 21.48 -21.09
C GLN C 33 -21.34 22.88 -21.03
N ALA C 34 -20.01 22.94 -20.98
CA ALA C 34 -19.32 24.23 -20.87
C ALA C 34 -18.87 24.73 -22.24
N SER C 35 -18.81 26.05 -22.41
CA SER C 35 -18.33 26.57 -23.69
C SER C 35 -16.93 26.01 -23.90
N GLN C 36 -16.54 25.73 -25.14
CA GLN C 36 -15.24 25.10 -25.38
C GLN C 36 -14.12 25.82 -24.65
N GLU C 37 -14.10 27.14 -24.74
CA GLU C 37 -13.10 27.94 -24.03
C GLU C 37 -13.30 27.78 -22.52
N VAL C 38 -14.57 27.69 -22.12
CA VAL C 38 -14.90 27.48 -20.73
C VAL C 38 -14.43 26.12 -20.29
N LYS C 39 -14.39 25.19 -21.22
CA LYS C 39 -13.96 23.83 -20.93
C LYS C 39 -12.42 23.71 -21.01
N ASN C 40 -11.78 24.47 -21.90
CA ASN C 40 -10.32 24.39 -22.08
C ASN C 40 -9.56 25.13 -20.97
N TRP C 41 -9.81 26.42 -20.82
CA TRP C 41 -9.13 27.15 -19.77
C TRP C 41 -9.44 26.46 -18.43
N MET C 42 -10.59 25.70 -18.42
CA MET C 42 -11.03 24.92 -17.25
C MET C 42 -10.07 23.79 -17.11
N THR C 43 -9.83 23.19 -18.27
CA THR C 43 -8.89 22.12 -18.43
C THR C 43 -7.52 22.61 -18.04
N GLU C 44 -7.36 23.92 -18.04
CA GLU C 44 -6.11 24.48 -17.63
C GLU C 44 -6.08 24.76 -16.14
N THR C 45 -6.92 25.71 -15.69
CA THR C 45 -6.95 26.12 -14.30
C THR C 45 -7.55 25.07 -13.38
N LEU C 46 -8.67 24.45 -13.75
CA LEU C 46 -9.28 23.43 -12.87
C LEU C 46 -8.40 22.17 -12.81
N LEU C 47 -7.81 21.79 -13.94
CA LEU C 47 -6.95 20.60 -13.97
C LEU C 47 -5.79 20.74 -13.01
N VAL C 48 -4.88 21.68 -13.28
CA VAL C 48 -3.69 21.84 -12.45
C VAL C 48 -4.02 22.02 -10.98
N GLN C 49 -4.91 22.95 -10.66
CA GLN C 49 -5.27 23.25 -9.28
C GLN C 49 -5.98 22.08 -8.58
N ASN C 50 -6.74 21.29 -9.36
CA ASN C 50 -7.47 20.15 -8.80
C ASN C 50 -6.68 18.85 -9.03
N ALA C 51 -5.45 18.97 -9.50
CA ALA C 51 -4.67 17.79 -9.84
C ALA C 51 -3.92 17.13 -8.69
N ASN C 52 -4.51 16.94 -7.48
CA ASN C 52 -3.73 16.22 -6.45
C ASN C 52 -2.47 17.01 -6.16
N PRO C 53 -2.39 17.74 -5.06
CA PRO C 53 -1.20 18.60 -4.77
C PRO C 53 0.11 17.97 -5.28
N ASP C 54 0.23 16.65 -5.24
CA ASP C 54 1.45 16.06 -5.77
C ASP C 54 1.59 16.42 -7.24
N CYS C 55 0.67 15.95 -8.11
CA CYS C 55 0.78 16.28 -9.53
C CYS C 55 0.69 17.77 -9.71
N LYS C 56 -0.36 18.33 -9.15
CA LYS C 56 -0.65 19.76 -9.19
C LYS C 56 0.57 20.61 -8.93
N THR C 57 1.33 20.28 -7.90
CA THR C 57 2.51 21.05 -7.62
C THR C 57 3.57 20.69 -8.66
N ILE C 58 3.64 19.38 -9.03
CA ILE C 58 4.59 18.91 -10.05
C ILE C 58 4.44 19.70 -11.31
N LEU C 59 3.20 20.08 -11.60
CA LEU C 59 2.93 20.86 -12.79
C LEU C 59 3.71 22.15 -12.64
N LYS C 60 3.65 22.72 -11.43
CA LYS C 60 4.40 23.96 -11.11
C LYS C 60 5.87 23.68 -11.08
N ALA C 61 6.20 22.50 -10.64
CA ALA C 61 7.56 22.06 -10.59
C ALA C 61 8.07 22.01 -12.00
N LEU C 62 7.18 21.55 -12.90
CA LEU C 62 7.49 21.41 -14.32
C LEU C 62 7.71 22.75 -14.99
N GLY C 63 7.59 23.84 -14.23
CA GLY C 63 7.77 25.14 -14.80
C GLY C 63 6.59 25.47 -15.70
N PRO C 64 5.69 26.35 -15.24
CA PRO C 64 4.50 26.79 -16.04
C PRO C 64 4.86 27.00 -17.49
N GLY C 65 3.87 27.05 -18.34
CA GLY C 65 4.16 27.13 -19.74
C GLY C 65 4.57 25.74 -20.13
N ALA C 66 3.75 24.81 -19.61
CA ALA C 66 3.91 23.37 -19.79
C ALA C 66 3.04 22.81 -20.87
N THR C 67 3.41 21.59 -21.21
CA THR C 67 2.69 20.78 -22.16
C THR C 67 1.96 19.71 -21.36
N LEU C 68 0.71 19.40 -21.70
CA LEU C 68 -0.04 18.40 -20.91
C LEU C 68 0.74 17.08 -20.79
N GLU C 69 1.46 16.74 -21.84
CA GLU C 69 2.27 15.53 -21.85
C GLU C 69 3.34 15.48 -20.76
N GLU C 70 4.12 16.57 -20.59
CA GLU C 70 5.18 16.56 -19.56
C GLU C 70 4.61 16.22 -18.21
N MET C 71 3.69 17.08 -17.72
CA MET C 71 2.99 16.87 -16.42
C MET C 71 2.32 15.54 -16.44
N MET C 72 2.02 15.03 -17.62
CA MET C 72 1.47 13.72 -17.63
C MET C 72 2.58 12.74 -17.25
N THR C 73 3.79 12.92 -17.81
CA THR C 73 4.94 12.06 -17.49
C THR C 73 5.43 12.22 -16.02
N ALA C 74 5.68 13.47 -15.58
CA ALA C 74 6.15 13.72 -14.18
C ALA C 74 5.15 13.28 -13.14
N CYS C 75 3.89 13.54 -13.44
CA CYS C 75 2.81 13.21 -12.53
C CYS C 75 2.33 11.76 -12.79
N GLN C 76 2.99 11.08 -13.74
CA GLN C 76 2.67 9.68 -14.02
C GLN C 76 3.48 8.77 -13.09
N GLY C 77 4.73 9.24 -12.78
CA GLY C 77 5.64 8.55 -11.87
C GLY C 77 5.03 8.44 -10.47
N VAL C 78 3.84 9.06 -10.32
CA VAL C 78 3.07 9.03 -9.10
C VAL C 78 2.08 7.83 -9.13
N GLY C 79 2.20 6.95 -8.13
CA GLY C 79 1.32 5.82 -8.00
C GLY C 79 2.12 4.57 -7.75
N GLY C 80 3.21 4.43 -8.49
CA GLY C 80 4.07 3.28 -8.34
C GLY C 80 5.27 3.65 -7.50
N PRO C 81 6.16 2.71 -7.28
CA PRO C 81 7.40 2.96 -6.48
C PRO C 81 8.18 4.17 -7.04
N GLY C 82 7.89 4.59 -8.32
CA GLY C 82 8.56 5.76 -8.86
C GLY C 82 8.35 6.87 -7.87
N HIS C 83 7.17 6.85 -7.20
CA HIS C 83 6.86 7.87 -6.19
C HIS C 83 7.29 7.56 -4.88
N LYS C 84 6.88 6.47 -4.47
CA LYS C 84 7.21 6.05 -3.20
C LYS C 84 8.75 5.96 -3.11
N ALA C 85 9.44 5.95 -4.28
CA ALA C 85 10.92 5.93 -4.34
C ALA C 85 11.52 7.35 -4.40
N ARG C 86 11.20 8.08 -5.49
CA ARG C 86 11.75 9.42 -5.71
C ARG C 86 11.34 10.39 -4.63
N VAL C 87 10.03 10.44 -4.33
CA VAL C 87 9.52 11.33 -3.30
C VAL C 87 10.11 10.92 -1.99
N LEU C 88 10.17 9.64 -1.75
CA LEU C 88 10.73 9.17 -0.51
C LEU C 88 12.15 9.68 -0.36
N ALA C 89 12.95 9.53 -1.41
CA ALA C 89 14.33 9.97 -1.38
C ALA C 89 14.38 11.49 -1.19
N GLU C 90 13.53 12.20 -1.91
CA GLU C 90 13.51 13.67 -1.86
C GLU C 90 13.09 14.22 -0.53
N ALA C 91 12.05 13.65 0.03
CA ALA C 91 11.59 14.07 1.34
C ALA C 91 12.61 13.62 2.34
N MET C 92 13.16 12.42 2.09
CA MET C 92 14.19 11.85 2.93
C MET C 92 15.30 12.89 3.04
N SER C 93 15.58 13.60 1.95
CA SER C 93 16.67 14.60 1.95
C SER C 93 16.15 16.03 1.93
N GLN C 94 14.85 16.21 1.79
CA GLN C 94 14.29 17.55 1.79
C GLN C 94 14.61 18.12 3.13
N VAL C 95 14.56 17.25 4.11
CA VAL C 95 14.83 17.63 5.46
C VAL C 95 16.32 17.48 5.79
N THR C 96 16.98 16.46 5.27
CA THR C 96 18.38 16.26 5.61
C THR C 96 19.17 17.56 5.40
N ASN C 97 19.02 18.17 4.23
CA ASN C 97 19.72 19.42 3.93
C ASN C 97 18.90 20.66 4.31
N THR C 98 17.62 20.61 3.98
CA THR C 98 16.69 21.72 4.18
C THR C 98 15.86 21.61 5.47
N ALA C 99 16.29 20.82 6.45
CA ALA C 99 15.46 20.62 7.65
C ALA C 99 15.08 21.96 8.24
N THR C 100 15.97 22.93 8.23
CA THR C 100 15.59 24.23 8.75
C THR C 100 14.71 24.90 7.70
N ILE C 101 13.43 25.03 7.99
CA ILE C 101 12.50 25.63 7.04
C ILE C 101 11.77 26.81 7.67
N MET C 102 11.82 27.96 7.01
CA MET C 102 11.17 29.16 7.51
C MET C 102 10.76 30.08 6.36
N GLY D 1 -23.10 12.39 21.22
CA GLY D 1 -22.61 11.02 20.92
C GLY D 1 -22.46 10.84 19.41
N GLY D 2 -23.57 10.56 18.75
CA GLY D 2 -23.56 10.37 17.30
C GLY D 2 -23.88 8.92 16.93
N SER D 3 -25.15 8.68 16.57
CA SER D 3 -25.60 7.34 16.17
C SER D 3 -25.42 7.18 14.66
N PRO D 4 -25.37 5.96 14.16
CA PRO D 4 -25.18 5.68 12.70
C PRO D 4 -26.22 6.35 11.82
N THR D 5 -25.76 6.70 10.61
CA THR D 5 -26.58 7.36 9.58
C THR D 5 -26.75 8.84 9.83
N SER D 6 -26.42 9.30 11.03
CA SER D 6 -26.56 10.71 11.31
C SER D 6 -25.26 11.39 10.93
N ILE D 7 -25.34 12.66 10.57
CA ILE D 7 -24.11 13.36 10.23
C ILE D 7 -23.21 13.29 11.44
N LEU D 8 -23.81 13.15 12.59
CA LEU D 8 -23.00 13.04 13.74
C LEU D 8 -22.13 11.79 13.60
N ASP D 9 -22.72 10.66 13.13
CA ASP D 9 -21.91 9.45 12.94
C ASP D 9 -20.98 9.57 11.73
N ILE D 10 -21.28 10.49 10.83
CA ILE D 10 -20.43 10.71 9.65
C ILE D 10 -18.96 11.05 10.02
N ARG D 11 -18.01 10.28 9.46
CA ARG D 11 -16.59 10.55 9.72
C ARG D 11 -15.68 10.15 8.58
N GLN D 12 -14.83 11.09 8.20
CA GLN D 12 -13.84 10.83 7.18
C GLN D 12 -13.04 9.67 7.62
N GLY D 13 -12.99 8.68 6.76
CA GLY D 13 -12.24 7.51 7.06
C GLY D 13 -10.82 7.88 7.29
N PRO D 14 -10.07 7.04 7.96
CA PRO D 14 -8.64 7.31 8.26
C PRO D 14 -7.86 7.62 7.00
N LYS D 15 -8.28 7.02 5.90
CA LYS D 15 -7.63 7.24 4.62
C LYS D 15 -8.57 7.97 3.66
N GLU D 16 -9.86 7.99 4.01
CA GLU D 16 -10.87 8.64 3.18
C GLU D 16 -10.50 10.07 2.89
N PRO D 17 -10.48 10.50 1.64
CA PRO D 17 -10.17 11.92 1.30
C PRO D 17 -11.24 12.87 1.75
N PHE D 18 -10.82 14.13 1.91
CA PHE D 18 -11.75 15.14 2.32
C PHE D 18 -12.78 15.27 1.28
N ARG D 19 -12.37 15.00 0.02
CA ARG D 19 -13.29 15.09 -1.10
C ARG D 19 -14.37 14.04 -0.93
N ASP D 20 -13.97 12.78 -0.83
CA ASP D 20 -14.99 11.72 -0.70
C ASP D 20 -15.82 11.90 0.56
N TYR D 21 -15.14 12.15 1.65
CA TYR D 21 -15.78 12.31 2.91
C TYR D 21 -16.79 13.44 2.85
N VAL D 22 -16.39 14.53 2.28
CA VAL D 22 -17.31 15.62 2.20
C VAL D 22 -18.53 15.18 1.35
N ASP D 23 -18.37 14.15 0.52
CA ASP D 23 -19.50 13.70 -0.29
C ASP D 23 -20.49 12.85 0.56
N ARG D 24 -19.96 11.85 1.26
CA ARG D 24 -20.86 11.03 2.06
C ARG D 24 -21.45 11.82 3.20
N PHE D 25 -20.72 12.81 3.65
CA PHE D 25 -21.20 13.62 4.78
C PHE D 25 -22.48 14.34 4.42
N TYR D 26 -22.39 15.15 3.37
CA TYR D 26 -23.49 15.98 2.94
C TYR D 26 -24.66 15.13 2.51
N LYS D 27 -24.37 14.02 1.80
CA LYS D 27 -25.40 13.07 1.43
C LYS D 27 -26.02 12.50 2.72
N THR D 28 -25.18 12.24 3.71
CA THR D 28 -25.71 11.74 4.95
C THR D 28 -26.57 12.83 5.59
N LEU D 29 -26.09 14.06 5.46
CA LEU D 29 -26.77 15.21 6.02
C LEU D 29 -28.11 15.28 5.37
N ARG D 30 -28.17 14.95 4.09
CA ARG D 30 -29.45 14.89 3.43
C ARG D 30 -30.27 13.82 4.15
N ALA D 31 -29.55 12.73 4.50
CA ALA D 31 -30.14 11.57 5.21
C ALA D 31 -30.61 11.93 6.61
N GLU D 32 -30.14 13.06 7.11
CA GLU D 32 -30.51 13.51 8.45
C GLU D 32 -31.62 14.57 8.35
N GLN D 33 -32.37 14.71 9.43
CA GLN D 33 -33.46 15.66 9.40
C GLN D 33 -33.24 16.80 10.35
N ALA D 34 -32.22 17.57 10.03
CA ALA D 34 -31.88 18.77 10.77
C ALA D 34 -32.15 19.97 9.84
N SER D 35 -32.60 21.06 10.37
CA SER D 35 -32.85 22.18 9.51
C SER D 35 -31.54 22.57 8.81
N GLN D 36 -31.60 23.49 7.87
CA GLN D 36 -30.39 23.92 7.16
C GLN D 36 -29.50 24.61 8.19
N GLU D 37 -30.15 25.33 9.13
CA GLU D 37 -29.47 26.07 10.21
C GLU D 37 -28.71 25.10 11.15
N VAL D 38 -29.31 23.87 11.32
CA VAL D 38 -28.72 22.77 12.13
C VAL D 38 -27.76 21.89 11.29
N LYS D 39 -28.11 21.71 10.01
CA LYS D 39 -27.33 20.90 9.06
C LYS D 39 -26.09 21.66 8.55
N ASN D 40 -26.33 22.88 8.07
CA ASN D 40 -25.24 23.70 7.52
C ASN D 40 -24.15 23.88 8.54
N TRP D 41 -24.52 24.04 9.81
CA TRP D 41 -23.44 24.18 10.78
C TRP D 41 -22.87 22.78 11.10
N MET D 42 -23.67 21.72 11.00
CA MET D 42 -23.09 20.37 11.17
C MET D 42 -22.05 20.22 10.09
N THR D 43 -22.43 20.72 8.93
CA THR D 43 -21.58 20.77 7.76
C THR D 43 -20.29 21.54 8.07
N GLU D 44 -20.36 22.39 9.09
CA GLU D 44 -19.21 23.18 9.53
C GLU D 44 -18.44 22.52 10.69
N THR D 45 -19.17 22.33 11.80
CA THR D 45 -18.58 21.77 13.02
C THR D 45 -18.21 20.30 12.86
N LEU D 46 -19.19 19.44 12.55
CA LEU D 46 -18.94 18.00 12.40
C LEU D 46 -17.95 17.72 11.28
N LEU D 47 -18.11 18.42 10.17
CA LEU D 47 -17.25 18.19 9.03
C LEU D 47 -15.77 18.28 9.41
N VAL D 48 -15.29 19.46 9.81
CA VAL D 48 -13.88 19.62 10.18
C VAL D 48 -13.41 18.52 11.17
N GLN D 49 -14.16 18.37 12.29
CA GLN D 49 -13.86 17.41 13.38
C GLN D 49 -13.91 15.92 12.98
N ASN D 50 -14.94 15.57 12.31
CA ASN D 50 -15.12 14.20 11.92
C ASN D 50 -14.29 13.90 10.69
N ALA D 51 -13.74 14.96 10.07
CA ALA D 51 -13.03 14.83 8.81
C ALA D 51 -11.64 14.21 8.88
N ASN D 52 -11.35 13.25 9.79
CA ASN D 52 -10.03 12.62 9.75
C ASN D 52 -8.88 13.58 10.15
N PRO D 53 -8.29 13.43 11.35
CA PRO D 53 -7.21 14.34 11.87
C PRO D 53 -6.27 14.87 10.77
N ASP D 54 -6.01 14.10 9.71
CA ASP D 54 -5.14 14.64 8.65
C ASP D 54 -5.78 15.85 8.00
N CYS D 55 -7.06 15.76 7.71
CA CYS D 55 -7.75 16.88 7.11
C CYS D 55 -8.15 17.85 8.17
N LYS D 56 -8.77 17.30 9.16
CA LYS D 56 -9.22 18.06 10.29
C LYS D 56 -8.12 18.96 10.82
N THR D 57 -6.91 18.40 10.99
CA THR D 57 -5.79 19.22 11.48
C THR D 57 -5.49 20.34 10.47
N ILE D 58 -5.45 20.00 9.14
CA ILE D 58 -5.18 20.99 8.09
C ILE D 58 -6.20 22.06 8.19
N LEU D 59 -7.42 21.59 8.31
CA LEU D 59 -8.58 22.45 8.40
C LEU D 59 -8.33 23.60 9.41
N LYS D 60 -7.94 23.25 10.61
CA LYS D 60 -7.68 24.26 11.63
C LYS D 60 -6.47 25.11 11.23
N ALA D 61 -5.59 24.52 10.44
CA ALA D 61 -4.37 25.23 10.03
C ALA D 61 -4.65 26.35 9.02
N LEU D 62 -5.48 26.06 8.04
CA LEU D 62 -5.77 27.00 6.97
C LEU D 62 -6.13 28.36 7.55
N GLY D 63 -6.84 28.36 8.68
CA GLY D 63 -7.21 29.62 9.32
C GLY D 63 -8.73 29.75 9.41
N PRO D 64 -9.30 29.93 10.62
CA PRO D 64 -10.77 30.03 10.80
C PRO D 64 -11.43 30.81 9.68
N GLY D 65 -12.49 30.22 9.15
CA GLY D 65 -13.19 30.83 8.01
C GLY D 65 -12.59 30.28 6.71
N ALA D 66 -11.71 29.24 6.83
CA ALA D 66 -11.12 28.65 5.65
C ALA D 66 -12.26 28.34 4.75
N THR D 67 -12.21 28.82 3.52
CA THR D 67 -13.32 28.56 2.64
C THR D 67 -13.48 27.07 2.59
N LEU D 68 -14.69 26.57 2.61
CA LEU D 68 -14.87 25.14 2.53
C LEU D 68 -14.05 24.68 1.35
N GLU D 69 -14.00 25.53 0.34
CA GLU D 69 -13.22 25.26 -0.83
C GLU D 69 -11.74 25.08 -0.47
N GLU D 70 -11.13 26.00 0.32
CA GLU D 70 -9.71 25.85 0.65
C GLU D 70 -9.44 24.50 1.26
N MET D 71 -10.17 24.13 2.32
CA MET D 71 -9.99 22.79 2.94
C MET D 71 -10.42 21.73 1.90
N MET D 72 -11.37 22.09 1.03
CA MET D 72 -11.84 21.15 0.02
C MET D 72 -10.69 20.79 -0.91
N THR D 73 -9.80 21.78 -1.17
CA THR D 73 -8.60 21.55 -2.01
C THR D 73 -7.45 20.85 -1.20
N ALA D 74 -7.18 21.33 0.03
CA ALA D 74 -6.07 20.80 0.91
C ALA D 74 -6.32 19.48 1.58
N CYS D 75 -7.49 19.38 2.22
CA CYS D 75 -7.81 18.23 2.99
C CYS D 75 -7.92 17.01 2.10
N GLN D 76 -8.54 17.20 0.95
CA GLN D 76 -8.73 16.16 -0.07
C GLN D 76 -7.42 15.59 -0.56
N GLY D 77 -6.38 16.44 -0.64
CA GLY D 77 -5.08 16.01 -1.18
C GLY D 77 -4.54 14.79 -0.45
N VAL D 78 -5.15 14.46 0.69
CA VAL D 78 -4.76 13.34 1.53
C VAL D 78 -5.16 12.00 0.92
N GLY D 79 -4.41 10.97 1.28
CA GLY D 79 -4.67 9.62 0.81
C GLY D 79 -3.37 8.91 0.44
N GLY D 80 -3.26 8.58 -0.84
CA GLY D 80 -2.09 7.93 -1.37
C GLY D 80 -0.95 8.94 -1.31
N PRO D 81 -0.12 9.02 -2.34
CA PRO D 81 1.01 10.00 -2.36
C PRO D 81 0.62 11.34 -1.75
N GLY D 82 -0.66 11.68 -1.74
CA GLY D 82 -1.04 12.92 -1.13
C GLY D 82 -0.50 12.98 0.30
N HIS D 83 -0.71 11.91 1.09
CA HIS D 83 -0.19 11.87 2.46
C HIS D 83 1.03 11.11 2.64
N LYS D 84 1.29 10.25 1.78
CA LYS D 84 2.48 9.57 1.90
C LYS D 84 3.62 10.55 1.56
N ALA D 85 3.42 11.26 0.43
CA ALA D 85 4.43 12.16 -0.12
C ALA D 85 4.63 13.46 0.60
N ARG D 86 3.58 14.27 0.68
CA ARG D 86 3.73 15.60 1.30
C ARG D 86 4.14 15.47 2.74
N VAL D 87 3.47 14.56 3.41
CA VAL D 87 3.76 14.38 4.80
C VAL D 87 5.16 13.89 4.92
N LEU D 88 5.59 12.96 4.05
CA LEU D 88 7.00 12.52 4.15
C LEU D 88 7.91 13.77 4.23
N ALA D 89 7.52 14.84 3.52
CA ALA D 89 8.27 16.10 3.59
C ALA D 89 8.28 16.67 5.03
N GLU D 90 7.14 16.59 5.71
CA GLU D 90 7.03 17.09 7.09
C GLU D 90 7.37 16.01 8.14
N ALA D 91 7.00 14.78 7.88
CA ALA D 91 7.30 13.67 8.78
C ALA D 91 8.82 13.58 8.91
N MET D 92 9.48 13.87 7.81
CA MET D 92 10.93 13.85 7.79
C MET D 92 11.53 14.86 8.79
N SER D 93 11.02 16.09 8.84
CA SER D 93 11.59 17.03 9.79
C SER D 93 10.85 16.94 11.10
N GLN D 94 9.70 16.24 11.11
CA GLN D 94 8.93 16.13 12.35
C GLN D 94 9.79 15.43 13.40
N VAL D 95 10.56 14.45 12.97
CA VAL D 95 11.49 13.75 13.89
C VAL D 95 12.89 14.45 13.92
N THR D 96 13.43 14.78 12.75
CA THR D 96 14.77 15.36 12.72
C THR D 96 14.88 16.63 13.57
N ASN D 97 13.98 17.57 13.38
CA ASN D 97 14.00 18.81 14.15
C ASN D 97 13.17 18.72 15.43
N THR D 98 12.01 18.10 15.27
CA THR D 98 11.04 17.98 16.35
C THR D 98 11.10 16.64 17.10
N ALA D 99 12.18 15.88 17.01
CA ALA D 99 12.21 14.57 17.68
C ALA D 99 11.92 14.77 19.15
N THR D 100 12.42 15.85 19.72
CA THR D 100 12.13 16.13 21.11
C THR D 100 10.80 16.87 21.16
N ILE D 101 9.78 16.23 21.72
CA ILE D 101 8.46 16.84 21.79
C ILE D 101 7.98 16.94 23.24
N MET D 102 7.61 18.15 23.65
CA MET D 102 7.14 18.36 25.02
C MET D 102 6.05 19.43 25.05
N GLY E 1 -10.52 -18.74 26.73
CA GLY E 1 -10.61 -19.37 25.38
C GLY E 1 -10.81 -18.29 24.33
N GLY E 2 -11.98 -18.26 23.72
CA GLY E 2 -12.27 -17.26 22.70
C GLY E 2 -12.31 -17.87 21.29
N SER E 3 -13.40 -18.56 20.99
CA SER E 3 -13.62 -19.19 19.70
C SER E 3 -14.29 -18.17 18.77
N PRO E 4 -14.44 -18.45 17.50
CA PRO E 4 -15.08 -17.49 16.56
C PRO E 4 -16.56 -17.25 16.87
N THR E 5 -17.01 -16.02 16.55
CA THR E 5 -18.41 -15.56 16.74
C THR E 5 -18.65 -14.93 18.08
N SER E 6 -17.70 -15.07 18.95
CA SER E 6 -17.80 -14.44 20.22
C SER E 6 -17.04 -13.15 20.14
N ILE E 7 -17.26 -12.30 21.10
CA ILE E 7 -16.51 -11.07 21.11
C ILE E 7 -15.06 -11.37 21.46
N LEU E 8 -14.82 -12.60 21.85
CA LEU E 8 -13.48 -12.98 22.16
C LEU E 8 -12.73 -13.28 20.88
N ASP E 9 -13.43 -13.18 19.75
CA ASP E 9 -12.82 -13.41 18.47
C ASP E 9 -13.16 -12.24 17.57
N ILE E 10 -12.95 -11.08 18.13
CA ILE E 10 -13.26 -9.85 17.48
C ILE E 10 -12.03 -8.93 17.45
N ARG E 11 -11.29 -8.95 16.33
CA ARG E 11 -10.07 -8.17 16.28
C ARG E 11 -10.00 -7.17 15.14
N GLN E 12 -9.30 -6.08 15.46
CA GLN E 12 -9.07 -5.02 14.51
C GLN E 12 -7.92 -5.43 13.66
N GLY E 13 -8.18 -5.48 12.36
CA GLY E 13 -7.12 -5.78 11.46
C GLY E 13 -6.07 -4.74 11.75
N PRO E 14 -4.86 -5.00 11.44
CA PRO E 14 -3.83 -4.01 11.75
C PRO E 14 -4.11 -2.69 11.04
N LYS E 15 -4.46 -2.78 9.77
CA LYS E 15 -4.79 -1.60 8.98
C LYS E 15 -6.26 -1.23 9.13
N GLU E 16 -7.03 -2.15 9.70
CA GLU E 16 -8.48 -1.97 9.87
C GLU E 16 -8.83 -0.68 10.57
N PRO E 17 -9.83 0.04 10.09
CA PRO E 17 -10.30 1.24 10.80
C PRO E 17 -10.90 0.84 12.10
N PHE E 18 -10.56 1.59 13.17
CA PHE E 18 -11.11 1.29 14.47
C PHE E 18 -12.62 1.39 14.41
N ARG E 19 -13.10 2.42 13.69
CA ARG E 19 -14.52 2.64 13.53
C ARG E 19 -15.14 1.40 12.88
N ASP E 20 -14.34 0.71 12.06
CA ASP E 20 -14.80 -0.51 11.39
C ASP E 20 -14.70 -1.73 12.31
N TYR E 21 -13.52 -1.89 12.86
CA TYR E 21 -13.27 -3.01 13.73
C TYR E 21 -14.26 -2.98 14.87
N VAL E 22 -14.35 -1.82 15.49
CA VAL E 22 -15.26 -1.64 16.58
C VAL E 22 -16.68 -1.91 16.09
N ASP E 23 -16.95 -1.65 14.82
CA ASP E 23 -18.30 -1.87 14.28
C ASP E 23 -18.68 -3.35 14.34
N ARG E 24 -17.79 -4.21 13.84
CA ARG E 24 -18.05 -5.65 13.87
C ARG E 24 -17.97 -6.17 15.29
N PHE E 25 -17.26 -5.43 16.13
CA PHE E 25 -17.11 -5.85 17.50
C PHE E 25 -18.47 -5.95 18.13
N TYR E 26 -19.26 -4.94 17.96
CA TYR E 26 -20.56 -4.92 18.60
C TYR E 26 -21.64 -5.74 17.86
N LYS E 27 -21.57 -5.81 16.52
CA LYS E 27 -22.53 -6.63 15.75
C LYS E 27 -22.37 -8.09 16.15
N THR E 28 -21.08 -8.47 16.31
CA THR E 28 -20.69 -9.81 16.74
C THR E 28 -21.16 -10.02 18.18
N LEU E 29 -20.98 -8.97 18.97
CA LEU E 29 -21.40 -9.00 20.36
C LEU E 29 -22.92 -9.18 20.42
N ARG E 30 -23.64 -8.47 19.54
CA ARG E 30 -25.11 -8.61 19.50
C ARG E 30 -25.45 -10.07 19.29
N ALA E 31 -24.65 -10.72 18.46
CA ALA E 31 -24.81 -12.15 18.21
C ALA E 31 -24.37 -12.93 19.46
N GLU E 32 -23.30 -12.39 20.13
CA GLU E 32 -22.78 -12.99 21.36
C GLU E 32 -23.87 -12.92 22.41
N GLN E 33 -24.30 -14.08 22.83
CA GLN E 33 -25.38 -14.20 23.76
C GLN E 33 -24.94 -14.07 25.21
N ALA E 34 -24.56 -12.88 25.56
CA ALA E 34 -24.19 -12.58 26.92
C ALA E 34 -25.24 -11.61 27.45
N SER E 35 -25.18 -11.33 28.74
CA SER E 35 -26.13 -10.41 29.35
C SER E 35 -25.60 -9.00 29.09
N GLN E 36 -26.46 -7.99 29.26
CA GLN E 36 -26.00 -6.65 28.98
C GLN E 36 -24.66 -6.45 29.65
N GLU E 37 -24.60 -6.92 30.90
CA GLU E 37 -23.43 -6.85 31.78
C GLU E 37 -22.27 -7.74 31.32
N VAL E 38 -22.56 -8.77 30.55
CA VAL E 38 -21.50 -9.64 30.06
C VAL E 38 -21.08 -9.22 28.65
N LYS E 39 -21.94 -8.44 27.98
CA LYS E 39 -21.66 -7.91 26.64
C LYS E 39 -20.99 -6.51 26.69
N ASN E 40 -21.53 -5.64 27.55
CA ASN E 40 -21.06 -4.25 27.61
C ASN E 40 -19.60 -4.13 28.03
N TRP E 41 -19.15 -4.85 29.04
CA TRP E 41 -17.75 -4.66 29.43
C TRP E 41 -16.82 -5.28 28.40
N MET E 42 -17.35 -6.20 27.59
CA MET E 42 -16.56 -6.76 26.53
C MET E 42 -16.14 -5.56 25.71
N THR E 43 -17.14 -4.69 25.47
CA THR E 43 -16.92 -3.49 24.71
C THR E 43 -15.67 -2.81 25.23
N GLU E 44 -15.46 -2.92 26.51
CA GLU E 44 -14.32 -2.29 27.15
C GLU E 44 -13.05 -3.14 27.17
N THR E 45 -13.11 -4.30 27.82
CA THR E 45 -11.94 -5.17 27.97
C THR E 45 -11.49 -5.85 26.68
N LEU E 46 -12.42 -6.23 25.83
CA LEU E 46 -12.05 -6.91 24.56
C LEU E 46 -11.75 -5.91 23.44
N LEU E 47 -12.36 -4.73 23.53
CA LEU E 47 -12.17 -3.74 22.48
C LEU E 47 -10.77 -3.22 22.51
N VAL E 48 -10.31 -2.88 23.68
CA VAL E 48 -8.97 -2.36 23.83
C VAL E 48 -7.94 -3.48 23.56
N GLN E 49 -8.18 -4.66 24.10
CA GLN E 49 -7.25 -5.78 23.94
C GLN E 49 -7.18 -6.32 22.52
N ASN E 50 -8.31 -6.37 21.84
CA ASN E 50 -8.32 -6.94 20.49
C ASN E 50 -8.22 -5.88 19.41
N ALA E 51 -8.00 -4.64 19.80
CA ALA E 51 -8.00 -3.58 18.82
C ALA E 51 -6.65 -3.20 18.29
N ASN E 52 -6.12 -3.96 17.30
CA ASN E 52 -4.91 -3.50 16.65
C ASN E 52 -3.78 -3.02 17.61
N PRO E 53 -2.71 -3.78 17.83
CA PRO E 53 -1.64 -3.35 18.77
C PRO E 53 -1.42 -1.84 18.79
N ASP E 54 -1.67 -1.16 17.67
CA ASP E 54 -1.55 0.28 17.62
C ASP E 54 -2.69 0.98 18.37
N CYS E 55 -3.97 0.62 18.03
CA CYS E 55 -5.16 1.24 18.67
C CYS E 55 -5.17 0.87 20.12
N LYS E 56 -4.76 -0.35 20.38
CA LYS E 56 -4.66 -0.90 21.71
C LYS E 56 -3.69 -0.05 22.52
N THR E 57 -2.61 0.30 21.82
CA THR E 57 -1.55 1.15 22.36
C THR E 57 -2.08 2.57 22.58
N ILE E 58 -2.88 3.03 21.61
CA ILE E 58 -3.49 4.36 21.67
C ILE E 58 -4.42 4.52 22.83
N LEU E 59 -5.25 3.51 23.01
CA LEU E 59 -6.24 3.53 24.06
C LEU E 59 -5.55 3.84 25.40
N LYS E 60 -4.45 3.14 25.70
CA LYS E 60 -3.73 3.39 26.95
C LYS E 60 -3.26 4.81 26.98
N ALA E 61 -2.87 5.29 25.82
CA ALA E 61 -2.44 6.67 25.65
C ALA E 61 -3.58 7.64 25.88
N LEU E 62 -4.78 7.25 25.45
CA LEU E 62 -5.94 8.09 25.60
C LEU E 62 -6.26 8.27 27.09
N GLY E 63 -5.62 7.46 27.93
CA GLY E 63 -5.86 7.54 29.36
C GLY E 63 -7.20 6.89 29.68
N PRO E 64 -7.23 5.76 30.39
CA PRO E 64 -8.51 5.08 30.77
C PRO E 64 -9.56 6.06 31.32
N GLY E 65 -10.83 5.69 31.15
CA GLY E 65 -11.96 6.54 31.56
C GLY E 65 -12.45 7.31 30.34
N ALA E 66 -11.51 7.46 29.38
CA ALA E 66 -11.76 8.13 28.13
C ALA E 66 -13.02 7.63 27.51
N THR E 67 -13.74 8.58 26.94
CA THR E 67 -14.91 8.23 26.22
C THR E 67 -14.50 7.60 24.91
N LEU E 68 -15.25 6.56 24.49
CA LEU E 68 -15.02 5.87 23.23
C LEU E 68 -14.92 6.89 22.09
N GLU E 69 -15.39 8.11 22.33
CA GLU E 69 -15.34 9.08 21.28
C GLU E 69 -13.88 9.39 20.95
N GLU E 70 -13.04 9.56 21.99
CA GLU E 70 -11.62 9.81 21.77
C GLU E 70 -10.87 8.57 21.26
N MET E 71 -11.01 7.44 21.90
CA MET E 71 -10.27 6.29 21.39
C MET E 71 -10.67 5.96 19.95
N MET E 72 -11.95 6.01 19.66
CA MET E 72 -12.39 5.74 18.30
C MET E 72 -11.65 6.66 17.30
N THR E 73 -11.62 7.97 17.60
CA THR E 73 -10.96 8.96 16.72
C THR E 73 -9.41 8.76 16.67
N ALA E 74 -8.76 8.63 17.83
CA ALA E 74 -7.30 8.45 17.84
C ALA E 74 -6.97 7.19 17.09
N CYS E 75 -7.79 6.18 17.34
CA CYS E 75 -7.65 4.93 16.68
C CYS E 75 -8.06 5.14 15.23
N GLN E 76 -9.00 6.05 15.02
CA GLN E 76 -9.42 6.36 13.68
C GLN E 76 -8.20 6.86 12.95
N GLY E 77 -7.23 7.46 13.72
CA GLY E 77 -5.96 7.96 13.13
C GLY E 77 -5.19 6.82 12.43
N VAL E 78 -5.65 5.59 12.69
CA VAL E 78 -5.02 4.38 12.16
C VAL E 78 -5.54 4.00 10.78
N GLY E 79 -4.67 3.33 10.02
CA GLY E 79 -5.01 2.84 8.70
C GLY E 79 -4.46 3.73 7.61
N GLY E 80 -5.11 4.84 7.38
CA GLY E 80 -4.66 5.75 6.37
C GLY E 80 -3.24 6.18 6.66
N PRO E 81 -2.73 7.12 5.91
CA PRO E 81 -1.36 7.63 6.08
C PRO E 81 -1.18 8.19 7.49
N GLY E 82 -2.33 8.39 8.17
CA GLY E 82 -2.33 8.94 9.48
C GLY E 82 -1.56 8.02 10.36
N HIS E 83 -1.67 6.69 10.08
CA HIS E 83 -0.97 5.79 10.96
C HIS E 83 0.43 5.65 10.67
N LYS E 84 0.73 5.73 9.49
CA LYS E 84 2.06 5.66 9.21
C LYS E 84 2.66 7.00 9.67
N ALA E 85 1.90 8.11 9.45
CA ALA E 85 2.37 9.50 9.75
C ALA E 85 2.71 9.72 11.25
N ARG E 86 1.72 9.51 12.12
CA ARG E 86 1.93 9.68 13.56
C ARG E 86 3.03 8.74 14.04
N VAL E 87 2.93 7.46 13.69
CA VAL E 87 3.94 6.50 14.11
C VAL E 87 5.29 6.86 13.55
N LEU E 88 5.34 7.25 12.29
CA LEU E 88 6.61 7.56 11.69
C LEU E 88 7.29 8.60 12.54
N ALA E 89 6.52 9.60 12.99
CA ALA E 89 7.06 10.67 13.84
C ALA E 89 7.63 10.18 15.19
N GLU E 90 6.95 9.22 15.82
CA GLU E 90 7.39 8.72 17.10
C GLU E 90 8.38 7.59 16.99
N ALA E 91 8.06 6.57 16.28
CA ALA E 91 9.02 5.48 16.16
C ALA E 91 10.34 5.98 15.55
N MET E 92 10.25 6.83 14.52
CA MET E 92 11.46 7.34 13.88
C MET E 92 12.26 8.18 14.88
N SER E 93 11.53 8.95 15.71
CA SER E 93 12.20 9.81 16.72
C SER E 93 12.52 9.00 17.98
N GLN E 94 11.99 7.78 18.05
CA GLN E 94 12.30 6.92 19.15
C GLN E 94 13.59 6.17 18.85
N VAL E 95 13.70 5.66 17.61
CA VAL E 95 14.88 4.93 17.19
C VAL E 95 16.08 5.88 17.00
N THR E 96 15.83 7.19 16.95
CA THR E 96 16.94 8.12 16.78
C THR E 96 17.62 8.40 18.12
N ASN E 97 16.85 8.90 19.08
CA ASN E 97 17.38 9.20 20.42
C ASN E 97 17.21 8.02 21.37
N THR E 98 16.00 7.49 21.38
CA THR E 98 15.61 6.36 22.23
C THR E 98 16.03 5.02 21.64
N ALA E 99 16.91 5.04 20.64
CA ALA E 99 17.32 3.79 19.98
C ALA E 99 17.86 2.82 21.01
N THR E 100 18.36 3.34 22.11
CA THR E 100 18.85 2.46 23.15
C THR E 100 17.72 2.19 24.13
N ILE E 101 17.25 0.95 24.17
CA ILE E 101 16.14 0.60 25.04
C ILE E 101 16.51 -0.57 25.95
N MET E 102 16.29 -0.40 27.24
CA MET E 102 16.60 -1.44 28.22
C MET E 102 15.50 -1.56 29.26
N GLY F 1 4.84 -33.27 3.07
CA GLY F 1 4.41 -32.75 1.74
C GLY F 1 3.52 -31.53 1.94
N GLY F 2 2.27 -31.65 1.51
CA GLY F 2 1.31 -30.54 1.65
C GLY F 2 0.72 -30.16 0.29
N SER F 3 -0.39 -30.79 -0.07
CA SER F 3 -1.07 -30.49 -1.32
C SER F 3 -2.09 -29.38 -1.09
N PRO F 4 -2.45 -28.65 -2.11
CA PRO F 4 -3.44 -27.53 -2.00
C PRO F 4 -4.76 -27.95 -1.38
N THR F 5 -5.33 -27.03 -0.59
CA THR F 5 -6.64 -27.24 0.08
C THR F 5 -6.52 -28.08 1.34
N SER F 6 -5.37 -28.71 1.56
CA SER F 6 -5.20 -29.46 2.78
C SER F 6 -4.57 -28.51 3.77
N ILE F 7 -4.86 -28.64 5.07
CA ILE F 7 -4.26 -27.67 6.03
C ILE F 7 -2.76 -27.59 5.84
N LEU F 8 -2.16 -28.65 5.32
CA LEU F 8 -0.74 -28.65 5.13
C LEU F 8 -0.35 -27.57 4.15
N ASP F 9 -1.13 -27.44 3.09
CA ASP F 9 -0.87 -26.40 2.12
C ASP F 9 -1.71 -25.20 2.48
N ILE F 10 -1.69 -24.87 3.76
CA ILE F 10 -2.42 -23.73 4.23
C ILE F 10 -1.39 -22.76 4.72
N ARG F 11 -1.25 -21.65 4.02
CA ARG F 11 -0.24 -20.68 4.42
C ARG F 11 -0.70 -19.28 4.31
N GLN F 12 -0.48 -18.59 5.42
CA GLN F 12 -0.81 -17.22 5.53
C GLN F 12 -0.18 -16.47 4.42
N GLY F 13 -1.02 -15.85 3.63
CA GLY F 13 -0.52 -15.05 2.58
C GLY F 13 0.45 -14.13 3.21
N PRO F 14 1.53 -13.77 2.54
CA PRO F 14 2.55 -12.93 3.17
C PRO F 14 1.87 -11.83 3.98
N LYS F 15 0.89 -11.19 3.36
CA LYS F 15 0.17 -10.12 4.05
C LYS F 15 -1.06 -10.63 4.77
N GLU F 16 -1.54 -11.81 4.36
CA GLU F 16 -2.75 -12.35 4.96
C GLU F 16 -2.65 -12.26 6.46
N PRO F 17 -3.40 -11.37 7.08
CA PRO F 17 -3.29 -11.22 8.51
C PRO F 17 -3.34 -12.60 9.13
N PHE F 18 -2.83 -12.71 10.34
CA PHE F 18 -2.89 -13.94 11.03
C PHE F 18 -4.35 -14.25 11.23
N ARG F 19 -5.13 -13.20 11.53
CA ARG F 19 -6.55 -13.39 11.74
C ARG F 19 -7.13 -14.01 10.47
N ASP F 20 -6.73 -13.49 9.31
CA ASP F 20 -7.25 -14.10 8.09
C ASP F 20 -6.66 -15.50 7.97
N TYR F 21 -5.41 -15.60 8.36
CA TYR F 21 -4.71 -16.84 8.27
C TYR F 21 -5.29 -17.94 9.12
N VAL F 22 -5.55 -17.59 10.35
CA VAL F 22 -6.05 -18.52 11.30
C VAL F 22 -7.50 -18.88 10.95
N ASP F 23 -8.24 -17.93 10.37
CA ASP F 23 -9.62 -18.21 9.94
C ASP F 23 -9.61 -19.13 8.68
N ARG F 24 -8.65 -18.86 7.74
CA ARG F 24 -8.53 -19.68 6.53
C ARG F 24 -7.82 -20.97 6.87
N PHE F 25 -6.91 -20.91 7.85
CA PHE F 25 -6.23 -22.10 8.30
C PHE F 25 -7.32 -23.04 8.73
N TYR F 26 -8.19 -22.47 9.59
CA TYR F 26 -9.32 -23.23 10.15
C TYR F 26 -10.41 -23.46 9.11
N LYS F 27 -10.35 -22.74 7.98
CA LYS F 27 -11.31 -22.94 6.90
C LYS F 27 -10.87 -24.10 6.00
N THR F 28 -9.54 -24.31 5.91
CA THR F 28 -8.97 -25.40 5.09
C THR F 28 -8.70 -26.67 5.92
N LEU F 29 -8.50 -26.48 7.25
CA LEU F 29 -8.29 -27.60 8.18
C LEU F 29 -9.62 -28.26 8.37
N ARG F 30 -10.61 -27.42 8.64
CA ARG F 30 -11.95 -27.91 8.81
C ARG F 30 -12.26 -28.62 7.52
N ALA F 31 -11.84 -28.02 6.40
CA ALA F 31 -12.05 -28.64 5.11
C ALA F 31 -11.22 -29.92 4.97
N GLU F 32 -9.99 -29.88 5.53
CA GLU F 32 -9.07 -31.01 5.47
C GLU F 32 -9.55 -32.19 6.28
N GLN F 33 -9.44 -33.37 5.68
CA GLN F 33 -9.88 -34.59 6.33
C GLN F 33 -8.77 -35.24 7.14
N ALA F 34 -8.61 -34.74 8.35
CA ALA F 34 -7.66 -35.25 9.32
C ALA F 34 -8.53 -35.62 10.51
N SER F 35 -8.21 -36.69 11.20
CA SER F 35 -9.05 -37.10 12.31
C SER F 35 -9.33 -35.91 13.21
N GLN F 36 -10.34 -36.03 14.06
CA GLN F 36 -10.65 -34.94 14.95
C GLN F 36 -9.41 -34.67 15.79
N GLU F 37 -8.73 -35.76 16.19
CA GLU F 37 -7.51 -35.62 16.98
C GLU F 37 -6.33 -35.14 16.12
N VAL F 38 -6.26 -35.58 14.87
CA VAL F 38 -5.18 -35.18 13.99
C VAL F 38 -5.28 -33.69 13.71
N LYS F 39 -6.49 -33.22 13.48
CA LYS F 39 -6.69 -31.82 13.21
C LYS F 39 -6.16 -31.06 14.44
N ASN F 40 -6.42 -31.61 15.62
CA ASN F 40 -5.91 -30.96 16.82
C ASN F 40 -4.35 -30.92 16.83
N TRP F 41 -3.70 -31.99 16.34
CA TRP F 41 -2.24 -31.96 16.36
C TRP F 41 -1.75 -31.19 15.12
N MET F 42 -2.67 -30.91 14.13
CA MET F 42 -2.34 -30.08 12.92
C MET F 42 -2.48 -28.63 13.26
N THR F 43 -3.62 -28.31 13.84
CA THR F 43 -3.91 -26.97 14.28
C THR F 43 -2.77 -26.43 15.14
N GLU F 44 -1.92 -27.34 15.68
CA GLU F 44 -0.81 -26.90 16.51
C GLU F 44 0.51 -26.56 15.78
N THR F 45 1.09 -27.56 15.11
CA THR F 45 2.38 -27.35 14.41
C THR F 45 2.19 -26.62 13.08
N LEU F 46 1.15 -26.97 12.31
CA LEU F 46 0.88 -26.30 11.01
C LEU F 46 0.51 -24.86 11.21
N LEU F 47 -0.21 -24.56 12.28
CA LEU F 47 -0.64 -23.20 12.49
C LEU F 47 0.55 -22.26 12.68
N VAL F 48 1.49 -22.64 13.53
CA VAL F 48 2.63 -21.79 13.80
C VAL F 48 3.63 -21.71 12.64
N GLN F 49 3.87 -22.84 11.98
CA GLN F 49 4.85 -22.96 10.85
C GLN F 49 4.37 -22.39 9.49
N ASN F 50 3.07 -22.32 9.28
CA ASN F 50 2.55 -21.84 8.01
C ASN F 50 1.97 -20.44 8.09
N ALA F 51 2.03 -19.84 9.25
CA ALA F 51 1.38 -18.56 9.37
C ALA F 51 2.20 -17.36 8.95
N ASN F 52 2.72 -17.29 7.64
CA ASN F 52 3.45 -16.09 7.25
C ASN F 52 4.71 -15.94 8.08
N PRO F 53 5.91 -16.13 7.53
CA PRO F 53 7.16 -16.02 8.33
C PRO F 53 7.10 -14.93 9.42
N ASP F 54 6.27 -13.89 9.23
CA ASP F 54 6.11 -12.84 10.25
C ASP F 54 5.12 -13.24 11.38
N CYS F 55 3.91 -13.67 11.02
CA CYS F 55 2.95 -14.06 12.05
C CYS F 55 3.43 -15.32 12.69
N LYS F 56 4.07 -16.13 11.87
CA LYS F 56 4.64 -17.39 12.31
C LYS F 56 5.78 -17.13 13.31
N THR F 57 6.86 -16.49 12.82
CA THR F 57 7.98 -16.21 13.69
C THR F 57 7.44 -15.61 14.97
N ILE F 58 6.37 -14.78 14.83
CA ILE F 58 5.74 -14.17 16.02
C ILE F 58 5.23 -15.23 16.94
N LEU F 59 4.51 -16.20 16.36
CA LEU F 59 3.98 -17.30 17.15
C LEU F 59 5.12 -17.93 17.89
N LYS F 60 6.27 -18.01 17.22
CA LYS F 60 7.48 -18.57 17.82
C LYS F 60 8.16 -17.52 18.74
N ALA F 61 7.89 -16.27 18.44
CA ALA F 61 8.43 -15.15 19.20
C ALA F 61 7.75 -15.03 20.55
N LEU F 62 6.47 -15.38 20.59
CA LEU F 62 5.73 -15.27 21.83
C LEU F 62 6.22 -16.34 22.79
N GLY F 63 7.08 -17.23 22.28
CA GLY F 63 7.60 -18.30 23.08
C GLY F 63 6.66 -19.48 22.94
N PRO F 64 7.11 -20.60 22.36
CA PRO F 64 6.26 -21.82 22.24
C PRO F 64 5.41 -22.01 23.49
N GLY F 65 4.24 -22.58 23.32
CA GLY F 65 3.33 -22.71 24.45
C GLY F 65 2.55 -21.41 24.64
N ALA F 66 2.73 -20.45 23.69
CA ALA F 66 2.02 -19.18 23.72
C ALA F 66 0.57 -19.43 23.46
N THR F 67 -0.29 -18.98 24.34
CA THR F 67 -1.68 -19.17 24.11
C THR F 67 -2.00 -18.60 22.75
N LEU F 68 -2.84 -19.31 21.98
CA LEU F 68 -3.25 -18.81 20.69
C LEU F 68 -3.75 -17.37 20.86
N GLU F 69 -4.14 -17.01 22.09
CA GLU F 69 -4.61 -15.64 22.37
C GLU F 69 -3.49 -14.62 22.15
N GLU F 70 -2.26 -14.96 22.59
CA GLU F 70 -1.09 -14.08 22.45
C GLU F 70 -0.69 -13.91 20.99
N MET F 71 -0.79 -14.97 20.21
CA MET F 71 -0.46 -14.83 18.82
C MET F 71 -1.41 -13.78 18.29
N MET F 72 -2.69 -14.04 18.50
CA MET F 72 -3.71 -13.13 18.05
C MET F 72 -3.42 -11.75 18.59
N THR F 73 -2.80 -11.66 19.74
CA THR F 73 -2.46 -10.34 20.23
C THR F 73 -1.35 -9.75 19.34
N ALA F 74 -0.34 -10.57 18.96
CA ALA F 74 0.77 -10.06 18.16
C ALA F 74 0.63 -10.22 16.65
N CYS F 75 0.40 -11.44 16.18
CA CYS F 75 0.30 -11.65 14.74
C CYS F 75 -0.96 -11.05 14.13
N GLN F 76 -1.73 -10.31 14.93
CA GLN F 76 -2.94 -9.66 14.44
C GLN F 76 -2.59 -8.29 13.90
N GLY F 77 -1.52 -7.70 14.47
CA GLY F 77 -1.08 -6.39 14.07
C GLY F 77 -0.22 -6.47 12.81
N VAL F 78 -0.21 -7.67 12.21
CA VAL F 78 0.56 -7.87 11.03
C VAL F 78 -0.26 -7.59 9.77
N GLY F 79 0.36 -6.86 8.86
CA GLY F 79 -0.25 -6.55 7.60
C GLY F 79 -0.40 -5.07 7.41
N GLY F 80 -0.89 -4.42 8.44
CA GLY F 80 -1.10 -2.99 8.37
C GLY F 80 0.22 -2.27 8.51
N PRO F 81 0.19 -0.99 8.43
CA PRO F 81 1.40 -0.21 8.51
C PRO F 81 1.86 -0.26 9.96
N GLY F 82 0.91 -0.73 10.86
CA GLY F 82 1.20 -0.86 12.25
C GLY F 82 2.26 -1.90 12.32
N HIS F 83 2.28 -2.76 11.29
CA HIS F 83 3.29 -3.76 11.22
C HIS F 83 4.47 -3.20 10.54
N LYS F 84 4.23 -2.50 9.48
CA LYS F 84 5.32 -1.89 8.81
C LYS F 84 6.00 -0.93 9.78
N ALA F 85 5.21 -0.48 10.77
CA ALA F 85 5.66 0.44 11.80
C ALA F 85 6.31 -0.28 12.97
N ARG F 86 5.54 -1.10 13.64
CA ARG F 86 6.06 -1.84 14.79
C ARG F 86 7.24 -2.67 14.33
N VAL F 87 7.13 -3.26 13.14
CA VAL F 87 8.26 -4.02 12.66
C VAL F 87 9.42 -3.10 12.56
N LEU F 88 9.20 -1.92 11.85
CA LEU F 88 10.29 -0.92 11.67
C LEU F 88 10.81 -0.50 13.03
N ALA F 89 9.94 -0.26 13.99
CA ALA F 89 10.38 0.17 15.33
C ALA F 89 11.57 -0.66 15.84
N GLU F 90 11.53 -1.95 15.59
CA GLU F 90 12.61 -2.85 16.02
C GLU F 90 13.69 -3.06 14.95
N ALA F 91 13.26 -3.34 13.72
CA ALA F 91 14.17 -3.54 12.59
C ALA F 91 15.00 -2.29 12.34
N MET F 92 14.34 -1.14 12.53
CA MET F 92 14.97 0.18 12.38
C MET F 92 15.94 0.40 13.52
N SER F 93 15.55 -0.08 14.70
CA SER F 93 16.40 0.07 15.88
C SER F 93 17.34 -1.14 15.99
N GLN F 94 17.09 -2.15 15.16
CA GLN F 94 17.90 -3.35 15.13
C GLN F 94 19.09 -3.12 14.23
N VAL F 95 18.91 -2.25 13.23
CA VAL F 95 20.01 -2.02 12.30
C VAL F 95 20.98 -1.00 12.87
N THR F 96 20.47 0.00 13.56
CA THR F 96 21.35 1.02 14.09
C THR F 96 22.38 0.43 15.04
N ASN F 97 21.94 -0.35 16.01
CA ASN F 97 22.87 -0.97 16.98
C ASN F 97 23.32 -2.37 16.56
N THR F 98 22.37 -3.15 16.06
CA THR F 98 22.59 -4.54 15.68
C THR F 98 22.88 -4.75 14.18
N ALA F 99 23.25 -3.71 13.44
CA ALA F 99 23.49 -3.90 12.00
C ALA F 99 24.51 -4.99 11.79
N THR F 100 25.52 -5.07 12.64
CA THR F 100 26.49 -6.12 12.49
C THR F 100 25.89 -7.40 13.07
N ILE F 101 25.61 -8.36 12.20
CA ILE F 101 25.00 -9.61 12.65
C ILE F 101 25.82 -10.80 12.17
N MET F 102 26.16 -11.68 13.11
CA MET F 102 26.96 -12.87 12.78
C MET F 102 26.43 -14.09 13.55
N GLY A 1 12.27 -16.64 -28.02
CA GLY A 1 10.85 -16.96 -28.30
C GLY A 1 9.96 -16.29 -27.25
N GLY A 2 9.53 -17.07 -26.28
CA GLY A 2 8.69 -16.55 -25.22
C GLY A 2 7.43 -15.88 -25.74
N SER A 3 6.58 -16.65 -26.40
CA SER A 3 5.33 -16.13 -26.94
C SER A 3 4.33 -15.89 -25.79
N PRO A 4 3.30 -15.11 -26.03
CA PRO A 4 2.27 -14.79 -24.99
C PRO A 4 1.57 -16.04 -24.43
N THR A 5 1.15 -15.95 -23.16
CA THR A 5 0.45 -17.06 -22.49
C THR A 5 1.27 -18.34 -22.43
N SER A 6 2.54 -18.24 -22.75
CA SER A 6 3.41 -19.39 -22.67
C SER A 6 4.09 -19.30 -21.33
N ILE A 7 4.54 -20.41 -20.81
CA ILE A 7 5.22 -20.36 -19.53
C ILE A 7 6.49 -19.56 -19.69
N LEU A 8 6.95 -19.43 -20.93
CA LEU A 8 8.17 -18.64 -21.17
C LEU A 8 7.89 -17.13 -20.93
N ASP A 9 6.63 -16.75 -21.14
CA ASP A 9 6.18 -15.37 -20.91
C ASP A 9 5.58 -15.19 -19.48
N ILE A 10 5.58 -16.27 -18.72
CA ILE A 10 5.08 -16.28 -17.35
C ILE A 10 6.10 -15.75 -16.35
N ARG A 11 5.82 -14.58 -15.82
CA ARG A 11 6.69 -14.01 -14.81
C ARG A 11 5.95 -13.47 -13.63
N GLN A 12 6.57 -13.69 -12.47
CA GLN A 12 6.06 -13.20 -11.21
C GLN A 12 6.04 -11.72 -11.24
N GLY A 13 4.87 -11.17 -10.87
CA GLY A 13 4.77 -9.76 -10.74
C GLY A 13 5.76 -9.37 -9.69
N PRO A 14 6.44 -8.25 -9.84
CA PRO A 14 7.46 -7.86 -8.85
C PRO A 14 6.92 -7.91 -7.44
N LYS A 15 5.60 -7.79 -7.33
CA LYS A 15 4.90 -7.82 -6.04
C LYS A 15 4.16 -9.10 -5.89
N GLU A 16 3.88 -9.72 -7.03
CA GLU A 16 3.13 -10.92 -7.04
C GLU A 16 3.77 -11.91 -6.10
N PRO A 17 3.05 -12.36 -5.09
CA PRO A 17 3.62 -13.35 -4.16
C PRO A 17 4.02 -14.55 -4.93
N PHE A 18 5.04 -15.23 -4.46
CA PHE A 18 5.48 -16.42 -5.16
C PHE A 18 4.35 -17.43 -5.16
N ARG A 19 3.67 -17.53 -4.04
CA ARG A 19 2.56 -18.42 -3.93
C ARG A 19 1.56 -18.05 -5.01
N ASP A 20 1.35 -16.75 -5.20
CA ASP A 20 0.43 -16.33 -6.25
C ASP A 20 1.00 -16.64 -7.64
N TYR A 21 2.24 -16.16 -7.89
CA TYR A 21 2.95 -16.32 -9.17
C TYR A 21 3.19 -17.75 -9.56
N VAL A 22 3.69 -18.52 -8.63
CA VAL A 22 3.94 -19.91 -8.88
C VAL A 22 2.61 -20.60 -9.26
N ASP A 23 1.48 -20.06 -8.75
CA ASP A 23 0.17 -20.67 -9.02
C ASP A 23 -0.22 -20.44 -10.48
N ARG A 24 -0.05 -19.17 -10.96
CA ARG A 24 -0.33 -18.86 -12.39
C ARG A 24 0.74 -19.52 -13.26
N PHE A 25 1.88 -19.84 -12.68
CA PHE A 25 2.93 -20.47 -13.45
C PHE A 25 2.45 -21.84 -13.90
N TYR A 26 1.97 -22.60 -12.96
CA TYR A 26 1.54 -23.94 -13.28
C TYR A 26 0.21 -23.93 -14.06
N LYS A 27 -0.70 -23.01 -13.71
CA LYS A 27 -1.96 -22.89 -14.46
C LYS A 27 -1.70 -22.47 -15.89
N THR A 28 -0.72 -21.57 -16.06
CA THR A 28 -0.36 -21.12 -17.39
C THR A 28 0.38 -22.28 -18.12
N LEU A 29 1.21 -23.03 -17.34
CA LEU A 29 1.98 -24.13 -17.89
C LEU A 29 1.00 -25.14 -18.44
N ARG A 30 -0.04 -25.40 -17.65
CA ARG A 30 -1.09 -26.27 -18.11
C ARG A 30 -1.67 -25.63 -19.34
N ALA A 31 -1.70 -24.29 -19.35
CA ALA A 31 -2.20 -23.54 -20.51
C ALA A 31 -1.24 -23.66 -21.69
N GLU A 32 -0.03 -24.14 -21.42
CA GLU A 32 0.97 -24.31 -22.47
C GLU A 32 1.04 -25.78 -22.81
N GLN A 33 0.97 -26.12 -24.08
CA GLN A 33 1.06 -27.52 -24.42
C GLN A 33 2.50 -27.96 -24.60
N ALA A 34 3.04 -28.46 -23.52
CA ALA A 34 4.40 -28.98 -23.48
C ALA A 34 4.36 -30.35 -22.82
N SER A 35 5.16 -31.27 -23.34
CA SER A 35 5.20 -32.61 -22.78
C SER A 35 5.46 -32.51 -21.27
N GLN A 36 5.26 -33.61 -20.55
CA GLN A 36 5.52 -33.62 -19.12
C GLN A 36 7.01 -33.30 -18.84
N GLU A 37 7.89 -33.85 -19.64
CA GLU A 37 9.29 -33.56 -19.43
C GLU A 37 9.61 -32.09 -19.78
N VAL A 38 9.02 -31.59 -20.85
CA VAL A 38 9.20 -30.20 -21.25
C VAL A 38 8.58 -29.26 -20.18
N LYS A 39 7.39 -29.61 -19.68
CA LYS A 39 6.73 -28.81 -18.65
C LYS A 39 7.48 -28.90 -17.30
N ASN A 40 7.93 -30.12 -16.96
CA ASN A 40 8.61 -30.38 -15.66
C ASN A 40 9.98 -29.69 -15.57
N TRP A 41 10.71 -29.71 -16.65
CA TRP A 41 11.96 -29.02 -16.62
C TRP A 41 11.68 -27.53 -16.79
N MET A 42 10.49 -27.16 -17.38
CA MET A 42 10.09 -25.73 -17.52
C MET A 42 9.83 -25.16 -16.19
N THR A 43 9.05 -25.92 -15.48
CA THR A 43 8.67 -25.58 -14.17
C THR A 43 9.87 -25.33 -13.30
N GLU A 44 11.00 -25.90 -13.69
CA GLU A 44 12.19 -25.72 -12.91
C GLU A 44 13.01 -24.53 -13.37
N THR A 45 13.42 -24.54 -14.63
CA THR A 45 14.21 -23.45 -15.13
C THR A 45 13.42 -22.13 -15.23
N LEU A 46 12.13 -22.20 -15.69
CA LEU A 46 11.30 -20.97 -15.88
C LEU A 46 10.71 -20.48 -14.56
N LEU A 47 10.45 -21.39 -13.65
CA LEU A 47 9.88 -20.92 -12.45
C LEU A 47 10.85 -20.04 -11.73
N VAL A 48 12.09 -20.48 -11.58
CA VAL A 48 13.06 -19.69 -10.89
C VAL A 48 13.44 -18.44 -11.73
N GLN A 49 13.72 -18.65 -13.02
CA GLN A 49 14.16 -17.58 -13.92
C GLN A 49 13.14 -16.51 -14.13
N ASN A 50 11.85 -16.88 -14.13
CA ASN A 50 10.81 -15.88 -14.34
C ASN A 50 10.17 -15.44 -13.03
N ALA A 51 10.66 -15.89 -11.91
CA ALA A 51 9.97 -15.59 -10.66
C ALA A 51 10.34 -14.28 -9.95
N ASN A 52 10.23 -13.08 -10.57
CA ASN A 52 10.47 -11.90 -9.74
C ASN A 52 11.86 -11.89 -9.06
N PRO A 53 12.85 -11.14 -9.55
CA PRO A 53 14.23 -11.09 -8.96
C PRO A 53 14.29 -11.21 -7.40
N ASP A 54 13.16 -10.96 -6.70
CA ASP A 54 13.13 -11.12 -5.25
C ASP A 54 13.03 -12.61 -4.92
N CYS A 55 12.01 -13.26 -5.46
CA CYS A 55 11.85 -14.69 -5.24
C CYS A 55 12.87 -15.44 -6.05
N LYS A 56 13.00 -15.04 -7.28
CA LYS A 56 13.93 -15.62 -8.19
C LYS A 56 15.31 -15.70 -7.56
N THR A 57 15.75 -14.61 -6.90
CA THR A 57 17.04 -14.65 -6.22
C THR A 57 16.92 -15.50 -4.93
N ILE A 58 15.74 -15.51 -4.32
CA ILE A 58 15.55 -16.32 -3.12
C ILE A 58 15.71 -17.78 -3.42
N LEU A 59 15.24 -18.18 -4.59
CA LEU A 59 15.29 -19.54 -5.03
C LEU A 59 16.75 -19.97 -5.14
N LYS A 60 17.53 -19.18 -5.89
CA LYS A 60 18.95 -19.47 -6.05
C LYS A 60 19.57 -19.46 -4.69
N ALA A 61 19.16 -18.46 -3.92
CA ALA A 61 19.63 -18.29 -2.55
C ALA A 61 19.29 -19.51 -1.73
N LEU A 62 18.11 -20.09 -1.95
CA LEU A 62 17.75 -21.29 -1.24
C LEU A 62 18.73 -22.40 -1.61
N GLY A 63 19.47 -22.16 -2.71
CA GLY A 63 20.44 -23.11 -3.14
C GLY A 63 19.83 -24.01 -4.19
N PRO A 64 20.49 -24.19 -5.31
CA PRO A 64 19.99 -25.06 -6.42
C PRO A 64 19.54 -26.44 -5.93
N GLY A 65 18.44 -26.89 -6.50
CA GLY A 65 17.89 -28.17 -6.10
C GLY A 65 16.80 -27.91 -5.05
N ALA A 66 16.67 -26.63 -4.60
CA ALA A 66 15.67 -26.28 -3.57
C ALA A 66 14.34 -26.86 -3.91
N THR A 67 13.68 -27.38 -2.90
CA THR A 67 12.37 -27.94 -3.16
C THR A 67 11.38 -26.83 -3.39
N LEU A 68 10.28 -27.17 -4.06
CA LEU A 68 9.31 -26.17 -4.36
C LEU A 68 8.75 -25.63 -3.06
N GLU A 69 8.82 -26.44 -2.02
CA GLU A 69 8.32 -26.03 -0.72
C GLU A 69 9.16 -24.89 -0.10
N GLU A 70 10.52 -24.99 -0.20
CA GLU A 70 11.41 -23.95 0.33
C GLU A 70 11.25 -22.63 -0.43
N MET A 71 11.22 -22.72 -1.75
CA MET A 71 11.04 -21.53 -2.52
C MET A 71 9.63 -21.06 -2.31
N MET A 72 8.73 -21.97 -2.07
CA MET A 72 7.39 -21.55 -1.77
C MET A 72 7.36 -20.83 -0.43
N THR A 73 8.13 -21.30 0.56
CA THR A 73 8.15 -20.66 1.90
C THR A 73 8.97 -19.35 1.93
N ALA A 74 10.18 -19.39 1.35
CA ALA A 74 11.11 -18.23 1.29
C ALA A 74 10.62 -17.16 0.34
N CYS A 75 10.08 -17.59 -0.83
CA CYS A 75 9.58 -16.63 -1.84
C CYS A 75 8.20 -16.15 -1.43
N GLN A 76 7.53 -16.94 -0.59
CA GLN A 76 6.24 -16.53 -0.11
C GLN A 76 6.40 -15.26 0.73
N GLY A 77 7.49 -15.17 1.50
CA GLY A 77 7.75 -14.00 2.32
C GLY A 77 7.77 -12.71 1.48
N VAL A 78 7.85 -12.85 0.15
CA VAL A 78 7.89 -11.68 -0.72
C VAL A 78 6.50 -11.15 -1.08
N GLY A 79 6.31 -9.85 -0.90
CA GLY A 79 5.05 -9.23 -1.26
C GLY A 79 4.56 -8.23 -0.25
N GLY A 80 4.44 -8.67 0.98
CA GLY A 80 3.93 -7.79 2.00
C GLY A 80 5.04 -7.00 2.66
N PRO A 81 4.68 -6.33 3.74
CA PRO A 81 5.63 -5.50 4.49
C PRO A 81 6.65 -6.39 5.13
N GLY A 82 6.34 -7.68 5.22
CA GLY A 82 7.30 -8.62 5.72
C GLY A 82 8.48 -8.53 4.82
N HIS A 83 8.22 -8.24 3.56
CA HIS A 83 9.29 -8.15 2.65
C HIS A 83 9.91 -6.86 2.60
N LYS A 84 9.10 -5.87 2.40
CA LYS A 84 9.62 -4.57 2.29
C LYS A 84 10.48 -4.35 3.51
N ALA A 85 10.00 -4.86 4.62
CA ALA A 85 10.69 -4.77 5.90
C ALA A 85 12.04 -5.53 5.98
N ARG A 86 12.00 -6.83 5.70
CA ARG A 86 13.20 -7.64 5.81
C ARG A 86 14.22 -7.08 4.84
N VAL A 87 13.76 -6.91 3.59
CA VAL A 87 14.58 -6.37 2.51
C VAL A 87 15.10 -4.97 2.83
N LEU A 88 14.22 -4.08 3.32
CA LEU A 88 14.71 -2.72 3.66
C LEU A 88 15.79 -2.84 4.76
N ALA A 89 15.59 -3.76 5.73
CA ALA A 89 16.56 -3.95 6.82
C ALA A 89 17.95 -4.38 6.32
N GLU A 90 17.99 -5.33 5.38
CA GLU A 90 19.27 -5.80 4.84
C GLU A 90 19.86 -4.77 3.90
N ALA A 91 18.98 -4.19 3.11
CA ALA A 91 19.37 -3.17 2.19
C ALA A 91 19.78 -1.93 2.98
N MET A 92 19.35 -1.89 4.24
CA MET A 92 19.68 -0.81 5.12
C MET A 92 21.09 -1.00 5.73
N SER A 93 21.38 -2.22 6.17
CA SER A 93 22.70 -2.52 6.78
C SER A 93 23.76 -2.90 5.68
N GLN A 94 23.29 -3.19 4.44
CA GLN A 94 24.17 -3.45 3.36
C GLN A 94 24.74 -2.12 2.93
N VAL A 95 23.87 -1.14 2.81
CA VAL A 95 24.36 0.14 2.39
C VAL A 95 25.29 0.68 3.49
N THR A 96 24.96 0.48 4.73
CA THR A 96 25.82 1.04 5.77
C THR A 96 27.27 0.53 5.66
N ASN A 97 27.46 -0.79 5.62
CA ASN A 97 28.82 -1.35 5.52
C ASN A 97 29.22 -1.66 4.07
N THR A 98 28.33 -2.37 3.40
CA THR A 98 28.51 -2.83 2.02
C THR A 98 28.23 -1.75 0.98
N ALA A 99 28.14 -0.48 1.37
CA ALA A 99 27.80 0.55 0.39
C ALA A 99 28.79 0.50 -0.76
N THR A 100 30.05 0.25 -0.46
CA THR A 100 31.03 0.15 -1.52
C THR A 100 30.85 -1.20 -2.20
N ILE A 101 30.37 -1.18 -3.43
CA ILE A 101 30.14 -2.41 -4.18
C ILE A 101 30.84 -2.41 -5.53
N MET A 102 31.61 -3.45 -5.80
CA MET A 102 32.33 -3.55 -7.07
C MET A 102 32.60 -5.01 -7.41
N GLY B 1 1.48 14.43 -30.56
CA GLY B 1 0.18 13.95 -31.11
C GLY B 1 -0.39 12.86 -30.21
N GLY B 2 -0.09 11.61 -30.54
CA GLY B 2 -0.57 10.47 -29.77
C GLY B 2 -2.06 10.61 -29.38
N SER B 3 -2.94 10.22 -30.29
CA SER B 3 -4.40 10.27 -30.09
C SER B 3 -4.86 9.12 -29.18
N PRO B 4 -6.06 9.19 -28.66
CA PRO B 4 -6.63 8.15 -27.73
C PRO B 4 -6.69 6.72 -28.30
N THR B 5 -6.47 5.76 -27.39
CA THR B 5 -6.51 4.30 -27.70
C THR B 5 -5.34 3.88 -28.54
N SER B 6 -4.49 4.81 -28.93
CA SER B 6 -3.36 4.48 -29.75
C SER B 6 -2.21 3.99 -28.92
N ILE B 7 -1.32 3.27 -29.56
CA ILE B 7 -0.16 2.78 -28.87
C ILE B 7 0.64 4.01 -28.43
N LEU B 8 0.39 5.14 -29.10
CA LEU B 8 1.04 6.39 -28.76
C LEU B 8 0.47 6.88 -27.40
N ASP B 9 -0.88 6.64 -27.20
CA ASP B 9 -1.52 6.93 -25.92
C ASP B 9 -1.63 5.63 -25.13
N ILE B 10 -0.53 4.90 -25.17
CA ILE B 10 -0.36 3.67 -24.44
C ILE B 10 0.85 3.88 -23.61
N ARG B 11 0.71 3.70 -22.31
CA ARG B 11 1.82 3.89 -21.41
C ARG B 11 1.77 2.92 -20.28
N GLN B 12 2.93 2.49 -19.82
CA GLN B 12 2.93 1.66 -18.67
C GLN B 12 2.36 2.53 -17.62
N GLY B 13 1.27 2.08 -17.04
CA GLY B 13 0.69 2.86 -16.01
C GLY B 13 1.79 2.98 -15.03
N PRO B 14 1.90 4.07 -14.35
CA PRO B 14 3.02 4.21 -13.42
C PRO B 14 3.07 2.96 -12.54
N LYS B 15 1.88 2.52 -12.09
CA LYS B 15 1.77 1.32 -11.27
C LYS B 15 1.55 0.07 -12.08
N GLU B 16 1.47 0.22 -13.39
CA GLU B 16 1.30 -0.93 -14.24
C GLU B 16 2.65 -1.55 -14.46
N PRO B 17 2.86 -2.83 -14.26
CA PRO B 17 4.21 -3.42 -14.51
C PRO B 17 4.56 -3.46 -15.97
N PHE B 18 5.82 -3.63 -16.22
CA PHE B 18 6.27 -3.74 -17.56
C PHE B 18 5.57 -4.92 -18.17
N ARG B 19 5.57 -6.01 -17.42
CA ARG B 19 4.92 -7.22 -17.90
C ARG B 19 3.39 -6.97 -18.14
N ASP B 20 2.72 -6.17 -17.28
CA ASP B 20 1.33 -5.94 -17.57
C ASP B 20 1.25 -5.05 -18.76
N TYR B 21 1.90 -3.87 -18.62
CA TYR B 21 1.87 -2.83 -19.64
C TYR B 21 2.21 -3.34 -21.00
N VAL B 22 3.34 -4.00 -21.08
CA VAL B 22 3.77 -4.55 -22.32
C VAL B 22 2.65 -5.46 -22.88
N ASP B 23 1.73 -5.94 -22.02
CA ASP B 23 0.62 -6.81 -22.50
C ASP B 23 -0.52 -5.99 -23.16
N ARG B 24 -0.87 -4.85 -22.54
CA ARG B 24 -1.94 -4.01 -23.08
C ARG B 24 -1.44 -3.20 -24.26
N PHE B 25 -0.13 -2.97 -24.26
CA PHE B 25 0.52 -2.23 -25.33
C PHE B 25 0.37 -3.02 -26.63
N TYR B 26 0.81 -4.25 -26.64
CA TYR B 26 0.70 -5.05 -27.84
C TYR B 26 -0.75 -5.25 -28.25
N LYS B 27 -1.65 -5.43 -27.27
CA LYS B 27 -3.07 -5.58 -27.58
C LYS B 27 -3.62 -4.27 -28.15
N THR B 28 -3.18 -3.17 -27.55
CA THR B 28 -3.61 -1.83 -27.97
C THR B 28 -2.95 -1.45 -29.29
N LEU B 29 -1.78 -2.05 -29.58
CA LEU B 29 -1.08 -1.75 -30.84
C LEU B 29 -1.85 -2.37 -31.98
N ARG B 30 -2.34 -3.58 -31.73
CA ARG B 30 -3.14 -4.27 -32.72
C ARG B 30 -4.38 -3.45 -33.01
N ALA B 31 -4.83 -2.70 -32.01
CA ALA B 31 -6.04 -1.88 -32.14
C ALA B 31 -5.82 -0.72 -33.11
N GLU B 32 -4.62 -0.13 -33.06
CA GLU B 32 -4.27 0.95 -33.99
C GLU B 32 -3.90 0.29 -35.32
N GLN B 33 -4.61 0.59 -36.39
CA GLN B 33 -4.29 -0.05 -37.66
C GLN B 33 -3.10 0.65 -38.28
N ALA B 34 -1.98 -0.02 -38.22
CA ALA B 34 -0.73 0.49 -38.73
C ALA B 34 -0.06 -0.58 -39.60
N SER B 35 0.91 -0.18 -40.39
CA SER B 35 1.62 -1.17 -41.22
C SER B 35 2.53 -1.98 -40.31
N GLN B 36 2.99 -3.14 -40.75
CA GLN B 36 3.88 -3.92 -39.89
C GLN B 36 5.12 -3.07 -39.61
N GLU B 37 5.69 -2.53 -40.66
CA GLU B 37 6.81 -1.63 -40.51
C GLU B 37 6.50 -0.55 -39.48
N VAL B 38 5.21 -0.19 -39.39
CA VAL B 38 4.79 0.83 -38.45
C VAL B 38 4.70 0.22 -37.07
N LYS B 39 3.96 -0.88 -36.91
CA LYS B 39 3.84 -1.51 -35.59
C LYS B 39 5.18 -2.08 -35.16
N ASN B 40 5.91 -2.61 -36.11
CA ASN B 40 7.24 -3.17 -35.83
C ASN B 40 8.13 -2.10 -35.18
N TRP B 41 8.10 -0.85 -35.66
CA TRP B 41 8.92 0.16 -34.96
C TRP B 41 8.07 0.86 -33.85
N MET B 42 6.79 1.14 -34.13
CA MET B 42 5.87 1.76 -33.14
C MET B 42 5.81 0.93 -31.91
N THR B 43 5.84 -0.36 -32.10
CA THR B 43 5.82 -1.20 -30.95
C THR B 43 7.06 -0.90 -30.13
N GLU B 44 8.17 -0.62 -30.84
CA GLU B 44 9.45 -0.37 -30.18
C GLU B 44 9.59 1.03 -29.59
N THR B 45 9.61 2.04 -30.44
CA THR B 45 9.78 3.42 -29.94
C THR B 45 8.70 3.83 -28.91
N LEU B 46 7.48 3.28 -28.98
CA LEU B 46 6.45 3.63 -27.99
C LEU B 46 6.51 2.72 -26.77
N LEU B 47 7.06 1.49 -26.92
CA LEU B 47 7.16 0.59 -25.77
C LEU B 47 8.22 1.06 -24.74
N VAL B 48 9.46 1.05 -25.12
CA VAL B 48 10.49 1.46 -24.18
C VAL B 48 10.22 2.87 -23.65
N GLN B 49 9.80 3.78 -24.54
CA GLN B 49 9.55 5.17 -24.15
C GLN B 49 8.30 5.41 -23.30
N ASN B 50 7.20 4.75 -23.62
CA ASN B 50 5.96 4.98 -22.89
C ASN B 50 5.92 4.05 -21.72
N ALA B 51 7.03 3.38 -21.43
CA ALA B 51 7.00 2.36 -20.41
C ALA B 51 7.32 2.79 -18.96
N ASN B 52 6.48 3.65 -18.34
CA ASN B 52 6.66 3.91 -16.92
C ASN B 52 8.06 4.37 -16.59
N PRO B 53 8.28 5.66 -16.34
CA PRO B 53 9.65 6.18 -16.02
C PRO B 53 10.53 5.13 -15.32
N ASP B 54 9.93 4.24 -14.48
CA ASP B 54 10.73 3.11 -13.83
C ASP B 54 11.25 2.09 -14.89
N CYS B 55 10.34 1.44 -15.66
CA CYS B 55 10.81 0.45 -16.65
C CYS B 55 11.46 1.14 -17.79
N LYS B 56 10.86 2.23 -18.17
CA LYS B 56 11.36 3.04 -19.24
C LYS B 56 12.85 3.33 -19.03
N THR B 57 13.20 3.70 -17.78
CA THR B 57 14.58 3.99 -17.43
C THR B 57 15.41 2.68 -17.39
N ILE B 58 14.72 1.54 -17.17
CA ILE B 58 15.37 0.23 -17.15
C ILE B 58 15.74 -0.26 -18.53
N LEU B 59 14.79 -0.22 -19.44
CA LEU B 59 15.00 -0.67 -20.81
C LEU B 59 16.17 0.08 -21.46
N LYS B 60 16.02 1.40 -21.54
CA LYS B 60 17.05 2.22 -22.14
C LYS B 60 18.35 1.90 -21.46
N ALA B 61 18.28 1.75 -20.14
CA ALA B 61 19.47 1.43 -19.35
C ALA B 61 19.93 -0.01 -19.57
N LEU B 62 19.01 -0.86 -20.05
CA LEU B 62 19.33 -2.28 -20.23
C LEU B 62 20.40 -2.49 -21.29
N GLY B 63 20.79 -1.39 -21.96
CA GLY B 63 21.77 -1.47 -23.00
C GLY B 63 21.03 -1.50 -24.33
N PRO B 64 21.16 -0.47 -25.16
CA PRO B 64 20.45 -0.37 -26.48
C PRO B 64 20.16 -1.71 -27.15
N GLY B 65 19.06 -1.76 -27.89
CA GLY B 65 18.65 -2.98 -28.54
C GLY B 65 18.10 -3.97 -27.50
N ALA B 66 17.54 -3.46 -26.38
CA ALA B 66 17.01 -4.36 -25.34
C ALA B 66 15.93 -5.25 -25.91
N THR B 67 16.23 -6.55 -25.95
CA THR B 67 15.27 -7.49 -26.44
C THR B 67 14.14 -7.56 -25.45
N LEU B 68 13.00 -8.07 -25.88
CA LEU B 68 11.91 -8.13 -24.96
C LEU B 68 12.21 -9.10 -23.83
N GLU B 69 12.90 -10.17 -24.17
CA GLU B 69 13.25 -11.16 -23.19
C GLU B 69 14.06 -10.56 -22.05
N GLU B 70 15.02 -9.69 -22.38
CA GLU B 70 15.83 -9.06 -21.34
C GLU B 70 14.99 -8.11 -20.43
N MET B 71 14.23 -7.15 -21.05
CA MET B 71 13.41 -6.20 -20.26
C MET B 71 12.44 -7.00 -19.44
N MET B 72 11.90 -8.06 -20.03
CA MET B 72 11.01 -8.91 -19.27
C MET B 72 11.75 -9.49 -18.05
N THR B 73 13.07 -9.55 -18.13
CA THR B 73 13.89 -9.98 -17.00
C THR B 73 14.29 -8.75 -16.14
N ALA B 74 14.35 -7.55 -16.75
CA ALA B 74 14.81 -6.34 -15.99
C ALA B 74 13.67 -5.54 -15.36
N CYS B 75 12.67 -5.18 -16.20
CA CYS B 75 11.55 -4.37 -15.74
C CYS B 75 10.40 -5.20 -15.18
N GLN B 76 10.52 -6.53 -15.25
CA GLN B 76 9.48 -7.36 -14.65
C GLN B 76 9.68 -7.36 -13.14
N GLY B 77 10.86 -6.86 -12.72
CA GLY B 77 11.12 -6.72 -11.31
C GLY B 77 10.54 -5.37 -10.86
N VAL B 78 10.17 -4.49 -11.85
CA VAL B 78 9.54 -3.16 -11.53
C VAL B 78 8.01 -3.26 -11.38
N GLY B 79 7.48 -2.59 -10.36
CA GLY B 79 6.05 -2.54 -10.12
C GLY B 79 5.65 -3.09 -8.75
N GLY B 80 6.56 -3.76 -8.03
CA GLY B 80 6.22 -4.34 -6.73
C GLY B 80 7.28 -4.07 -5.68
N PRO B 81 7.07 -4.45 -4.40
CA PRO B 81 8.05 -4.24 -3.31
C PRO B 81 9.33 -4.96 -3.59
N GLY B 82 9.30 -5.91 -4.56
CA GLY B 82 10.57 -6.48 -4.98
C GLY B 82 11.38 -5.25 -5.43
N HIS B 83 10.62 -4.30 -6.02
CA HIS B 83 11.11 -3.01 -6.47
C HIS B 83 10.96 -1.88 -5.50
N LYS B 84 9.75 -1.66 -5.04
CA LYS B 84 9.48 -0.59 -4.11
C LYS B 84 10.53 -0.61 -2.97
N ALA B 85 11.16 -1.79 -2.78
CA ALA B 85 12.21 -2.01 -1.78
C ALA B 85 13.62 -1.69 -2.33
N ARG B 86 14.05 -2.40 -3.37
CA ARG B 86 15.37 -2.15 -3.95
C ARG B 86 15.48 -0.67 -4.32
N VAL B 87 14.47 -0.16 -5.03
CA VAL B 87 14.44 1.23 -5.40
C VAL B 87 14.33 2.12 -4.15
N LEU B 88 13.93 1.57 -2.99
CA LEU B 88 13.88 2.42 -1.77
C LEU B 88 15.25 2.51 -1.10
N ALA B 89 15.83 1.36 -0.81
CA ALA B 89 17.11 1.31 -0.11
C ALA B 89 18.26 1.76 -1.01
N GLU B 90 18.19 1.35 -2.27
CA GLU B 90 19.22 1.67 -3.23
C GLU B 90 19.22 3.15 -3.57
N ALA B 91 18.05 3.70 -3.87
CA ALA B 91 17.98 5.10 -4.22
C ALA B 91 18.46 5.89 -3.04
N MET B 92 18.05 5.39 -1.89
CA MET B 92 18.44 5.97 -0.62
C MET B 92 19.96 6.05 -0.56
N SER B 93 20.64 5.07 -1.18
CA SER B 93 22.11 5.10 -1.14
C SER B 93 22.66 5.97 -2.27
N GLN B 94 21.82 6.33 -3.22
CA GLN B 94 22.26 7.26 -4.27
C GLN B 94 22.36 8.62 -3.62
N VAL B 95 21.42 8.89 -2.74
CA VAL B 95 21.40 10.14 -2.03
C VAL B 95 22.64 10.33 -1.19
N THR B 96 22.99 9.31 -0.41
CA THR B 96 24.12 9.42 0.50
C THR B 96 25.38 9.96 -0.19
N ASN B 97 25.84 9.30 -1.26
CA ASN B 97 27.05 9.75 -1.95
C ASN B 97 26.74 10.72 -3.10
N THR B 98 25.64 10.46 -3.78
CA THR B 98 25.21 11.22 -4.95
C THR B 98 24.18 12.31 -4.62
N ALA B 99 24.00 12.68 -3.36
CA ALA B 99 22.97 13.67 -3.03
C ALA B 99 23.22 14.92 -3.83
N THR B 100 24.46 15.28 -4.01
CA THR B 100 24.75 16.43 -4.82
C THR B 100 24.62 16.01 -6.28
N ILE B 101 23.60 16.51 -6.95
CA ILE B 101 23.37 16.14 -8.35
C ILE B 101 23.32 17.40 -9.22
N MET B 102 24.14 17.41 -10.26
CA MET B 102 24.19 18.56 -11.16
C MET B 102 24.80 18.16 -12.51
N GLY C 1 -17.69 29.11 -5.01
CA GLY C 1 -18.86 28.28 -5.42
C GLY C 1 -18.40 26.86 -5.68
N GLY C 2 -18.35 26.48 -6.95
CA GLY C 2 -17.93 25.13 -7.31
C GLY C 2 -19.02 24.10 -6.99
N SER C 3 -19.96 23.93 -7.94
CA SER C 3 -21.08 23.00 -7.76
C SER C 3 -20.65 21.54 -7.98
N PRO C 4 -21.40 20.58 -7.47
CA PRO C 4 -21.08 19.11 -7.61
C PRO C 4 -21.26 18.59 -9.04
N THR C 5 -20.58 17.48 -9.35
CA THR C 5 -20.65 16.86 -10.69
C THR C 5 -20.24 17.83 -11.77
N SER C 6 -19.59 18.88 -11.35
CA SER C 6 -19.09 19.86 -12.26
C SER C 6 -17.58 19.73 -12.29
N ILE C 7 -16.94 20.20 -13.34
CA ILE C 7 -15.50 20.08 -13.39
C ILE C 7 -14.85 20.87 -12.25
N LEU C 8 -15.68 21.66 -11.52
CA LEU C 8 -15.21 22.47 -10.40
C LEU C 8 -15.19 21.64 -9.11
N ASP C 9 -15.85 20.50 -9.14
CA ASP C 9 -15.86 19.59 -8.01
C ASP C 9 -15.15 18.34 -8.46
N ILE C 10 -14.11 18.59 -9.28
CA ILE C 10 -13.29 17.52 -9.85
C ILE C 10 -11.84 17.64 -9.42
N ARG C 11 -11.32 16.63 -8.70
CA ARG C 11 -9.91 16.67 -8.26
C ARG C 11 -9.20 15.33 -8.40
N GLN C 12 -7.87 15.43 -8.64
CA GLN C 12 -7.04 14.25 -8.73
C GLN C 12 -6.90 13.77 -7.35
N GLY C 13 -7.26 12.55 -7.15
CA GLY C 13 -7.13 12.03 -5.86
C GLY C 13 -5.65 12.00 -5.55
N PRO C 14 -5.31 11.87 -4.31
CA PRO C 14 -3.88 11.79 -3.95
C PRO C 14 -3.20 10.58 -4.62
N LYS C 15 -3.89 9.45 -4.66
CA LYS C 15 -3.35 8.25 -5.31
C LYS C 15 -3.81 8.14 -6.77
N GLU C 16 -4.88 8.85 -7.10
CA GLU C 16 -5.44 8.82 -8.46
C GLU C 16 -4.42 9.32 -9.48
N PRO C 17 -3.94 8.46 -10.37
CA PRO C 17 -2.96 8.83 -11.44
C PRO C 17 -3.46 9.93 -12.34
N PHE C 18 -2.49 10.68 -12.88
CA PHE C 18 -2.84 11.74 -13.78
C PHE C 18 -3.68 11.15 -14.87
N ARG C 19 -3.35 9.91 -15.27
CA ARG C 19 -4.11 9.27 -16.31
C ARG C 19 -5.54 8.96 -15.83
N ASP C 20 -5.70 8.53 -14.56
CA ASP C 20 -7.03 8.21 -14.00
C ASP C 20 -7.86 9.48 -13.73
N TYR C 21 -7.21 10.45 -13.11
CA TYR C 21 -7.84 11.71 -12.77
C TYR C 21 -8.10 12.58 -13.99
N VAL C 22 -7.04 12.91 -14.72
CA VAL C 22 -7.22 13.72 -15.91
C VAL C 22 -8.26 13.10 -16.85
N ASP C 23 -8.32 11.76 -16.91
CA ASP C 23 -9.28 11.10 -17.80
C ASP C 23 -10.72 11.44 -17.43
N ARG C 24 -11.08 11.25 -16.16
CA ARG C 24 -12.44 11.58 -15.69
C ARG C 24 -12.65 13.09 -15.65
N PHE C 25 -11.54 13.85 -15.50
CA PHE C 25 -11.62 15.32 -15.37
C PHE C 25 -12.44 15.91 -16.52
N TYR C 26 -12.04 15.51 -17.75
CA TYR C 26 -12.69 15.93 -18.95
C TYR C 26 -14.07 15.24 -19.03
N LYS C 27 -14.22 14.04 -18.50
CA LYS C 27 -15.53 13.38 -18.56
C LYS C 27 -16.56 14.19 -17.73
N THR C 28 -16.15 14.62 -16.57
CA THR C 28 -17.03 15.41 -15.75
C THR C 28 -17.31 16.72 -16.46
N LEU C 29 -16.27 17.21 -17.14
CA LEU C 29 -16.35 18.47 -17.89
C LEU C 29 -17.40 18.36 -18.97
N ARG C 30 -17.37 17.24 -19.71
CA ARG C 30 -18.38 17.00 -20.75
C ARG C 30 -19.74 16.99 -20.06
N ALA C 31 -19.77 16.48 -18.82
CA ALA C 31 -21.01 16.46 -18.04
C ALA C 31 -21.40 17.90 -17.78
N GLU C 32 -20.39 18.73 -17.58
CA GLU C 32 -20.64 20.14 -17.36
C GLU C 32 -20.84 20.74 -18.74
N GLN C 33 -22.06 21.05 -19.10
CA GLN C 33 -22.32 21.58 -20.44
C GLN C 33 -21.72 22.94 -20.63
N ALA C 34 -20.42 22.98 -20.83
CA ALA C 34 -19.73 24.25 -21.03
C ALA C 34 -19.23 24.31 -22.44
N SER C 35 -19.38 25.47 -23.08
CA SER C 35 -18.88 25.60 -24.45
C SER C 35 -17.37 25.50 -24.37
N GLN C 36 -16.76 25.12 -25.46
CA GLN C 36 -15.33 25.00 -25.46
C GLN C 36 -14.69 26.30 -25.02
N GLU C 37 -15.41 27.42 -25.16
CA GLU C 37 -14.82 28.70 -24.73
C GLU C 37 -14.41 28.58 -23.26
N VAL C 38 -15.28 27.90 -22.50
CA VAL C 38 -15.05 27.70 -21.08
C VAL C 38 -14.27 26.40 -20.79
N LYS C 39 -14.84 25.25 -21.20
CA LYS C 39 -14.24 23.93 -20.96
C LYS C 39 -12.75 23.85 -21.30
N ASN C 40 -12.33 24.36 -22.46
CA ASN C 40 -10.91 24.26 -22.84
C ASN C 40 -9.98 24.90 -21.77
N TRP C 41 -10.30 26.13 -21.32
CA TRP C 41 -9.50 26.79 -20.30
C TRP C 41 -9.93 26.25 -18.92
N MET C 42 -11.15 25.67 -18.79
CA MET C 42 -11.50 25.10 -17.49
C MET C 42 -10.59 23.95 -17.27
N THR C 43 -10.46 23.18 -18.31
CA THR C 43 -9.58 22.09 -18.28
C THR C 43 -8.17 22.57 -18.00
N GLU C 44 -7.91 23.85 -18.21
CA GLU C 44 -6.56 24.34 -17.93
C GLU C 44 -6.35 24.76 -16.47
N THR C 45 -7.19 25.67 -15.97
CA THR C 45 -7.04 26.13 -14.58
C THR C 45 -7.57 25.10 -13.56
N LEU C 46 -8.71 24.45 -13.84
CA LEU C 46 -9.26 23.46 -12.90
C LEU C 46 -8.39 22.23 -12.81
N LEU C 47 -7.91 21.78 -13.95
CA LEU C 47 -7.09 20.60 -13.96
C LEU C 47 -5.88 20.74 -13.05
N VAL C 48 -4.97 21.67 -13.41
CA VAL C 48 -3.75 21.85 -12.67
C VAL C 48 -4.01 22.06 -11.16
N GLN C 49 -4.91 22.97 -10.82
CA GLN C 49 -5.22 23.27 -9.41
C GLN C 49 -5.84 22.07 -8.67
N ASN C 50 -6.72 21.36 -9.37
CA ASN C 50 -7.41 20.22 -8.79
C ASN C 50 -6.64 18.95 -9.09
N ALA C 51 -5.44 19.07 -9.62
CA ALA C 51 -4.68 17.90 -10.00
C ALA C 51 -3.87 17.24 -8.89
N ASN C 52 -4.35 17.19 -7.62
CA ASN C 52 -3.53 16.47 -6.62
C ASN C 52 -2.23 17.22 -6.35
N PRO C 53 -2.03 17.88 -5.22
CA PRO C 53 -0.76 18.63 -4.91
C PRO C 53 0.52 17.94 -5.44
N ASP C 54 0.48 16.63 -5.74
CA ASP C 54 1.64 16.02 -6.35
C ASP C 54 1.70 16.43 -7.84
N CYS C 55 0.75 15.93 -8.66
CA CYS C 55 0.81 16.29 -10.07
C CYS C 55 0.86 17.78 -10.14
N LYS C 56 -0.05 18.40 -9.44
CA LYS C 56 -0.10 19.84 -9.34
C LYS C 56 1.30 20.46 -9.14
N THR C 57 2.19 19.77 -8.42
CA THR C 57 3.54 20.30 -8.22
C THR C 57 4.41 19.91 -9.43
N ILE C 58 4.20 18.69 -9.94
CA ILE C 58 4.92 18.22 -11.13
C ILE C 58 4.66 19.12 -12.29
N LEU C 59 3.39 19.46 -12.44
CA LEU C 59 2.94 20.30 -13.52
C LEU C 59 3.71 21.63 -13.52
N LYS C 60 3.61 22.39 -12.43
CA LYS C 60 4.27 23.70 -12.36
C LYS C 60 5.76 23.53 -12.62
N ALA C 61 6.26 22.38 -12.27
CA ALA C 61 7.65 22.09 -12.48
C ALA C 61 7.99 21.89 -13.99
N LEU C 62 7.23 21.04 -14.70
CA LEU C 62 7.53 20.77 -16.12
C LEU C 62 7.62 22.04 -16.94
N GLY C 63 6.94 23.08 -16.44
CA GLY C 63 6.87 24.34 -17.12
C GLY C 63 5.40 24.65 -17.43
N PRO C 64 4.77 25.57 -16.68
CA PRO C 64 3.36 25.97 -16.93
C PRO C 64 3.28 26.39 -18.37
N GLY C 65 2.16 26.09 -18.98
CA GLY C 65 2.00 26.31 -20.39
C GLY C 65 2.40 25.03 -21.07
N ALA C 66 2.86 24.06 -20.23
CA ALA C 66 3.25 22.75 -20.69
C ALA C 66 2.09 22.11 -21.39
N THR C 67 2.39 21.11 -22.17
CA THR C 67 1.31 20.47 -22.80
C THR C 67 0.75 19.41 -21.86
N LEU C 68 -0.56 19.25 -21.94
CA LEU C 68 -1.22 18.27 -21.12
C LEU C 68 -0.47 16.94 -21.18
N GLU C 69 0.24 16.70 -22.31
CA GLU C 69 0.97 15.47 -22.50
C GLU C 69 2.20 15.39 -21.59
N GLU C 70 2.94 16.53 -21.42
CA GLU C 70 4.14 16.53 -20.58
C GLU C 70 3.74 16.28 -19.16
N MET C 71 2.64 16.90 -18.75
CA MET C 71 2.18 16.67 -17.41
C MET C 71 1.58 15.29 -17.37
N MET C 72 0.95 14.89 -18.48
CA MET C 72 0.36 13.53 -18.60
C MET C 72 1.40 12.43 -18.71
N THR C 73 2.65 12.78 -19.15
CA THR C 73 3.78 11.80 -19.26
C THR C 73 4.62 11.76 -17.94
N ALA C 74 4.62 12.88 -17.22
CA ALA C 74 5.38 13.01 -15.95
C ALA C 74 4.54 12.56 -14.79
N CYS C 75 3.30 13.05 -14.78
CA CYS C 75 2.37 12.70 -13.70
C CYS C 75 1.96 11.26 -13.90
N GLN C 76 2.15 10.77 -15.13
CA GLN C 76 1.93 9.39 -15.45
C GLN C 76 3.07 8.57 -14.81
N GLY C 77 4.06 9.32 -14.26
CA GLY C 77 5.14 8.73 -13.50
C GLY C 77 4.75 8.74 -11.99
N VAL C 78 3.47 9.20 -11.70
CA VAL C 78 2.88 9.25 -10.34
C VAL C 78 1.95 8.07 -10.09
N GLY C 79 1.94 7.58 -8.85
CA GLY C 79 1.03 6.50 -8.46
C GLY C 79 1.76 5.20 -8.22
N GLY C 80 2.16 4.56 -9.31
CA GLY C 80 2.92 3.32 -9.20
C GLY C 80 4.09 3.62 -8.32
N PRO C 81 4.80 2.61 -7.85
CA PRO C 81 5.93 2.79 -6.92
C PRO C 81 6.64 4.08 -7.13
N GLY C 82 6.75 4.53 -8.40
CA GLY C 82 7.44 5.77 -8.70
C GLY C 82 7.11 6.86 -7.69
N HIS C 83 5.91 6.84 -7.08
CA HIS C 83 5.59 7.89 -6.12
C HIS C 83 5.92 7.68 -4.77
N LYS C 84 6.06 6.50 -4.48
CA LYS C 84 6.50 6.16 -3.22
C LYS C 84 8.03 5.92 -3.29
N ALA C 85 8.51 5.69 -4.53
CA ALA C 85 9.89 5.35 -4.84
C ALA C 85 10.79 6.56 -5.04
N ARG C 86 10.46 7.35 -6.04
CA ARG C 86 11.23 8.52 -6.39
C ARG C 86 11.12 9.58 -5.27
N VAL C 87 9.88 9.73 -4.78
CA VAL C 87 9.59 10.70 -3.74
C VAL C 87 10.40 10.33 -2.54
N LEU C 88 10.49 9.02 -2.27
CA LEU C 88 11.33 8.56 -1.14
C LEU C 88 12.82 8.72 -1.46
N ALA C 89 13.18 8.43 -2.70
CA ALA C 89 14.57 8.52 -3.16
C ALA C 89 15.08 9.94 -2.99
N GLU C 90 14.22 10.88 -3.26
CA GLU C 90 14.57 12.27 -3.11
C GLU C 90 14.30 12.74 -1.70
N ALA C 91 13.23 12.23 -1.07
CA ALA C 91 12.86 12.65 0.28
C ALA C 91 14.01 12.36 1.21
N MET C 92 14.68 11.28 0.90
CA MET C 92 15.81 10.86 1.66
C MET C 92 16.86 11.99 1.66
N SER C 93 16.83 12.83 0.59
CA SER C 93 17.80 13.93 0.46
C SER C 93 17.14 15.31 0.37
N GLN C 94 15.83 15.39 0.19
CA GLN C 94 15.22 16.69 0.10
C GLN C 94 15.37 17.29 1.45
N VAL C 95 15.03 16.47 2.42
CA VAL C 95 15.12 16.84 3.81
C VAL C 95 16.58 16.90 4.29
N THR C 96 17.42 15.95 3.87
CA THR C 96 18.79 15.92 4.38
C THR C 96 19.52 17.25 4.13
N ASN C 97 19.50 17.73 2.91
CA ASN C 97 20.18 18.98 2.58
C ASN C 97 19.29 20.21 2.80
N THR C 98 18.02 20.04 2.45
CA THR C 98 17.02 21.10 2.55
C THR C 98 16.17 21.02 3.82
N ALA C 99 16.64 20.30 4.86
CA ALA C 99 15.80 20.13 6.05
C ALA C 99 15.36 21.49 6.56
N THR C 100 16.24 22.47 6.49
CA THR C 100 15.82 23.79 6.90
C THR C 100 15.02 24.38 5.75
N ILE C 101 13.71 24.50 5.94
CA ILE C 101 12.84 25.03 4.89
C ILE C 101 12.13 26.28 5.40
N MET C 102 12.30 27.39 4.69
CA MET C 102 11.67 28.64 5.09
C MET C 102 11.69 29.64 3.94
N GLY D 1 -24.17 12.31 22.84
CA GLY D 1 -24.97 11.66 21.75
C GLY D 1 -24.02 11.10 20.70
N GLY D 2 -24.15 11.59 19.47
CA GLY D 2 -23.29 11.12 18.38
C GLY D 2 -23.63 9.67 18.00
N SER D 3 -24.89 9.30 18.18
CA SER D 3 -25.38 7.95 17.85
C SER D 3 -24.91 7.54 16.46
N PRO D 4 -25.06 6.29 16.06
CA PRO D 4 -24.61 5.84 14.71
C PRO D 4 -25.35 6.59 13.60
N THR D 5 -24.63 6.85 12.51
CA THR D 5 -25.16 7.60 11.36
C THR D 5 -25.32 9.07 11.68
N SER D 6 -25.05 9.41 12.92
CA SER D 6 -25.15 10.77 13.28
C SER D 6 -24.13 11.48 12.45
N ILE D 7 -24.40 12.68 12.11
CA ILE D 7 -23.39 13.40 11.40
C ILE D 7 -22.22 13.59 12.34
N LEU D 8 -22.52 13.44 13.62
CA LEU D 8 -21.52 13.60 14.60
C LEU D 8 -20.50 12.48 14.45
N ASP D 9 -21.00 11.24 14.32
CA ASP D 9 -20.13 10.07 14.12
C ASP D 9 -19.61 10.02 12.69
N ILE D 10 -19.86 11.08 11.93
CA ILE D 10 -19.40 11.14 10.55
C ILE D 10 -17.98 11.59 10.50
N ARG D 11 -17.13 10.71 10.01
CA ARG D 11 -15.72 11.03 9.95
C ARG D 11 -15.05 10.52 8.69
N GLN D 12 -14.09 11.31 8.28
CA GLN D 12 -13.29 11.00 7.15
C GLN D 12 -12.47 9.79 7.50
N GLY D 13 -12.57 8.74 6.70
CA GLY D 13 -11.80 7.57 6.99
C GLY D 13 -10.37 7.99 7.20
N PRO D 14 -9.59 7.17 7.88
CA PRO D 14 -8.18 7.51 8.18
C PRO D 14 -7.40 7.78 6.90
N LYS D 15 -7.91 7.20 5.81
CA LYS D 15 -7.31 7.36 4.49
C LYS D 15 -8.33 8.05 3.56
N GLU D 16 -9.62 8.00 3.92
CA GLU D 16 -10.68 8.60 3.08
C GLU D 16 -10.37 10.07 2.81
N PRO D 17 -10.40 10.51 1.56
CA PRO D 17 -10.09 11.93 1.23
C PRO D 17 -11.14 12.88 1.69
N PHE D 18 -10.73 14.16 1.83
CA PHE D 18 -11.63 15.19 2.25
C PHE D 18 -12.61 15.36 1.15
N ARG D 19 -12.16 15.01 -0.07
CA ARG D 19 -12.99 15.10 -1.25
C ARG D 19 -14.17 14.15 -1.11
N ASP D 20 -13.91 12.97 -0.57
CA ASP D 20 -14.99 12.00 -0.38
C ASP D 20 -15.66 12.23 0.97
N TYR D 21 -14.85 12.57 1.94
CA TYR D 21 -15.36 12.77 3.25
C TYR D 21 -16.41 13.86 3.25
N VAL D 22 -16.06 14.95 2.64
CA VAL D 22 -16.98 16.03 2.60
C VAL D 22 -18.34 15.58 2.00
N ASP D 23 -18.30 14.80 0.89
CA ASP D 23 -19.54 14.32 0.23
C ASP D 23 -20.30 13.39 1.19
N ARG D 24 -19.55 12.55 1.87
CA ARG D 24 -20.15 11.66 2.84
C ARG D 24 -20.80 12.46 3.98
N PHE D 25 -20.01 13.38 4.55
CA PHE D 25 -20.48 14.19 5.69
C PHE D 25 -21.87 14.72 5.40
N TYR D 26 -21.93 15.54 4.39
CA TYR D 26 -23.17 16.16 3.99
C TYR D 26 -24.20 15.08 3.61
N LYS D 27 -23.73 13.86 3.24
CA LYS D 27 -24.65 12.77 2.82
C LYS D 27 -25.31 12.15 4.05
N THR D 28 -24.50 11.62 4.93
CA THR D 28 -25.00 11.07 6.16
C THR D 28 -25.76 12.18 6.87
N LEU D 29 -25.24 13.39 6.72
CA LEU D 29 -25.88 14.58 7.29
C LEU D 29 -27.31 14.62 6.71
N ARG D 30 -27.44 14.29 5.40
CA ARG D 30 -28.76 14.23 4.76
C ARG D 30 -29.59 13.04 5.26
N ALA D 31 -28.91 12.08 5.94
CA ALA D 31 -29.59 10.93 6.54
C ALA D 31 -30.43 11.45 7.71
N GLU D 32 -29.87 12.43 8.36
CA GLU D 32 -30.50 13.17 9.44
C GLU D 32 -31.04 14.43 8.79
N GLN D 33 -32.33 14.59 8.69
CA GLN D 33 -32.85 15.78 8.05
C GLN D 33 -32.71 16.96 8.98
N ALA D 34 -31.46 17.37 9.26
CA ALA D 34 -31.19 18.54 10.13
C ALA D 34 -31.64 19.81 9.41
N SER D 35 -32.20 20.76 10.14
CA SER D 35 -32.61 21.99 9.49
C SER D 35 -31.38 22.56 8.82
N GLN D 36 -31.53 23.43 7.82
CA GLN D 36 -30.35 23.96 7.14
C GLN D 36 -29.46 24.65 8.16
N GLU D 37 -30.10 25.35 9.11
CA GLU D 37 -29.38 26.08 10.20
C GLU D 37 -28.45 25.13 11.00
N VAL D 38 -29.05 24.06 11.58
CA VAL D 38 -28.34 23.01 12.35
C VAL D 38 -27.42 22.15 11.47
N LYS D 39 -27.92 21.81 10.27
CA LYS D 39 -27.22 20.96 9.28
C LYS D 39 -26.01 21.68 8.62
N ASN D 40 -26.24 22.92 8.12
CA ASN D 40 -25.16 23.69 7.45
C ASN D 40 -24.00 23.99 8.37
N TRP D 41 -24.29 24.38 9.60
CA TRP D 41 -23.18 24.63 10.52
C TRP D 41 -22.61 23.24 10.95
N MET D 42 -23.44 22.20 10.97
CA MET D 42 -22.93 20.84 11.28
C MET D 42 -21.89 20.52 10.24
N THR D 43 -22.28 20.91 9.04
CA THR D 43 -21.48 20.77 7.85
C THR D 43 -20.16 21.54 8.03
N GLU D 44 -20.17 22.50 8.96
CA GLU D 44 -18.98 23.30 9.28
C GLU D 44 -18.21 22.76 10.50
N THR D 45 -18.90 22.76 11.66
CA THR D 45 -18.31 22.36 12.94
C THR D 45 -17.94 20.91 13.00
N LEU D 46 -18.83 20.02 12.61
CA LEU D 46 -18.49 18.61 12.68
C LEU D 46 -17.58 18.22 11.55
N LEU D 47 -17.65 18.93 10.42
CA LEU D 47 -16.80 18.61 9.26
C LEU D 47 -15.31 18.78 9.59
N VAL D 48 -14.97 19.92 10.17
CA VAL D 48 -13.59 20.22 10.54
C VAL D 48 -13.06 19.31 11.65
N GLN D 49 -13.92 18.92 12.58
CA GLN D 49 -13.49 18.11 13.73
C GLN D 49 -13.57 16.61 13.47
N ASN D 50 -14.26 16.22 12.43
CA ASN D 50 -14.40 14.81 12.12
C ASN D 50 -13.69 14.43 10.85
N ALA D 51 -13.11 15.38 10.20
CA ALA D 51 -12.52 15.08 8.92
C ALA D 51 -11.20 14.36 8.96
N ASN D 52 -10.99 13.37 9.85
CA ASN D 52 -9.70 12.69 9.79
C ASN D 52 -8.59 13.68 10.17
N PRO D 53 -8.03 13.59 11.38
CA PRO D 53 -6.99 14.56 11.87
C PRO D 53 -6.04 15.05 10.75
N ASP D 54 -5.78 14.28 9.70
CA ASP D 54 -4.93 14.80 8.64
C ASP D 54 -5.58 16.03 8.02
N CYS D 55 -6.87 15.93 7.72
CA CYS D 55 -7.59 17.05 7.15
C CYS D 55 -8.04 17.95 8.25
N LYS D 56 -8.69 17.36 9.21
CA LYS D 56 -9.15 18.08 10.36
C LYS D 56 -8.06 19.01 10.88
N THR D 57 -6.83 18.47 11.08
CA THR D 57 -5.74 19.33 11.55
C THR D 57 -5.46 20.46 10.54
N ILE D 58 -5.48 20.11 9.22
CA ILE D 58 -5.25 21.11 8.17
C ILE D 58 -6.27 22.20 8.28
N LEU D 59 -7.51 21.78 8.43
CA LEU D 59 -8.60 22.74 8.51
C LEU D 59 -8.29 23.84 9.50
N LYS D 60 -7.90 23.46 10.70
CA LYS D 60 -7.57 24.43 11.72
C LYS D 60 -6.37 25.27 11.27
N ALA D 61 -5.52 24.67 10.45
CA ALA D 61 -4.32 25.35 10.00
C ALA D 61 -4.60 26.45 8.97
N LEU D 62 -5.41 26.12 7.97
CA LEU D 62 -5.71 27.06 6.89
C LEU D 62 -6.09 28.41 7.48
N GLY D 63 -6.81 28.39 8.60
CA GLY D 63 -7.20 29.63 9.26
C GLY D 63 -8.71 29.75 9.37
N PRO D 64 -9.25 29.97 10.58
CA PRO D 64 -10.73 30.07 10.79
C PRO D 64 -11.42 30.81 9.67
N GLY D 65 -12.47 30.22 9.16
CA GLY D 65 -13.19 30.79 8.02
C GLY D 65 -12.60 30.26 6.71
N ALA D 66 -11.69 29.25 6.82
CA ALA D 66 -11.10 28.68 5.62
C ALA D 66 -12.25 28.34 4.75
N THR D 67 -12.30 28.89 3.53
CA THR D 67 -13.45 28.58 2.73
C THR D 67 -13.52 27.11 2.58
N LEU D 68 -14.71 26.57 2.59
CA LEU D 68 -14.87 25.16 2.45
C LEU D 68 -14.03 24.73 1.28
N GLU D 69 -13.96 25.57 0.27
CA GLU D 69 -13.15 25.27 -0.87
C GLU D 69 -11.69 25.08 -0.48
N GLU D 70 -11.09 26.03 0.27
CA GLU D 70 -9.67 25.88 0.65
C GLU D 70 -9.44 24.51 1.26
N MET D 71 -10.10 24.24 2.40
CA MET D 71 -9.96 22.91 3.02
C MET D 71 -10.38 21.84 2.02
N MET D 72 -11.31 22.16 1.11
CA MET D 72 -11.76 21.19 0.12
C MET D 72 -10.63 20.85 -0.84
N THR D 73 -9.70 21.82 -1.01
CA THR D 73 -8.52 21.63 -1.88
C THR D 73 -7.36 20.88 -1.12
N ALA D 74 -6.99 21.40 0.09
CA ALA D 74 -5.87 20.85 0.91
C ALA D 74 -6.09 19.52 1.57
N CYS D 75 -7.28 19.40 2.18
CA CYS D 75 -7.62 18.23 2.95
C CYS D 75 -7.78 17.00 2.05
N GLN D 76 -8.41 17.24 0.92
CA GLN D 76 -8.66 16.23 -0.12
C GLN D 76 -7.39 15.57 -0.57
N GLY D 77 -6.28 16.35 -0.64
CA GLY D 77 -5.01 15.81 -1.08
C GLY D 77 -4.56 14.67 -0.19
N VAL D 78 -5.31 14.39 0.90
CA VAL D 78 -4.91 13.37 1.85
C VAL D 78 -5.39 12.00 1.45
N GLY D 79 -4.43 11.10 1.34
CA GLY D 79 -4.67 9.72 1.00
C GLY D 79 -3.34 9.09 0.61
N GLY D 80 -3.08 9.08 -0.69
CA GLY D 80 -1.86 8.55 -1.25
C GLY D 80 -0.76 9.63 -1.20
N PRO D 81 0.03 9.77 -2.27
CA PRO D 81 1.16 10.74 -2.34
C PRO D 81 0.94 12.05 -1.59
N GLY D 82 -0.27 12.56 -1.47
CA GLY D 82 -0.42 13.79 -0.70
C GLY D 82 0.05 13.59 0.76
N HIS D 83 -0.35 12.47 1.40
CA HIS D 83 0.08 12.18 2.79
C HIS D 83 1.24 11.30 2.92
N LYS D 84 1.51 10.65 1.88
CA LYS D 84 2.64 9.85 1.89
C LYS D 84 3.88 10.73 1.52
N ALA D 85 3.77 11.46 0.40
CA ALA D 85 4.87 12.28 -0.11
C ALA D 85 5.21 13.52 0.71
N ARG D 86 4.23 14.44 0.86
CA ARG D 86 4.42 15.74 1.57
C ARG D 86 4.74 15.62 3.07
N VAL D 87 3.93 14.86 3.79
CA VAL D 87 4.07 14.70 5.26
C VAL D 87 5.37 14.04 5.71
N LEU D 88 5.82 13.07 4.96
CA LEU D 88 7.01 12.34 5.33
C LEU D 88 8.19 13.28 5.53
N ALA D 89 8.41 14.16 4.55
CA ALA D 89 9.54 15.09 4.55
C ALA D 89 9.53 15.97 5.79
N GLU D 90 8.37 16.45 6.18
CA GLU D 90 8.30 17.35 7.33
C GLU D 90 8.51 16.63 8.64
N ALA D 91 7.62 15.71 8.98
CA ALA D 91 7.74 14.99 10.23
C ALA D 91 9.17 14.50 10.40
N MET D 92 9.74 14.15 9.29
CA MET D 92 11.10 13.66 9.25
C MET D 92 12.08 14.69 9.77
N SER D 93 11.98 15.93 9.30
CA SER D 93 12.92 16.94 9.77
C SER D 93 12.47 17.46 11.12
N GLN D 94 11.21 17.18 11.47
CA GLN D 94 10.69 17.57 12.77
C GLN D 94 11.34 16.72 13.85
N VAL D 95 11.47 15.46 13.55
CA VAL D 95 12.12 14.55 14.46
C VAL D 95 13.61 14.89 14.54
N THR D 96 14.14 15.50 13.49
CA THR D 96 15.56 15.84 13.48
C THR D 96 15.85 17.04 14.39
N ASN D 97 15.24 18.19 14.10
CA ASN D 97 15.45 19.40 14.90
C ASN D 97 14.40 19.54 16.01
N THR D 98 13.16 19.31 15.64
CA THR D 98 12.00 19.45 16.52
C THR D 98 11.73 18.21 17.37
N ALA D 99 12.65 17.25 17.40
CA ALA D 99 12.40 16.02 18.14
C ALA D 99 12.09 16.34 19.59
N THR D 100 12.78 17.32 20.14
CA THR D 100 12.49 17.70 21.50
C THR D 100 11.17 18.45 21.49
N ILE D 101 10.14 17.83 22.05
CA ILE D 101 8.81 18.44 22.06
C ILE D 101 8.25 18.50 23.48
N MET D 102 7.83 19.69 23.90
CA MET D 102 7.28 19.86 25.24
C MET D 102 6.05 20.76 25.20
N GLY E 1 -10.75 -19.45 25.73
CA GLY E 1 -12.13 -19.49 25.17
C GLY E 1 -12.16 -18.71 23.86
N GLY E 2 -13.08 -17.75 23.77
CA GLY E 2 -13.20 -16.94 22.56
C GLY E 2 -13.24 -17.79 21.28
N SER E 3 -14.43 -18.26 20.92
CA SER E 3 -14.61 -19.08 19.72
C SER E 3 -14.73 -18.18 18.47
N PRO E 4 -14.66 -18.74 17.29
CA PRO E 4 -14.76 -17.94 16.02
C PRO E 4 -16.04 -17.08 15.98
N THR E 5 -15.89 -15.84 15.48
CA THR E 5 -17.01 -14.87 15.40
C THR E 5 -17.33 -14.28 16.77
N SER E 6 -16.85 -14.92 17.83
CA SER E 6 -17.07 -14.39 19.16
C SER E 6 -16.31 -13.10 19.24
N ILE E 7 -16.84 -12.14 19.96
CA ILE E 7 -16.13 -10.89 20.07
C ILE E 7 -14.67 -11.13 20.47
N LEU E 8 -14.38 -12.28 21.05
CA LEU E 8 -13.02 -12.51 21.44
C LEU E 8 -12.16 -12.59 20.17
N ASP E 9 -12.70 -13.23 19.17
CA ASP E 9 -12.05 -13.34 17.87
C ASP E 9 -11.93 -11.97 17.22
N ILE E 10 -12.92 -11.15 17.44
CA ILE E 10 -12.94 -9.80 16.92
C ILE E 10 -11.62 -9.03 17.16
N ARG E 11 -10.76 -8.94 16.12
CA ARG E 11 -9.49 -8.21 16.26
C ARG E 11 -9.33 -7.19 15.17
N GLN E 12 -8.75 -6.05 15.54
CA GLN E 12 -8.51 -5.02 14.59
C GLN E 12 -7.36 -5.41 13.76
N GLY E 13 -7.60 -5.39 12.48
CA GLY E 13 -6.55 -5.64 11.56
C GLY E 13 -5.51 -4.57 11.82
N PRO E 14 -4.27 -4.88 11.59
CA PRO E 14 -3.18 -3.92 11.83
C PRO E 14 -3.22 -2.73 10.88
N LYS E 15 -4.11 -2.86 9.87
CA LYS E 15 -4.37 -1.83 8.88
C LYS E 15 -5.83 -1.40 9.01
N GLU E 16 -6.60 -2.25 9.68
CA GLU E 16 -8.02 -2.01 9.87
C GLU E 16 -8.24 -0.77 10.72
N PRO E 17 -8.95 0.20 10.22
CA PRO E 17 -9.24 1.42 11.00
C PRO E 17 -9.91 1.03 12.24
N PHE E 18 -9.62 1.76 13.32
CA PHE E 18 -10.28 1.47 14.57
C PHE E 18 -11.78 1.42 14.33
N ARG E 19 -12.24 2.23 13.32
CA ARG E 19 -13.65 2.34 12.99
C ARG E 19 -14.20 1.05 12.37
N ASP E 20 -13.42 0.36 11.53
CA ASP E 20 -13.91 -0.87 10.92
C ASP E 20 -13.91 -1.97 11.94
N TYR E 21 -12.81 -2.02 12.62
CA TYR E 21 -12.61 -3.00 13.67
C TYR E 21 -13.61 -2.87 14.83
N VAL E 22 -13.84 -1.61 15.26
CA VAL E 22 -14.74 -1.33 16.36
C VAL E 22 -16.18 -1.55 15.89
N ASP E 23 -16.55 -1.02 14.72
CA ASP E 23 -17.90 -1.25 14.19
C ASP E 23 -18.11 -2.76 14.09
N ARG E 24 -17.20 -3.49 13.44
CA ARG E 24 -17.37 -4.93 13.41
C ARG E 24 -17.27 -5.47 14.84
N PHE E 25 -16.54 -4.79 15.71
CA PHE E 25 -16.49 -5.27 17.08
C PHE E 25 -17.92 -5.25 17.62
N TYR E 26 -18.57 -4.12 17.46
CA TYR E 26 -19.91 -3.96 17.96
C TYR E 26 -20.95 -4.76 17.14
N LYS E 27 -20.83 -4.79 15.81
CA LYS E 27 -21.76 -5.57 14.99
C LYS E 27 -21.62 -7.05 15.31
N THR E 28 -20.37 -7.48 15.45
CA THR E 28 -20.06 -8.86 15.81
C THR E 28 -20.44 -9.11 17.27
N LEU E 29 -20.21 -8.09 18.12
CA LEU E 29 -20.49 -8.20 19.54
C LEU E 29 -21.96 -8.49 19.73
N ARG E 30 -22.81 -7.79 18.97
CA ARG E 30 -24.24 -8.04 19.06
C ARG E 30 -24.44 -9.50 18.74
N ALA E 31 -23.66 -9.97 17.75
CA ALA E 31 -23.67 -11.35 17.30
C ALA E 31 -23.15 -12.26 18.40
N GLU E 32 -22.22 -11.75 19.17
CA GLU E 32 -21.68 -12.53 20.23
C GLU E 32 -22.69 -12.52 21.34
N GLN E 33 -22.99 -13.68 21.85
CA GLN E 33 -23.93 -13.71 22.93
C GLN E 33 -23.22 -13.37 24.22
N ALA E 34 -22.72 -12.14 24.32
CA ALA E 34 -22.15 -11.70 25.59
C ALA E 34 -23.36 -11.23 26.36
N SER E 35 -23.54 -11.58 27.64
CA SER E 35 -24.76 -11.10 28.31
C SER E 35 -24.80 -9.62 28.00
N GLN E 36 -25.98 -9.03 27.74
CA GLN E 36 -26.06 -7.61 27.36
C GLN E 36 -25.14 -6.78 28.23
N GLU E 37 -25.13 -7.09 29.52
CA GLU E 37 -24.28 -6.36 30.42
C GLU E 37 -22.82 -6.63 30.04
N VAL E 38 -22.54 -7.90 29.81
CA VAL E 38 -21.20 -8.32 29.42
C VAL E 38 -20.83 -7.68 28.11
N LYS E 39 -21.80 -7.61 27.22
CA LYS E 39 -21.65 -7.00 25.93
C LYS E 39 -21.12 -5.59 26.11
N ASN E 40 -21.22 -5.00 27.30
CA ASN E 40 -20.71 -3.66 27.46
C ASN E 40 -19.22 -3.66 27.88
N TRP E 41 -18.89 -4.21 29.04
CA TRP E 41 -17.50 -4.21 29.45
C TRP E 41 -16.68 -5.00 28.43
N MET E 42 -17.31 -5.93 27.72
CA MET E 42 -16.58 -6.63 26.67
C MET E 42 -16.13 -5.55 25.72
N THR E 43 -17.09 -4.71 25.39
CA THR E 43 -16.83 -3.59 24.52
C THR E 43 -15.64 -2.81 25.04
N GLU E 44 -15.42 -2.87 26.33
CA GLU E 44 -14.29 -2.18 26.89
C GLU E 44 -13.00 -3.01 26.89
N THR E 45 -13.05 -4.14 27.65
CA THR E 45 -11.91 -5.06 27.83
C THR E 45 -11.44 -5.76 26.56
N LEU E 46 -12.33 -6.20 25.67
CA LEU E 46 -11.88 -6.89 24.42
C LEU E 46 -11.59 -5.89 23.32
N LEU E 47 -12.16 -4.71 23.43
CA LEU E 47 -11.94 -3.74 22.39
C LEU E 47 -10.52 -3.25 22.43
N VAL E 48 -10.03 -2.90 23.61
CA VAL E 48 -8.67 -2.42 23.72
C VAL E 48 -7.67 -3.53 23.39
N GLN E 49 -7.86 -4.67 24.06
CA GLN E 49 -7.01 -5.83 23.89
C GLN E 49 -7.02 -6.38 22.48
N ASN E 50 -8.16 -6.33 21.82
CA ASN E 50 -8.23 -6.89 20.47
C ASN E 50 -8.14 -5.79 19.43
N ALA E 51 -7.79 -4.58 19.84
CA ALA E 51 -7.77 -3.49 18.88
C ALA E 51 -6.41 -3.16 18.31
N ASN E 52 -5.84 -4.04 17.44
CA ASN E 52 -4.60 -3.64 16.73
C ASN E 52 -3.54 -2.98 17.64
N PRO E 53 -2.45 -3.63 17.98
CA PRO E 53 -1.46 -3.03 18.90
C PRO E 53 -1.36 -1.50 18.76
N ASP E 54 -1.50 -0.96 17.55
CA ASP E 54 -1.46 0.50 17.41
C ASP E 54 -2.60 1.16 18.19
N CYS E 55 -3.88 0.70 17.96
CA CYS E 55 -5.05 1.31 18.66
C CYS E 55 -5.05 0.90 20.10
N LYS E 56 -4.67 -0.33 20.32
CA LYS E 56 -4.55 -0.89 21.65
C LYS E 56 -3.59 -0.05 22.48
N THR E 57 -2.48 0.37 21.85
CA THR E 57 -1.51 1.19 22.55
C THR E 57 -2.04 2.63 22.67
N ILE E 58 -2.85 3.06 21.67
CA ILE E 58 -3.46 4.39 21.68
C ILE E 58 -4.42 4.54 22.83
N LEU E 59 -5.18 3.50 23.04
CA LEU E 59 -6.16 3.49 24.07
C LEU E 59 -5.48 3.78 25.41
N LYS E 60 -4.38 3.08 25.67
CA LYS E 60 -3.65 3.28 26.92
C LYS E 60 -3.18 4.72 27.00
N ALA E 61 -2.85 5.25 25.83
CA ALA E 61 -2.41 6.64 25.71
C ALA E 61 -3.58 7.60 25.81
N LEU E 62 -4.79 7.11 25.58
CA LEU E 62 -5.96 7.96 25.65
C LEU E 62 -6.27 8.27 27.09
N GLY E 63 -5.56 7.61 28.02
CA GLY E 63 -5.79 7.85 29.41
C GLY E 63 -6.63 6.73 30.01
N PRO E 64 -6.02 5.82 30.78
CA PRO E 64 -6.77 4.72 31.44
C PRO E 64 -8.05 5.29 32.00
N GLY E 65 -9.14 4.69 31.52
CA GLY E 65 -10.45 5.19 31.84
C GLY E 65 -10.96 5.93 30.61
N ALA E 66 -10.35 5.63 29.43
CA ALA E 66 -10.71 6.28 28.18
C ALA E 66 -12.13 5.94 27.76
N THR E 67 -12.76 6.92 27.15
CA THR E 67 -14.08 6.74 26.62
C THR E 67 -13.95 6.36 25.15
N LEU E 68 -15.06 6.00 24.54
CA LEU E 68 -15.04 5.61 23.14
C LEU E 68 -14.96 6.83 22.20
N GLU E 69 -15.22 8.02 22.71
CA GLU E 69 -15.16 9.19 21.82
C GLU E 69 -13.73 9.44 21.35
N GLU E 70 -12.81 9.74 22.31
CA GLU E 70 -11.42 10.00 21.96
C GLU E 70 -10.76 8.80 21.30
N MET E 71 -11.08 7.56 21.72
CA MET E 71 -10.49 6.41 21.04
C MET E 71 -10.64 6.60 19.56
N MET E 72 -11.79 7.10 19.20
CA MET E 72 -12.10 7.33 17.80
C MET E 72 -11.29 8.47 17.27
N THR E 73 -11.07 9.51 18.06
CA THR E 73 -10.24 10.61 17.58
C THR E 73 -8.79 10.10 17.29
N ALA E 74 -8.23 9.26 18.19
CA ALA E 74 -6.84 8.74 18.02
C ALA E 74 -6.71 7.41 17.20
N CYS E 75 -7.49 6.42 17.58
CA CYS E 75 -7.42 5.13 16.92
C CYS E 75 -7.86 5.26 15.47
N GLN E 76 -8.82 6.15 15.20
CA GLN E 76 -9.23 6.38 13.82
C GLN E 76 -8.04 6.91 13.07
N GLY E 77 -7.08 7.55 13.83
CA GLY E 77 -5.84 8.09 13.22
C GLY E 77 -5.08 6.97 12.52
N VAL E 78 -5.47 5.72 12.83
CA VAL E 78 -4.84 4.55 12.29
C VAL E 78 -5.40 4.13 10.95
N GLY E 79 -4.54 3.47 10.15
CA GLY E 79 -4.91 3.00 8.82
C GLY E 79 -4.12 3.72 7.72
N GLY E 80 -4.47 4.97 7.47
CA GLY E 80 -3.82 5.74 6.43
C GLY E 80 -2.47 6.28 6.87
N PRO E 81 -1.93 7.26 6.15
CA PRO E 81 -0.62 7.86 6.48
C PRO E 81 -0.68 8.48 7.88
N GLY E 82 -1.92 8.69 8.35
CA GLY E 82 -2.09 9.20 9.67
C GLY E 82 -1.41 8.21 10.57
N HIS E 83 -1.49 6.93 10.18
CA HIS E 83 -0.86 5.90 10.99
C HIS E 83 0.52 5.60 10.67
N LYS E 84 0.84 5.69 9.48
CA LYS E 84 2.17 5.39 9.15
C LYS E 84 3.06 6.53 9.62
N ALA E 85 2.72 7.74 9.10
CA ALA E 85 3.43 9.03 9.35
C ALA E 85 3.48 9.55 10.81
N ARG E 86 2.32 9.63 11.50
CA ARG E 86 2.32 10.08 12.88
C ARG E 86 3.28 9.18 13.61
N VAL E 87 3.13 7.90 13.32
CA VAL E 87 3.97 6.89 13.89
C VAL E 87 5.37 7.02 13.39
N LEU E 88 5.50 7.33 12.09
CA LEU E 88 6.81 7.36 11.47
C LEU E 88 7.72 8.29 12.22
N ALA E 89 7.22 9.46 12.51
CA ALA E 89 8.01 10.40 13.28
C ALA E 89 8.41 9.74 14.60
N GLU E 90 7.63 8.76 15.05
CA GLU E 90 7.92 8.06 16.30
C GLU E 90 8.86 6.87 16.07
N ALA E 91 8.64 6.10 15.01
CA ALA E 91 9.54 4.99 14.70
C ALA E 91 10.87 5.60 14.32
N MET E 92 10.79 6.86 13.91
CA MET E 92 11.94 7.60 13.50
C MET E 92 12.53 8.33 14.71
N SER E 93 11.66 8.93 15.56
CA SER E 93 12.15 9.70 16.75
C SER E 93 12.38 8.83 17.98
N GLN E 94 11.96 7.59 17.93
CA GLN E 94 12.18 6.69 19.04
C GLN E 94 13.53 6.02 18.92
N VAL E 95 13.78 5.36 17.80
CA VAL E 95 15.03 4.69 17.66
C VAL E 95 16.19 5.69 17.81
N THR E 96 16.13 6.82 17.11
CA THR E 96 17.23 7.79 17.16
C THR E 96 17.72 8.08 18.60
N ASN E 97 16.85 8.56 19.47
CA ASN E 97 17.25 8.87 20.85
C ASN E 97 17.07 7.68 21.80
N THR E 98 15.97 6.97 21.60
CA THR E 98 15.58 5.83 22.43
C THR E 98 16.07 4.49 21.89
N ALA E 99 17.03 4.47 20.97
CA ALA E 99 17.45 3.17 20.39
C ALA E 99 17.87 2.24 21.50
N THR E 100 18.52 2.76 22.52
CA THR E 100 18.91 1.91 23.62
C THR E 100 17.65 1.65 24.46
N ILE E 101 17.16 0.42 24.41
CA ILE E 101 15.95 0.08 25.15
C ILE E 101 16.19 -1.11 26.06
N MET E 102 15.84 -0.95 27.34
CA MET E 102 16.04 -2.03 28.31
C MET E 102 15.17 -1.79 29.55
N GLY F 1 5.35 -32.59 2.42
CA GLY F 1 4.68 -32.72 1.10
C GLY F 1 3.58 -31.66 0.96
N GLY F 2 2.84 -31.45 2.05
CA GLY F 2 1.75 -30.47 2.10
C GLY F 2 1.10 -30.20 0.72
N SER F 3 -0.01 -30.89 0.44
CA SER F 3 -0.72 -30.72 -0.84
C SER F 3 -1.66 -29.50 -0.75
N PRO F 4 -2.08 -28.97 -1.87
CA PRO F 4 -2.99 -27.78 -1.89
C PRO F 4 -4.35 -28.06 -1.24
N THR F 5 -4.88 -27.02 -0.60
CA THR F 5 -6.17 -27.07 0.09
C THR F 5 -6.16 -28.03 1.26
N SER F 6 -4.99 -28.55 1.58
CA SER F 6 -4.85 -29.36 2.76
C SER F 6 -4.32 -28.38 3.79
N ILE F 7 -4.74 -28.47 5.05
CA ILE F 7 -4.25 -27.51 6.05
C ILE F 7 -2.73 -27.42 6.02
N LEU F 8 -2.08 -28.47 5.46
CA LEU F 8 -0.62 -28.51 5.39
C LEU F 8 -0.11 -27.41 4.47
N ASP F 9 -0.84 -27.18 3.38
CA ASP F 9 -0.48 -26.13 2.46
C ASP F 9 -0.79 -24.79 3.12
N ILE F 10 -1.97 -24.75 3.74
CA ILE F 10 -2.50 -23.54 4.41
C ILE F 10 -1.41 -22.68 5.00
N ARG F 11 -1.40 -21.37 4.66
CA ARG F 11 -0.32 -20.48 5.19
C ARG F 11 -0.74 -19.07 5.52
N GLN F 12 0.17 -18.41 6.27
CA GLN F 12 0.03 -17.01 6.65
C GLN F 12 0.86 -16.14 5.70
N GLY F 13 0.18 -15.39 4.89
CA GLY F 13 0.83 -14.53 3.94
C GLY F 13 1.83 -13.61 4.62
N PRO F 14 2.77 -13.07 3.85
CA PRO F 14 3.79 -12.14 4.41
C PRO F 14 3.17 -11.02 5.20
N LYS F 15 1.95 -10.70 4.80
CA LYS F 15 1.19 -9.66 5.45
C LYS F 15 -0.01 -10.25 6.18
N GLU F 16 -0.39 -11.47 5.80
CA GLU F 16 -1.57 -12.11 6.39
C GLU F 16 -1.52 -12.14 7.91
N PRO F 17 -2.34 -11.36 8.57
CA PRO F 17 -2.35 -11.38 10.04
C PRO F 17 -2.88 -12.68 10.51
N PHE F 18 -2.46 -13.06 11.72
CA PHE F 18 -2.97 -14.28 12.32
C PHE F 18 -4.51 -14.31 12.22
N ARG F 19 -5.14 -13.16 12.11
CA ARG F 19 -6.58 -13.18 11.99
C ARG F 19 -6.97 -13.79 10.61
N ASP F 20 -6.50 -13.18 9.52
CA ASP F 20 -6.86 -13.72 8.19
C ASP F 20 -6.29 -15.14 8.07
N TYR F 21 -5.04 -15.26 8.42
CA TYR F 21 -4.38 -16.56 8.36
C TYR F 21 -5.05 -17.63 9.24
N VAL F 22 -5.33 -17.32 10.51
CA VAL F 22 -5.95 -18.32 11.42
C VAL F 22 -7.35 -18.64 10.97
N ASP F 23 -8.07 -17.63 10.54
CA ASP F 23 -9.42 -17.83 10.08
C ASP F 23 -9.40 -18.72 8.83
N ARG F 24 -8.43 -18.51 7.91
CA ARG F 24 -8.35 -19.36 6.72
C ARG F 24 -7.71 -20.68 7.09
N PHE F 25 -6.81 -20.65 8.08
CA PHE F 25 -6.19 -21.87 8.54
C PHE F 25 -7.28 -22.76 9.04
N TYR F 26 -8.12 -22.16 9.91
CA TYR F 26 -9.23 -22.88 10.53
C TYR F 26 -10.41 -23.15 9.58
N LYS F 27 -10.83 -22.17 8.78
CA LYS F 27 -11.89 -22.44 7.83
C LYS F 27 -11.43 -23.55 6.88
N THR F 28 -10.17 -23.46 6.44
CA THR F 28 -9.57 -24.48 5.55
C THR F 28 -9.37 -25.80 6.30
N LEU F 29 -8.96 -25.74 7.62
CA LEU F 29 -8.69 -26.99 8.40
C LEU F 29 -9.93 -27.84 8.46
N ARG F 30 -11.06 -27.20 8.68
CA ARG F 30 -12.27 -27.95 8.66
C ARG F 30 -12.34 -28.58 7.28
N ALA F 31 -11.88 -27.84 6.26
CA ALA F 31 -11.89 -28.37 4.89
C ALA F 31 -10.93 -29.57 4.74
N GLU F 32 -9.85 -29.62 5.51
CA GLU F 32 -8.95 -30.77 5.39
C GLU F 32 -9.53 -31.94 6.16
N GLN F 33 -9.80 -33.04 5.45
CA GLN F 33 -10.37 -34.19 6.13
C GLN F 33 -9.31 -34.86 6.99
N ALA F 34 -9.34 -34.52 8.27
CA ALA F 34 -8.41 -35.04 9.23
C ALA F 34 -9.17 -35.56 10.44
N SER F 35 -8.60 -36.52 11.15
CA SER F 35 -9.27 -37.03 12.32
C SER F 35 -9.45 -35.85 13.26
N GLN F 36 -10.45 -35.91 14.12
CA GLN F 36 -10.66 -34.81 15.03
C GLN F 36 -9.38 -34.61 15.83
N GLU F 37 -8.73 -35.74 16.21
CA GLU F 37 -7.47 -35.67 16.96
C GLU F 37 -6.31 -35.18 16.07
N VAL F 38 -6.24 -35.68 14.85
CA VAL F 38 -5.19 -35.29 13.93
C VAL F 38 -5.26 -33.79 13.72
N LYS F 39 -6.45 -33.30 13.51
CA LYS F 39 -6.66 -31.88 13.31
C LYS F 39 -6.16 -31.13 14.54
N ASN F 40 -6.39 -31.68 15.71
CA ASN F 40 -5.90 -31.02 16.91
C ASN F 40 -4.33 -30.96 16.94
N TRP F 41 -3.66 -32.02 16.48
CA TRP F 41 -2.22 -31.98 16.50
C TRP F 41 -1.73 -31.23 15.25
N MET F 42 -2.66 -31.00 14.25
CA MET F 42 -2.36 -30.22 13.01
C MET F 42 -2.50 -28.74 13.29
N THR F 43 -3.62 -28.41 13.89
CA THR F 43 -3.89 -27.04 14.25
C THR F 43 -2.76 -26.48 15.11
N GLU F 44 -1.94 -27.38 15.69
CA GLU F 44 -0.82 -26.93 16.54
C GLU F 44 0.50 -26.65 15.78
N THR F 45 1.07 -27.70 15.17
CA THR F 45 2.36 -27.55 14.46
C THR F 45 2.21 -26.81 13.13
N LEU F 46 1.16 -27.13 12.33
CA LEU F 46 0.96 -26.45 11.03
C LEU F 46 0.69 -24.99 11.23
N LEU F 47 -0.06 -24.64 12.24
CA LEU F 47 -0.34 -23.26 12.44
C LEU F 47 0.97 -22.50 12.62
N VAL F 48 1.86 -23.04 13.44
CA VAL F 48 3.14 -22.39 13.67
C VAL F 48 4.16 -22.63 12.55
N GLN F 49 4.00 -23.70 11.76
CA GLN F 49 4.97 -24.01 10.68
C GLN F 49 4.65 -23.30 9.38
N ASN F 50 3.38 -23.10 9.12
CA ASN F 50 2.93 -22.45 7.90
C ASN F 50 2.65 -20.99 8.11
N ALA F 51 3.05 -20.47 9.26
CA ALA F 51 2.62 -19.12 9.62
C ALA F 51 3.46 -17.88 9.25
N ASN F 52 3.79 -17.59 7.95
CA ASN F 52 4.43 -16.27 7.68
C ASN F 52 5.63 -16.06 8.56
N PRO F 53 6.84 -16.34 8.12
CA PRO F 53 8.05 -16.17 8.98
C PRO F 53 7.89 -14.99 9.97
N ASP F 54 7.15 -13.91 9.57
CA ASP F 54 6.88 -12.78 10.48
C ASP F 54 6.13 -13.27 11.72
N CYS F 55 4.89 -13.81 11.47
CA CYS F 55 4.01 -14.37 12.51
C CYS F 55 4.55 -15.67 13.05
N LYS F 56 5.04 -16.46 12.15
CA LYS F 56 5.59 -17.74 12.49
C LYS F 56 6.65 -17.57 13.57
N THR F 57 7.56 -16.60 13.34
CA THR F 57 8.60 -16.36 14.30
C THR F 57 7.97 -15.79 15.57
N ILE F 58 6.91 -14.96 15.39
CA ILE F 58 6.19 -14.39 16.52
C ILE F 58 5.62 -15.52 17.36
N LEU F 59 5.14 -16.55 16.70
CA LEU F 59 4.63 -17.68 17.43
C LEU F 59 5.76 -18.21 18.27
N LYS F 60 6.99 -18.05 17.76
CA LYS F 60 8.17 -18.48 18.51
C LYS F 60 8.54 -17.40 19.55
N ALA F 61 8.32 -16.15 19.17
CA ALA F 61 8.59 -15.00 20.01
C ALA F 61 7.72 -15.01 21.25
N LEU F 62 6.49 -15.45 21.09
CA LEU F 62 5.62 -15.48 22.22
C LEU F 62 6.08 -16.57 23.16
N GLY F 63 6.87 -17.50 22.57
CA GLY F 63 7.41 -18.58 23.32
C GLY F 63 6.59 -19.83 23.05
N PRO F 64 7.13 -20.84 22.34
CA PRO F 64 6.39 -22.12 22.09
C PRO F 64 5.68 -22.58 23.35
N GLY F 65 4.36 -22.53 23.27
CA GLY F 65 3.49 -22.82 24.39
C GLY F 65 2.65 -21.57 24.68
N ALA F 66 2.78 -20.55 23.76
CA ALA F 66 2.05 -19.30 23.87
C ALA F 66 0.62 -19.54 23.52
N THR F 67 -0.28 -19.24 24.46
CA THR F 67 -1.65 -19.45 24.17
C THR F 67 -2.00 -18.78 22.87
N LEU F 68 -2.84 -19.44 22.09
CA LEU F 68 -3.27 -18.93 20.83
C LEU F 68 -3.73 -17.47 20.96
N GLU F 69 -4.12 -17.07 22.20
CA GLU F 69 -4.56 -15.71 22.44
C GLU F 69 -3.41 -14.75 22.12
N GLU F 70 -2.17 -15.21 22.39
CA GLU F 70 -0.95 -14.44 22.10
C GLU F 70 -0.54 -14.57 20.60
N MET F 71 -0.44 -15.82 20.06
CA MET F 71 -0.09 -15.96 18.64
C MET F 71 -0.96 -15.04 17.83
N MET F 72 -2.24 -15.09 18.07
CA MET F 72 -3.13 -14.16 17.40
C MET F 72 -2.79 -12.73 17.82
N THR F 73 -3.00 -12.40 19.10
CA THR F 73 -2.72 -11.04 19.61
C THR F 73 -1.37 -10.48 19.11
N ALA F 74 -0.45 -11.35 18.72
CA ALA F 74 0.84 -10.89 18.26
C ALA F 74 0.91 -10.84 16.76
N CYS F 75 0.50 -11.94 16.17
CA CYS F 75 0.52 -12.04 14.75
C CYS F 75 -0.68 -11.29 14.15
N GLN F 76 -1.45 -10.63 15.02
CA GLN F 76 -2.64 -9.89 14.61
C GLN F 76 -2.31 -8.47 14.22
N GLY F 77 -1.22 -7.96 14.80
CA GLY F 77 -0.77 -6.61 14.51
C GLY F 77 0.10 -6.61 13.22
N VAL F 78 0.12 -7.77 12.55
CA VAL F 78 0.88 -7.92 11.33
C VAL F 78 0.02 -7.61 10.08
N GLY F 79 0.50 -6.71 9.22
CA GLY F 79 -0.23 -6.43 7.98
C GLY F 79 -0.23 -4.95 7.64
N GLY F 80 -0.75 -4.17 8.56
CA GLY F 80 -0.82 -2.74 8.37
C GLY F 80 0.52 -2.12 8.57
N PRO F 81 0.57 -0.81 8.52
CA PRO F 81 1.81 -0.06 8.67
C PRO F 81 2.27 -0.23 10.09
N GLY F 82 1.31 -0.69 10.95
CA GLY F 82 1.59 -0.96 12.33
C GLY F 82 2.67 -1.99 12.35
N HIS F 83 2.58 -2.95 11.43
CA HIS F 83 3.61 -3.95 11.41
C HIS F 83 4.84 -3.44 10.83
N LYS F 84 4.67 -2.66 9.82
CA LYS F 84 5.79 -2.07 9.21
C LYS F 84 6.47 -1.19 10.26
N ALA F 85 5.68 -0.77 11.24
CA ALA F 85 6.17 0.07 12.30
C ALA F 85 7.03 -0.71 13.29
N ARG F 86 6.47 -1.76 13.89
CA ARG F 86 7.21 -2.54 14.88
C ARG F 86 8.43 -3.20 14.24
N VAL F 87 8.20 -3.76 13.03
CA VAL F 87 9.25 -4.48 12.30
C VAL F 87 10.35 -3.57 11.76
N LEU F 88 9.99 -2.47 11.10
CA LEU F 88 11.03 -1.62 10.52
C LEU F 88 11.78 -0.90 11.63
N ALA F 89 11.10 -0.61 12.71
CA ALA F 89 11.75 0.04 13.82
C ALA F 89 12.85 -0.86 14.35
N GLU F 90 12.55 -2.15 14.41
CA GLU F 90 13.51 -3.12 14.94
C GLU F 90 14.50 -3.62 13.91
N ALA F 91 14.07 -3.81 12.69
CA ALA F 91 15.03 -4.21 11.68
C ALA F 91 16.04 -3.07 11.49
N MET F 92 15.68 -1.88 11.98
CA MET F 92 16.48 -0.68 11.83
C MET F 92 17.50 -0.47 12.96
N SER F 93 17.05 -0.52 14.19
CA SER F 93 17.95 -0.28 15.28
C SER F 93 18.74 -1.53 15.56
N GLN F 94 18.36 -2.63 14.92
CA GLN F 94 19.08 -3.87 15.12
C GLN F 94 20.32 -3.85 14.26
N VAL F 95 20.15 -3.64 12.97
CA VAL F 95 21.30 -3.63 12.12
C VAL F 95 22.27 -2.54 12.57
N THR F 96 21.78 -1.51 13.27
CA THR F 96 22.69 -0.44 13.67
C THR F 96 23.85 -0.97 14.53
N ASN F 97 23.54 -1.70 15.59
CA ASN F 97 24.58 -2.30 16.44
C ASN F 97 24.89 -3.71 15.96
N THR F 98 23.81 -4.41 15.67
CA THR F 98 23.82 -5.79 15.21
C THR F 98 24.13 -5.91 13.72
N ALA F 99 24.68 -4.86 13.10
CA ALA F 99 24.94 -4.92 11.65
C ALA F 99 25.76 -6.17 11.34
N THR F 100 26.53 -6.63 12.31
CA THR F 100 27.30 -7.83 12.11
C THR F 100 26.53 -9.01 12.71
N ILE F 101 26.03 -9.89 11.84
CA ILE F 101 25.27 -11.04 12.31
C ILE F 101 25.93 -12.33 11.85
N MET F 102 26.21 -13.22 12.79
CA MET F 102 26.84 -14.50 12.47
C MET F 102 26.56 -15.53 13.55
N GLY A 1 13.18 -16.86 -27.10
CA GLY A 1 12.21 -15.73 -27.14
C GLY A 1 11.23 -15.86 -25.99
N GLY A 2 10.05 -16.36 -26.29
CA GLY A 2 9.03 -16.55 -25.28
C GLY A 2 7.73 -15.80 -25.62
N SER A 3 6.91 -16.43 -26.45
CA SER A 3 5.63 -15.86 -26.90
C SER A 3 4.56 -15.96 -25.80
N PRO A 4 3.51 -15.16 -25.90
CA PRO A 4 2.38 -15.11 -24.90
C PRO A 4 1.68 -16.45 -24.68
N THR A 5 1.14 -16.62 -23.46
CA THR A 5 0.46 -17.86 -23.06
C THR A 5 1.44 -18.97 -22.77
N SER A 6 2.57 -18.99 -23.45
CA SER A 6 3.52 -20.04 -23.18
C SER A 6 4.10 -19.85 -21.79
N ILE A 7 4.73 -20.90 -21.30
CA ILE A 7 5.35 -20.84 -19.99
C ILE A 7 6.55 -19.92 -20.07
N LEU A 8 7.06 -19.73 -21.27
CA LEU A 8 8.19 -18.86 -21.47
C LEU A 8 7.77 -17.40 -21.23
N ASP A 9 6.48 -17.13 -21.46
CA ASP A 9 5.92 -15.79 -21.22
C ASP A 9 5.30 -15.67 -19.81
N ILE A 10 5.27 -16.81 -19.11
CA ILE A 10 4.78 -16.90 -17.73
C ILE A 10 5.80 -16.27 -16.76
N ARG A 11 5.46 -15.11 -16.20
CA ARG A 11 6.35 -14.43 -15.25
C ARG A 11 5.64 -13.95 -14.02
N GLN A 12 6.17 -14.34 -12.81
CA GLN A 12 5.59 -13.91 -11.53
C GLN A 12 5.56 -12.43 -11.48
N GLY A 13 4.38 -11.93 -11.26
CA GLY A 13 4.23 -10.53 -11.17
C GLY A 13 5.12 -10.02 -10.06
N PRO A 14 5.50 -8.77 -10.13
CA PRO A 14 6.34 -8.17 -9.07
C PRO A 14 5.63 -8.25 -7.72
N LYS A 15 4.32 -8.31 -7.78
CA LYS A 15 3.49 -8.43 -6.61
C LYS A 15 2.67 -9.72 -6.70
N GLU A 16 3.10 -10.61 -7.54
CA GLU A 16 2.38 -11.83 -7.65
C GLU A 16 2.97 -12.78 -6.65
N PRO A 17 2.20 -13.38 -5.80
CA PRO A 17 2.78 -14.33 -4.88
C PRO A 17 3.36 -15.48 -5.64
N PHE A 18 4.26 -16.17 -4.99
CA PHE A 18 4.84 -17.32 -5.60
C PHE A 18 3.80 -18.40 -5.66
N ARG A 19 2.94 -18.41 -4.62
CA ARG A 19 1.87 -19.38 -4.53
C ARG A 19 0.90 -19.18 -5.70
N ASP A 20 0.56 -17.92 -6.01
CA ASP A 20 -0.32 -17.64 -7.15
C ASP A 20 0.41 -17.86 -8.48
N TYR A 21 1.70 -17.41 -8.50
CA TYR A 21 2.54 -17.45 -9.70
C TYR A 21 2.96 -18.89 -10.07
N VAL A 22 3.19 -19.66 -9.06
CA VAL A 22 3.58 -21.00 -9.29
C VAL A 22 2.35 -21.73 -9.77
N ASP A 23 1.22 -21.34 -9.26
CA ASP A 23 -0.04 -21.99 -9.68
C ASP A 23 -0.36 -21.72 -11.15
N ARG A 24 -0.32 -20.42 -11.56
CA ARG A 24 -0.65 -20.07 -12.95
C ARG A 24 0.41 -20.64 -13.87
N PHE A 25 1.61 -20.80 -13.34
CA PHE A 25 2.70 -21.32 -14.14
C PHE A 25 2.32 -22.70 -14.61
N TYR A 26 1.96 -23.53 -13.67
CA TYR A 26 1.66 -24.90 -14.00
C TYR A 26 0.37 -25.00 -14.80
N LYS A 27 -0.63 -24.19 -14.49
CA LYS A 27 -1.87 -24.23 -15.27
C LYS A 27 -1.55 -23.80 -16.69
N THR A 28 -0.75 -22.77 -16.79
CA THR A 28 -0.34 -22.28 -18.08
C THR A 28 0.52 -23.33 -18.75
N LEU A 29 1.35 -23.98 -17.97
CA LEU A 29 2.21 -25.00 -18.53
C LEU A 29 1.35 -26.04 -19.20
N ARG A 30 0.27 -26.41 -18.55
CA ARG A 30 -0.65 -27.36 -19.15
C ARG A 30 -1.12 -26.78 -20.45
N ALA A 31 -1.29 -25.45 -20.46
CA ALA A 31 -1.73 -24.76 -21.67
C ALA A 31 -0.68 -24.93 -22.74
N GLU A 32 0.57 -25.03 -22.31
CA GLU A 32 1.66 -25.22 -23.27
C GLU A 32 1.85 -26.69 -23.59
N GLN A 33 1.82 -27.03 -24.84
CA GLN A 33 1.94 -28.43 -25.20
C GLN A 33 3.36 -28.87 -25.36
N ALA A 34 4.07 -28.93 -24.23
CA ALA A 34 5.45 -29.39 -24.21
C ALA A 34 5.50 -30.82 -23.63
N SER A 35 6.44 -31.63 -24.10
CA SER A 35 6.55 -32.97 -23.55
C SER A 35 6.65 -32.85 -22.04
N GLN A 36 6.32 -33.91 -21.31
CA GLN A 36 6.38 -33.85 -19.85
C GLN A 36 7.76 -33.44 -19.46
N GLU A 37 8.73 -33.97 -20.19
CA GLU A 37 10.14 -33.67 -19.94
C GLU A 37 10.48 -32.22 -20.29
N VAL A 38 9.69 -31.64 -21.22
CA VAL A 38 9.90 -30.26 -21.67
C VAL A 38 9.12 -29.30 -20.80
N LYS A 39 8.07 -29.86 -20.17
CA LYS A 39 7.26 -29.13 -19.23
C LYS A 39 7.92 -29.20 -17.84
N ASN A 40 8.37 -30.39 -17.47
CA ASN A 40 9.05 -30.61 -16.18
C ASN A 40 10.32 -29.76 -16.06
N TRP A 41 11.16 -29.76 -17.07
CA TRP A 41 12.36 -28.96 -16.97
C TRP A 41 11.96 -27.49 -17.09
N MET A 42 10.75 -27.21 -17.66
CA MET A 42 10.26 -25.82 -17.74
C MET A 42 9.90 -25.34 -16.36
N THR A 43 9.19 -26.20 -15.66
CA THR A 43 8.79 -25.90 -14.32
C THR A 43 9.99 -25.57 -13.47
N GLU A 44 11.15 -26.05 -13.89
CA GLU A 44 12.36 -25.82 -13.12
C GLU A 44 13.12 -24.60 -13.58
N THR A 45 13.56 -24.61 -14.83
CA THR A 45 14.33 -23.50 -15.33
C THR A 45 13.49 -22.25 -15.52
N LEU A 46 12.21 -22.40 -16.09
CA LEU A 46 11.33 -21.22 -16.34
C LEU A 46 10.76 -20.70 -15.05
N LEU A 47 10.20 -21.57 -14.22
CA LEU A 47 9.62 -21.12 -12.96
C LEU A 47 10.55 -20.18 -12.22
N VAL A 48 11.74 -20.66 -11.84
CA VAL A 48 12.71 -19.82 -11.10
C VAL A 48 13.15 -18.53 -11.89
N GLN A 49 13.45 -18.70 -13.19
CA GLN A 49 13.94 -17.59 -14.04
C GLN A 49 12.95 -16.52 -14.29
N ASN A 50 11.70 -16.91 -14.37
CA ASN A 50 10.64 -15.96 -14.61
C ASN A 50 9.78 -15.85 -13.36
N ALA A 51 10.38 -16.02 -12.19
CA ALA A 51 9.57 -15.95 -11.00
C ALA A 51 9.83 -14.70 -10.17
N ASN A 52 9.58 -13.48 -10.73
CA ASN A 52 9.66 -12.29 -9.87
C ASN A 52 10.98 -12.15 -9.12
N PRO A 53 11.91 -11.29 -9.56
CA PRO A 53 13.26 -11.07 -8.89
C PRO A 53 13.24 -11.18 -7.35
N ASP A 54 12.09 -11.11 -6.69
CA ASP A 54 12.04 -11.32 -5.24
C ASP A 54 12.07 -12.82 -4.94
N CYS A 55 11.08 -13.52 -5.47
CA CYS A 55 10.99 -15.02 -5.34
C CYS A 55 12.13 -15.74 -6.16
N LYS A 56 12.40 -15.16 -7.35
CA LYS A 56 13.42 -15.65 -8.25
C LYS A 56 14.80 -15.63 -7.58
N THR A 57 15.11 -14.50 -6.88
CA THR A 57 16.38 -14.40 -6.14
C THR A 57 16.29 -15.26 -4.86
N ILE A 58 15.05 -15.39 -4.32
CA ILE A 58 14.80 -16.23 -3.13
C ILE A 58 15.10 -17.68 -3.40
N LEU A 59 14.65 -18.13 -4.57
CA LEU A 59 14.86 -19.47 -5.01
C LEU A 59 16.37 -19.76 -5.02
N LYS A 60 17.15 -18.84 -5.60
CA LYS A 60 18.58 -19.03 -5.63
C LYS A 60 19.08 -19.00 -4.21
N ALA A 61 18.47 -18.12 -3.43
CA ALA A 61 18.83 -17.97 -2.06
C ALA A 61 18.59 -19.28 -1.35
N LEU A 62 17.52 -19.96 -1.73
CA LEU A 62 17.20 -21.24 -1.14
C LEU A 62 18.22 -22.29 -1.59
N GLY A 63 19.05 -21.86 -2.55
CA GLY A 63 20.10 -22.69 -3.05
C GLY A 63 19.58 -23.63 -4.10
N PRO A 64 20.27 -23.76 -5.21
CA PRO A 64 19.86 -24.68 -6.31
C PRO A 64 19.53 -26.06 -5.82
N GLY A 65 18.36 -26.54 -6.22
CA GLY A 65 17.90 -27.82 -5.80
C GLY A 65 16.74 -27.65 -4.83
N ALA A 66 16.48 -26.40 -4.38
CA ALA A 66 15.40 -26.15 -3.42
C ALA A 66 14.17 -26.84 -3.88
N THR A 67 13.48 -27.47 -2.94
CA THR A 67 12.25 -28.15 -3.35
C THR A 67 11.19 -27.11 -3.57
N LEU A 68 10.28 -27.42 -4.48
CA LEU A 68 9.21 -26.49 -4.78
C LEU A 68 8.58 -25.97 -3.49
N GLU A 69 8.60 -26.80 -2.45
CA GLU A 69 8.04 -26.43 -1.16
C GLU A 69 8.88 -25.34 -0.46
N GLU A 70 10.24 -25.43 -0.57
CA GLU A 70 11.14 -24.43 0.07
C GLU A 70 10.94 -23.06 -0.54
N MET A 71 10.91 -23.03 -1.88
CA MET A 71 10.67 -21.79 -2.64
C MET A 71 9.25 -21.35 -2.42
N MET A 72 8.36 -22.29 -2.36
CA MET A 72 7.01 -21.91 -2.11
C MET A 72 6.97 -21.25 -0.75
N THR A 73 7.63 -21.85 0.22
CA THR A 73 7.60 -21.27 1.54
C THR A 73 8.22 -19.88 1.54
N ALA A 74 9.39 -19.73 0.95
CA ALA A 74 10.08 -18.43 0.96
C ALA A 74 9.42 -17.35 0.10
N CYS A 75 9.15 -17.76 -1.12
CA CYS A 75 8.59 -16.86 -2.11
C CYS A 75 7.10 -16.46 -1.79
N GLN A 76 6.39 -17.32 -1.03
CA GLN A 76 5.00 -17.07 -0.63
C GLN A 76 4.94 -15.86 0.29
N GLY A 77 6.02 -15.68 1.08
CA GLY A 77 6.13 -14.53 1.96
C GLY A 77 6.17 -13.23 1.14
N VAL A 78 6.43 -13.35 -0.19
CA VAL A 78 6.50 -12.18 -1.08
C VAL A 78 5.12 -11.79 -1.64
N GLY A 79 4.70 -10.55 -1.42
CA GLY A 79 3.42 -10.11 -1.94
C GLY A 79 2.64 -9.25 -0.96
N GLY A 80 2.91 -9.44 0.31
CA GLY A 80 2.25 -8.63 1.31
C GLY A 80 3.25 -7.82 2.12
N PRO A 81 2.81 -7.31 3.25
CA PRO A 81 3.67 -6.54 4.14
C PRO A 81 4.77 -7.45 4.61
N GLY A 82 4.57 -8.77 4.48
CA GLY A 82 5.62 -9.67 4.83
C GLY A 82 6.83 -9.29 4.02
N HIS A 83 6.59 -8.83 2.77
CA HIS A 83 7.73 -8.42 1.95
C HIS A 83 8.12 -7.02 2.09
N LYS A 84 7.21 -6.25 2.48
CA LYS A 84 7.50 -4.90 2.69
C LYS A 84 8.08 -4.71 4.11
N ALA A 85 7.85 -5.73 4.94
CA ALA A 85 8.34 -5.78 6.33
C ALA A 85 9.74 -6.41 6.42
N ARG A 86 9.84 -7.67 5.96
CA ARG A 86 11.12 -8.40 5.99
C ARG A 86 12.14 -7.73 5.09
N VAL A 87 11.72 -7.35 3.86
CA VAL A 87 12.68 -6.71 2.95
C VAL A 87 13.09 -5.35 3.47
N LEU A 88 12.11 -4.56 3.94
CA LEU A 88 12.49 -3.25 4.43
C LEU A 88 13.50 -3.50 5.52
N ALA A 89 13.25 -4.48 6.37
CA ALA A 89 14.19 -4.73 7.44
C ALA A 89 15.59 -4.96 6.93
N GLU A 90 15.74 -5.64 5.79
CA GLU A 90 17.10 -5.90 5.27
C GLU A 90 17.62 -4.76 4.42
N ALA A 91 16.78 -4.22 3.57
CA ALA A 91 17.19 -3.11 2.75
C ALA A 91 17.59 -1.97 3.70
N MET A 92 16.82 -1.88 4.77
CA MET A 92 17.02 -0.84 5.75
C MET A 92 18.40 -0.98 6.36
N SER A 93 18.82 -2.24 6.60
CA SER A 93 20.14 -2.49 7.16
C SER A 93 21.19 -2.68 6.04
N GLN A 94 20.72 -2.77 4.79
CA GLN A 94 21.64 -2.91 3.66
C GLN A 94 22.19 -1.57 3.27
N VAL A 95 21.41 -0.52 3.49
CA VAL A 95 21.89 0.83 3.19
C VAL A 95 22.60 1.42 4.41
N THR A 96 22.28 0.96 5.61
CA THR A 96 22.94 1.53 6.78
C THR A 96 24.41 1.11 6.85
N ASN A 97 24.66 -0.20 6.81
CA ASN A 97 26.02 -0.72 6.85
C ASN A 97 26.63 -0.92 5.46
N THR A 98 25.88 -1.64 4.65
CA THR A 98 26.28 -2.00 3.29
C THR A 98 26.05 -0.87 2.27
N ALA A 99 25.84 0.36 2.73
CA ALA A 99 25.55 1.44 1.79
C ALA A 99 26.68 1.54 0.78
N THR A 100 27.90 1.34 1.21
CA THR A 100 29.00 1.38 0.27
C THR A 100 28.98 0.09 -0.53
N ILE A 101 28.64 0.20 -1.81
CA ILE A 101 28.55 -0.97 -2.67
C ILE A 101 29.40 -0.79 -3.92
N MET A 102 30.25 -1.76 -4.20
CA MET A 102 31.11 -1.70 -5.37
C MET A 102 31.06 -3.01 -6.16
N GLY B 1 1.97 14.00 -32.38
CA GLY B 1 0.57 14.08 -31.89
C GLY B 1 0.29 12.92 -30.94
N GLY B 2 -0.48 11.95 -31.41
CA GLY B 2 -0.81 10.79 -30.59
C GLY B 2 -2.20 10.90 -29.94
N SER B 3 -3.17 10.24 -30.57
CA SER B 3 -4.56 10.22 -30.10
C SER B 3 -4.79 9.04 -29.13
N PRO B 4 -5.84 9.08 -28.33
CA PRO B 4 -6.17 8.00 -27.35
C PRO B 4 -6.47 6.64 -28.01
N THR B 5 -6.22 5.57 -27.24
CA THR B 5 -6.42 4.18 -27.67
C THR B 5 -5.29 3.72 -28.53
N SER B 6 -4.39 4.63 -28.84
CA SER B 6 -3.28 4.30 -29.69
C SER B 6 -2.07 4.02 -28.86
N ILE B 7 -1.13 3.40 -29.50
CA ILE B 7 0.09 3.10 -28.84
C ILE B 7 0.73 4.45 -28.51
N LEU B 8 0.37 5.46 -29.31
CA LEU B 8 0.87 6.77 -29.05
C LEU B 8 0.39 7.16 -27.66
N ASP B 9 -0.87 6.80 -27.38
CA ASP B 9 -1.42 6.98 -26.05
C ASP B 9 -1.42 5.66 -25.29
N ILE B 10 -0.22 5.16 -25.08
CA ILE B 10 0.01 3.95 -24.32
C ILE B 10 1.19 4.25 -23.42
N ARG B 11 0.91 4.53 -22.15
CA ARG B 11 1.98 4.86 -21.22
C ARG B 11 1.93 4.02 -20.00
N GLN B 12 3.01 3.28 -19.80
CA GLN B 12 3.12 2.50 -18.63
C GLN B 12 2.87 3.39 -17.46
N GLY B 13 1.89 2.99 -16.67
CA GLY B 13 1.61 3.68 -15.44
C GLY B 13 2.88 3.55 -14.64
N PRO B 14 3.08 4.35 -13.66
CA PRO B 14 4.33 4.26 -12.89
C PRO B 14 4.42 2.91 -12.22
N LYS B 15 3.33 2.58 -11.54
CA LYS B 15 3.22 1.32 -10.85
C LYS B 15 3.03 0.23 -11.88
N GLU B 16 2.58 0.63 -13.06
CA GLU B 16 2.34 -0.31 -14.09
C GLU B 16 3.63 -1.04 -14.41
N PRO B 17 3.69 -2.33 -14.16
CA PRO B 17 4.88 -3.12 -14.48
C PRO B 17 5.03 -3.26 -15.94
N PHE B 18 6.20 -3.62 -16.33
CA PHE B 18 6.46 -3.78 -17.69
C PHE B 18 5.54 -4.85 -18.22
N ARG B 19 5.39 -5.92 -17.48
CA ARG B 19 4.53 -7.00 -17.96
C ARG B 19 3.03 -6.54 -18.13
N ASP B 20 2.52 -5.71 -17.22
CA ASP B 20 1.11 -5.26 -17.34
C ASP B 20 1.00 -4.09 -18.32
N TYR B 21 2.13 -3.44 -18.58
CA TYR B 21 2.13 -2.31 -19.50
C TYR B 21 2.35 -2.85 -20.90
N VAL B 22 3.37 -3.68 -21.00
CA VAL B 22 3.75 -4.35 -22.24
C VAL B 22 2.66 -5.31 -22.71
N ASP B 23 1.78 -5.77 -21.80
CA ASP B 23 0.70 -6.69 -22.22
C ASP B 23 -0.42 -5.94 -22.97
N ARG B 24 -0.77 -4.76 -22.45
CA ARG B 24 -1.82 -3.93 -23.05
C ARG B 24 -1.30 -3.16 -24.24
N PHE B 25 0.00 -2.89 -24.23
CA PHE B 25 0.63 -2.15 -25.31
C PHE B 25 0.46 -2.92 -26.59
N TYR B 26 0.87 -4.15 -26.60
CA TYR B 26 0.80 -4.92 -27.81
C TYR B 26 -0.65 -5.20 -28.24
N LYS B 27 -1.55 -5.37 -27.28
CA LYS B 27 -2.97 -5.55 -27.61
C LYS B 27 -3.50 -4.24 -28.18
N THR B 28 -3.02 -3.14 -27.59
CA THR B 28 -3.40 -1.79 -27.99
C THR B 28 -2.75 -1.41 -29.31
N LEU B 29 -1.57 -1.98 -29.58
CA LEU B 29 -0.86 -1.69 -30.84
C LEU B 29 -1.62 -2.34 -31.97
N ARG B 30 -2.14 -3.53 -31.71
CA ARG B 30 -2.95 -4.24 -32.68
C ARG B 30 -4.22 -3.43 -32.98
N ALA B 31 -4.69 -2.68 -31.97
CA ALA B 31 -5.90 -1.86 -32.11
C ALA B 31 -5.67 -0.72 -33.10
N GLU B 32 -4.47 -0.14 -33.03
CA GLU B 32 -4.06 0.93 -33.98
C GLU B 32 -3.70 0.21 -35.29
N GLN B 33 -4.38 0.53 -36.38
CA GLN B 33 -4.10 -0.19 -37.64
C GLN B 33 -2.94 0.42 -38.40
N ALA B 34 -1.75 0.23 -37.83
CA ALA B 34 -0.51 0.72 -38.40
C ALA B 34 0.12 -0.38 -39.27
N SER B 35 0.97 0.01 -40.21
CA SER B 35 1.66 -1.00 -41.03
C SER B 35 2.59 -1.81 -40.13
N GLN B 36 3.10 -2.92 -40.63
CA GLN B 36 4.01 -3.72 -39.82
C GLN B 36 5.23 -2.88 -39.47
N GLU B 37 5.82 -2.21 -40.45
CA GLU B 37 6.96 -1.36 -40.16
C GLU B 37 6.60 -0.30 -39.10
N VAL B 38 5.40 0.29 -39.21
CA VAL B 38 4.97 1.30 -38.26
C VAL B 38 4.84 0.70 -36.86
N LYS B 39 4.18 -0.46 -36.75
CA LYS B 39 4.00 -1.12 -35.45
C LYS B 39 5.34 -1.64 -34.98
N ASN B 40 6.15 -2.04 -35.96
CA ASN B 40 7.46 -2.61 -35.68
C ASN B 40 8.28 -1.68 -34.82
N TRP B 41 8.53 -0.45 -35.27
CA TRP B 41 9.30 0.45 -34.44
C TRP B 41 8.44 1.00 -33.27
N MET B 42 7.10 1.06 -33.39
CA MET B 42 6.24 1.51 -32.25
C MET B 42 6.46 0.60 -31.07
N THR B 43 6.50 -0.65 -31.37
CA THR B 43 6.78 -1.63 -30.37
C THR B 43 8.11 -1.23 -29.67
N GLU B 44 8.95 -0.50 -30.41
CA GLU B 44 10.24 -0.05 -29.91
C GLU B 44 10.23 1.35 -29.26
N THR B 45 9.98 2.37 -30.08
CA THR B 45 9.99 3.74 -29.63
C THR B 45 8.80 4.01 -28.76
N LEU B 46 7.70 3.36 -29.04
CA LEU B 46 6.53 3.57 -28.22
C LEU B 46 6.54 2.65 -27.01
N LEU B 47 7.37 1.60 -26.98
CA LEU B 47 7.37 0.77 -25.77
C LEU B 47 8.26 1.31 -24.64
N VAL B 48 9.46 1.77 -24.96
CA VAL B 48 10.40 2.23 -23.93
C VAL B 48 10.20 3.69 -23.48
N GLN B 49 9.82 4.57 -24.43
CA GLN B 49 9.66 6.03 -24.14
C GLN B 49 8.54 6.38 -23.19
N ASN B 50 7.44 5.70 -23.37
CA ASN B 50 6.28 5.92 -22.55
C ASN B 50 6.18 4.81 -21.55
N ALA B 51 7.32 4.18 -21.29
CA ALA B 51 7.34 3.03 -20.42
C ALA B 51 7.52 3.35 -18.95
N ASN B 52 6.80 4.38 -18.40
CA ASN B 52 6.88 4.57 -16.95
C ASN B 52 8.28 4.90 -16.53
N PRO B 53 8.60 6.17 -16.27
CA PRO B 53 9.98 6.60 -15.89
C PRO B 53 10.83 5.52 -15.19
N ASP B 54 10.21 4.61 -14.37
CA ASP B 54 11.01 3.49 -13.74
C ASP B 54 11.41 2.44 -14.80
N CYS B 55 10.42 1.78 -15.40
CA CYS B 55 10.73 0.77 -16.42
C CYS B 55 11.41 1.41 -17.61
N LYS B 56 10.81 2.50 -18.08
CA LYS B 56 11.35 3.25 -19.19
C LYS B 56 12.84 3.53 -18.97
N THR B 57 13.16 4.25 -17.86
CA THR B 57 14.54 4.56 -17.57
C THR B 57 15.28 3.28 -17.32
N ILE B 58 14.56 2.19 -16.94
CA ILE B 58 15.25 0.93 -16.76
C ILE B 58 15.76 0.43 -18.05
N LEU B 59 14.96 0.52 -19.08
CA LEU B 59 15.43 0.06 -20.35
C LEU B 59 16.69 0.82 -20.70
N LYS B 60 16.58 2.13 -20.56
CA LYS B 60 17.69 3.01 -20.85
C LYS B 60 18.80 2.72 -19.86
N ALA B 61 18.40 2.19 -18.66
CA ALA B 61 19.36 1.84 -17.59
C ALA B 61 20.16 0.63 -17.98
N LEU B 62 19.47 -0.32 -18.59
CA LEU B 62 20.08 -1.53 -19.07
C LEU B 62 20.95 -1.20 -20.28
N GLY B 63 20.60 -0.09 -20.92
CA GLY B 63 21.28 0.31 -22.12
C GLY B 63 20.30 0.12 -23.28
N PRO B 64 19.85 1.20 -23.92
CA PRO B 64 18.86 1.15 -25.05
C PRO B 64 19.18 0.08 -26.07
N GLY B 65 18.15 -0.35 -26.79
CA GLY B 65 18.30 -1.43 -27.75
C GLY B 65 18.30 -2.74 -26.99
N ALA B 66 18.18 -2.63 -25.63
CA ALA B 66 18.18 -3.78 -24.77
C ALA B 66 17.25 -4.83 -25.26
N THR B 67 17.65 -6.06 -25.04
CA THR B 67 16.84 -7.16 -25.43
C THR B 67 15.54 -7.09 -24.68
N LEU B 68 14.44 -7.45 -25.34
CA LEU B 68 13.15 -7.40 -24.69
C LEU B 68 13.25 -8.19 -23.39
N GLU B 69 14.15 -9.17 -23.35
CA GLU B 69 14.39 -9.98 -22.15
C GLU B 69 15.07 -9.15 -21.05
N GLU B 70 16.02 -8.28 -21.45
CA GLU B 70 16.71 -7.44 -20.46
C GLU B 70 15.76 -6.41 -19.88
N MET B 71 15.02 -5.69 -20.74
CA MET B 71 14.05 -4.71 -20.25
C MET B 71 12.96 -5.44 -19.52
N MET B 72 12.63 -6.64 -19.98
CA MET B 72 11.56 -7.38 -19.33
C MET B 72 11.95 -7.82 -17.94
N THR B 73 13.09 -8.46 -17.77
CA THR B 73 13.46 -8.92 -16.44
C THR B 73 13.62 -7.72 -15.53
N ALA B 74 14.36 -6.73 -16.02
CA ALA B 74 14.58 -5.51 -15.27
C ALA B 74 13.30 -4.73 -14.97
N CYS B 75 12.40 -4.69 -15.94
CA CYS B 75 11.19 -3.92 -15.76
C CYS B 75 10.09 -4.82 -15.17
N GLN B 76 10.34 -6.15 -15.17
CA GLN B 76 9.41 -7.14 -14.61
C GLN B 76 9.64 -7.24 -13.09
N GLY B 77 10.74 -6.66 -12.63
CA GLY B 77 11.01 -6.59 -11.22
C GLY B 77 10.25 -5.36 -10.68
N VAL B 78 10.00 -4.33 -11.59
CA VAL B 78 9.19 -3.08 -11.21
C VAL B 78 7.70 -3.42 -11.02
N GLY B 79 7.14 -2.90 -9.92
CA GLY B 79 5.74 -3.08 -9.62
C GLY B 79 5.53 -3.99 -8.43
N GLY B 80 6.62 -4.34 -7.74
CA GLY B 80 6.51 -5.22 -6.59
C GLY B 80 7.25 -4.64 -5.43
N PRO B 81 6.93 -5.01 -4.20
CA PRO B 81 7.62 -4.48 -2.99
C PRO B 81 9.09 -4.75 -3.09
N GLY B 82 9.45 -5.73 -3.95
CA GLY B 82 10.86 -5.97 -4.22
C GLY B 82 11.44 -4.71 -4.80
N HIS B 83 10.64 -4.08 -5.66
CA HIS B 83 11.03 -2.86 -6.30
C HIS B 83 10.84 -1.72 -5.42
N LYS B 84 9.65 -1.65 -4.83
CA LYS B 84 9.38 -0.58 -3.92
C LYS B 84 10.49 -0.63 -2.84
N ALA B 85 11.16 -1.82 -2.72
CA ALA B 85 12.25 -2.05 -1.78
C ALA B 85 13.63 -1.66 -2.33
N ARG B 86 14.04 -2.28 -3.44
CA ARG B 86 15.34 -1.96 -4.05
C ARG B 86 15.44 -0.45 -4.37
N VAL B 87 14.40 0.10 -5.04
CA VAL B 87 14.38 1.52 -5.34
C VAL B 87 14.34 2.30 -4.03
N LEU B 88 13.91 1.68 -2.93
CA LEU B 88 13.94 2.41 -1.66
C LEU B 88 15.38 2.47 -1.18
N ALA B 89 16.09 1.37 -1.41
CA ALA B 89 17.49 1.26 -1.00
C ALA B 89 18.37 2.28 -1.75
N GLU B 90 18.07 2.44 -3.06
CA GLU B 90 18.82 3.36 -3.92
C GLU B 90 18.27 4.78 -3.84
N ALA B 91 17.01 4.92 -3.53
CA ALA B 91 16.51 6.27 -3.33
C ALA B 91 17.26 6.75 -2.10
N MET B 92 17.33 5.82 -1.14
CA MET B 92 18.05 5.99 0.11
C MET B 92 19.57 6.15 -0.12
N SER B 93 20.16 5.37 -1.05
CA SER B 93 21.60 5.49 -1.25
C SER B 93 21.93 6.64 -2.19
N GLN B 94 20.91 7.18 -2.88
CA GLN B 94 21.16 8.32 -3.73
C GLN B 94 21.09 9.59 -2.91
N VAL B 95 20.18 9.63 -1.94
CA VAL B 95 20.00 10.81 -1.12
C VAL B 95 20.91 10.83 0.10
N THR B 96 21.46 9.68 0.48
CA THR B 96 22.38 9.68 1.62
C THR B 96 23.73 10.26 1.18
N ASN B 97 24.29 9.67 0.12
CA ASN B 97 25.59 10.11 -0.41
C ASN B 97 25.44 11.16 -1.54
N THR B 98 24.64 10.79 -2.53
CA THR B 98 24.40 11.61 -3.72
C THR B 98 23.38 12.73 -3.50
N ALA B 99 23.03 13.02 -2.25
CA ALA B 99 22.01 14.04 -2.00
C ALA B 99 22.43 15.36 -2.62
N THR B 100 23.71 15.69 -2.56
CA THR B 100 24.16 16.91 -3.19
C THR B 100 24.12 16.71 -4.70
N ILE B 101 23.19 17.39 -5.36
CA ILE B 101 23.06 17.25 -6.81
C ILE B 101 23.05 18.62 -7.48
N MET B 102 23.90 18.78 -8.50
CA MET B 102 23.99 20.03 -9.22
C MET B 102 23.88 19.80 -10.72
N GLY C 1 -16.16 28.43 -6.40
CA GLY C 1 -16.67 27.29 -5.58
C GLY C 1 -16.41 25.98 -6.33
N GLY C 2 -17.45 25.47 -6.99
CA GLY C 2 -17.33 24.22 -7.72
C GLY C 2 -18.37 23.19 -7.25
N SER C 3 -19.40 22.95 -8.07
CA SER C 3 -20.46 22.00 -7.74
C SER C 3 -20.15 20.58 -8.25
N PRO C 4 -20.79 19.56 -7.69
CA PRO C 4 -20.56 18.13 -8.12
C PRO C 4 -20.83 17.90 -9.60
N THR C 5 -20.15 16.89 -10.18
CA THR C 5 -20.25 16.55 -11.60
C THR C 5 -19.42 17.49 -12.42
N SER C 6 -19.62 18.79 -12.15
CA SER C 6 -18.87 19.80 -12.81
C SER C 6 -17.39 19.59 -12.53
N ILE C 7 -16.62 19.95 -13.52
CA ILE C 7 -15.18 19.85 -13.47
C ILE C 7 -14.62 20.72 -12.36
N LEU C 8 -15.50 21.53 -11.76
CA LEU C 8 -15.14 22.42 -10.67
C LEU C 8 -15.22 21.65 -9.35
N ASP C 9 -15.60 20.38 -9.46
CA ASP C 9 -15.67 19.49 -8.33
C ASP C 9 -14.96 18.21 -8.72
N ILE C 10 -13.93 18.41 -9.55
CA ILE C 10 -13.16 17.32 -10.08
C ILE C 10 -11.70 17.39 -9.58
N ARG C 11 -11.29 16.48 -8.69
CA ARG C 11 -9.92 16.49 -8.15
C ARG C 11 -9.18 15.15 -8.39
N GLN C 12 -7.82 15.22 -8.47
CA GLN C 12 -7.00 14.00 -8.64
C GLN C 12 -7.01 13.21 -7.38
N GLY C 13 -7.09 11.90 -7.53
CA GLY C 13 -7.01 11.01 -6.40
C GLY C 13 -5.49 10.94 -6.00
N PRO C 14 -5.11 11.21 -4.73
CA PRO C 14 -3.70 11.20 -4.33
C PRO C 14 -2.98 9.98 -4.88
N LYS C 15 -3.71 8.86 -4.96
CA LYS C 15 -3.16 7.64 -5.54
C LYS C 15 -3.51 7.53 -7.02
N GLU C 16 -4.56 8.23 -7.41
CA GLU C 16 -5.01 8.24 -8.79
C GLU C 16 -3.98 8.95 -9.64
N PRO C 17 -3.31 8.24 -10.55
CA PRO C 17 -2.29 8.85 -11.46
C PRO C 17 -2.84 10.04 -12.19
N PHE C 18 -1.96 10.98 -12.55
CA PHE C 18 -2.40 12.17 -13.27
C PHE C 18 -3.03 11.74 -14.54
N ARG C 19 -2.45 10.69 -15.14
CA ARG C 19 -3.03 10.12 -16.35
C ARG C 19 -4.44 9.60 -16.02
N ASP C 20 -4.60 9.05 -14.81
CA ASP C 20 -5.90 8.54 -14.35
C ASP C 20 -6.79 9.65 -13.82
N TYR C 21 -6.21 10.78 -13.54
CA TYR C 21 -7.00 11.88 -13.07
C TYR C 21 -7.42 12.72 -14.25
N VAL C 22 -6.44 13.14 -15.00
CA VAL C 22 -6.70 13.91 -16.20
C VAL C 22 -7.72 13.18 -17.06
N ASP C 23 -7.69 11.85 -17.01
CA ASP C 23 -8.64 11.06 -17.77
C ASP C 23 -10.05 11.35 -17.28
N ARG C 24 -10.26 11.33 -15.94
CA ARG C 24 -11.61 11.64 -15.41
C ARG C 24 -11.91 13.15 -15.63
N PHE C 25 -10.87 13.98 -15.66
CA PHE C 25 -11.03 15.42 -15.87
C PHE C 25 -11.59 15.71 -17.27
N TYR C 26 -11.10 15.04 -18.28
CA TYR C 26 -11.55 15.42 -19.59
C TYR C 26 -12.90 14.82 -19.92
N LYS C 27 -13.08 13.56 -19.59
CA LYS C 27 -14.38 12.92 -19.77
C LYS C 27 -15.42 13.57 -18.86
N THR C 28 -15.09 13.79 -17.56
CA THR C 28 -16.08 14.40 -16.64
C THR C 28 -16.50 15.73 -17.18
N LEU C 29 -15.54 16.42 -17.71
CA LEU C 29 -15.82 17.70 -18.31
C LEU C 29 -16.83 17.49 -19.46
N ARG C 30 -16.65 16.43 -20.24
CA ARG C 30 -17.60 16.18 -21.30
C ARG C 30 -18.98 16.06 -20.67
N ALA C 31 -19.01 15.57 -19.42
CA ALA C 31 -20.26 15.43 -18.65
C ALA C 31 -20.86 16.79 -18.30
N GLU C 32 -20.00 17.77 -18.07
CA GLU C 32 -20.48 19.12 -17.77
C GLU C 32 -20.82 19.78 -19.09
N GLN C 33 -22.05 20.22 -19.26
CA GLN C 33 -22.44 20.82 -20.52
C GLN C 33 -21.87 22.20 -20.63
N ALA C 34 -20.60 22.24 -20.95
CA ALA C 34 -19.90 23.49 -21.03
C ALA C 34 -19.61 23.93 -22.45
N SER C 35 -19.77 25.23 -22.70
CA SER C 35 -19.47 25.78 -24.00
C SER C 35 -17.98 25.61 -24.26
N GLN C 36 -17.61 25.51 -25.52
CA GLN C 36 -16.18 25.32 -25.85
C GLN C 36 -15.31 26.50 -25.41
N GLU C 37 -15.94 27.65 -25.20
CA GLU C 37 -15.17 28.86 -24.81
C GLU C 37 -14.48 28.68 -23.47
N VAL C 38 -15.26 28.43 -22.43
CA VAL C 38 -14.68 28.26 -21.11
C VAL C 38 -14.39 26.79 -20.76
N LYS C 39 -15.27 25.82 -21.15
CA LYS C 39 -15.03 24.37 -20.87
C LYS C 39 -13.58 24.05 -21.09
N ASN C 40 -13.06 24.51 -22.20
CA ASN C 40 -11.69 24.24 -22.45
C ASN C 40 -10.83 24.83 -21.32
N TRP C 41 -10.92 26.16 -21.09
CA TRP C 41 -10.09 26.77 -20.06
C TRP C 41 -10.23 25.98 -18.76
N MET C 42 -11.38 25.27 -18.57
CA MET C 42 -11.55 24.49 -17.34
C MET C 42 -10.44 23.50 -17.27
N THR C 43 -10.20 22.87 -18.41
CA THR C 43 -9.13 21.92 -18.54
C THR C 43 -7.81 22.55 -18.12
N GLU C 44 -7.73 23.87 -18.16
CA GLU C 44 -6.46 24.49 -17.78
C GLU C 44 -6.33 24.82 -16.28
N THR C 45 -7.16 25.72 -15.78
CA THR C 45 -7.05 26.14 -14.39
C THR C 45 -7.59 25.08 -13.42
N LEU C 46 -8.76 24.49 -13.73
CA LEU C 46 -9.32 23.48 -12.83
C LEU C 46 -8.37 22.31 -12.75
N LEU C 47 -7.97 21.78 -13.90
CA LEU C 47 -7.08 20.64 -13.92
C LEU C 47 -5.87 20.80 -13.00
N VAL C 48 -4.99 21.74 -13.29
CA VAL C 48 -3.79 21.91 -12.50
C VAL C 48 -4.10 22.09 -11.02
N GLN C 49 -5.06 22.97 -10.71
CA GLN C 49 -5.44 23.28 -9.30
C GLN C 49 -6.06 22.12 -8.54
N ASN C 50 -6.84 21.29 -9.23
CA ASN C 50 -7.50 20.16 -8.59
C ASN C 50 -6.78 18.86 -8.97
N ALA C 51 -5.53 18.98 -9.37
CA ALA C 51 -4.76 17.84 -9.79
C ALA C 51 -3.96 17.18 -8.66
N ASN C 52 -4.47 17.10 -7.41
CA ASN C 52 -3.67 16.43 -6.37
C ASN C 52 -2.41 17.21 -6.11
N PRO C 53 -2.29 17.91 -5.01
CA PRO C 53 -1.07 18.71 -4.74
C PRO C 53 0.22 18.06 -5.29
N ASP C 54 0.30 16.73 -5.29
CA ASP C 54 1.49 16.09 -5.84
C ASP C 54 1.61 16.45 -7.32
N CYS C 55 0.66 15.97 -8.16
CA CYS C 55 0.74 16.28 -9.58
C CYS C 55 0.64 17.76 -9.80
N LYS C 56 -0.34 18.34 -9.13
CA LYS C 56 -0.60 19.76 -9.18
C LYS C 56 0.63 20.61 -8.93
N THR C 57 1.38 20.27 -7.89
CA THR C 57 2.57 21.02 -7.63
C THR C 57 3.58 20.66 -8.70
N ILE C 58 3.63 19.34 -9.06
CA ILE C 58 4.54 18.87 -10.11
C ILE C 58 4.41 19.70 -11.34
N LEU C 59 3.17 20.06 -11.64
CA LEU C 59 2.88 20.85 -12.80
C LEU C 59 3.68 22.12 -12.65
N LYS C 60 3.59 22.69 -11.46
CA LYS C 60 4.34 23.91 -11.13
C LYS C 60 5.81 23.62 -11.08
N ALA C 61 6.13 22.39 -10.74
CA ALA C 61 7.50 21.98 -10.71
C ALA C 61 8.00 22.02 -12.14
N LEU C 62 7.19 21.45 -13.06
CA LEU C 62 7.51 21.45 -14.47
C LEU C 62 7.44 22.86 -14.99
N GLY C 63 6.82 23.74 -14.19
CA GLY C 63 6.61 25.08 -14.58
C GLY C 63 5.42 25.08 -15.53
N PRO C 64 4.70 26.16 -15.63
CA PRO C 64 3.51 26.25 -16.54
C PRO C 64 3.90 26.32 -18.01
N GLY C 65 3.00 25.87 -18.87
CA GLY C 65 3.27 25.90 -20.32
C GLY C 65 3.47 24.52 -20.86
N ALA C 66 3.71 23.60 -19.93
CA ALA C 66 3.87 22.21 -20.28
C ALA C 66 2.72 21.78 -21.15
N THR C 67 2.87 20.64 -21.70
CA THR C 67 1.84 20.12 -22.49
C THR C 67 1.06 19.16 -21.61
N LEU C 68 -0.24 19.03 -21.85
CA LEU C 68 -1.02 18.11 -21.05
C LEU C 68 -0.34 16.75 -21.09
N GLU C 69 0.37 16.50 -22.20
CA GLU C 69 1.11 15.27 -22.38
C GLU C 69 2.33 15.26 -21.46
N GLU C 70 2.99 16.44 -21.31
CA GLU C 70 4.18 16.54 -20.47
C GLU C 70 3.83 16.44 -19.00
N MET C 71 2.87 17.29 -18.50
CA MET C 71 2.50 17.20 -17.04
C MET C 71 2.04 15.82 -16.81
N MET C 72 1.43 15.23 -17.83
CA MET C 72 1.02 13.87 -17.67
C MET C 72 2.23 12.99 -17.35
N THR C 73 3.36 13.21 -18.01
CA THR C 73 4.55 12.38 -17.76
C THR C 73 5.03 12.44 -16.29
N ALA C 74 5.19 13.65 -15.72
CA ALA C 74 5.68 13.80 -14.32
C ALA C 74 4.63 13.52 -13.27
N CYS C 75 3.44 14.07 -13.54
CA CYS C 75 2.30 13.92 -12.66
C CYS C 75 1.86 12.43 -12.65
N GLN C 76 1.91 11.76 -13.81
CA GLN C 76 1.55 10.33 -13.88
C GLN C 76 2.50 9.46 -13.06
N GLY C 77 3.82 9.84 -13.02
CA GLY C 77 4.92 9.10 -12.28
C GLY C 77 4.61 8.82 -10.82
N VAL C 78 3.46 9.31 -10.39
CA VAL C 78 2.90 9.13 -9.07
C VAL C 78 1.93 7.92 -9.08
N GLY C 79 2.09 7.01 -8.12
CA GLY C 79 1.22 5.86 -8.00
C GLY C 79 2.05 4.61 -7.74
N GLY C 80 3.14 4.50 -8.48
CA GLY C 80 4.05 3.38 -8.32
C GLY C 80 5.22 3.77 -7.45
N PRO C 81 6.15 2.88 -7.31
CA PRO C 81 7.39 3.15 -6.51
C PRO C 81 8.10 4.39 -7.07
N GLY C 82 7.75 4.81 -8.32
CA GLY C 82 8.36 5.99 -8.87
C GLY C 82 8.15 7.03 -7.83
N HIS C 83 6.99 6.97 -7.14
CA HIS C 83 6.72 7.92 -6.04
C HIS C 83 7.17 7.50 -4.75
N LYS C 84 6.64 6.47 -4.29
CA LYS C 84 6.99 6.03 -3.02
C LYS C 84 8.54 5.89 -2.92
N ALA C 85 9.24 5.83 -4.07
CA ALA C 85 10.72 5.80 -4.10
C ALA C 85 11.37 7.21 -4.28
N ARG C 86 11.04 7.88 -5.42
CA ARG C 86 11.62 9.20 -5.73
C ARG C 86 11.26 10.23 -4.68
N VAL C 87 9.97 10.27 -4.31
CA VAL C 87 9.48 11.21 -3.30
C VAL C 87 10.13 10.85 -2.00
N LEU C 88 10.23 9.57 -1.74
CA LEU C 88 10.82 9.13 -0.51
C LEU C 88 12.23 9.67 -0.37
N ALA C 89 13.04 9.54 -1.41
CA ALA C 89 14.40 10.06 -1.35
C ALA C 89 14.39 11.57 -1.15
N GLU C 90 13.51 12.24 -1.88
CA GLU C 90 13.44 13.70 -1.83
C GLU C 90 13.05 14.23 -0.50
N ALA C 91 12.03 13.63 0.11
CA ALA C 91 11.61 14.06 1.44
C ALA C 91 12.68 13.63 2.42
N MET C 92 13.20 12.42 2.18
CA MET C 92 14.27 11.85 2.98
C MET C 92 15.42 12.86 3.01
N SER C 93 15.51 13.71 1.97
CA SER C 93 16.62 14.67 1.91
C SER C 93 16.15 16.12 1.90
N GLN C 94 14.85 16.32 1.76
CA GLN C 94 14.34 17.67 1.76
C GLN C 94 14.62 18.21 3.13
N VAL C 95 14.56 17.31 4.08
CA VAL C 95 14.80 17.67 5.44
C VAL C 95 16.30 17.52 5.80
N THR C 96 16.94 16.47 5.31
CA THR C 96 18.35 16.27 5.66
C THR C 96 19.15 17.55 5.42
N ASN C 97 19.02 18.13 4.24
CA ASN C 97 19.74 19.36 3.91
C ASN C 97 18.93 20.62 4.27
N THR C 98 17.67 20.62 3.85
CA THR C 98 16.75 21.75 4.03
C THR C 98 15.90 21.68 5.31
N ALA C 99 16.30 20.90 6.31
CA ALA C 99 15.46 20.77 7.51
C ALA C 99 15.14 22.15 8.08
N THR C 100 16.08 23.07 8.04
CA THR C 100 15.77 24.39 8.53
C THR C 100 14.88 25.07 7.49
N ILE C 101 13.61 25.25 7.83
CA ILE C 101 12.67 25.85 6.89
C ILE C 101 11.96 27.05 7.53
N MET C 102 11.99 28.19 6.85
CA MET C 102 11.35 29.39 7.35
C MET C 102 10.61 30.12 6.23
N GLY D 1 -22.92 12.25 21.67
CA GLY D 1 -22.37 10.90 21.36
C GLY D 1 -22.14 10.77 19.86
N GLY D 2 -23.19 10.38 19.14
CA GLY D 2 -23.10 10.22 17.70
C GLY D 2 -23.32 8.76 17.27
N SER D 3 -24.59 8.36 17.25
CA SER D 3 -24.98 7.00 16.85
C SER D 3 -24.89 6.85 15.33
N PRO D 4 -24.85 5.63 14.83
CA PRO D 4 -24.73 5.32 13.36
C PRO D 4 -25.81 5.96 12.48
N THR D 5 -25.39 6.27 11.25
CA THR D 5 -26.27 6.87 10.22
C THR D 5 -26.75 8.26 10.57
N SER D 6 -25.83 9.05 11.00
CA SER D 6 -26.10 10.42 11.31
C SER D 6 -24.86 11.17 10.94
N ILE D 7 -24.95 12.46 10.70
CA ILE D 7 -23.74 13.20 10.34
C ILE D 7 -22.70 13.04 11.41
N LEU D 8 -23.16 12.72 12.61
CA LEU D 8 -22.27 12.52 13.70
C LEU D 8 -21.47 11.25 13.44
N ASP D 9 -22.15 10.20 12.98
CA ASP D 9 -21.48 8.95 12.67
C ASP D 9 -20.52 9.12 11.52
N ILE D 10 -20.77 10.14 10.72
CA ILE D 10 -19.91 10.39 9.57
C ILE D 10 -18.52 10.82 9.99
N ARG D 11 -17.55 10.11 9.38
CA ARG D 11 -16.12 10.37 9.64
C ARG D 11 -15.24 10.09 8.45
N GLN D 12 -14.31 11.00 8.23
CA GLN D 12 -13.32 10.85 7.19
C GLN D 12 -12.31 9.85 7.66
N GLY D 13 -12.20 8.78 6.94
CA GLY D 13 -11.30 7.76 7.33
C GLY D 13 -9.88 8.28 7.40
N PRO D 14 -9.00 7.46 7.93
CA PRO D 14 -7.57 7.79 8.05
C PRO D 14 -6.94 8.01 6.69
N LYS D 15 -7.59 7.40 5.68
CA LYS D 15 -7.16 7.54 4.31
C LYS D 15 -8.28 8.16 3.46
N GLU D 16 -9.53 8.12 3.96
CA GLU D 16 -10.66 8.69 3.18
C GLU D 16 -10.41 10.16 2.82
N PRO D 17 -10.39 10.52 1.54
CA PRO D 17 -10.17 11.93 1.13
C PRO D 17 -11.20 12.87 1.69
N PHE D 18 -10.79 14.15 1.83
CA PHE D 18 -11.71 15.15 2.33
C PHE D 18 -12.75 15.37 1.30
N ARG D 19 -12.39 15.05 0.04
CA ARG D 19 -13.31 15.19 -1.07
C ARG D 19 -14.39 14.14 -0.90
N ASP D 20 -13.96 12.89 -0.82
CA ASP D 20 -14.94 11.82 -0.64
C ASP D 20 -15.69 12.00 0.66
N TYR D 21 -14.93 12.28 1.68
CA TYR D 21 -15.50 12.44 2.98
C TYR D 21 -16.55 13.53 3.00
N VAL D 22 -16.19 14.66 2.47
CA VAL D 22 -17.10 15.76 2.50
C VAL D 22 -18.40 15.39 1.80
N ASP D 23 -18.36 14.51 0.82
CA ASP D 23 -19.58 14.13 0.11
C ASP D 23 -20.45 13.18 0.97
N ARG D 24 -19.85 12.10 1.45
CA ARG D 24 -20.66 11.16 2.22
C ARG D 24 -21.27 11.87 3.41
N PHE D 25 -20.61 12.96 3.82
CA PHE D 25 -21.04 13.73 4.98
C PHE D 25 -22.44 14.32 4.78
N TYR D 26 -22.51 15.27 3.88
CA TYR D 26 -23.73 16.01 3.61
C TYR D 26 -24.92 15.09 3.30
N LYS D 27 -24.70 13.95 2.66
CA LYS D 27 -25.80 13.03 2.44
C LYS D 27 -26.18 12.42 3.81
N THR D 28 -25.16 12.02 4.61
CA THR D 28 -25.43 11.42 5.93
C THR D 28 -26.22 12.41 6.76
N LEU D 29 -25.86 13.67 6.59
CA LEU D 29 -26.54 14.76 7.25
C LEU D 29 -27.97 14.72 6.76
N ARG D 30 -28.13 14.50 5.43
CA ARG D 30 -29.48 14.40 4.82
C ARG D 30 -30.20 13.16 5.33
N ALA D 31 -29.42 12.19 5.79
CA ALA D 31 -30.00 10.99 6.38
C ALA D 31 -30.69 11.40 7.68
N GLU D 32 -30.07 12.34 8.33
CA GLU D 32 -30.55 12.94 9.55
C GLU D 32 -31.48 14.09 9.14
N GLN D 33 -32.50 14.40 9.93
CA GLN D 33 -33.42 15.46 9.54
C GLN D 33 -33.22 16.74 10.34
N ALA D 34 -32.09 17.41 10.11
CA ALA D 34 -31.83 18.68 10.78
C ALA D 34 -32.11 19.86 9.83
N SER D 35 -32.58 20.95 10.36
CA SER D 35 -32.85 22.08 9.50
C SER D 35 -31.55 22.50 8.81
N GLN D 36 -31.64 23.42 7.86
CA GLN D 36 -30.45 23.87 7.15
C GLN D 36 -29.52 24.53 8.15
N GLU D 37 -30.14 25.27 9.10
CA GLU D 37 -29.41 25.97 10.20
C GLU D 37 -28.57 24.97 11.02
N VAL D 38 -29.27 23.91 11.55
CA VAL D 38 -28.60 22.83 12.29
C VAL D 38 -27.64 22.06 11.38
N LYS D 39 -28.14 21.65 10.23
CA LYS D 39 -27.34 20.90 9.27
C LYS D 39 -26.12 21.69 8.89
N ASN D 40 -26.29 23.02 8.76
CA ASN D 40 -25.22 23.95 8.42
C ASN D 40 -24.19 24.02 9.53
N TRP D 41 -24.62 23.84 10.77
CA TRP D 41 -23.67 23.92 11.86
C TRP D 41 -23.05 22.53 12.15
N MET D 42 -23.67 21.46 11.63
CA MET D 42 -23.03 20.12 11.72
C MET D 42 -22.07 20.11 10.56
N THR D 43 -22.61 20.61 9.46
CA THR D 43 -21.89 20.77 8.22
C THR D 43 -20.65 21.58 8.51
N GLU D 44 -20.72 22.37 9.56
CA GLU D 44 -19.56 23.17 9.91
C GLU D 44 -18.67 22.49 10.93
N THR D 45 -19.24 22.29 12.11
CA THR D 45 -18.50 21.71 13.22
C THR D 45 -18.10 20.27 12.98
N LEU D 46 -19.08 19.40 12.75
CA LEU D 46 -18.76 17.99 12.56
C LEU D 46 -17.78 17.82 11.43
N LEU D 47 -18.01 18.52 10.31
CA LEU D 47 -17.14 18.37 9.16
C LEU D 47 -15.65 18.60 9.49
N VAL D 48 -15.31 19.72 10.13
CA VAL D 48 -13.91 20.03 10.48
C VAL D 48 -13.33 19.08 11.57
N GLN D 49 -14.23 18.44 12.36
CA GLN D 49 -13.79 17.57 13.45
C GLN D 49 -13.75 16.09 13.09
N ASN D 50 -14.87 15.56 12.68
CA ASN D 50 -14.94 14.16 12.34
C ASN D 50 -14.27 13.91 11.00
N ALA D 51 -13.54 14.91 10.48
CA ALA D 51 -12.91 14.72 9.21
C ALA D 51 -11.46 14.30 9.27
N ASN D 52 -11.15 13.11 9.84
CA ASN D 52 -9.78 12.65 9.72
C ASN D 52 -8.74 13.68 10.19
N PRO D 53 -8.21 13.58 11.40
CA PRO D 53 -7.19 14.55 11.92
C PRO D 53 -6.19 15.01 10.84
N ASP D 54 -5.93 14.22 9.79
CA ASP D 54 -5.04 14.71 8.73
C ASP D 54 -5.68 15.93 8.08
N CYS D 55 -6.98 15.82 7.80
CA CYS D 55 -7.70 16.92 7.20
C CYS D 55 -8.15 17.87 8.27
N LYS D 56 -8.80 17.32 9.26
CA LYS D 56 -9.26 18.09 10.38
C LYS D 56 -8.14 18.99 10.91
N THR D 57 -6.92 18.43 11.12
CA THR D 57 -5.79 19.26 11.60
C THR D 57 -5.51 20.38 10.58
N ILE D 58 -5.52 20.03 9.27
CA ILE D 58 -5.29 21.02 8.22
C ILE D 58 -6.32 22.11 8.34
N LEU D 59 -7.56 21.67 8.51
CA LEU D 59 -8.66 22.60 8.60
C LEU D 59 -8.33 23.74 9.57
N LYS D 60 -7.93 23.42 10.79
CA LYS D 60 -7.56 24.46 11.75
C LYS D 60 -6.35 25.24 11.25
N ALA D 61 -5.45 24.55 10.58
CA ALA D 61 -4.24 25.19 10.11
C ALA D 61 -4.56 26.33 9.15
N LEU D 62 -5.49 26.04 8.27
CA LEU D 62 -5.89 27.02 7.28
C LEU D 62 -6.25 28.33 7.99
N GLY D 63 -6.70 28.23 9.26
CA GLY D 63 -7.05 29.42 10.05
C GLY D 63 -8.54 29.74 9.80
N PRO D 64 -9.38 29.86 10.86
CA PRO D 64 -10.85 30.13 10.66
C PRO D 64 -11.06 31.18 9.58
N GLY D 65 -11.41 30.68 8.41
CA GLY D 65 -11.62 31.53 7.24
C GLY D 65 -11.46 30.67 5.98
N ALA D 66 -10.76 29.51 6.15
CA ALA D 66 -10.59 28.59 5.06
C ALA D 66 -11.95 28.36 4.52
N THR D 67 -12.21 28.79 3.30
CA THR D 67 -13.54 28.57 2.79
C THR D 67 -13.67 27.09 2.63
N LEU D 68 -14.87 26.57 2.47
CA LEU D 68 -14.97 25.14 2.36
C LEU D 68 -14.03 24.71 1.27
N GLU D 69 -13.94 25.50 0.21
CA GLU D 69 -13.01 25.19 -0.84
C GLU D 69 -11.56 25.18 -0.32
N GLU D 70 -11.19 26.13 0.57
CA GLU D 70 -9.81 26.18 1.07
C GLU D 70 -9.42 24.87 1.69
N MET D 71 -10.27 24.30 2.54
CA MET D 71 -9.97 23.00 3.13
C MET D 71 -10.37 21.90 2.15
N MET D 72 -11.32 22.19 1.26
CA MET D 72 -11.76 21.18 0.29
C MET D 72 -10.66 20.88 -0.70
N THR D 73 -9.73 21.85 -0.86
CA THR D 73 -8.58 21.69 -1.76
C THR D 73 -7.41 20.95 -1.01
N ALA D 74 -7.12 21.38 0.23
CA ALA D 74 -6.01 20.83 1.05
C ALA D 74 -6.27 19.48 1.69
N CYS D 75 -7.41 19.38 2.36
CA CYS D 75 -7.75 18.20 3.09
C CYS D 75 -7.94 17.04 2.12
N GLN D 76 -8.60 17.33 1.01
CA GLN D 76 -8.85 16.35 -0.05
C GLN D 76 -7.59 15.67 -0.52
N GLY D 77 -6.49 16.45 -0.59
CA GLY D 77 -5.23 15.89 -1.07
C GLY D 77 -4.77 14.72 -0.21
N VAL D 78 -5.45 14.46 0.92
CA VAL D 78 -5.01 13.40 1.83
C VAL D 78 -5.48 12.03 1.43
N GLY D 79 -4.50 11.13 1.35
CA GLY D 79 -4.77 9.74 1.01
C GLY D 79 -3.47 9.03 0.62
N GLY D 80 -3.37 8.69 -0.65
CA GLY D 80 -2.22 8.03 -1.19
C GLY D 80 -1.03 8.99 -1.14
N PRO D 81 -0.22 9.05 -2.19
CA PRO D 81 0.94 9.96 -2.23
C PRO D 81 0.58 11.33 -1.67
N GLY D 82 -0.68 11.72 -1.68
CA GLY D 82 -1.00 13.00 -1.11
C GLY D 82 -0.50 13.06 0.33
N HIS D 83 -0.74 11.99 1.13
CA HIS D 83 -0.24 11.97 2.51
C HIS D 83 0.98 11.23 2.71
N LYS D 84 1.21 10.33 1.91
CA LYS D 84 2.37 9.62 2.07
C LYS D 84 3.55 10.49 1.61
N ALA D 85 3.34 11.23 0.50
CA ALA D 85 4.38 12.05 -0.09
C ALA D 85 4.62 13.38 0.60
N ARG D 86 3.59 14.22 0.65
CA ARG D 86 3.74 15.55 1.24
C ARG D 86 4.11 15.44 2.68
N VAL D 87 3.42 14.54 3.36
CA VAL D 87 3.69 14.38 4.75
C VAL D 87 5.09 13.91 4.89
N LEU D 88 5.55 12.99 4.03
CA LEU D 88 6.95 12.55 4.15
C LEU D 88 7.87 13.80 4.24
N ALA D 89 7.51 14.85 3.50
CA ALA D 89 8.26 16.10 3.55
C ALA D 89 8.26 16.67 4.98
N GLU D 90 7.12 16.57 5.65
CA GLU D 90 6.99 17.07 7.02
C GLU D 90 7.28 15.99 8.08
N ALA D 91 6.99 14.74 7.78
CA ALA D 91 7.26 13.64 8.68
C ALA D 91 8.76 13.60 8.90
N MET D 92 9.47 13.86 7.83
CA MET D 92 10.91 13.92 7.89
C MET D 92 11.38 15.06 8.78
N SER D 93 10.70 16.21 8.66
CA SER D 93 11.07 17.36 9.46
C SER D 93 10.38 17.27 10.82
N GLN D 94 9.47 16.31 10.98
CA GLN D 94 8.77 16.16 12.27
C GLN D 94 9.69 15.47 13.27
N VAL D 95 10.41 14.44 12.79
CA VAL D 95 11.40 13.78 13.68
C VAL D 95 12.82 14.43 13.57
N THR D 96 13.34 14.57 12.36
CA THR D 96 14.68 15.10 12.21
C THR D 96 14.86 16.45 12.92
N ASN D 97 13.96 17.39 12.66
CA ASN D 97 14.06 18.71 13.29
C ASN D 97 13.33 18.77 14.63
N THR D 98 12.14 18.20 14.65
CA THR D 98 11.26 18.22 15.81
C THR D 98 11.34 16.96 16.68
N ALA D 99 12.38 16.14 16.55
CA ALA D 99 12.42 14.89 17.34
C ALA D 99 12.28 15.23 18.81
N THR D 100 12.89 16.31 19.25
CA THR D 100 12.74 16.69 20.63
C THR D 100 11.37 17.33 20.80
N ILE D 101 10.47 16.64 21.50
CA ILE D 101 9.11 17.15 21.70
C ILE D 101 8.78 17.20 23.18
N MET D 102 8.33 18.36 23.65
CA MET D 102 7.96 18.51 25.05
C MET D 102 6.70 19.35 25.19
N GLY E 1 -10.67 -18.86 26.04
CA GLY E 1 -10.62 -19.58 24.73
C GLY E 1 -10.70 -18.56 23.60
N GLY E 2 -11.87 -17.95 23.43
CA GLY E 2 -12.05 -16.96 22.38
C GLY E 2 -12.00 -17.58 20.99
N SER E 3 -13.10 -18.21 20.58
CA SER E 3 -13.21 -18.85 19.27
C SER E 3 -13.71 -17.85 18.24
N PRO E 4 -13.58 -18.15 16.97
CA PRO E 4 -14.02 -17.24 15.86
C PRO E 4 -15.48 -16.77 16.00
N THR E 5 -15.72 -15.51 15.62
CA THR E 5 -17.05 -14.87 15.65
C THR E 5 -17.34 -14.30 17.01
N SER E 6 -16.93 -14.99 18.05
CA SER E 6 -17.15 -14.43 19.35
C SER E 6 -16.38 -13.14 19.39
N ILE E 7 -16.88 -12.16 20.10
CA ILE E 7 -16.15 -10.92 20.17
C ILE E 7 -14.69 -11.19 20.55
N LEU E 8 -14.43 -12.32 21.17
CA LEU E 8 -13.08 -12.58 21.56
C LEU E 8 -12.22 -12.61 20.30
N ASP E 9 -12.76 -13.18 19.25
CA ASP E 9 -12.07 -13.25 17.98
C ASP E 9 -12.05 -11.89 17.26
N ILE E 10 -12.92 -11.00 17.68
CA ILE E 10 -12.96 -9.69 17.06
C ILE E 10 -11.62 -8.92 17.25
N ARG E 11 -10.77 -8.87 16.19
CA ARG E 11 -9.47 -8.18 16.29
C ARG E 11 -9.31 -7.14 15.20
N GLN E 12 -8.89 -5.93 15.59
CA GLN E 12 -8.66 -4.91 14.58
C GLN E 12 -7.62 -5.42 13.70
N GLY E 13 -7.96 -5.44 12.42
CA GLY E 13 -6.99 -5.79 11.46
C GLY E 13 -5.92 -4.77 11.63
N PRO E 14 -4.74 -5.04 11.23
CA PRO E 14 -3.69 -4.03 11.46
C PRO E 14 -4.04 -2.69 10.79
N LYS E 15 -4.44 -2.76 9.51
CA LYS E 15 -4.85 -1.57 8.75
C LYS E 15 -6.27 -1.23 9.01
N GLU E 16 -7.02 -2.22 9.48
CA GLU E 16 -8.43 -2.07 9.68
C GLU E 16 -8.73 -0.80 10.45
N PRO E 17 -9.56 0.07 9.95
CA PRO E 17 -9.90 1.29 10.69
C PRO E 17 -10.56 0.93 11.97
N PHE E 18 -10.15 1.62 13.04
CA PHE E 18 -10.75 1.35 14.32
C PHE E 18 -12.25 1.50 14.16
N ARG E 19 -12.66 2.47 13.33
CA ARG E 19 -14.07 2.71 13.11
C ARG E 19 -14.69 1.45 12.54
N ASP E 20 -13.98 0.80 11.65
CA ASP E 20 -14.50 -0.43 11.06
C ASP E 20 -14.39 -1.61 12.04
N TYR E 21 -13.24 -1.72 12.61
CA TYR E 21 -13.00 -2.81 13.52
C TYR E 21 -13.97 -2.77 14.69
N VAL E 22 -14.06 -1.60 15.31
CA VAL E 22 -14.93 -1.42 16.43
C VAL E 22 -16.36 -1.66 15.97
N ASP E 23 -16.67 -1.26 14.73
CA ASP E 23 -18.00 -1.50 14.18
C ASP E 23 -18.25 -3.00 14.13
N ARG E 24 -17.33 -3.76 13.52
CA ARG E 24 -17.52 -5.20 13.52
C ARG E 24 -17.45 -5.71 14.97
N PHE E 25 -16.77 -4.99 15.81
CA PHE E 25 -16.70 -5.42 17.19
C PHE E 25 -18.10 -5.32 17.73
N TYR E 26 -18.70 -4.18 17.50
CA TYR E 26 -20.01 -3.91 18.02
C TYR E 26 -21.12 -4.56 17.17
N LYS E 27 -20.81 -4.95 15.92
CA LYS E 27 -21.78 -5.65 15.08
C LYS E 27 -21.69 -7.15 15.37
N THR E 28 -20.45 -7.62 15.56
CA THR E 28 -20.17 -9.01 15.91
C THR E 28 -20.49 -9.21 17.40
N LEU E 29 -20.33 -8.15 18.22
CA LEU E 29 -20.63 -8.23 19.66
C LEU E 29 -22.07 -8.61 19.82
N ARG E 30 -22.93 -7.92 19.05
CA ARG E 30 -24.34 -8.23 19.07
C ARG E 30 -24.47 -9.69 18.77
N ALA E 31 -23.63 -10.14 17.82
CA ALA E 31 -23.59 -11.54 17.43
C ALA E 31 -23.13 -12.42 18.58
N GLU E 32 -22.23 -11.92 19.43
CA GLU E 32 -21.81 -12.73 20.55
C GLU E 32 -22.93 -12.66 21.56
N GLN E 33 -23.52 -13.83 21.85
CA GLN E 33 -24.71 -13.88 22.69
C GLN E 33 -24.48 -13.41 24.10
N ALA E 34 -24.51 -12.11 24.26
CA ALA E 34 -24.33 -11.53 25.55
C ALA E 34 -25.40 -10.46 25.84
N SER E 35 -25.93 -10.50 27.06
CA SER E 35 -26.90 -9.51 27.48
C SER E 35 -26.24 -8.15 27.31
N GLN E 36 -26.95 -7.08 27.56
CA GLN E 36 -26.35 -5.78 27.43
C GLN E 36 -25.14 -5.71 28.36
N GLU E 37 -25.32 -6.26 29.55
CA GLU E 37 -24.23 -6.26 30.54
C GLU E 37 -22.99 -6.95 30.02
N VAL E 38 -23.09 -8.24 29.70
CA VAL E 38 -21.91 -8.97 29.25
C VAL E 38 -21.27 -8.27 28.07
N LYS E 39 -22.07 -7.89 27.14
CA LYS E 39 -21.53 -7.19 25.99
C LYS E 39 -20.87 -5.89 26.43
N ASN E 40 -21.50 -5.22 27.41
CA ASN E 40 -21.00 -3.90 27.81
C ASN E 40 -19.56 -3.91 28.28
N TRP E 41 -19.11 -4.90 29.03
CA TRP E 41 -17.72 -4.81 29.47
C TRP E 41 -16.80 -5.38 28.39
N MET E 42 -17.34 -6.24 27.52
CA MET E 42 -16.54 -6.73 26.43
C MET E 42 -16.13 -5.53 25.61
N THR E 43 -17.11 -4.65 25.33
CA THR E 43 -16.83 -3.46 24.54
C THR E 43 -15.61 -2.78 25.12
N GLU E 44 -15.45 -2.89 26.41
CA GLU E 44 -14.33 -2.28 27.11
C GLU E 44 -13.07 -3.12 27.16
N THR E 45 -13.16 -4.28 27.81
CA THR E 45 -11.99 -5.14 27.98
C THR E 45 -11.51 -5.76 26.69
N LEU E 46 -12.41 -6.24 25.86
CA LEU E 46 -11.98 -6.85 24.59
C LEU E 46 -11.52 -5.80 23.61
N LEU E 47 -12.36 -4.78 23.40
CA LEU E 47 -12.03 -3.75 22.39
C LEU E 47 -10.62 -3.25 22.54
N VAL E 48 -10.22 -2.89 23.73
CA VAL E 48 -8.86 -2.42 23.89
C VAL E 48 -7.85 -3.56 23.64
N GLN E 49 -8.10 -4.73 24.18
CA GLN E 49 -7.19 -5.87 24.05
C GLN E 49 -7.07 -6.39 22.64
N ASN E 50 -8.15 -6.40 21.90
CA ASN E 50 -8.11 -6.95 20.56
C ASN E 50 -8.18 -5.86 19.50
N ALA E 51 -7.87 -4.65 19.88
CA ALA E 51 -7.92 -3.59 18.92
C ALA E 51 -6.58 -3.20 18.39
N ASN E 52 -6.02 -3.94 17.41
CA ASN E 52 -4.77 -3.43 16.84
C ASN E 52 -3.64 -3.10 17.85
N PRO E 53 -2.59 -3.86 17.95
CA PRO E 53 -1.49 -3.49 18.89
C PRO E 53 -1.27 -1.97 18.89
N ASP E 54 -1.54 -1.31 17.75
CA ASP E 54 -1.44 0.15 17.63
C ASP E 54 -2.57 0.88 18.37
N CYS E 55 -3.82 0.52 18.06
CA CYS E 55 -4.98 1.18 18.68
C CYS E 55 -5.03 0.83 20.15
N LYS E 56 -4.70 -0.41 20.41
CA LYS E 56 -4.61 -0.95 21.74
C LYS E 56 -3.61 -0.11 22.54
N THR E 57 -2.53 0.24 21.84
CA THR E 57 -1.49 1.08 22.38
C THR E 57 -2.02 2.50 22.59
N ILE E 58 -2.81 2.96 21.60
CA ILE E 58 -3.42 4.30 21.63
C ILE E 58 -4.38 4.46 22.77
N LEU E 59 -5.20 3.46 22.96
CA LEU E 59 -6.19 3.49 23.99
C LEU E 59 -5.53 3.81 25.34
N LYS E 60 -4.43 3.10 25.63
CA LYS E 60 -3.70 3.32 26.89
C LYS E 60 -3.23 4.75 26.93
N ALA E 61 -2.85 5.24 25.77
CA ALA E 61 -2.40 6.62 25.63
C ALA E 61 -3.56 7.58 25.75
N LEU E 62 -4.77 7.12 25.41
CA LEU E 62 -5.92 7.99 25.50
C LEU E 62 -6.25 8.28 26.95
N GLY E 63 -5.56 7.61 27.87
CA GLY E 63 -5.77 7.84 29.27
C GLY E 63 -6.62 6.74 29.90
N PRO E 64 -6.01 5.84 30.71
CA PRO E 64 -6.77 4.77 31.40
C PRO E 64 -8.05 5.33 31.92
N GLY E 65 -9.12 4.74 31.41
CA GLY E 65 -10.45 5.20 31.69
C GLY E 65 -10.99 5.91 30.45
N ALA E 66 -10.32 5.67 29.28
CA ALA E 66 -10.72 6.30 28.02
C ALA E 66 -12.13 5.94 27.64
N THR E 67 -12.77 6.91 27.00
CA THR E 67 -14.10 6.72 26.51
C THR E 67 -14.00 6.21 25.09
N LEU E 68 -15.13 5.91 24.49
CA LEU E 68 -15.14 5.41 23.12
C LEU E 68 -15.01 6.55 22.10
N GLU E 69 -15.21 7.82 22.51
CA GLU E 69 -15.10 8.90 21.53
C GLU E 69 -13.65 9.09 21.08
N GLU E 70 -12.72 9.03 22.04
CA GLU E 70 -11.31 9.20 21.76
C GLU E 70 -10.71 8.05 20.99
N MET E 71 -11.13 6.85 21.35
CA MET E 71 -10.55 5.66 20.73
C MET E 71 -10.77 5.68 19.26
N MET E 72 -12.00 5.89 18.89
CA MET E 72 -12.32 5.96 17.49
C MET E 72 -11.42 7.00 16.83
N THR E 73 -11.51 8.25 17.25
CA THR E 73 -10.68 9.30 16.65
C THR E 73 -9.18 8.90 16.55
N ALA E 74 -8.55 8.65 17.69
CA ALA E 74 -7.12 8.31 17.74
C ALA E 74 -6.80 7.07 16.98
N CYS E 75 -7.66 6.08 17.14
CA CYS E 75 -7.45 4.83 16.49
C CYS E 75 -7.91 4.87 15.03
N GLN E 76 -8.64 5.92 14.69
CA GLN E 76 -9.12 6.10 13.34
C GLN E 76 -7.96 6.39 12.46
N GLY E 77 -6.97 7.11 13.08
CA GLY E 77 -5.73 7.53 12.41
C GLY E 77 -4.88 6.35 12.05
N VAL E 78 -5.34 5.15 12.43
CA VAL E 78 -4.61 3.98 12.10
C VAL E 78 -5.04 3.45 10.73
N GLY E 79 -4.11 2.89 9.98
CA GLY E 79 -4.44 2.38 8.66
C GLY E 79 -4.03 3.36 7.58
N GLY E 80 -4.84 4.39 7.36
CA GLY E 80 -4.48 5.39 6.38
C GLY E 80 -3.12 5.97 6.73
N PRO E 81 -2.58 6.86 5.91
CA PRO E 81 -1.24 7.45 6.17
C PRO E 81 -1.16 8.06 7.56
N GLY E 82 -2.32 8.21 8.21
CA GLY E 82 -2.35 8.77 9.52
C GLY E 82 -1.52 7.91 10.41
N HIS E 83 -1.53 6.58 10.16
CA HIS E 83 -0.76 5.73 11.02
C HIS E 83 0.65 5.71 10.73
N LYS E 84 0.95 5.56 9.55
CA LYS E 84 2.28 5.60 9.25
C LYS E 84 2.79 7.01 9.65
N ALA E 85 1.98 8.07 9.40
CA ALA E 85 2.40 9.47 9.72
C ALA E 85 2.74 9.71 11.22
N ARG E 86 1.74 9.49 12.10
CA ARG E 86 1.94 9.65 13.53
C ARG E 86 3.04 8.70 14.02
N VAL E 87 2.93 7.42 13.63
CA VAL E 87 3.90 6.44 14.04
C VAL E 87 5.28 6.81 13.54
N LEU E 88 5.36 7.24 12.29
CA LEU E 88 6.64 7.57 11.74
C LEU E 88 7.29 8.61 12.62
N ALA E 89 6.50 9.59 13.05
CA ALA E 89 7.01 10.67 13.91
C ALA E 89 7.57 10.18 15.25
N GLU E 90 6.92 9.19 15.87
CA GLU E 90 7.38 8.68 17.15
C GLU E 90 8.38 7.57 17.00
N ALA E 91 8.08 6.56 16.27
CA ALA E 91 9.05 5.48 16.12
C ALA E 91 10.36 6.01 15.52
N MET E 92 10.27 6.85 14.49
CA MET E 92 11.47 7.39 13.85
C MET E 92 12.26 8.22 14.84
N SER E 93 11.53 8.99 15.68
CA SER E 93 12.19 9.85 16.68
C SER E 93 12.51 9.06 17.95
N GLN E 94 11.98 7.85 18.04
CA GLN E 94 12.28 7.00 19.17
C GLN E 94 13.56 6.23 18.89
N VAL E 95 13.69 5.77 17.63
CA VAL E 95 14.87 5.02 17.24
C VAL E 95 16.09 5.94 17.04
N THR E 96 15.86 7.25 16.96
CA THR E 96 16.99 8.15 16.79
C THR E 96 17.65 8.44 18.14
N ASN E 97 16.87 8.97 19.08
CA ASN E 97 17.37 9.28 20.42
C ASN E 97 17.18 8.10 21.38
N THR E 98 15.95 7.61 21.42
CA THR E 98 15.55 6.51 22.29
C THR E 98 15.98 5.15 21.75
N ALA E 99 16.85 5.13 20.74
CA ALA E 99 17.25 3.86 20.13
C ALA E 99 17.82 2.94 21.19
N THR E 100 18.58 3.49 22.13
CA THR E 100 19.11 2.65 23.18
C THR E 100 17.95 2.29 24.11
N ILE E 101 17.57 1.02 24.11
CA ILE E 101 16.46 0.58 24.94
C ILE E 101 16.86 -0.63 25.79
N MET E 102 16.61 -0.54 27.09
CA MET E 102 16.95 -1.63 28.00
C MET E 102 15.72 -2.05 28.81
N GLY F 1 5.27 -33.75 3.44
CA GLY F 1 5.28 -32.69 2.40
C GLY F 1 4.19 -31.66 2.70
N GLY F 2 3.06 -31.80 2.01
CA GLY F 2 1.95 -30.88 2.19
C GLY F 2 1.30 -30.49 0.85
N SER F 3 0.43 -31.38 0.35
CA SER F 3 -0.30 -31.15 -0.91
C SER F 3 -1.38 -30.09 -0.70
N PRO F 4 -1.84 -29.45 -1.76
CA PRO F 4 -2.89 -28.37 -1.67
C PRO F 4 -4.24 -28.84 -1.11
N THR F 5 -4.96 -27.87 -0.52
CA THR F 5 -6.29 -28.09 0.07
C THR F 5 -6.24 -28.63 1.48
N SER F 6 -5.21 -29.41 1.79
CA SER F 6 -5.11 -29.98 3.13
C SER F 6 -4.64 -28.92 4.11
N ILE F 7 -4.84 -29.17 5.42
CA ILE F 7 -4.38 -28.21 6.43
C ILE F 7 -2.87 -28.05 6.38
N LEU F 8 -2.20 -28.96 5.66
CA LEU F 8 -0.76 -28.92 5.53
C LEU F 8 -0.35 -27.84 4.54
N ASP F 9 -1.12 -27.72 3.47
CA ASP F 9 -0.86 -26.68 2.50
C ASP F 9 -1.73 -25.46 2.82
N ILE F 10 -2.02 -25.33 4.10
CA ILE F 10 -2.79 -24.24 4.55
C ILE F 10 -1.84 -23.18 5.07
N ARG F 11 -1.75 -22.09 4.32
CA ARG F 11 -0.83 -21.03 4.66
C ARG F 11 -1.45 -19.65 4.73
N GLN F 12 -0.95 -18.89 5.69
CA GLN F 12 -1.35 -17.51 5.84
C GLN F 12 -0.67 -16.73 4.75
N GLY F 13 -1.45 -16.07 3.95
CA GLY F 13 -0.90 -15.27 2.90
C GLY F 13 0.14 -14.34 3.48
N PRO F 14 1.09 -13.88 2.68
CA PRO F 14 2.15 -12.97 3.18
C PRO F 14 1.52 -11.87 4.03
N LYS F 15 0.42 -11.36 3.52
CA LYS F 15 -0.34 -10.33 4.20
C LYS F 15 -1.53 -10.87 4.96
N GLU F 16 -1.94 -12.06 4.61
CA GLU F 16 -3.12 -12.58 5.24
C GLU F 16 -3.00 -12.47 6.73
N PRO F 17 -3.94 -11.87 7.39
CA PRO F 17 -3.85 -11.78 8.83
C PRO F 17 -3.93 -13.14 9.39
N PHE F 18 -3.44 -13.24 10.60
CA PHE F 18 -3.50 -14.45 11.33
C PHE F 18 -4.97 -14.76 11.57
N ARG F 19 -5.76 -13.69 11.64
CA ARG F 19 -7.19 -13.81 11.88
C ARG F 19 -7.88 -14.48 10.69
N ASP F 20 -7.55 -14.03 9.46
CA ASP F 20 -8.17 -14.62 8.25
C ASP F 20 -7.64 -16.04 8.03
N TYR F 21 -6.31 -16.14 8.15
CA TYR F 21 -5.59 -17.39 7.97
C TYR F 21 -5.99 -18.49 8.96
N VAL F 22 -6.03 -18.14 10.24
CA VAL F 22 -6.40 -19.12 11.26
C VAL F 22 -7.86 -19.58 11.04
N ASP F 23 -8.69 -18.70 10.47
CA ASP F 23 -10.10 -19.01 10.21
C ASP F 23 -10.29 -20.01 9.05
N ARG F 24 -9.52 -19.85 7.97
CA ARG F 24 -9.62 -20.76 6.82
C ARG F 24 -8.95 -22.09 7.14
N PHE F 25 -7.97 -22.04 8.04
CA PHE F 25 -7.20 -23.21 8.42
C PHE F 25 -8.13 -24.32 8.82
N TYR F 26 -8.85 -24.05 9.91
CA TYR F 26 -9.79 -24.98 10.49
C TYR F 26 -10.91 -25.33 9.47
N LYS F 27 -11.11 -24.45 8.50
CA LYS F 27 -12.07 -24.72 7.45
C LYS F 27 -11.47 -25.78 6.49
N THR F 28 -10.18 -25.65 6.23
CA THR F 28 -9.49 -26.58 5.36
C THR F 28 -9.15 -27.83 6.15
N LEU F 29 -9.01 -27.67 7.48
CA LEU F 29 -8.72 -28.79 8.33
C LEU F 29 -9.88 -29.78 8.20
N ARG F 30 -11.11 -29.24 8.32
CA ARG F 30 -12.35 -30.03 8.14
C ARG F 30 -12.36 -30.61 6.75
N ALA F 31 -11.85 -29.83 5.82
CA ALA F 31 -11.72 -30.29 4.45
C ALA F 31 -10.74 -31.45 4.42
N GLU F 32 -9.86 -31.48 5.43
CA GLU F 32 -8.88 -32.55 5.56
C GLU F 32 -9.38 -33.59 6.55
N GLN F 33 -9.46 -34.82 6.07
CA GLN F 33 -9.95 -35.90 6.91
C GLN F 33 -8.86 -36.50 7.80
N ALA F 34 -8.40 -35.71 8.78
CA ALA F 34 -7.43 -36.16 9.82
C ALA F 34 -8.25 -36.55 11.08
N SER F 35 -7.75 -37.48 11.89
CA SER F 35 -8.48 -37.93 13.09
C SER F 35 -8.57 -36.81 14.14
N GLN F 36 -9.47 -36.94 15.11
CA GLN F 36 -9.54 -35.91 16.16
C GLN F 36 -8.19 -35.83 16.87
N GLU F 37 -7.53 -36.99 16.97
CA GLU F 37 -6.21 -37.07 17.59
C GLU F 37 -5.17 -36.38 16.72
N VAL F 38 -5.28 -36.61 15.40
CA VAL F 38 -4.33 -36.02 14.46
C VAL F 38 -4.73 -34.58 14.08
N LYS F 39 -5.88 -34.47 13.44
CA LYS F 39 -6.46 -33.22 12.97
C LYS F 39 -6.28 -32.17 14.03
N ASN F 40 -6.33 -32.60 15.28
CA ASN F 40 -6.15 -31.65 16.35
C ASN F 40 -4.70 -31.22 16.40
N TRP F 41 -3.76 -32.18 16.64
CA TRP F 41 -2.35 -31.78 16.76
C TRP F 41 -1.92 -31.04 15.52
N MET F 42 -2.65 -31.22 14.40
CA MET F 42 -2.38 -30.49 13.15
C MET F 42 -2.58 -29.05 13.37
N THR F 43 -3.65 -28.75 14.06
CA THR F 43 -3.97 -27.41 14.35
C THR F 43 -2.85 -26.76 15.15
N GLU F 44 -1.99 -27.58 15.76
CA GLU F 44 -0.89 -27.03 16.57
C GLU F 44 0.44 -26.77 15.83
N THR F 45 1.07 -27.81 15.27
CA THR F 45 2.37 -27.62 14.59
C THR F 45 2.21 -26.88 13.25
N LEU F 46 1.18 -27.23 12.46
CA LEU F 46 0.95 -26.55 11.17
C LEU F 46 0.60 -25.12 11.37
N LEU F 47 -0.37 -24.87 12.23
CA LEU F 47 -0.83 -23.53 12.42
C LEU F 47 0.30 -22.56 12.72
N VAL F 48 1.29 -22.97 13.47
CA VAL F 48 2.40 -22.07 13.82
C VAL F 48 3.44 -21.85 12.71
N GLN F 49 3.73 -22.90 11.94
CA GLN F 49 4.81 -22.86 10.88
C GLN F 49 4.36 -22.45 9.47
N ASN F 50 3.09 -22.51 9.18
CA ASN F 50 2.62 -22.18 7.85
C ASN F 50 1.83 -20.86 7.86
N ALA F 51 1.71 -20.29 9.05
CA ALA F 51 0.97 -19.08 9.22
C ALA F 51 1.75 -17.82 8.91
N ASN F 52 2.35 -17.61 7.66
CA ASN F 52 3.02 -16.31 7.38
C ASN F 52 4.33 -16.08 8.18
N PRO F 53 5.51 -16.18 7.57
CA PRO F 53 6.82 -16.00 8.29
C PRO F 53 6.75 -14.89 9.34
N ASP F 54 5.97 -13.84 9.09
CA ASP F 54 5.78 -12.79 10.10
C ASP F 54 5.05 -13.30 11.34
N CYS F 55 3.93 -13.96 11.14
CA CYS F 55 3.19 -14.45 12.27
C CYS F 55 3.90 -15.68 12.79
N LYS F 56 4.08 -16.63 11.91
CA LYS F 56 4.75 -17.86 12.26
C LYS F 56 6.00 -17.65 13.12
N THR F 57 6.81 -16.60 12.81
CA THR F 57 8.00 -16.33 13.61
C THR F 57 7.52 -15.75 14.94
N ILE F 58 6.46 -14.91 14.85
CA ILE F 58 5.83 -14.33 16.04
C ILE F 58 5.37 -15.42 16.97
N LEU F 59 4.79 -16.47 16.41
CA LEU F 59 4.31 -17.56 17.22
C LEU F 59 5.44 -18.08 18.05
N LYS F 60 6.61 -18.22 17.42
CA LYS F 60 7.82 -18.65 18.11
C LYS F 60 8.31 -17.51 19.02
N ALA F 61 8.06 -16.29 18.57
CA ALA F 61 8.45 -15.10 19.32
C ALA F 61 7.72 -15.04 20.65
N LEU F 62 6.46 -15.46 20.64
CA LEU F 62 5.67 -15.41 21.84
C LEU F 62 6.23 -16.42 22.83
N GLY F 63 7.12 -17.27 22.31
CA GLY F 63 7.76 -18.27 23.12
C GLY F 63 6.85 -19.45 23.26
N PRO F 64 7.41 -20.61 23.51
CA PRO F 64 6.59 -21.84 23.71
C PRO F 64 5.59 -21.61 24.80
N GLY F 65 4.45 -22.23 24.65
CA GLY F 65 3.38 -22.01 25.60
C GLY F 65 2.44 -20.96 25.05
N ALA F 66 2.67 -20.57 23.76
CA ALA F 66 1.80 -19.60 23.11
C ALA F 66 0.54 -20.30 22.72
N THR F 67 -0.55 -19.81 23.25
CA THR F 67 -1.83 -20.39 22.93
C THR F 67 -2.41 -19.59 21.82
N LEU F 68 -3.52 -20.04 21.29
CA LEU F 68 -4.14 -19.30 20.22
C LEU F 68 -4.32 -17.84 20.68
N GLU F 69 -4.46 -17.66 21.99
CA GLU F 69 -4.62 -16.32 22.53
C GLU F 69 -3.38 -15.47 22.32
N GLU F 70 -2.16 -16.08 22.39
CA GLU F 70 -0.95 -15.27 22.15
C GLU F 70 -0.73 -15.03 20.61
N MET F 71 -0.57 -16.10 19.85
CA MET F 71 -0.34 -15.98 18.41
C MET F 71 -1.41 -15.12 17.73
N MET F 72 -2.68 -15.35 18.02
CA MET F 72 -3.74 -14.49 17.42
C MET F 72 -3.59 -13.02 17.92
N THR F 73 -3.28 -12.85 19.22
CA THR F 73 -3.05 -11.52 19.81
C THR F 73 -1.76 -10.87 19.25
N ALA F 74 -0.81 -11.65 18.77
CA ALA F 74 0.42 -11.06 18.26
C ALA F 74 0.39 -10.92 16.77
N CYS F 75 0.09 -12.05 16.14
CA CYS F 75 0.01 -12.15 14.71
C CYS F 75 -1.18 -11.36 14.17
N GLN F 76 -1.85 -10.60 15.05
CA GLN F 76 -3.03 -9.81 14.68
C GLN F 76 -2.64 -8.49 14.10
N GLY F 77 -1.60 -7.91 14.68
CA GLY F 77 -1.08 -6.64 14.22
C GLY F 77 -0.37 -6.83 12.88
N VAL F 78 -0.24 -8.14 12.45
CA VAL F 78 0.40 -8.50 11.22
C VAL F 78 -0.50 -8.23 10.04
N GLY F 79 0.07 -7.59 9.05
CA GLY F 79 -0.66 -7.28 7.87
C GLY F 79 -0.59 -5.80 7.57
N GLY F 80 -1.73 -5.15 7.70
CA GLY F 80 -1.86 -3.74 7.46
C GLY F 80 -0.79 -2.97 8.18
N PRO F 81 -0.73 -1.65 8.01
CA PRO F 81 0.33 -0.87 8.62
C PRO F 81 0.37 -1.16 10.12
N GLY F 82 -0.73 -1.76 10.68
CA GLY F 82 -0.68 -2.13 12.07
C GLY F 82 0.61 -2.92 12.32
N HIS F 83 1.08 -3.61 11.26
CA HIS F 83 2.31 -4.37 11.34
C HIS F 83 3.54 -3.64 10.94
N LYS F 84 3.55 -3.18 9.72
CA LYS F 84 4.68 -2.49 9.22
C LYS F 84 5.03 -1.32 10.16
N ALA F 85 4.02 -0.86 10.91
CA ALA F 85 4.19 0.25 11.82
C ALA F 85 5.07 -0.18 12.99
N ARG F 86 4.58 -1.19 13.74
CA ARG F 86 5.32 -1.71 14.90
C ARG F 86 6.65 -2.24 14.41
N VAL F 87 6.61 -2.85 13.23
CA VAL F 87 7.81 -3.40 12.63
C VAL F 87 8.75 -2.27 12.37
N LEU F 88 8.26 -1.20 11.78
CA LEU F 88 9.13 -0.07 11.49
C LEU F 88 9.76 0.47 12.77
N ALA F 89 9.03 0.49 13.87
CA ALA F 89 9.64 1.06 15.09
C ALA F 89 10.86 0.25 15.54
N GLU F 90 10.72 -1.08 15.49
CA GLU F 90 11.79 -1.98 15.94
C GLU F 90 12.81 -2.32 14.90
N ALA F 91 12.38 -2.55 13.68
CA ALA F 91 13.31 -2.94 12.64
C ALA F 91 14.29 -1.82 12.48
N MET F 92 13.75 -0.63 12.58
CA MET F 92 14.54 0.56 12.46
C MET F 92 15.60 0.63 13.57
N SER F 93 15.25 0.18 14.78
CA SER F 93 16.23 0.21 15.87
C SER F 93 16.98 -1.11 15.96
N GLN F 94 16.48 -2.11 15.26
CA GLN F 94 17.12 -3.39 15.23
C GLN F 94 18.40 -3.21 14.43
N VAL F 95 18.29 -2.37 13.40
CA VAL F 95 19.41 -2.12 12.51
C VAL F 95 20.37 -1.10 13.11
N THR F 96 19.84 0.01 13.61
CA THR F 96 20.70 1.06 14.15
C THR F 96 21.69 0.49 15.15
N ASN F 97 21.21 -0.27 16.12
CA ASN F 97 22.09 -0.87 17.13
C ASN F 97 22.62 -2.24 16.71
N THR F 98 21.72 -3.08 16.22
CA THR F 98 22.03 -4.47 15.85
C THR F 98 22.33 -4.67 14.36
N ALA F 99 22.60 -3.63 13.58
CA ALA F 99 22.81 -3.83 12.13
C ALA F 99 23.91 -4.85 11.93
N THR F 100 24.94 -4.81 12.75
CA THR F 100 25.97 -5.81 12.60
C THR F 100 25.40 -7.11 13.10
N ILE F 101 25.14 -8.03 12.18
CA ILE F 101 24.55 -9.30 12.54
C ILE F 101 25.43 -10.44 12.02
N MET F 102 25.85 -11.33 12.92
CA MET F 102 26.70 -12.44 12.52
C MET F 102 26.09 -13.77 12.98
N GLY A 1 11.37 -15.69 -28.87
CA GLY A 1 11.72 -16.71 -27.83
C GLY A 1 10.77 -16.58 -26.65
N GLY A 2 9.63 -17.22 -26.77
CA GLY A 2 8.63 -17.19 -25.72
C GLY A 2 7.41 -16.36 -26.12
N SER A 3 6.42 -17.02 -26.72
CA SER A 3 5.20 -16.35 -27.17
C SER A 3 4.20 -16.19 -26.02
N PRO A 4 3.23 -15.31 -26.17
CA PRO A 4 2.19 -15.06 -25.12
C PRO A 4 1.42 -16.33 -24.75
N THR A 5 1.01 -16.40 -23.49
CA THR A 5 0.29 -17.57 -22.96
C THR A 5 1.25 -18.74 -22.71
N SER A 6 2.41 -18.74 -23.36
CA SER A 6 3.35 -19.81 -23.12
C SER A 6 3.96 -19.63 -21.74
N ILE A 7 4.50 -20.71 -21.22
CA ILE A 7 5.15 -20.66 -19.93
C ILE A 7 6.40 -19.79 -20.06
N LEU A 8 6.81 -19.56 -21.30
CA LEU A 8 7.96 -18.72 -21.54
C LEU A 8 7.57 -17.25 -21.33
N ASP A 9 6.28 -16.97 -21.48
CA ASP A 9 5.73 -15.64 -21.25
C ASP A 9 5.24 -15.48 -19.80
N ILE A 10 5.27 -16.59 -19.07
CA ILE A 10 4.87 -16.63 -17.67
C ILE A 10 5.96 -16.06 -16.76
N ARG A 11 5.66 -14.89 -16.18
CA ARG A 11 6.56 -14.26 -15.25
C ARG A 11 5.86 -13.78 -14.01
N GLN A 12 6.47 -14.07 -12.86
CA GLN A 12 5.94 -13.67 -11.59
C GLN A 12 5.89 -12.20 -11.51
N GLY A 13 4.69 -11.68 -11.21
CA GLY A 13 4.61 -10.25 -11.01
C GLY A 13 5.56 -9.95 -9.88
N PRO A 14 6.29 -8.87 -9.94
CA PRO A 14 7.28 -8.61 -8.88
C PRO A 14 6.63 -8.74 -7.45
N LYS A 15 5.42 -8.19 -7.29
CA LYS A 15 4.72 -8.36 -6.06
C LYS A 15 4.01 -9.71 -6.06
N GLU A 16 3.75 -10.24 -7.27
CA GLU A 16 3.02 -11.50 -7.37
C GLU A 16 3.69 -12.53 -6.53
N PRO A 17 3.01 -13.09 -5.55
CA PRO A 17 3.63 -14.11 -4.73
C PRO A 17 4.06 -15.26 -5.57
N PHE A 18 5.01 -15.96 -5.03
CA PHE A 18 5.49 -17.14 -5.67
C PHE A 18 4.34 -18.11 -5.65
N ARG A 19 3.61 -18.11 -4.55
CA ARG A 19 2.50 -19.01 -4.41
C ARG A 19 1.48 -18.76 -5.51
N ASP A 20 1.12 -17.50 -5.70
CA ASP A 20 0.20 -17.16 -6.77
C ASP A 20 0.83 -17.47 -8.13
N TYR A 21 2.10 -17.00 -8.27
CA TYR A 21 2.89 -17.12 -9.51
C TYR A 21 3.15 -18.56 -9.91
N VAL A 22 3.32 -19.37 -8.92
CA VAL A 22 3.51 -20.77 -9.14
C VAL A 22 2.19 -21.32 -9.63
N ASP A 23 1.12 -20.79 -9.07
CA ASP A 23 -0.24 -21.26 -9.47
C ASP A 23 -0.60 -20.91 -10.93
N ARG A 24 -0.12 -19.76 -11.38
CA ARG A 24 -0.37 -19.31 -12.76
C ARG A 24 0.70 -19.94 -13.66
N PHE A 25 1.83 -20.30 -13.07
CA PHE A 25 2.88 -20.88 -13.86
C PHE A 25 2.40 -22.21 -14.35
N TYR A 26 2.07 -23.07 -13.41
CA TYR A 26 1.63 -24.39 -13.74
C TYR A 26 0.27 -24.35 -14.42
N LYS A 27 -0.61 -23.44 -14.01
CA LYS A 27 -1.88 -23.40 -14.69
C LYS A 27 -1.62 -23.06 -16.15
N THR A 28 -0.87 -21.97 -16.35
CA THR A 28 -0.51 -21.57 -17.70
C THR A 28 0.25 -22.68 -18.41
N LEU A 29 1.12 -23.37 -17.67
CA LEU A 29 1.92 -24.44 -18.26
C LEU A 29 0.97 -25.47 -18.84
N ARG A 30 -0.05 -25.78 -18.06
CA ARG A 30 -1.04 -26.74 -18.51
C ARG A 30 -1.52 -26.29 -19.84
N ALA A 31 -1.62 -24.95 -20.00
CA ALA A 31 -2.04 -24.37 -21.26
C ALA A 31 -0.95 -24.59 -22.32
N GLU A 32 0.28 -24.44 -21.92
CA GLU A 32 1.31 -24.68 -22.85
C GLU A 32 1.33 -26.17 -23.21
N GLN A 33 1.55 -26.45 -24.47
CA GLN A 33 1.54 -27.81 -24.92
C GLN A 33 2.94 -28.36 -24.98
N ALA A 34 3.52 -28.58 -23.81
CA ALA A 34 4.84 -29.14 -23.75
C ALA A 34 4.73 -30.58 -23.21
N SER A 35 5.58 -31.46 -23.72
CA SER A 35 5.51 -32.82 -23.27
C SER A 35 5.62 -32.82 -21.76
N GLN A 36 5.26 -33.93 -21.14
CA GLN A 36 5.32 -34.00 -19.69
C GLN A 36 6.76 -33.70 -19.22
N GLU A 37 7.73 -34.14 -20.01
CA GLU A 37 9.14 -33.89 -19.69
C GLU A 37 9.52 -32.46 -20.07
N VAL A 38 8.99 -31.98 -21.18
CA VAL A 38 9.25 -30.62 -21.63
C VAL A 38 8.57 -29.62 -20.70
N LYS A 39 7.49 -30.05 -20.04
CA LYS A 39 6.80 -29.21 -19.08
C LYS A 39 7.51 -29.32 -17.75
N ASN A 40 8.00 -30.53 -17.44
CA ASN A 40 8.69 -30.73 -16.17
C ASN A 40 9.99 -29.93 -16.11
N TRP A 41 10.69 -29.83 -17.22
CA TRP A 41 11.92 -29.07 -17.19
C TRP A 41 11.61 -27.57 -17.29
N MET A 42 10.43 -27.19 -17.85
CA MET A 42 10.04 -25.76 -17.86
C MET A 42 9.70 -25.39 -16.45
N THR A 43 8.96 -26.29 -15.86
CA THR A 43 8.54 -26.17 -14.51
C THR A 43 9.71 -25.79 -13.64
N GLU A 44 10.89 -26.30 -14.02
CA GLU A 44 12.11 -26.05 -13.27
C GLU A 44 12.88 -24.83 -13.74
N THR A 45 13.35 -24.90 -14.99
CA THR A 45 14.15 -23.82 -15.52
C THR A 45 13.35 -22.56 -15.69
N LEU A 46 12.07 -22.68 -16.26
CA LEU A 46 11.23 -21.48 -16.46
C LEU A 46 10.69 -20.96 -15.16
N LEU A 47 10.22 -21.82 -14.27
CA LEU A 47 9.69 -21.32 -13.02
C LEU A 47 10.65 -20.43 -12.28
N VAL A 48 11.89 -20.86 -12.08
CA VAL A 48 12.84 -20.00 -11.32
C VAL A 48 13.22 -18.69 -12.08
N GLN A 49 13.59 -18.82 -13.36
CA GLN A 49 14.07 -17.69 -14.20
C GLN A 49 13.08 -16.59 -14.41
N ASN A 50 11.83 -16.97 -14.57
CA ASN A 50 10.79 -15.98 -14.78
C ASN A 50 9.97 -15.84 -13.52
N ALA A 51 10.59 -16.04 -12.38
CA ALA A 51 9.87 -15.98 -11.14
C ALA A 51 10.11 -14.68 -10.35
N ASN A 52 10.08 -13.49 -10.98
CA ASN A 52 10.23 -12.30 -10.16
C ASN A 52 11.62 -12.24 -9.47
N PRO A 53 12.56 -11.41 -9.97
CA PRO A 53 13.93 -11.27 -9.39
C PRO A 53 13.97 -11.40 -7.87
N ASP A 54 12.86 -11.07 -7.17
CA ASP A 54 12.84 -11.24 -5.71
C ASP A 54 12.83 -12.70 -5.34
N CYS A 55 11.88 -13.43 -5.88
CA CYS A 55 11.78 -14.87 -5.60
C CYS A 55 12.82 -15.61 -6.39
N LYS A 56 12.93 -15.21 -7.62
CA LYS A 56 13.88 -15.78 -8.52
C LYS A 56 15.22 -15.82 -7.83
N THR A 57 15.64 -14.71 -7.21
CA THR A 57 16.91 -14.69 -6.49
C THR A 57 16.82 -15.53 -5.20
N ILE A 58 15.61 -15.65 -4.64
CA ILE A 58 15.40 -16.47 -3.45
C ILE A 58 15.60 -17.96 -3.76
N LEU A 59 15.18 -18.37 -4.96
CA LEU A 59 15.30 -19.74 -5.36
C LEU A 59 16.78 -20.11 -5.37
N LYS A 60 17.59 -19.25 -6.04
CA LYS A 60 19.04 -19.44 -6.11
C LYS A 60 19.60 -19.30 -4.72
N ALA A 61 19.04 -18.35 -3.98
CA ALA A 61 19.46 -18.10 -2.60
C ALA A 61 19.25 -19.35 -1.78
N LEU A 62 18.12 -20.00 -2.03
CA LEU A 62 17.81 -21.23 -1.37
C LEU A 62 18.84 -22.28 -1.80
N GLY A 63 19.52 -21.99 -2.90
CA GLY A 63 20.49 -22.88 -3.37
C GLY A 63 19.84 -23.80 -4.37
N PRO A 64 20.42 -23.93 -5.54
CA PRO A 64 19.89 -24.81 -6.62
C PRO A 64 19.56 -26.21 -6.12
N GLY A 65 18.54 -26.79 -6.71
CA GLY A 65 18.10 -28.10 -6.29
C GLY A 65 17.06 -27.91 -5.19
N ALA A 66 16.85 -26.63 -4.74
CA ALA A 66 15.86 -26.32 -3.71
C ALA A 66 14.56 -26.94 -4.07
N THR A 67 13.95 -27.60 -3.11
CA THR A 67 12.66 -28.20 -3.42
C THR A 67 11.62 -27.11 -3.60
N LEU A 68 10.68 -27.39 -4.48
CA LEU A 68 9.62 -26.45 -4.78
C LEU A 68 9.03 -25.90 -3.50
N GLU A 69 9.03 -26.73 -2.47
CA GLU A 69 8.49 -26.37 -1.16
C GLU A 69 9.34 -25.28 -0.48
N GLU A 70 10.70 -25.36 -0.67
CA GLU A 70 11.63 -24.38 -0.08
C GLU A 70 11.47 -23.02 -0.74
N MET A 71 11.45 -23.03 -2.07
CA MET A 71 11.24 -21.81 -2.82
C MET A 71 9.83 -21.34 -2.60
N MET A 72 8.93 -22.27 -2.39
CA MET A 72 7.59 -21.86 -2.13
C MET A 72 7.59 -21.15 -0.80
N THR A 73 8.23 -21.73 0.22
CA THR A 73 8.24 -21.08 1.53
C THR A 73 9.04 -19.75 1.51
N ALA A 74 10.23 -19.75 0.89
CA ALA A 74 11.07 -18.55 0.87
C ALA A 74 10.55 -17.47 -0.03
N CYS A 75 9.97 -17.87 -1.15
CA CYS A 75 9.44 -16.91 -2.10
C CYS A 75 8.02 -16.51 -1.72
N GLN A 76 7.44 -17.22 -0.71
CA GLN A 76 6.09 -16.95 -0.24
C GLN A 76 6.15 -15.79 0.77
N GLY A 77 7.36 -15.52 1.25
CA GLY A 77 7.55 -14.41 2.13
C GLY A 77 7.60 -13.10 1.32
N VAL A 78 7.59 -13.24 -0.01
CA VAL A 78 7.64 -12.08 -0.88
C VAL A 78 6.29 -11.54 -1.22
N GLY A 79 6.11 -10.24 -1.08
CA GLY A 79 4.87 -9.63 -1.46
C GLY A 79 4.39 -8.60 -0.45
N GLY A 80 4.06 -9.03 0.73
CA GLY A 80 3.54 -8.11 1.72
C GLY A 80 4.67 -7.39 2.49
N PRO A 81 4.32 -6.78 3.62
CA PRO A 81 5.27 -6.07 4.49
C PRO A 81 6.31 -7.06 5.00
N GLY A 82 6.04 -8.38 4.85
CA GLY A 82 7.03 -9.39 5.20
C GLY A 82 8.26 -9.14 4.38
N HIS A 83 8.03 -8.69 3.14
CA HIS A 83 9.13 -8.43 2.24
C HIS A 83 9.65 -7.12 2.35
N LYS A 84 8.78 -6.20 2.22
CA LYS A 84 9.18 -4.88 2.31
C LYS A 84 9.97 -4.74 3.61
N ALA A 85 9.61 -5.56 4.61
CA ALA A 85 10.30 -5.55 5.88
C ALA A 85 11.66 -6.25 5.85
N ARG A 86 11.65 -7.54 5.53
CA ARG A 86 12.88 -8.30 5.51
C ARG A 86 13.85 -7.68 4.53
N VAL A 87 13.32 -7.30 3.38
CA VAL A 87 14.12 -6.68 2.36
C VAL A 87 14.57 -5.29 2.78
N LEU A 88 13.66 -4.44 3.32
CA LEU A 88 14.14 -3.10 3.79
C LEU A 88 15.28 -3.37 4.80
N ALA A 89 15.13 -4.40 5.64
CA ALA A 89 16.18 -4.67 6.62
C ALA A 89 17.56 -4.95 6.00
N GLU A 90 17.62 -5.77 4.97
CA GLU A 90 18.90 -6.11 4.36
C GLU A 90 19.40 -4.97 3.49
N ALA A 91 18.52 -4.41 2.67
CA ALA A 91 18.86 -3.28 1.86
C ALA A 91 19.37 -2.17 2.78
N MET A 92 18.76 -2.09 3.94
CA MET A 92 19.15 -1.12 4.93
C MET A 92 20.56 -1.42 5.40
N SER A 93 20.85 -2.72 5.53
CA SER A 93 22.18 -3.13 5.96
C SER A 93 23.12 -3.35 4.73
N GLN A 94 22.56 -3.29 3.53
CA GLN A 94 23.34 -3.41 2.33
C GLN A 94 23.93 -2.04 1.96
N VAL A 95 23.32 -1.02 2.47
CA VAL A 95 23.86 0.28 2.22
C VAL A 95 24.84 0.64 3.34
N THR A 96 24.51 0.31 4.56
CA THR A 96 25.40 0.70 5.63
C THR A 96 26.83 0.17 5.43
N ASN A 97 26.97 -1.14 5.20
CA ASN A 97 28.30 -1.72 5.00
C ASN A 97 28.67 -1.84 3.51
N THR A 98 27.72 -2.37 2.75
CA THR A 98 27.89 -2.63 1.32
C THR A 98 27.59 -1.43 0.43
N ALA A 99 27.54 -0.22 0.99
CA ALA A 99 27.20 0.94 0.17
C ALA A 99 28.16 1.03 -1.01
N THR A 100 29.41 0.71 -0.78
CA THR A 100 30.35 0.73 -1.88
C THR A 100 30.16 -0.53 -2.71
N ILE A 101 29.66 -0.38 -3.93
CA ILE A 101 29.41 -1.54 -4.79
C ILE A 101 30.10 -1.38 -6.13
N MET A 102 30.88 -2.39 -6.52
CA MET A 102 31.59 -2.35 -7.80
C MET A 102 31.97 -3.76 -8.24
N GLY B 1 0.19 15.09 -31.86
CA GLY B 1 0.92 13.82 -32.15
C GLY B 1 0.70 12.85 -31.01
N GLY B 2 0.17 11.67 -31.34
CA GLY B 2 -0.09 10.66 -30.32
C GLY B 2 -1.48 10.84 -29.69
N SER B 3 -2.49 10.30 -30.36
CA SER B 3 -3.88 10.38 -29.88
C SER B 3 -4.21 9.22 -28.96
N PRO B 4 -5.26 9.33 -28.17
CA PRO B 4 -5.68 8.24 -27.24
C PRO B 4 -5.92 6.91 -27.96
N THR B 5 -5.64 5.82 -27.25
CA THR B 5 -5.79 4.45 -27.74
C THR B 5 -4.62 4.01 -28.59
N SER B 6 -3.79 4.95 -28.99
CA SER B 6 -2.63 4.61 -29.78
C SER B 6 -1.53 4.12 -28.86
N ILE B 7 -0.41 3.75 -29.45
CA ILE B 7 0.73 3.33 -28.67
C ILE B 7 1.41 4.58 -28.10
N LEU B 8 0.99 5.75 -28.61
CA LEU B 8 1.56 6.99 -28.15
C LEU B 8 0.88 7.33 -26.85
N ASP B 9 -0.38 6.94 -26.75
CA ASP B 9 -1.09 7.14 -25.51
C ASP B 9 -0.52 6.18 -24.50
N ILE B 10 -0.28 4.97 -24.97
CA ILE B 10 0.29 3.90 -24.16
C ILE B 10 1.46 4.42 -23.31
N ARG B 11 1.22 4.57 -21.99
CA ARG B 11 2.28 5.01 -21.07
C ARG B 11 2.29 4.17 -19.82
N GLN B 12 3.37 3.45 -19.61
CA GLN B 12 3.47 2.64 -18.45
C GLN B 12 3.25 3.53 -17.26
N GLY B 13 2.21 3.15 -16.54
CA GLY B 13 1.84 3.83 -15.33
C GLY B 13 3.04 3.83 -14.43
N PRO B 14 2.97 4.63 -13.40
CA PRO B 14 4.09 4.75 -12.42
C PRO B 14 4.46 3.40 -11.81
N LYS B 15 3.41 2.69 -11.41
CA LYS B 15 3.53 1.37 -10.83
C LYS B 15 3.21 0.32 -11.87
N GLU B 16 2.81 0.75 -13.05
CA GLU B 16 2.49 -0.19 -14.07
C GLU B 16 3.73 -0.98 -14.39
N PRO B 17 3.76 -2.28 -14.14
CA PRO B 17 4.94 -3.09 -14.44
C PRO B 17 5.09 -3.26 -15.89
N PHE B 18 6.27 -3.65 -16.27
CA PHE B 18 6.51 -3.85 -17.64
C PHE B 18 5.55 -4.93 -18.11
N ARG B 19 5.35 -5.94 -17.28
CA ARG B 19 4.45 -7.00 -17.68
C ARG B 19 2.97 -6.52 -17.89
N ASP B 20 2.48 -5.61 -17.05
CA ASP B 20 1.09 -5.11 -17.23
C ASP B 20 1.05 -4.00 -18.27
N TYR B 21 2.19 -3.34 -18.47
CA TYR B 21 2.29 -2.25 -19.43
C TYR B 21 2.48 -2.84 -20.82
N VAL B 22 3.53 -3.65 -20.93
CA VAL B 22 3.89 -4.33 -22.16
C VAL B 22 2.79 -5.25 -22.64
N ASP B 23 2.09 -5.91 -21.69
CA ASP B 23 1.01 -6.82 -22.08
C ASP B 23 0.02 -6.04 -22.90
N ARG B 24 -0.18 -4.77 -22.51
CA ARG B 24 -1.08 -3.87 -23.24
C ARG B 24 -0.36 -3.09 -24.38
N PHE B 25 0.94 -2.87 -24.27
CA PHE B 25 1.66 -2.09 -25.29
C PHE B 25 1.48 -2.73 -26.67
N TYR B 26 1.69 -4.02 -26.75
CA TYR B 26 1.59 -4.70 -28.03
C TYR B 26 0.13 -5.00 -28.41
N LYS B 27 -0.75 -4.98 -27.43
CA LYS B 27 -2.18 -5.14 -27.70
C LYS B 27 -2.72 -3.83 -28.29
N THR B 28 -2.33 -2.72 -27.66
CA THR B 28 -2.74 -1.38 -28.04
C THR B 28 -2.01 -0.94 -29.31
N LEU B 29 -0.75 -1.34 -29.43
CA LEU B 29 0.05 -1.01 -30.60
C LEU B 29 -0.70 -1.51 -31.84
N ARG B 30 -1.32 -2.68 -31.71
CA ARG B 30 -2.08 -3.23 -32.81
C ARG B 30 -3.18 -2.25 -33.17
N ALA B 31 -3.74 -1.67 -32.11
CA ALA B 31 -4.81 -0.69 -32.20
C ALA B 31 -4.31 0.52 -32.94
N GLU B 32 -3.01 0.75 -32.83
CA GLU B 32 -2.45 1.84 -33.57
C GLU B 32 -2.14 1.23 -34.91
N GLN B 33 -2.95 1.56 -35.87
CA GLN B 33 -2.82 0.98 -37.18
C GLN B 33 -1.57 1.42 -37.81
N ALA B 34 -0.56 0.68 -37.54
CA ALA B 34 0.71 0.93 -38.08
C ALA B 34 1.10 -0.34 -38.82
N SER B 35 2.01 -0.22 -39.76
CA SER B 35 2.41 -1.38 -40.51
C SER B 35 3.47 -2.08 -39.67
N GLN B 36 3.82 -3.30 -40.02
CA GLN B 36 4.84 -3.94 -39.25
C GLN B 36 6.00 -2.96 -39.08
N GLU B 37 6.35 -2.24 -40.15
CA GLU B 37 7.45 -1.30 -40.04
C GLU B 37 7.10 -0.18 -39.04
N VAL B 38 6.07 0.59 -39.33
CA VAL B 38 5.68 1.70 -38.46
C VAL B 38 5.50 1.23 -37.03
N LYS B 39 4.75 0.18 -36.88
CA LYS B 39 4.52 -0.36 -35.57
C LYS B 39 5.86 -0.65 -34.91
N ASN B 40 6.68 -1.45 -35.59
CA ASN B 40 7.94 -1.88 -34.99
C ASN B 40 8.77 -0.77 -34.37
N TRP B 41 9.23 0.19 -35.15
CA TRP B 41 10.07 1.19 -34.52
C TRP B 41 9.29 1.88 -33.43
N MET B 42 7.95 2.02 -33.54
CA MET B 42 7.21 2.60 -32.42
C MET B 42 7.48 1.71 -31.26
N THR B 43 7.36 0.42 -31.52
CA THR B 43 7.60 -0.53 -30.48
C THR B 43 8.92 -0.18 -29.82
N GLU B 44 9.86 0.31 -30.59
CA GLU B 44 11.14 0.68 -30.01
C GLU B 44 11.19 2.10 -29.45
N THR B 45 10.99 3.08 -30.33
CA THR B 45 11.02 4.48 -29.93
C THR B 45 9.97 4.78 -28.86
N LEU B 46 8.88 3.99 -28.79
CA LEU B 46 7.85 4.21 -27.73
C LEU B 46 8.11 3.33 -26.48
N LEU B 47 7.99 1.98 -26.65
CA LEU B 47 8.10 1.03 -25.50
C LEU B 47 9.14 1.43 -24.49
N VAL B 48 10.19 2.14 -24.88
CA VAL B 48 11.17 2.56 -23.88
C VAL B 48 10.78 3.94 -23.30
N GLN B 49 10.48 4.88 -24.22
CA GLN B 49 10.13 6.28 -23.89
C GLN B 49 8.86 6.49 -23.08
N ASN B 50 7.82 5.78 -23.39
CA ASN B 50 6.58 5.96 -22.68
C ASN B 50 6.42 4.88 -21.63
N ALA B 51 7.51 4.19 -21.31
CA ALA B 51 7.43 3.11 -20.36
C ALA B 51 7.81 3.45 -18.95
N ASN B 52 7.03 4.30 -18.26
CA ASN B 52 7.28 4.49 -16.82
C ASN B 52 8.72 4.90 -16.50
N PRO B 53 8.99 6.18 -16.20
CA PRO B 53 10.37 6.66 -15.89
C PRO B 53 11.24 5.60 -15.18
N ASP B 54 10.61 4.69 -14.39
CA ASP B 54 11.37 3.59 -13.74
C ASP B 54 11.80 2.56 -14.79
N CYS B 55 10.81 1.91 -15.43
CA CYS B 55 11.07 0.91 -16.47
C CYS B 55 11.77 1.55 -17.63
N LYS B 56 11.21 2.66 -18.07
CA LYS B 56 11.75 3.44 -19.16
C LYS B 56 13.23 3.62 -18.95
N THR B 57 13.58 4.33 -17.88
CA THR B 57 14.98 4.56 -17.58
C THR B 57 15.70 3.25 -17.38
N ILE B 58 14.91 2.15 -17.12
CA ILE B 58 15.50 0.80 -16.94
C ILE B 58 15.87 0.20 -18.28
N LEU B 59 15.02 0.32 -19.26
CA LEU B 59 15.37 -0.23 -20.53
C LEU B 59 16.69 0.41 -20.92
N LYS B 60 16.75 1.71 -20.69
CA LYS B 60 17.94 2.48 -20.95
C LYS B 60 19.02 2.04 -19.97
N ALA B 61 18.61 1.78 -18.72
CA ALA B 61 19.59 1.41 -17.68
C ALA B 61 20.30 0.17 -18.09
N LEU B 62 19.54 -0.74 -18.68
CA LEU B 62 20.08 -1.99 -19.17
C LEU B 62 20.93 -1.75 -20.39
N GLY B 63 20.87 -0.51 -20.90
CA GLY B 63 21.57 -0.18 -22.11
C GLY B 63 20.51 -0.16 -23.22
N PRO B 64 20.17 1.00 -23.79
CA PRO B 64 19.13 1.11 -24.85
C PRO B 64 19.32 0.07 -25.95
N GLY B 65 18.21 -0.30 -26.59
CA GLY B 65 18.27 -1.34 -27.59
C GLY B 65 18.33 -2.68 -26.88
N ALA B 66 18.30 -2.64 -25.52
CA ALA B 66 18.38 -3.83 -24.70
C ALA B 66 17.42 -4.85 -25.20
N THR B 67 17.84 -6.10 -25.14
CA THR B 67 16.95 -7.12 -25.59
C THR B 67 15.72 -7.07 -24.74
N LEU B 68 14.58 -7.41 -25.35
CA LEU B 68 13.34 -7.36 -24.64
C LEU B 68 13.42 -8.21 -23.38
N GLU B 69 14.35 -9.17 -23.37
CA GLU B 69 14.53 -10.02 -22.19
C GLU B 69 15.14 -9.23 -21.03
N GLU B 70 16.06 -8.32 -21.36
CA GLU B 70 16.68 -7.51 -20.31
C GLU B 70 15.67 -6.49 -19.80
N MET B 71 15.02 -5.78 -20.72
CA MET B 71 14.04 -4.78 -20.33
C MET B 71 12.98 -5.48 -19.51
N MET B 72 12.61 -6.67 -19.97
CA MET B 72 11.59 -7.45 -19.30
C MET B 72 12.03 -7.89 -17.91
N THR B 73 13.20 -8.49 -17.77
CA THR B 73 13.62 -8.96 -16.45
C THR B 73 13.72 -7.79 -15.49
N ALA B 74 14.44 -6.77 -15.95
CA ALA B 74 14.64 -5.57 -15.16
C ALA B 74 13.33 -4.81 -14.87
N CYS B 75 12.43 -4.78 -15.85
CA CYS B 75 11.21 -4.03 -15.66
C CYS B 75 10.10 -4.94 -15.13
N GLN B 76 10.30 -6.26 -15.21
CA GLN B 76 9.34 -7.20 -14.65
C GLN B 76 9.61 -7.36 -13.16
N GLY B 77 10.72 -6.77 -12.71
CA GLY B 77 11.01 -6.73 -11.30
C GLY B 77 10.34 -5.45 -10.76
N VAL B 78 10.06 -4.46 -11.70
CA VAL B 78 9.34 -3.17 -11.30
C VAL B 78 7.84 -3.41 -11.08
N GLY B 79 7.37 -2.94 -9.93
CA GLY B 79 5.98 -3.05 -9.55
C GLY B 79 5.85 -3.52 -8.12
N GLY B 80 6.47 -4.63 -7.85
CA GLY B 80 6.41 -5.23 -6.52
C GLY B 80 7.33 -4.57 -5.54
N PRO B 81 7.12 -4.87 -4.27
CA PRO B 81 7.90 -4.30 -3.19
C PRO B 81 9.33 -4.66 -3.28
N GLY B 82 9.64 -5.68 -4.07
CA GLY B 82 11.04 -5.97 -4.29
C GLY B 82 11.58 -4.69 -4.88
N HIS B 83 10.75 -4.08 -5.74
CA HIS B 83 11.09 -2.84 -6.36
C HIS B 83 10.94 -1.67 -5.47
N LYS B 84 9.79 -1.55 -4.81
CA LYS B 84 9.63 -0.43 -3.90
C LYS B 84 10.75 -0.51 -2.83
N ALA B 85 11.34 -1.71 -2.70
CA ALA B 85 12.43 -1.99 -1.76
C ALA B 85 13.81 -1.66 -2.33
N ARG B 86 14.18 -2.29 -3.44
CA ARG B 86 15.48 -2.02 -4.05
C ARG B 86 15.55 -0.53 -4.41
N VAL B 87 14.45 -0.03 -5.02
CA VAL B 87 14.36 1.37 -5.37
C VAL B 87 14.35 2.21 -4.10
N LEU B 88 13.97 1.62 -2.97
CA LEU B 88 13.99 2.37 -1.70
C LEU B 88 15.45 2.46 -1.23
N ALA B 89 16.17 1.37 -1.44
CA ALA B 89 17.58 1.28 -1.06
C ALA B 89 18.42 2.30 -1.82
N GLU B 90 18.09 2.47 -3.11
CA GLU B 90 18.82 3.40 -3.98
C GLU B 90 18.27 4.81 -3.87
N ALA B 91 17.01 4.96 -3.56
CA ALA B 91 16.54 6.32 -3.35
C ALA B 91 17.30 6.78 -2.12
N MET B 92 17.35 5.85 -1.17
CA MET B 92 18.07 6.00 0.09
C MET B 92 19.59 6.17 -0.16
N SER B 93 20.14 5.41 -1.12
CA SER B 93 21.56 5.50 -1.38
C SER B 93 21.88 6.66 -2.32
N GLN B 94 20.85 7.25 -2.93
CA GLN B 94 21.06 8.43 -3.77
C GLN B 94 21.15 9.64 -2.85
N VAL B 95 20.40 9.58 -1.75
CA VAL B 95 20.45 10.63 -0.72
C VAL B 95 21.80 10.59 0.04
N THR B 96 22.26 9.41 0.41
CA THR B 96 23.48 9.34 1.21
C THR B 96 24.70 9.95 0.51
N ASN B 97 24.98 9.54 -0.71
CA ASN B 97 26.12 10.08 -1.45
C ASN B 97 25.74 11.25 -2.36
N THR B 98 24.59 11.10 -3.01
CA THR B 98 24.09 12.06 -3.99
C THR B 98 23.07 13.06 -3.42
N ALA B 99 22.95 13.20 -2.09
CA ALA B 99 21.93 14.11 -1.56
C ALA B 99 22.13 15.49 -2.15
N THR B 100 23.38 15.89 -2.31
CA THR B 100 23.62 17.18 -2.93
C THR B 100 23.43 17.00 -4.42
N ILE B 101 22.38 17.64 -4.95
CA ILE B 101 22.07 17.50 -6.37
C ILE B 101 22.00 18.86 -7.05
N MET B 102 22.74 19.00 -8.16
CA MET B 102 22.76 20.25 -8.90
C MET B 102 23.20 20.01 -10.34
N GLY C 1 -19.21 28.03 -4.46
CA GLY C 1 -19.17 27.82 -5.93
C GLY C 1 -18.38 26.54 -6.24
N GLY C 2 -18.55 26.02 -7.45
CA GLY C 2 -17.85 24.82 -7.86
C GLY C 2 -18.37 23.57 -7.14
N SER C 3 -19.69 23.49 -6.95
CA SER C 3 -20.32 22.35 -6.27
C SER C 3 -20.12 21.04 -7.09
N PRO C 4 -20.47 19.90 -6.53
CA PRO C 4 -20.29 18.54 -7.18
C PRO C 4 -20.84 18.42 -8.61
N THR C 5 -20.19 17.51 -9.38
CA THR C 5 -20.56 17.20 -10.77
C THR C 5 -19.95 18.17 -11.77
N SER C 6 -19.81 19.41 -11.37
CA SER C 6 -19.18 20.36 -12.28
C SER C 6 -17.71 20.00 -12.33
N ILE C 7 -17.00 20.46 -13.35
CA ILE C 7 -15.57 20.21 -13.44
C ILE C 7 -14.86 20.87 -12.28
N LEU C 8 -15.58 21.77 -11.55
CA LEU C 8 -14.98 22.50 -10.43
C LEU C 8 -14.75 21.58 -9.26
N ASP C 9 -15.78 20.82 -8.95
CA ASP C 9 -15.69 19.85 -7.90
C ASP C 9 -15.07 18.60 -8.49
N ILE C 10 -13.90 18.78 -9.07
CA ILE C 10 -13.17 17.69 -9.67
C ILE C 10 -11.73 17.77 -9.24
N ARG C 11 -11.17 16.69 -8.68
CA ARG C 11 -9.76 16.74 -8.25
C ARG C 11 -9.03 15.41 -8.39
N GLN C 12 -7.69 15.51 -8.62
CA GLN C 12 -6.87 14.33 -8.69
C GLN C 12 -6.83 13.81 -7.31
N GLY C 13 -7.18 12.59 -7.16
CA GLY C 13 -7.12 12.07 -5.86
C GLY C 13 -5.66 12.04 -5.46
N PRO C 14 -5.40 11.84 -4.22
CA PRO C 14 -4.00 11.74 -3.77
C PRO C 14 -3.26 10.61 -4.50
N LYS C 15 -3.89 9.44 -4.61
CA LYS C 15 -3.26 8.32 -5.31
C LYS C 15 -3.70 8.22 -6.75
N GLU C 16 -4.84 8.81 -7.06
CA GLU C 16 -5.34 8.76 -8.41
C GLU C 16 -4.27 9.29 -9.36
N PRO C 17 -3.70 8.45 -10.22
CA PRO C 17 -2.64 8.87 -11.19
C PRO C 17 -3.04 10.07 -11.97
N PHE C 18 -2.05 10.82 -12.47
CA PHE C 18 -2.35 12.00 -13.27
C PHE C 18 -3.12 11.54 -14.47
N ARG C 19 -2.69 10.38 -14.98
CA ARG C 19 -3.35 9.76 -16.13
C ARG C 19 -4.79 9.42 -15.78
N ASP C 20 -5.05 9.09 -14.51
CA ASP C 20 -6.43 8.75 -14.07
C ASP C 20 -7.20 9.98 -13.64
N TYR C 21 -6.49 10.92 -13.15
CA TYR C 21 -7.16 12.10 -12.72
C TYR C 21 -7.64 12.86 -13.92
N VAL C 22 -6.78 12.99 -14.86
CA VAL C 22 -7.13 13.63 -16.09
C VAL C 22 -8.42 13.01 -16.61
N ASP C 23 -8.51 11.66 -16.51
CA ASP C 23 -9.71 10.89 -16.96
C ASP C 23 -10.98 11.25 -16.13
N ARG C 24 -10.74 11.61 -14.85
CA ARG C 24 -11.78 12.06 -13.92
C ARG C 24 -12.02 13.57 -14.07
N PHE C 25 -11.03 14.29 -14.64
CA PHE C 25 -11.18 15.71 -14.84
C PHE C 25 -12.03 16.04 -16.05
N TYR C 26 -11.47 15.72 -17.22
CA TYR C 26 -12.13 16.00 -18.51
C TYR C 26 -13.51 15.32 -18.66
N LYS C 27 -13.66 14.07 -18.23
CA LYS C 27 -14.96 13.39 -18.36
C LYS C 27 -16.08 14.15 -17.59
N THR C 28 -15.78 14.54 -16.35
CA THR C 28 -16.74 15.28 -15.52
C THR C 28 -17.09 16.67 -16.15
N LEU C 29 -16.09 17.28 -16.84
CA LEU C 29 -16.25 18.57 -17.54
C LEU C 29 -17.26 18.42 -18.67
N ARG C 30 -17.14 17.32 -19.42
CA ARG C 30 -18.07 17.05 -20.54
C ARG C 30 -19.52 17.07 -19.99
N ALA C 31 -19.65 16.77 -18.69
CA ALA C 31 -20.94 16.80 -18.01
C ALA C 31 -21.40 18.25 -17.86
N GLU C 32 -20.43 19.15 -17.66
CA GLU C 32 -20.74 20.57 -17.53
C GLU C 32 -20.78 21.17 -18.93
N GLN C 33 -21.97 21.43 -19.44
CA GLN C 33 -22.12 21.95 -20.81
C GLN C 33 -21.71 23.40 -20.87
N ALA C 34 -20.44 23.63 -21.20
CA ALA C 34 -19.88 25.00 -21.23
C ALA C 34 -19.27 25.28 -22.56
N SER C 35 -18.89 26.53 -22.80
CA SER C 35 -18.27 26.82 -24.07
C SER C 35 -16.95 26.07 -24.11
N GLN C 36 -16.44 25.81 -25.30
CA GLN C 36 -15.18 25.09 -25.43
C GLN C 36 -14.08 25.83 -24.71
N GLU C 37 -14.12 27.15 -24.76
CA GLU C 37 -13.12 27.97 -24.07
C GLU C 37 -13.28 27.85 -22.55
N VAL C 38 -14.54 27.82 -22.12
CA VAL C 38 -14.84 27.67 -20.71
C VAL C 38 -14.39 26.28 -20.26
N LYS C 39 -14.65 25.29 -21.10
CA LYS C 39 -14.26 23.92 -20.79
C LYS C 39 -12.74 23.72 -20.95
N ASN C 40 -12.17 24.27 -22.01
CA ASN C 40 -10.73 24.12 -22.24
C ASN C 40 -9.93 24.87 -21.17
N TRP C 41 -10.17 26.16 -21.02
CA TRP C 41 -9.47 26.87 -20.00
C TRP C 41 -9.84 26.19 -18.67
N MET C 42 -11.08 25.57 -18.55
CA MET C 42 -11.39 24.86 -17.29
C MET C 42 -10.34 23.80 -17.14
N THR C 43 -10.19 23.11 -18.24
CA THR C 43 -9.23 22.07 -18.37
C THR C 43 -7.84 22.59 -18.07
N GLU C 44 -7.65 23.89 -18.15
CA GLU C 44 -6.35 24.43 -17.83
C GLU C 44 -6.20 24.78 -16.35
N THR C 45 -7.01 25.74 -15.88
CA THR C 45 -6.92 26.18 -14.49
C THR C 45 -7.48 25.15 -13.51
N LEU C 46 -8.62 24.53 -13.82
CA LEU C 46 -9.19 23.54 -12.88
C LEU C 46 -8.35 22.29 -12.83
N LEU C 47 -7.86 21.84 -13.97
CA LEU C 47 -7.03 20.65 -14.00
C LEU C 47 -5.86 20.80 -13.04
N VAL C 48 -4.96 21.74 -13.35
CA VAL C 48 -3.76 21.93 -12.57
C VAL C 48 -4.03 22.12 -11.07
N GLN C 49 -4.85 23.08 -10.69
CA GLN C 49 -5.12 23.35 -9.27
C GLN C 49 -5.77 22.16 -8.58
N ASN C 50 -6.62 21.46 -9.31
CA ASN C 50 -7.31 20.30 -8.80
C ASN C 50 -6.54 19.03 -9.07
N ALA C 51 -5.28 19.14 -9.48
CA ALA C 51 -4.53 17.94 -9.85
C ALA C 51 -3.72 17.28 -8.74
N ASN C 52 -4.17 17.24 -7.45
CA ASN C 52 -3.33 16.52 -6.47
C ASN C 52 -2.02 17.25 -6.24
N PRO C 53 -1.80 17.91 -5.10
CA PRO C 53 -0.55 18.67 -4.82
C PRO C 53 0.73 18.01 -5.40
N ASP C 54 0.70 16.70 -5.69
CA ASP C 54 1.87 16.11 -6.33
C ASP C 54 1.90 16.52 -7.81
N CYS C 55 0.92 16.04 -8.64
CA CYS C 55 0.97 16.42 -10.04
C CYS C 55 0.99 17.90 -10.08
N LYS C 56 0.07 18.49 -9.35
CA LYS C 56 -0.01 19.92 -9.21
C LYS C 56 1.38 20.57 -9.09
N THR C 57 2.30 19.91 -8.36
CA THR C 57 3.64 20.48 -8.21
C THR C 57 4.53 20.09 -9.40
N ILE C 58 4.38 18.85 -9.88
CA ILE C 58 5.14 18.42 -11.05
C ILE C 58 4.84 19.31 -12.18
N LEU C 59 3.56 19.64 -12.28
CA LEU C 59 3.06 20.47 -13.31
C LEU C 59 3.77 21.81 -13.36
N LYS C 60 3.66 22.60 -12.29
CA LYS C 60 4.29 23.90 -12.28
C LYS C 60 5.75 23.73 -12.60
N ALA C 61 6.28 22.61 -12.13
CA ALA C 61 7.67 22.30 -12.34
C ALA C 61 7.99 22.06 -13.82
N LEU C 62 7.11 21.32 -14.50
CA LEU C 62 7.35 21.01 -15.91
C LEU C 62 7.67 22.27 -16.69
N GLY C 63 7.28 23.44 -16.13
CA GLY C 63 7.51 24.72 -16.75
C GLY C 63 6.25 25.14 -17.50
N PRO C 64 5.90 26.39 -17.49
CA PRO C 64 4.69 26.85 -18.23
C PRO C 64 4.75 26.40 -19.69
N GLY C 65 3.62 25.89 -20.17
CA GLY C 65 3.54 25.39 -21.54
C GLY C 65 3.55 23.87 -21.57
N ALA C 66 3.74 23.23 -20.38
CA ALA C 66 3.74 21.76 -20.35
C ALA C 66 2.46 21.28 -21.00
N THR C 67 2.58 20.65 -22.11
CA THR C 67 1.37 20.19 -22.70
C THR C 67 0.82 19.09 -21.80
N LEU C 68 -0.48 18.87 -21.87
CA LEU C 68 -1.07 17.83 -21.06
C LEU C 68 -0.29 16.53 -21.19
N GLU C 69 0.40 16.36 -22.33
CA GLU C 69 1.17 15.16 -22.54
C GLU C 69 2.37 15.13 -21.58
N GLU C 70 3.02 16.32 -21.40
CA GLU C 70 4.16 16.45 -20.52
C GLU C 70 3.72 16.17 -19.10
N MET C 71 2.56 16.70 -18.73
CA MET C 71 2.05 16.42 -17.41
C MET C 71 1.83 14.94 -17.36
N MET C 72 1.28 14.43 -18.47
CA MET C 72 0.99 12.99 -18.66
C MET C 72 2.26 12.10 -18.79
N THR C 73 3.43 12.66 -19.11
CA THR C 73 4.63 11.85 -19.15
C THR C 73 5.26 11.86 -17.73
N ALA C 74 5.41 13.08 -17.16
CA ALA C 74 6.02 13.26 -15.83
C ALA C 74 5.18 12.75 -14.70
N CYS C 75 3.92 13.17 -14.71
CA CYS C 75 2.99 12.85 -13.62
C CYS C 75 2.50 11.45 -13.72
N GLN C 76 2.64 10.89 -14.92
CA GLN C 76 2.30 9.52 -15.10
C GLN C 76 3.41 8.65 -14.47
N GLY C 77 4.43 9.33 -13.92
CA GLY C 77 5.49 8.65 -13.20
C GLY C 77 5.13 8.68 -11.69
N VAL C 78 3.96 9.30 -11.33
CA VAL C 78 3.49 9.35 -9.94
C VAL C 78 2.51 8.23 -9.63
N GLY C 79 2.89 7.29 -8.81
CA GLY C 79 1.97 6.24 -8.40
C GLY C 79 2.65 5.41 -7.37
N GLY C 80 2.57 4.09 -7.53
CA GLY C 80 3.26 3.17 -6.61
C GLY C 80 4.74 3.58 -6.43
N PRO C 81 5.68 2.67 -6.52
CA PRO C 81 7.11 3.02 -6.30
C PRO C 81 7.52 4.29 -7.06
N GLY C 82 6.73 4.70 -8.10
CA GLY C 82 7.11 5.86 -8.84
C GLY C 82 7.24 6.98 -7.85
N HIS C 83 6.31 7.03 -6.90
CA HIS C 83 6.40 8.04 -5.89
C HIS C 83 7.06 7.65 -4.70
N LYS C 84 6.64 6.59 -4.22
CA LYS C 84 7.21 6.11 -3.07
C LYS C 84 8.73 5.92 -3.24
N ALA C 85 9.27 6.01 -4.48
CA ALA C 85 10.75 5.94 -4.68
C ALA C 85 11.45 7.32 -4.61
N ARG C 86 11.13 8.16 -5.61
CA ARG C 86 11.71 9.51 -5.76
C ARG C 86 11.35 10.46 -4.64
N VAL C 87 10.04 10.54 -4.37
CA VAL C 87 9.52 11.41 -3.33
C VAL C 87 10.12 10.99 -2.02
N LEU C 88 10.21 9.69 -1.85
CA LEU C 88 10.79 9.17 -0.63
C LEU C 88 12.22 9.68 -0.44
N ALA C 89 12.98 9.64 -1.52
CA ALA C 89 14.37 10.09 -1.48
C ALA C 89 14.48 11.61 -1.24
N GLU C 90 13.60 12.40 -1.87
CA GLU C 90 13.69 13.86 -1.75
C GLU C 90 13.31 14.32 -0.38
N ALA C 91 12.28 13.75 0.18
CA ALA C 91 11.95 14.12 1.53
C ALA C 91 13.12 13.73 2.44
N MET C 92 13.66 12.53 2.15
CA MET C 92 14.77 11.92 2.90
C MET C 92 16.01 12.82 2.89
N SER C 93 16.41 13.35 1.72
CA SER C 93 17.62 14.18 1.67
C SER C 93 17.32 15.67 1.81
N GLN C 94 16.07 16.05 1.68
CA GLN C 94 15.77 17.48 1.76
C GLN C 94 15.90 17.93 3.19
N VAL C 95 15.09 17.33 4.04
CA VAL C 95 15.11 17.66 5.42
C VAL C 95 16.56 17.56 5.92
N THR C 96 17.32 16.58 5.40
CA THR C 96 18.69 16.40 5.84
C THR C 96 19.49 17.71 5.82
N ASN C 97 19.60 18.37 4.66
CA ASN C 97 20.32 19.65 4.56
C ASN C 97 19.36 20.81 4.79
N THR C 98 18.25 20.71 4.11
CA THR C 98 17.16 21.67 4.11
C THR C 98 16.32 21.61 5.39
N ALA C 99 16.82 20.97 6.46
CA ALA C 99 16.00 20.81 7.66
C ALA C 99 15.53 22.17 8.14
N THR C 100 16.36 23.19 8.03
CA THR C 100 15.92 24.51 8.42
C THR C 100 15.04 25.05 7.30
N ILE C 101 13.74 25.15 7.56
CA ILE C 101 12.81 25.65 6.56
C ILE C 101 12.01 26.82 7.12
N MET C 102 12.04 27.95 6.42
CA MET C 102 11.31 29.13 6.87
C MET C 102 11.19 30.16 5.75
N GLY D 1 -23.90 10.42 22.03
CA GLY D 1 -23.44 11.63 21.30
C GLY D 1 -23.06 11.28 19.86
N GLY D 2 -24.08 11.15 19.02
CA GLY D 2 -23.84 10.80 17.62
C GLY D 2 -24.27 9.36 17.34
N SER D 3 -25.47 9.19 16.76
CA SER D 3 -26.00 7.86 16.45
C SER D 3 -25.58 7.41 15.04
N PRO D 4 -25.66 6.12 14.76
CA PRO D 4 -25.28 5.54 13.43
C PRO D 4 -26.08 6.15 12.28
N THR D 5 -25.44 6.24 11.10
CA THR D 5 -26.05 6.82 9.89
C THR D 5 -26.06 8.32 9.94
N SER D 6 -26.32 8.90 11.10
CA SER D 6 -26.35 10.34 11.20
C SER D 6 -25.00 10.93 10.87
N ILE D 7 -25.01 12.19 10.48
CA ILE D 7 -23.79 12.89 10.13
C ILE D 7 -22.82 12.88 11.30
N LEU D 8 -23.31 12.56 12.45
CA LEU D 8 -22.43 12.49 13.57
C LEU D 8 -21.63 11.22 13.39
N ASP D 9 -22.34 10.14 13.00
CA ASP D 9 -21.66 8.88 12.73
C ASP D 9 -20.66 9.08 11.60
N ILE D 10 -20.94 10.05 10.76
CA ILE D 10 -20.08 10.36 9.63
C ILE D 10 -18.67 10.75 10.05
N ARG D 11 -17.71 10.08 9.43
CA ARG D 11 -16.30 10.35 9.68
C ARG D 11 -15.45 10.04 8.48
N GLN D 12 -14.64 11.02 8.10
CA GLN D 12 -13.75 10.84 6.99
C GLN D 12 -12.85 9.71 7.28
N GLY D 13 -12.99 8.65 6.52
CA GLY D 13 -12.11 7.53 6.66
C GLY D 13 -10.73 8.08 6.50
N PRO D 14 -9.78 7.56 7.18
CA PRO D 14 -8.44 8.18 7.09
C PRO D 14 -8.03 8.36 5.61
N LYS D 15 -8.17 7.30 4.87
CA LYS D 15 -7.85 7.40 3.49
C LYS D 15 -8.95 8.15 2.78
N GLU D 16 -10.13 8.15 3.38
CA GLU D 16 -11.22 8.84 2.77
C GLU D 16 -10.79 10.24 2.52
N PRO D 17 -10.60 10.64 1.28
CA PRO D 17 -10.21 12.03 1.00
C PRO D 17 -11.20 12.96 1.59
N PHE D 18 -10.79 14.22 1.79
CA PHE D 18 -11.70 15.19 2.33
C PHE D 18 -12.77 15.38 1.34
N ARG D 19 -12.40 15.39 0.06
CA ARG D 19 -13.40 15.55 -0.98
C ARG D 19 -14.39 14.38 -0.91
N ASP D 20 -13.87 13.17 -0.86
CA ASP D 20 -14.78 12.01 -0.78
C ASP D 20 -15.59 12.09 0.48
N TYR D 21 -14.93 12.53 1.51
CA TYR D 21 -15.53 12.67 2.80
C TYR D 21 -16.70 13.61 2.71
N VAL D 22 -16.49 14.68 2.01
CA VAL D 22 -17.50 15.67 1.88
C VAL D 22 -18.75 15.08 1.22
N ASP D 23 -18.58 14.27 0.20
CA ASP D 23 -19.74 13.72 -0.49
C ASP D 23 -20.55 12.80 0.43
N ARG D 24 -19.88 11.86 1.07
CA ARG D 24 -20.60 10.96 1.94
C ARG D 24 -21.18 11.74 3.11
N PHE D 25 -20.47 12.76 3.56
CA PHE D 25 -20.93 13.54 4.69
C PHE D 25 -22.23 14.25 4.36
N TYR D 26 -22.17 15.04 3.29
CA TYR D 26 -23.29 15.87 2.89
C TYR D 26 -24.51 15.04 2.50
N LYS D 27 -24.29 13.95 1.74
CA LYS D 27 -25.38 13.02 1.42
C LYS D 27 -25.86 12.32 2.69
N THR D 28 -24.91 11.92 3.55
CA THR D 28 -25.28 11.23 4.77
C THR D 28 -26.08 12.18 5.63
N LEU D 29 -25.67 13.42 5.55
CA LEU D 29 -26.34 14.50 6.29
C LEU D 29 -27.70 14.61 5.71
N ARG D 30 -27.80 14.54 4.39
CA ARG D 30 -29.08 14.63 3.76
C ARG D 30 -29.96 13.56 4.39
N ALA D 31 -29.31 12.44 4.72
CA ALA D 31 -30.01 11.32 5.35
C ALA D 31 -30.54 11.69 6.73
N GLU D 32 -29.84 12.59 7.40
CA GLU D 32 -30.25 13.08 8.74
C GLU D 32 -31.05 14.35 8.55
N GLN D 33 -32.23 14.41 9.09
CA GLN D 33 -33.06 15.58 8.90
C GLN D 33 -32.61 16.76 9.70
N ALA D 34 -31.47 17.31 9.34
CA ALA D 34 -30.98 18.48 10.04
C ALA D 34 -31.49 19.74 9.30
N SER D 35 -31.99 20.75 10.03
CA SER D 35 -32.44 21.94 9.35
C SER D 35 -31.22 22.48 8.64
N GLN D 36 -31.41 23.41 7.70
CA GLN D 36 -30.26 23.92 6.99
C GLN D 36 -29.33 24.53 7.99
N GLU D 37 -29.92 25.15 9.01
CA GLU D 37 -29.14 25.77 10.09
C GLU D 37 -28.31 24.74 10.87
N VAL D 38 -29.00 23.58 11.21
CA VAL D 38 -28.39 22.44 11.94
C VAL D 38 -27.33 21.77 11.08
N LYS D 39 -27.71 21.50 9.82
CA LYS D 39 -26.81 20.90 8.86
C LYS D 39 -25.63 21.82 8.65
N ASN D 40 -25.90 23.06 8.31
CA ASN D 40 -24.84 24.04 8.10
C ASN D 40 -24.02 24.20 9.36
N TRP D 41 -24.60 23.78 10.46
CA TRP D 41 -23.95 23.83 11.73
C TRP D 41 -23.18 22.52 12.00
N MET D 42 -23.60 21.44 11.29
CA MET D 42 -22.96 20.10 11.35
C MET D 42 -21.88 20.06 10.30
N THR D 43 -22.32 20.39 9.11
CA THR D 43 -21.48 20.53 7.95
C THR D 43 -20.37 21.50 8.28
N GLU D 44 -20.57 22.31 9.33
CA GLU D 44 -19.52 23.20 9.73
C GLU D 44 -18.64 22.55 10.81
N THR D 45 -19.28 22.26 11.95
CA THR D 45 -18.57 21.70 13.09
C THR D 45 -18.14 20.25 12.87
N LEU D 46 -19.10 19.35 12.64
CA LEU D 46 -18.78 17.93 12.46
C LEU D 46 -17.76 17.77 11.36
N LEU D 47 -18.05 18.31 10.17
CA LEU D 47 -17.14 18.20 9.02
C LEU D 47 -15.66 18.39 9.40
N VAL D 48 -15.25 19.60 9.81
CA VAL D 48 -13.84 19.90 10.15
C VAL D 48 -13.30 19.05 11.33
N GLN D 49 -14.21 18.45 12.12
CA GLN D 49 -13.81 17.65 13.28
C GLN D 49 -13.72 16.18 12.96
N ASN D 50 -14.79 15.65 12.44
CA ASN D 50 -14.84 14.24 12.11
C ASN D 50 -14.30 14.00 10.71
N ALA D 51 -13.58 14.98 10.17
CA ALA D 51 -13.01 14.83 8.84
C ALA D 51 -11.65 14.18 8.88
N ASN D 52 -11.46 13.15 9.74
CA ASN D 52 -10.17 12.47 9.68
C ASN D 52 -9.04 13.37 10.17
N PRO D 53 -8.48 13.12 11.34
CA PRO D 53 -7.41 13.98 11.93
C PRO D 53 -6.46 14.58 10.89
N ASP D 54 -6.18 13.90 9.77
CA ASP D 54 -5.29 14.49 8.75
C ASP D 54 -5.93 15.72 8.11
N CYS D 55 -7.22 15.66 7.80
CA CYS D 55 -7.88 16.81 7.19
C CYS D 55 -8.21 17.79 8.28
N LYS D 56 -8.85 17.25 9.27
CA LYS D 56 -9.27 17.98 10.43
C LYS D 56 -8.11 18.82 10.93
N THR D 57 -6.95 18.18 11.13
CA THR D 57 -5.79 18.93 11.56
C THR D 57 -5.41 19.90 10.46
N ILE D 58 -5.44 19.44 9.16
CA ILE D 58 -5.10 20.32 8.03
C ILE D 58 -5.89 21.56 8.07
N LEU D 59 -7.11 21.41 8.50
CA LEU D 59 -7.95 22.54 8.61
C LEU D 59 -7.30 23.48 9.62
N LYS D 60 -6.94 22.96 10.78
CA LYS D 60 -6.32 23.81 11.77
C LYS D 60 -5.04 24.39 11.15
N ALA D 61 -4.37 23.56 10.32
CA ALA D 61 -3.14 23.93 9.63
C ALA D 61 -3.36 25.12 8.68
N LEU D 62 -4.45 25.09 7.92
CA LEU D 62 -4.77 26.19 7.01
C LEU D 62 -5.03 27.44 7.82
N GLY D 63 -5.68 27.19 8.95
CA GLY D 63 -6.09 28.22 9.84
C GLY D 63 -7.62 28.17 9.88
N PRO D 64 -8.24 28.12 11.05
CA PRO D 64 -9.74 28.05 11.16
C PRO D 64 -10.44 29.18 10.44
N GLY D 65 -11.50 28.83 9.73
CA GLY D 65 -12.27 29.78 8.94
C GLY D 65 -11.95 29.60 7.45
N ALA D 66 -11.07 28.62 7.12
CA ALA D 66 -10.70 28.38 5.72
C ALA D 66 -11.95 28.25 4.91
N THR D 67 -11.93 28.69 3.64
CA THR D 67 -13.13 28.53 2.85
C THR D 67 -13.28 27.07 2.60
N LEU D 68 -14.50 26.58 2.70
CA LEU D 68 -14.74 25.16 2.53
C LEU D 68 -13.95 24.64 1.35
N GLU D 69 -13.96 25.40 0.28
CA GLU D 69 -13.26 24.99 -0.90
C GLU D 69 -11.78 24.76 -0.64
N GLU D 70 -11.12 25.67 0.06
CA GLU D 70 -9.67 25.50 0.29
C GLU D 70 -9.39 24.20 1.03
N MET D 71 -9.92 24.08 2.25
CA MET D 71 -9.69 22.85 3.03
C MET D 71 -10.09 21.63 2.23
N MET D 72 -10.97 21.79 1.25
CA MET D 72 -11.37 20.62 0.49
C MET D 72 -10.15 20.02 -0.23
N THR D 73 -9.50 20.88 -1.05
CA THR D 73 -8.29 20.55 -1.82
C THR D 73 -7.12 20.17 -0.90
N ALA D 74 -6.88 20.98 0.14
CA ALA D 74 -5.75 20.70 1.04
C ALA D 74 -5.90 19.37 1.71
N CYS D 75 -7.09 19.18 2.26
CA CYS D 75 -7.42 17.99 2.98
C CYS D 75 -7.54 16.78 2.03
N GLN D 76 -8.08 17.02 0.84
CA GLN D 76 -8.27 15.98 -0.18
C GLN D 76 -6.96 15.37 -0.59
N GLY D 77 -5.89 16.17 -0.57
CA GLY D 77 -4.59 15.67 -0.96
C GLY D 77 -4.12 14.57 -0.01
N VAL D 78 -5.00 14.17 0.95
CA VAL D 78 -4.68 13.17 1.93
C VAL D 78 -5.17 11.80 1.49
N GLY D 79 -4.24 10.90 1.24
CA GLY D 79 -4.56 9.54 0.87
C GLY D 79 -3.30 8.81 0.43
N GLY D 80 -3.22 8.49 -0.86
CA GLY D 80 -2.08 7.83 -1.41
C GLY D 80 -0.93 8.83 -1.44
N PRO D 81 -0.10 8.87 -2.49
CA PRO D 81 1.02 9.85 -2.55
C PRO D 81 0.61 11.22 -2.00
N GLY D 82 -0.66 11.55 -1.99
CA GLY D 82 -1.02 12.80 -1.42
C GLY D 82 -0.55 12.88 0.05
N HIS D 83 -0.71 11.79 0.85
CA HIS D 83 -0.25 11.82 2.25
C HIS D 83 1.03 11.20 2.54
N LYS D 84 1.37 10.22 1.84
CA LYS D 84 2.61 9.65 2.10
C LYS D 84 3.71 10.60 1.62
N ALA D 85 3.46 11.26 0.48
CA ALA D 85 4.45 12.14 -0.11
C ALA D 85 4.65 13.44 0.60
N ARG D 86 3.59 14.23 0.70
CA ARG D 86 3.69 15.55 1.33
C ARG D 86 4.09 15.42 2.77
N VAL D 87 3.46 14.46 3.43
CA VAL D 87 3.74 14.27 4.82
C VAL D 87 5.14 13.83 4.97
N LEU D 88 5.62 12.91 4.13
CA LEU D 88 7.03 12.51 4.30
C LEU D 88 7.92 13.78 4.33
N ALA D 89 7.55 14.81 3.56
CA ALA D 89 8.32 16.05 3.59
C ALA D 89 8.28 16.64 5.02
N GLU D 90 7.14 16.54 5.69
CA GLU D 90 6.99 17.04 7.07
C GLU D 90 7.31 15.99 8.13
N ALA D 91 6.87 14.76 7.93
CA ALA D 91 7.16 13.69 8.88
C ALA D 91 8.67 13.56 8.99
N MET D 92 9.34 13.78 7.87
CA MET D 92 10.78 13.73 7.85
C MET D 92 11.41 14.82 8.75
N SER D 93 10.90 16.05 8.71
CA SER D 93 11.49 17.05 9.58
C SER D 93 10.82 16.98 10.96
N GLN D 94 9.69 16.24 11.05
CA GLN D 94 8.97 16.12 12.33
C GLN D 94 9.85 15.41 13.34
N VAL D 95 10.59 14.41 12.92
CA VAL D 95 11.52 13.73 13.86
C VAL D 95 12.92 14.43 13.88
N THR D 96 13.42 14.81 12.71
CA THR D 96 14.75 15.43 12.67
C THR D 96 14.84 16.67 13.55
N ASN D 97 13.90 17.60 13.40
CA ASN D 97 13.91 18.82 14.20
C ASN D 97 13.09 18.69 15.48
N THR D 98 11.94 18.05 15.34
CA THR D 98 10.98 17.88 16.43
C THR D 98 11.08 16.53 17.15
N ALA D 99 12.20 15.81 17.03
CA ALA D 99 12.29 14.49 17.66
C ALA D 99 11.98 14.62 19.14
N THR D 100 12.43 15.69 19.77
CA THR D 100 12.11 15.87 21.16
C THR D 100 10.72 16.47 21.27
N ILE D 101 9.78 15.70 21.79
CA ILE D 101 8.39 16.17 21.91
C ILE D 101 7.92 16.05 23.36
N MET D 102 7.41 17.15 23.89
CA MET D 102 6.92 17.17 25.26
C MET D 102 6.02 18.38 25.51
N GLY E 1 -10.66 -19.99 25.35
CA GLY E 1 -11.23 -18.69 25.81
C GLY E 1 -11.31 -17.72 24.63
N GLY E 2 -12.43 -17.76 23.92
CA GLY E 2 -12.62 -16.89 22.76
C GLY E 2 -12.67 -17.69 21.46
N SER E 3 -13.88 -18.07 21.05
CA SER E 3 -14.07 -18.83 19.82
C SER E 3 -14.27 -17.88 18.64
N PRO E 4 -14.09 -18.34 17.42
CA PRO E 4 -14.25 -17.50 16.20
C PRO E 4 -15.64 -16.86 16.16
N THR E 5 -15.71 -15.59 15.73
CA THR E 5 -16.97 -14.83 15.64
C THR E 5 -17.31 -14.24 16.98
N SER E 6 -16.85 -14.88 18.03
CA SER E 6 -17.07 -14.36 19.34
C SER E 6 -16.33 -13.05 19.41
N ILE E 7 -16.81 -12.11 20.17
CA ILE E 7 -16.09 -10.87 20.25
C ILE E 7 -14.61 -11.10 20.65
N LEU E 8 -14.30 -12.27 21.16
CA LEU E 8 -12.94 -12.49 21.53
C LEU E 8 -12.13 -12.57 20.24
N ASP E 9 -12.74 -13.19 19.26
CA ASP E 9 -12.15 -13.31 17.94
C ASP E 9 -12.04 -11.93 17.27
N ILE E 10 -12.94 -11.05 17.62
CA ILE E 10 -12.95 -9.71 17.06
C ILE E 10 -11.60 -8.96 17.26
N ARG E 11 -10.78 -8.91 16.20
CA ARG E 11 -9.49 -8.23 16.27
C ARG E 11 -9.34 -7.22 15.17
N GLN E 12 -8.98 -6.00 15.55
CA GLN E 12 -8.75 -4.96 14.58
C GLN E 12 -7.63 -5.39 13.73
N GLY E 13 -7.92 -5.43 12.45
CA GLY E 13 -6.89 -5.72 11.50
C GLY E 13 -5.86 -4.68 11.76
N PRO E 14 -4.66 -4.90 11.45
CA PRO E 14 -3.66 -3.88 11.76
C PRO E 14 -3.99 -2.61 10.98
N LYS E 15 -4.25 -2.79 9.68
CA LYS E 15 -4.63 -1.69 8.82
C LYS E 15 -6.06 -1.27 9.07
N GLU E 16 -6.81 -2.15 9.71
CA GLU E 16 -8.22 -1.88 9.98
C GLU E 16 -8.39 -0.68 10.90
N PRO E 17 -9.23 0.28 10.54
CA PRO E 17 -9.53 1.44 11.40
C PRO E 17 -10.57 1.10 12.43
N PHE E 18 -10.43 1.69 13.65
CA PHE E 18 -11.40 1.45 14.70
C PHE E 18 -12.82 1.65 14.14
N ARG E 19 -13.01 2.67 13.30
CA ARG E 19 -14.34 2.91 12.77
C ARG E 19 -14.87 1.63 12.16
N ASP E 20 -13.98 0.87 11.53
CA ASP E 20 -14.37 -0.41 10.94
C ASP E 20 -14.27 -1.55 11.96
N TYR E 21 -13.12 -1.68 12.54
CA TYR E 21 -12.93 -2.76 13.49
C TYR E 21 -13.94 -2.73 14.64
N VAL E 22 -14.11 -1.54 15.22
CA VAL E 22 -15.04 -1.36 16.33
C VAL E 22 -16.43 -1.68 15.86
N ASP E 23 -16.83 -1.14 14.70
CA ASP E 23 -18.15 -1.46 14.17
C ASP E 23 -18.22 -2.98 14.07
N ARG E 24 -17.18 -3.58 13.51
CA ARG E 24 -17.09 -5.01 13.44
C ARG E 24 -17.20 -5.60 14.87
N PHE E 25 -16.58 -4.92 15.80
CA PHE E 25 -16.62 -5.38 17.16
C PHE E 25 -18.04 -5.35 17.67
N TYR E 26 -18.70 -4.24 17.49
CA TYR E 26 -20.04 -4.09 17.98
C TYR E 26 -21.05 -4.89 17.16
N LYS E 27 -20.90 -4.91 15.83
CA LYS E 27 -21.78 -5.68 14.97
C LYS E 27 -21.66 -7.15 15.34
N THR E 28 -20.40 -7.58 15.50
CA THR E 28 -20.08 -8.93 15.92
C THR E 28 -20.47 -9.15 17.39
N LEU E 29 -20.31 -8.10 18.21
CA LEU E 29 -20.61 -8.18 19.65
C LEU E 29 -22.07 -8.55 19.86
N ARG E 30 -22.95 -7.89 19.11
CA ARG E 30 -24.36 -8.21 19.20
C ARG E 30 -24.50 -9.67 18.84
N ALA E 31 -23.71 -10.07 17.84
CA ALA E 31 -23.68 -11.44 17.38
C ALA E 31 -23.14 -12.35 18.46
N GLU E 32 -22.21 -11.82 19.22
CA GLU E 32 -21.63 -12.58 20.29
C GLU E 32 -22.67 -12.64 21.36
N GLN E 33 -22.94 -13.82 21.87
CA GLN E 33 -23.91 -13.88 22.91
C GLN E 33 -23.25 -13.55 24.22
N ALA E 34 -22.76 -12.32 24.30
CA ALA E 34 -22.20 -11.84 25.56
C ALA E 34 -23.41 -11.19 26.24
N SER E 35 -23.71 -11.59 27.50
CA SER E 35 -24.92 -11.04 28.15
C SER E 35 -24.90 -9.54 27.90
N GLN E 36 -26.06 -8.92 27.69
CA GLN E 36 -26.10 -7.48 27.36
C GLN E 36 -25.19 -6.72 28.31
N GLU E 37 -25.28 -7.04 29.59
CA GLU E 37 -24.44 -6.39 30.57
C GLU E 37 -23.01 -6.72 30.27
N VAL E 38 -22.79 -7.97 29.91
CA VAL E 38 -21.46 -8.45 29.56
C VAL E 38 -20.92 -7.81 28.28
N LYS E 39 -21.78 -7.63 27.30
CA LYS E 39 -21.33 -7.05 26.08
C LYS E 39 -20.72 -5.72 26.40
N ASN E 40 -21.31 -4.99 27.34
CA ASN E 40 -20.78 -3.68 27.63
C ASN E 40 -19.31 -3.74 28.09
N TRP E 41 -18.97 -4.58 29.05
CA TRP E 41 -17.58 -4.56 29.47
C TRP E 41 -16.70 -5.24 28.42
N MET E 42 -17.23 -6.17 27.63
CA MET E 42 -16.41 -6.71 26.57
C MET E 42 -16.08 -5.54 25.69
N THR E 43 -17.11 -4.73 25.46
CA THR E 43 -16.98 -3.55 24.66
C THR E 43 -15.76 -2.79 25.14
N GLU E 44 -15.52 -2.85 26.43
CA GLU E 44 -14.37 -2.19 27.00
C GLU E 44 -13.10 -3.02 27.00
N THR E 45 -13.12 -4.10 27.81
CA THR E 45 -11.97 -4.98 27.99
C THR E 45 -11.54 -5.65 26.71
N LEU E 46 -12.45 -6.15 25.91
CA LEU E 46 -12.03 -6.78 24.65
C LEU E 46 -11.62 -5.75 23.65
N LEU E 47 -12.44 -4.72 23.47
CA LEU E 47 -12.14 -3.72 22.44
C LEU E 47 -10.73 -3.24 22.56
N VAL E 48 -10.26 -2.90 23.74
CA VAL E 48 -8.89 -2.44 23.84
C VAL E 48 -7.89 -3.60 23.61
N GLN E 49 -8.19 -4.77 24.15
CA GLN E 49 -7.28 -5.91 24.05
C GLN E 49 -7.09 -6.42 22.64
N ASN E 50 -8.14 -6.43 21.85
CA ASN E 50 -8.05 -6.95 20.49
C ASN E 50 -8.12 -5.83 19.48
N ALA E 51 -7.72 -4.66 19.91
CA ALA E 51 -7.79 -3.50 19.09
C ALA E 51 -6.50 -3.17 18.38
N ASN E 52 -5.97 -4.03 17.48
CA ASN E 52 -4.78 -3.61 16.74
C ASN E 52 -3.64 -3.11 17.66
N PRO E 53 -2.57 -3.84 17.87
CA PRO E 53 -1.49 -3.38 18.77
C PRO E 53 -1.31 -1.85 18.72
N ASP E 54 -1.54 -1.23 17.55
CA ASP E 54 -1.43 0.22 17.48
C ASP E 54 -2.54 0.90 18.27
N CYS E 55 -3.81 0.60 17.93
CA CYS E 55 -4.94 1.24 18.61
C CYS E 55 -4.97 0.83 20.07
N LYS E 56 -4.77 -0.43 20.30
CA LYS E 56 -4.70 -0.95 21.65
C LYS E 56 -3.71 -0.13 22.46
N THR E 57 -2.62 0.22 21.77
CA THR E 57 -1.57 1.06 22.35
C THR E 57 -2.09 2.49 22.52
N ILE E 58 -2.90 2.95 21.55
CA ILE E 58 -3.49 4.29 21.57
C ILE E 58 -4.41 4.45 22.76
N LEU E 59 -5.23 3.46 22.99
CA LEU E 59 -6.19 3.53 24.06
C LEU E 59 -5.49 3.83 25.39
N LYS E 60 -4.39 3.12 25.65
CA LYS E 60 -3.66 3.33 26.90
C LYS E 60 -3.17 4.76 26.96
N ALA E 61 -2.74 5.25 25.80
CA ALA E 61 -2.28 6.63 25.67
C ALA E 61 -3.45 7.60 25.76
N LEU E 62 -4.63 7.12 25.40
CA LEU E 62 -5.81 7.96 25.44
C LEU E 62 -6.19 8.26 26.88
N GLY E 63 -5.49 7.61 27.82
CA GLY E 63 -5.75 7.87 29.21
C GLY E 63 -6.59 6.76 29.85
N PRO E 64 -5.99 5.88 30.68
CA PRO E 64 -6.74 4.81 31.37
C PRO E 64 -8.04 5.36 31.88
N GLY E 65 -9.10 4.73 31.44
CA GLY E 65 -10.43 5.19 31.74
C GLY E 65 -10.96 5.93 30.52
N ALA E 66 -10.28 5.73 29.34
CA ALA E 66 -10.69 6.40 28.11
C ALA E 66 -12.09 6.05 27.72
N THR E 67 -12.77 7.03 27.17
CA THR E 67 -14.10 6.84 26.68
C THR E 67 -14.00 6.31 25.26
N LEU E 68 -15.13 5.92 24.70
CA LEU E 68 -15.15 5.39 23.35
C LEU E 68 -15.13 6.50 22.30
N GLU E 69 -15.45 7.73 22.68
CA GLU E 69 -15.47 8.82 21.70
C GLU E 69 -14.07 9.15 21.26
N GLU E 70 -13.17 9.19 22.25
CA GLU E 70 -11.77 9.51 22.03
C GLU E 70 -11.00 8.39 21.35
N MET E 71 -10.93 7.25 22.00
CA MET E 71 -10.17 6.16 21.39
C MET E 71 -10.62 5.87 19.98
N MET E 72 -11.91 5.94 19.76
CA MET E 72 -12.40 5.71 18.42
C MET E 72 -11.71 6.65 17.44
N THR E 73 -11.70 7.97 17.74
CA THR E 73 -11.07 8.96 16.86
C THR E 73 -9.54 8.71 16.68
N ALA E 74 -8.81 8.55 17.80
CA ALA E 74 -7.36 8.32 17.72
C ALA E 74 -7.08 7.04 16.98
N CYS E 75 -7.95 6.07 17.23
CA CYS E 75 -7.84 4.77 16.61
C CYS E 75 -8.63 4.73 15.31
N GLN E 76 -9.34 5.82 15.00
CA GLN E 76 -10.12 5.87 13.76
C GLN E 76 -9.22 6.26 12.66
N GLY E 77 -8.48 7.37 12.91
CA GLY E 77 -7.56 7.91 11.92
C GLY E 77 -6.57 6.87 11.43
N VAL E 78 -6.41 5.78 12.25
CA VAL E 78 -5.49 4.68 11.93
C VAL E 78 -5.90 4.03 10.64
N GLY E 79 -4.90 3.50 9.94
CA GLY E 79 -5.13 2.87 8.67
C GLY E 79 -4.52 3.71 7.55
N GLY E 80 -5.18 4.81 7.25
CA GLY E 80 -4.65 5.69 6.23
C GLY E 80 -3.26 6.13 6.62
N PRO E 81 -2.66 7.00 5.86
CA PRO E 81 -1.29 7.51 6.13
C PRO E 81 -1.20 8.12 7.52
N GLY E 82 -2.38 8.33 8.16
CA GLY E 82 -2.41 8.91 9.46
C GLY E 82 -1.63 8.03 10.36
N HIS E 83 -1.74 6.70 10.16
CA HIS E 83 -0.98 5.83 11.02
C HIS E 83 0.40 5.69 10.63
N LYS E 84 0.61 5.94 9.44
CA LYS E 84 1.90 5.93 8.97
C LYS E 84 2.54 7.32 9.26
N ALA E 85 1.73 8.32 9.58
CA ALA E 85 2.25 9.67 9.80
C ALA E 85 2.71 9.83 11.26
N ARG E 86 1.74 9.64 12.18
CA ARG E 86 2.01 9.74 13.60
C ARG E 86 3.09 8.74 14.02
N VAL E 87 2.92 7.50 13.59
CA VAL E 87 3.90 6.47 13.95
C VAL E 87 5.27 6.82 13.43
N LEU E 88 5.35 7.26 12.17
CA LEU E 88 6.67 7.57 11.62
C LEU E 88 7.34 8.57 12.53
N ALA E 89 6.58 9.56 12.98
CA ALA E 89 7.11 10.61 13.87
C ALA E 89 7.66 10.12 15.22
N GLU E 90 6.97 9.15 15.84
CA GLU E 90 7.39 8.65 17.14
C GLU E 90 8.38 7.51 17.03
N ALA E 91 8.11 6.55 16.22
CA ALA E 91 9.06 5.45 16.08
C ALA E 91 10.42 5.94 15.55
N MET E 92 10.35 6.78 14.51
CA MET E 92 11.56 7.33 13.89
C MET E 92 12.31 8.16 14.91
N SER E 93 11.55 8.91 15.71
CA SER E 93 12.13 9.76 16.75
C SER E 93 12.38 8.96 18.03
N GLN E 94 11.91 7.73 18.07
CA GLN E 94 12.12 6.89 19.23
C GLN E 94 13.46 6.20 19.13
N VAL E 95 13.66 5.46 18.05
CA VAL E 95 14.90 4.76 17.88
C VAL E 95 16.07 5.75 17.93
N THR E 96 15.95 6.91 17.29
CA THR E 96 17.04 7.88 17.29
C THR E 96 17.63 8.13 18.68
N ASN E 97 16.80 8.56 19.64
CA ASN E 97 17.30 8.80 21.01
C ASN E 97 17.19 7.55 21.88
N THR E 98 16.04 6.94 21.79
CA THR E 98 15.68 5.73 22.53
C THR E 98 16.27 4.46 21.91
N ALA E 99 17.26 4.59 21.04
CA ALA E 99 17.79 3.40 20.34
C ALA E 99 18.21 2.36 21.36
N THR E 100 18.77 2.78 22.48
CA THR E 100 19.12 1.81 23.49
C THR E 100 17.85 1.46 24.26
N ILE E 101 17.38 0.22 24.08
CA ILE E 101 16.16 -0.22 24.74
C ILE E 101 16.42 -1.49 25.54
N MET E 102 16.05 -1.46 26.82
CA MET E 102 16.27 -2.62 27.68
C MET E 102 15.46 -2.47 28.97
N GLY F 1 5.12 -32.98 0.96
CA GLY F 1 5.28 -32.32 2.29
C GLY F 1 4.13 -31.35 2.51
N GLY F 2 2.97 -31.68 1.96
CA GLY F 2 1.79 -30.84 2.09
C GLY F 2 1.25 -30.41 0.72
N SER F 3 0.12 -30.99 0.31
CA SER F 3 -0.49 -30.65 -0.98
C SER F 3 -1.50 -29.50 -0.83
N PRO F 4 -1.80 -28.79 -1.90
CA PRO F 4 -2.76 -27.63 -1.88
C PRO F 4 -4.14 -27.98 -1.32
N THR F 5 -4.75 -27.01 -0.64
CA THR F 5 -6.09 -27.15 -0.06
C THR F 5 -6.09 -28.04 1.17
N SER F 6 -4.96 -28.64 1.48
CA SER F 6 -4.88 -29.43 2.67
C SER F 6 -4.36 -28.48 3.72
N ILE F 7 -4.75 -28.62 4.98
CA ILE F 7 -4.25 -27.68 6.01
C ILE F 7 -2.73 -27.60 5.97
N LEU F 8 -2.09 -28.61 5.36
CA LEU F 8 -0.64 -28.64 5.29
C LEU F 8 -0.13 -27.54 4.38
N ASP F 9 -0.81 -27.37 3.23
CA ASP F 9 -0.42 -26.32 2.30
C ASP F 9 -0.72 -24.99 2.94
N ILE F 10 -1.86 -24.97 3.63
CA ILE F 10 -2.35 -23.76 4.29
C ILE F 10 -1.24 -22.91 4.76
N ARG F 11 -1.02 -21.85 3.99
CA ARG F 11 0.02 -20.89 4.33
C ARG F 11 -0.51 -19.49 4.32
N GLN F 12 -0.17 -18.82 5.39
CA GLN F 12 -0.56 -17.46 5.55
C GLN F 12 0.01 -16.66 4.43
N GLY F 13 -0.86 -16.06 3.68
CA GLY F 13 -0.41 -15.22 2.62
C GLY F 13 0.51 -14.24 3.27
N PRO F 14 1.58 -13.84 2.59
CA PRO F 14 2.57 -12.97 3.22
C PRO F 14 1.88 -11.87 3.99
N LYS F 15 0.90 -11.23 3.35
CA LYS F 15 0.17 -10.18 4.01
C LYS F 15 -1.05 -10.73 4.73
N GLU F 16 -1.47 -11.94 4.35
CA GLU F 16 -2.64 -12.54 4.97
C GLU F 16 -2.52 -12.44 6.46
N PRO F 17 -3.27 -11.56 7.10
CA PRO F 17 -3.17 -11.43 8.54
C PRO F 17 -3.27 -12.77 9.15
N PHE F 18 -2.82 -12.88 10.39
CA PHE F 18 -2.90 -14.12 11.08
C PHE F 18 -4.38 -14.35 11.32
N ARG F 19 -5.13 -13.26 11.51
CA ARG F 19 -6.54 -13.42 11.72
C ARG F 19 -7.11 -14.08 10.47
N ASP F 20 -6.72 -13.56 9.30
CA ASP F 20 -7.19 -14.18 8.06
C ASP F 20 -6.59 -15.58 7.91
N TYR F 21 -5.34 -15.70 8.32
CA TYR F 21 -4.63 -16.96 8.23
C TYR F 21 -5.21 -18.01 9.14
N VAL F 22 -5.52 -17.58 10.33
CA VAL F 22 -6.08 -18.44 11.34
C VAL F 22 -7.48 -18.87 10.94
N ASP F 23 -8.28 -17.92 10.44
CA ASP F 23 -9.63 -18.25 9.98
C ASP F 23 -9.58 -19.11 8.71
N ARG F 24 -8.60 -18.79 7.82
CA ARG F 24 -8.38 -19.53 6.58
C ARG F 24 -7.77 -20.89 6.88
N PHE F 25 -6.82 -20.90 7.81
CA PHE F 25 -6.18 -22.15 8.21
C PHE F 25 -7.28 -23.01 8.74
N TYR F 26 -8.06 -22.41 9.64
CA TYR F 26 -9.17 -23.12 10.26
C TYR F 26 -10.31 -23.34 9.26
N LYS F 27 -10.29 -22.60 8.15
CA LYS F 27 -11.30 -22.79 7.12
C LYS F 27 -10.93 -23.98 6.25
N THR F 28 -9.63 -24.16 6.06
CA THR F 28 -9.08 -25.25 5.22
C THR F 28 -8.77 -26.53 6.03
N LEU F 29 -8.55 -26.39 7.36
CA LEU F 29 -8.32 -27.55 8.21
C LEU F 29 -9.63 -28.27 8.29
N ARG F 30 -10.68 -27.48 8.53
CA ARG F 30 -12.01 -28.02 8.57
C ARG F 30 -12.19 -28.67 7.21
N ALA F 31 -11.70 -27.98 6.17
CA ALA F 31 -11.77 -28.51 4.81
C ALA F 31 -10.89 -29.76 4.67
N GLU F 32 -9.85 -29.84 5.47
CA GLU F 32 -8.93 -30.97 5.41
C GLU F 32 -9.44 -32.14 6.24
N GLN F 33 -9.37 -33.33 5.65
CA GLN F 33 -9.84 -34.54 6.32
C GLN F 33 -8.75 -35.18 7.18
N ALA F 34 -8.67 -34.70 8.41
CA ALA F 34 -7.74 -35.20 9.40
C ALA F 34 -8.62 -35.60 10.57
N SER F 35 -8.30 -36.68 11.26
CA SER F 35 -9.14 -37.10 12.36
C SER F 35 -9.38 -35.89 13.25
N GLN F 36 -10.41 -35.95 14.07
CA GLN F 36 -10.67 -34.82 14.95
C GLN F 36 -9.42 -34.62 15.81
N GLU F 37 -8.80 -35.73 16.24
CA GLU F 37 -7.58 -35.64 17.05
C GLU F 37 -6.39 -35.17 16.21
N VAL F 38 -6.28 -35.69 14.99
CA VAL F 38 -5.20 -35.33 14.11
C VAL F 38 -5.25 -33.83 13.81
N LYS F 39 -6.45 -33.32 13.58
CA LYS F 39 -6.60 -31.90 13.33
C LYS F 39 -6.09 -31.11 14.54
N ASN F 40 -6.37 -31.61 15.73
CA ASN F 40 -5.84 -30.90 16.89
C ASN F 40 -4.29 -30.93 16.85
N TRP F 41 -3.75 -32.01 16.30
CA TRP F 41 -2.32 -32.14 16.23
C TRP F 41 -1.81 -31.31 15.02
N MET F 42 -2.74 -30.94 14.08
CA MET F 42 -2.39 -30.09 12.89
C MET F 42 -2.50 -28.64 13.27
N THR F 43 -3.64 -28.30 13.81
CA THR F 43 -3.91 -26.97 14.26
C THR F 43 -2.77 -26.46 15.14
N GLU F 44 -1.95 -27.38 15.70
CA GLU F 44 -0.83 -26.94 16.54
C GLU F 44 0.50 -26.70 15.80
N THR F 45 1.09 -27.75 15.23
CA THR F 45 2.38 -27.60 14.55
C THR F 45 2.25 -26.89 13.21
N LEU F 46 1.25 -27.26 12.39
CA LEU F 46 1.08 -26.60 11.09
C LEU F 46 0.80 -25.13 11.30
N LEU F 47 -0.09 -24.78 12.20
CA LEU F 47 -0.42 -23.39 12.37
C LEU F 47 0.85 -22.54 12.59
N VAL F 48 1.75 -22.99 13.41
CA VAL F 48 2.96 -22.21 13.61
C VAL F 48 4.04 -22.52 12.54
N GLN F 49 3.92 -23.66 11.82
CA GLN F 49 4.95 -24.04 10.83
C GLN F 49 4.75 -23.49 9.44
N ASN F 50 3.52 -23.31 9.05
CA ASN F 50 3.20 -22.79 7.75
C ASN F 50 2.65 -21.40 7.87
N ALA F 51 3.07 -20.71 8.93
CA ALA F 51 2.49 -19.39 9.20
C ALA F 51 3.31 -18.15 8.80
N ASN F 52 3.36 -17.78 7.45
CA ASN F 52 3.94 -16.46 7.05
C ASN F 52 5.14 -16.09 7.94
N PRO F 53 6.38 -16.25 7.50
CA PRO F 53 7.57 -16.00 8.37
C PRO F 53 7.34 -14.94 9.49
N ASP F 54 6.55 -13.89 9.21
CA ASP F 54 6.27 -12.85 10.22
C ASP F 54 5.42 -13.34 11.41
N CYS F 55 4.45 -14.20 11.18
CA CYS F 55 3.61 -14.67 12.28
C CYS F 55 4.28 -15.86 12.90
N LYS F 56 4.61 -16.77 12.04
CA LYS F 56 5.32 -17.96 12.38
C LYS F 56 6.40 -17.66 13.40
N THR F 57 7.20 -16.61 13.12
CA THR F 57 8.26 -16.23 14.02
C THR F 57 7.65 -15.62 15.29
N ILE F 58 6.66 -14.70 15.10
CA ILE F 58 5.99 -14.06 16.23
C ILE F 58 5.49 -15.08 17.20
N LEU F 59 5.00 -16.18 16.68
CA LEU F 59 4.53 -17.19 17.57
C LEU F 59 5.71 -17.61 18.43
N LYS F 60 6.83 -17.90 17.77
CA LYS F 60 8.04 -18.32 18.49
C LYS F 60 8.48 -17.21 19.46
N ALA F 61 8.34 -15.98 19.02
CA ALA F 61 8.69 -14.85 19.84
C ALA F 61 7.80 -14.79 21.07
N LEU F 62 6.52 -15.08 20.88
CA LEU F 62 5.59 -15.05 21.99
C LEU F 62 6.04 -16.06 23.03
N GLY F 63 6.89 -17.00 22.59
CA GLY F 63 7.39 -18.01 23.46
C GLY F 63 6.55 -19.25 23.29
N PRO F 64 7.15 -20.39 23.03
CA PRO F 64 6.38 -21.65 22.87
C PRO F 64 5.43 -21.82 24.04
N GLY F 65 4.27 -22.38 23.75
CA GLY F 65 3.26 -22.49 24.76
C GLY F 65 2.46 -21.20 24.78
N ALA F 66 2.73 -20.32 23.77
CA ALA F 66 2.02 -19.05 23.66
C ALA F 66 0.57 -19.37 23.46
N THR F 67 -0.28 -18.89 24.34
CA THR F 67 -1.67 -19.15 24.13
C THR F 67 -2.02 -18.63 22.76
N LEU F 68 -2.88 -19.35 22.04
CA LEU F 68 -3.32 -18.89 20.75
C LEU F 68 -3.80 -17.43 20.87
N GLU F 69 -4.18 -17.02 22.10
CA GLU F 69 -4.66 -15.65 22.35
C GLU F 69 -3.57 -14.59 22.09
N GLU F 70 -2.30 -15.01 22.21
CA GLU F 70 -1.20 -14.10 21.97
C GLU F 70 -0.77 -14.12 20.50
N MET F 71 -0.82 -15.29 19.85
CA MET F 71 -0.43 -15.38 18.43
C MET F 71 -1.58 -14.99 17.51
N MET F 72 -2.81 -15.12 18.00
CA MET F 72 -3.94 -14.70 17.18
C MET F 72 -3.92 -13.19 17.05
N THR F 73 -3.50 -12.55 18.18
CA THR F 73 -3.42 -11.08 18.33
C THR F 73 -2.05 -10.49 17.89
N ALA F 74 -0.94 -11.18 18.27
CA ALA F 74 0.42 -10.70 17.95
C ALA F 74 0.64 -10.73 16.50
N CYS F 75 0.19 -11.82 15.92
CA CYS F 75 0.30 -11.96 14.53
C CYS F 75 -0.87 -11.22 13.85
N GLN F 76 -1.65 -10.49 14.66
CA GLN F 76 -2.82 -9.75 14.14
C GLN F 76 -2.50 -8.33 13.78
N GLY F 77 -1.40 -7.82 14.36
CA GLY F 77 -0.98 -6.48 14.07
C GLY F 77 -0.13 -6.50 12.79
N VAL F 78 -0.12 -7.69 12.16
CA VAL F 78 0.62 -7.89 10.96
C VAL F 78 -0.23 -7.55 9.72
N GLY F 79 0.37 -6.77 8.84
CA GLY F 79 -0.29 -6.41 7.61
C GLY F 79 -0.34 -4.91 7.41
N GLY F 80 -0.80 -4.24 8.44
CA GLY F 80 -0.93 -2.79 8.39
C GLY F 80 0.43 -2.17 8.56
N PRO F 81 0.53 -0.86 8.39
CA PRO F 81 1.81 -0.17 8.53
C PRO F 81 2.22 -0.27 9.98
N GLY F 82 1.25 -0.67 10.83
CA GLY F 82 1.51 -0.88 12.21
C GLY F 82 2.56 -1.94 12.26
N HIS F 83 2.43 -2.90 11.34
CA HIS F 83 3.39 -3.94 11.31
C HIS F 83 4.69 -3.47 10.78
N LYS F 84 4.61 -2.80 9.70
CA LYS F 84 5.79 -2.31 9.10
C LYS F 84 6.50 -1.42 10.11
N ALA F 85 5.71 -0.73 10.90
CA ALA F 85 6.21 0.17 11.92
C ALA F 85 7.00 -0.59 13.00
N ARG F 86 6.39 -1.66 13.53
CA ARG F 86 7.04 -2.48 14.55
C ARG F 86 8.31 -3.13 14.00
N VAL F 87 8.20 -3.65 12.75
CA VAL F 87 9.33 -4.32 12.10
C VAL F 87 10.42 -3.37 11.63
N LEU F 88 10.03 -2.25 11.03
CA LEU F 88 11.01 -1.26 10.56
C LEU F 88 11.86 -0.80 11.72
N ALA F 89 11.20 -0.48 12.81
CA ALA F 89 11.88 0.04 13.96
C ALA F 89 12.93 -0.95 14.43
N GLU F 90 12.57 -2.22 14.42
CA GLU F 90 13.50 -3.24 14.91
C GLU F 90 14.50 -3.69 13.87
N ALA F 91 14.08 -3.83 12.65
CA ALA F 91 15.02 -4.19 11.62
C ALA F 91 16.05 -3.04 11.47
N MET F 92 15.66 -1.86 11.97
CA MET F 92 16.48 -0.67 11.86
C MET F 92 17.49 -0.47 12.99
N SER F 93 17.03 -0.58 14.22
CA SER F 93 17.92 -0.37 15.32
C SER F 93 18.73 -1.63 15.54
N GLN F 94 18.36 -2.71 14.85
CA GLN F 94 19.11 -3.94 14.98
C GLN F 94 20.34 -3.86 14.08
N VAL F 95 20.12 -3.57 12.82
CA VAL F 95 21.22 -3.48 11.90
C VAL F 95 22.24 -2.47 12.45
N THR F 96 21.77 -1.37 13.03
CA THR F 96 22.68 -0.35 13.54
C THR F 96 23.81 -0.94 14.40
N ASN F 97 23.46 -1.66 15.47
CA ASN F 97 24.49 -2.27 16.33
C ASN F 97 24.82 -3.69 15.87
N THR F 98 23.76 -4.41 15.58
CA THR F 98 23.80 -5.80 15.13
C THR F 98 24.17 -5.91 13.64
N ALA F 99 24.71 -4.85 13.03
CA ALA F 99 25.00 -4.89 11.59
C ALA F 99 25.85 -6.10 11.28
N THR F 100 26.78 -6.43 12.15
CA THR F 100 27.58 -7.61 11.90
C THR F 100 26.77 -8.82 12.35
N ILE F 101 26.32 -9.62 11.38
CA ILE F 101 25.52 -10.80 11.69
C ILE F 101 26.18 -12.05 11.13
N MET F 102 26.42 -13.03 11.98
CA MET F 102 27.06 -14.27 11.56
C MET F 102 26.72 -15.42 12.51
N GLY A 1 11.35 -15.59 -28.45
CA GLY A 1 11.75 -16.45 -27.30
C GLY A 1 10.75 -16.27 -26.16
N GLY A 2 9.71 -17.06 -26.17
CA GLY A 2 8.70 -17.00 -25.12
C GLY A 2 7.50 -16.16 -25.58
N SER A 3 6.51 -16.83 -26.14
CA SER A 3 5.29 -16.17 -26.62
C SER A 3 4.27 -16.01 -25.48
N PRO A 4 3.29 -15.15 -25.63
CA PRO A 4 2.25 -14.91 -24.59
C PRO A 4 1.50 -16.19 -24.21
N THR A 5 1.10 -16.28 -22.94
CA THR A 5 0.37 -17.45 -22.44
C THR A 5 1.24 -18.69 -22.36
N SER A 6 2.49 -18.56 -22.76
CA SER A 6 3.40 -19.66 -22.63
C SER A 6 4.08 -19.48 -21.30
N ILE A 7 4.50 -20.56 -20.71
CA ILE A 7 5.17 -20.48 -19.41
C ILE A 7 6.42 -19.64 -19.57
N LEU A 8 6.92 -19.59 -20.78
CA LEU A 8 8.11 -18.77 -21.04
C LEU A 8 7.78 -17.27 -20.77
N ASP A 9 6.47 -16.94 -20.93
CA ASP A 9 5.94 -15.59 -20.70
C ASP A 9 5.32 -15.45 -19.28
N ILE A 10 5.44 -16.52 -18.50
CA ILE A 10 4.95 -16.54 -17.13
C ILE A 10 5.97 -15.96 -16.15
N ARG A 11 5.74 -14.73 -15.72
CA ARG A 11 6.64 -14.10 -14.78
C ARG A 11 5.96 -13.59 -13.54
N GLN A 12 6.54 -13.95 -12.39
CA GLN A 12 6.04 -13.51 -11.12
C GLN A 12 6.02 -12.05 -11.11
N GLY A 13 4.84 -11.51 -10.75
CA GLY A 13 4.76 -10.08 -10.63
C GLY A 13 5.76 -9.67 -9.58
N PRO A 14 6.39 -8.53 -9.73
CA PRO A 14 7.43 -8.12 -8.76
C PRO A 14 6.88 -8.05 -7.32
N LYS A 15 5.55 -8.00 -7.21
CA LYS A 15 4.89 -8.03 -5.92
C LYS A 15 4.16 -9.33 -5.78
N GLU A 16 3.91 -9.96 -6.93
CA GLU A 16 3.16 -11.18 -6.94
C GLU A 16 3.78 -12.14 -6.00
N PRO A 17 3.03 -12.66 -5.04
CA PRO A 17 3.56 -13.66 -4.10
C PRO A 17 4.00 -14.85 -4.85
N PHE A 18 4.95 -15.55 -4.32
CA PHE A 18 5.41 -16.74 -5.02
C PHE A 18 4.27 -17.75 -5.09
N ARG A 19 3.55 -17.81 -3.99
CA ARG A 19 2.43 -18.71 -3.90
C ARG A 19 1.46 -18.37 -5.04
N ASP A 20 1.21 -17.09 -5.24
CA ASP A 20 0.32 -16.74 -6.35
C ASP A 20 0.98 -17.05 -7.69
N TYR A 21 2.22 -16.54 -7.86
CA TYR A 21 2.96 -16.70 -9.12
C TYR A 21 3.24 -18.14 -9.50
N VAL A 22 3.57 -18.96 -8.54
CA VAL A 22 3.84 -20.35 -8.83
C VAL A 22 2.52 -21.09 -9.21
N ASP A 23 1.39 -20.68 -8.58
CA ASP A 23 0.08 -21.30 -8.86
C ASP A 23 -0.37 -21.02 -10.32
N ARG A 24 -0.14 -19.80 -10.75
CA ARG A 24 -0.45 -19.35 -12.11
C ARG A 24 0.63 -19.88 -13.07
N PHE A 25 1.79 -20.20 -12.53
CA PHE A 25 2.83 -20.73 -13.38
C PHE A 25 2.41 -22.09 -13.85
N TYR A 26 2.19 -22.96 -12.92
CA TYR A 26 1.79 -24.30 -13.25
C TYR A 26 0.43 -24.28 -13.95
N LYS A 27 -0.49 -23.41 -13.49
CA LYS A 27 -1.80 -23.36 -14.14
C LYS A 27 -1.61 -23.01 -15.59
N THR A 28 -0.88 -21.91 -15.83
CA THR A 28 -0.60 -21.49 -17.19
C THR A 28 0.09 -22.62 -17.96
N LEU A 29 1.07 -23.26 -17.31
CA LEU A 29 1.82 -24.34 -17.95
C LEU A 29 0.85 -25.36 -18.48
N ARG A 30 -0.18 -25.64 -17.69
CA ARG A 30 -1.19 -26.60 -18.13
C ARG A 30 -1.68 -26.18 -19.49
N ALA A 31 -1.76 -24.85 -19.66
CA ALA A 31 -2.16 -24.30 -20.93
C ALA A 31 -1.06 -24.51 -21.96
N GLU A 32 0.17 -24.34 -21.54
CA GLU A 32 1.22 -24.55 -22.47
C GLU A 32 1.23 -26.02 -22.88
N GLN A 33 1.38 -26.27 -24.17
CA GLN A 33 1.39 -27.63 -24.63
C GLN A 33 2.81 -28.13 -24.75
N ALA A 34 3.31 -28.58 -23.62
CA ALA A 34 4.64 -29.15 -23.54
C ALA A 34 4.55 -30.53 -22.90
N SER A 35 5.34 -31.47 -23.41
CA SER A 35 5.32 -32.80 -22.86
C SER A 35 5.62 -32.71 -21.38
N GLN A 36 5.39 -33.80 -20.66
CA GLN A 36 5.69 -33.82 -19.25
C GLN A 36 7.18 -33.47 -19.01
N GLU A 37 8.04 -34.04 -19.84
CA GLU A 37 9.45 -33.76 -19.70
C GLU A 37 9.79 -32.28 -20.01
N VAL A 38 9.14 -31.73 -21.03
CA VAL A 38 9.34 -30.35 -21.39
C VAL A 38 8.73 -29.40 -20.33
N LYS A 39 7.55 -29.76 -19.80
CA LYS A 39 6.90 -28.99 -18.76
C LYS A 39 7.66 -29.10 -17.42
N ASN A 40 8.09 -30.31 -17.06
CA ASN A 40 8.78 -30.54 -15.77
C ASN A 40 10.10 -29.80 -15.69
N TRP A 41 10.86 -29.82 -16.75
CA TRP A 41 12.10 -29.09 -16.69
C TRP A 41 11.77 -27.60 -16.82
N MET A 42 10.56 -27.26 -17.38
CA MET A 42 10.11 -25.85 -17.50
C MET A 42 9.80 -25.32 -16.14
N THR A 43 9.08 -26.11 -15.42
CA THR A 43 8.70 -25.74 -14.09
C THR A 43 9.92 -25.48 -13.26
N GLU A 44 11.06 -26.01 -13.68
CA GLU A 44 12.27 -25.82 -12.94
C GLU A 44 13.04 -24.61 -13.39
N THR A 45 13.45 -24.61 -14.65
CA THR A 45 14.23 -23.49 -15.15
C THR A 45 13.41 -22.21 -15.24
N LEU A 46 12.11 -22.29 -15.69
CA LEU A 46 11.27 -21.06 -15.85
C LEU A 46 10.70 -20.62 -14.51
N LEU A 47 10.47 -21.54 -13.62
CA LEU A 47 9.91 -21.11 -12.40
C LEU A 47 10.89 -20.20 -11.69
N VAL A 48 12.14 -20.61 -11.60
CA VAL A 48 13.13 -19.81 -10.92
C VAL A 48 13.45 -18.53 -11.75
N GLN A 49 13.75 -18.72 -13.05
CA GLN A 49 14.16 -17.62 -13.94
C GLN A 49 13.13 -16.58 -14.19
N ASN A 50 11.85 -16.94 -14.14
CA ASN A 50 10.80 -15.94 -14.34
C ASN A 50 10.00 -15.75 -13.06
N ALA A 51 10.64 -15.90 -11.93
CA ALA A 51 9.91 -15.73 -10.66
C ALA A 51 10.25 -14.43 -9.91
N ASN A 52 10.13 -13.24 -10.53
CA ASN A 52 10.34 -12.05 -9.73
C ASN A 52 11.74 -12.00 -9.05
N PRO A 53 12.70 -11.23 -9.55
CA PRO A 53 14.09 -11.14 -8.95
C PRO A 53 14.16 -11.23 -7.38
N ASP A 54 13.02 -11.05 -6.69
CA ASP A 54 12.99 -11.23 -5.24
C ASP A 54 12.93 -12.71 -4.90
N CYS A 55 11.96 -13.39 -5.48
CA CYS A 55 11.82 -14.83 -5.25
C CYS A 55 12.84 -15.57 -6.09
N LYS A 56 12.94 -15.14 -7.32
CA LYS A 56 13.87 -15.70 -8.25
C LYS A 56 15.25 -15.78 -7.62
N THR A 57 15.69 -14.68 -6.99
CA THR A 57 17.00 -14.71 -6.31
C THR A 57 16.89 -15.56 -5.01
N ILE A 58 15.72 -15.63 -4.41
CA ILE A 58 15.54 -16.43 -3.21
C ILE A 58 15.70 -17.91 -3.51
N LEU A 59 15.20 -18.31 -4.67
CA LEU A 59 15.25 -19.70 -5.10
C LEU A 59 16.69 -20.14 -5.26
N LYS A 60 17.45 -19.31 -5.98
CA LYS A 60 18.84 -19.55 -6.24
C LYS A 60 19.56 -19.51 -4.92
N ALA A 61 19.15 -18.51 -4.13
CA ALA A 61 19.69 -18.29 -2.78
C ALA A 61 19.43 -19.50 -1.91
N LEU A 62 18.26 -20.09 -2.05
CA LEU A 62 17.97 -21.27 -1.32
C LEU A 62 18.98 -22.33 -1.74
N GLY A 63 19.55 -22.15 -2.94
CA GLY A 63 20.52 -23.08 -3.43
C GLY A 63 19.84 -24.01 -4.41
N PRO A 64 20.45 -24.25 -5.55
CA PRO A 64 19.90 -25.15 -6.60
C PRO A 64 19.49 -26.51 -6.05
N GLY A 65 18.41 -27.02 -6.61
CA GLY A 65 17.88 -28.29 -6.17
C GLY A 65 16.82 -28.02 -5.11
N ALA A 66 16.68 -26.72 -4.69
CA ALA A 66 15.71 -26.35 -3.66
C ALA A 66 14.38 -26.95 -3.93
N THR A 67 13.79 -27.51 -2.88
CA THR A 67 12.49 -28.11 -3.05
C THR A 67 11.47 -27.03 -3.36
N LEU A 68 10.52 -27.33 -4.23
CA LEU A 68 9.53 -26.33 -4.58
C LEU A 68 8.91 -25.78 -3.32
N GLU A 69 8.85 -26.62 -2.30
CA GLU A 69 8.31 -26.24 -1.01
C GLU A 69 9.21 -25.22 -0.31
N GLU A 70 10.54 -25.43 -0.42
CA GLU A 70 11.51 -24.54 0.22
C GLU A 70 11.37 -23.13 -0.33
N MET A 71 11.37 -23.02 -1.68
CA MET A 71 11.22 -21.74 -2.33
C MET A 71 9.81 -21.30 -2.18
N MET A 72 8.90 -22.23 -2.00
CA MET A 72 7.56 -21.82 -1.75
C MET A 72 7.56 -21.06 -0.43
N THR A 73 8.26 -21.59 0.58
CA THR A 73 8.32 -20.93 1.90
C THR A 73 9.15 -19.62 1.88
N ALA A 74 10.33 -19.63 1.24
CA ALA A 74 11.19 -18.42 1.21
C ALA A 74 10.65 -17.34 0.32
N CYS A 75 10.07 -17.76 -0.81
CA CYS A 75 9.52 -16.81 -1.77
C CYS A 75 8.13 -16.36 -1.32
N GLN A 76 7.51 -17.13 -0.43
CA GLN A 76 6.21 -16.77 0.13
C GLN A 76 6.39 -15.56 1.05
N GLY A 77 7.59 -15.41 1.63
CA GLY A 77 7.85 -14.28 2.48
C GLY A 77 7.87 -12.97 1.66
N VAL A 78 7.80 -13.10 0.30
CA VAL A 78 7.81 -11.96 -0.61
C VAL A 78 6.42 -11.45 -0.97
N GLY A 79 6.17 -10.15 -0.81
CA GLY A 79 4.88 -9.60 -1.19
C GLY A 79 4.43 -8.45 -0.30
N GLY A 80 3.99 -8.77 0.89
CA GLY A 80 3.51 -7.75 1.79
C GLY A 80 4.65 -7.13 2.57
N PRO A 81 4.35 -6.51 3.71
CA PRO A 81 5.36 -5.88 4.53
C PRO A 81 6.32 -6.92 5.08
N GLY A 82 5.93 -8.20 4.97
CA GLY A 82 6.83 -9.28 5.40
C GLY A 82 8.10 -9.14 4.61
N HIS A 83 7.95 -8.65 3.39
CA HIS A 83 9.10 -8.48 2.52
C HIS A 83 9.70 -7.17 2.58
N LYS A 84 8.88 -6.20 2.46
CA LYS A 84 9.38 -4.90 2.49
C LYS A 84 10.16 -4.76 3.79
N ALA A 85 9.70 -5.49 4.81
CA ALA A 85 10.36 -5.50 6.10
C ALA A 85 11.73 -6.20 6.06
N ARG A 86 11.73 -7.46 5.70
CA ARG A 86 12.95 -8.22 5.68
C ARG A 86 13.93 -7.59 4.71
N VAL A 87 13.42 -7.22 3.55
CA VAL A 87 14.24 -6.58 2.53
C VAL A 87 14.72 -5.21 2.97
N LEU A 88 13.83 -4.34 3.54
CA LEU A 88 14.36 -3.00 3.99
C LEU A 88 15.45 -3.23 5.04
N ALA A 89 15.27 -4.22 5.90
CA ALA A 89 16.27 -4.47 6.93
C ALA A 89 17.68 -4.77 6.34
N GLU A 90 17.74 -5.56 5.28
CA GLU A 90 19.02 -5.93 4.70
C GLU A 90 19.55 -4.85 3.80
N ALA A 91 18.67 -4.30 2.97
CA ALA A 91 19.02 -3.23 2.11
C ALA A 91 19.49 -2.08 2.97
N MET A 92 18.88 -1.95 4.12
CA MET A 92 19.25 -0.95 5.07
C MET A 92 20.60 -1.30 5.70
N SER A 93 20.79 -2.60 5.97
CA SER A 93 22.05 -3.09 6.55
C SER A 93 23.09 -3.42 5.41
N GLN A 94 22.66 -3.25 4.17
CA GLN A 94 23.54 -3.44 3.06
C GLN A 94 24.28 -2.11 2.88
N VAL A 95 23.50 -1.07 2.71
CA VAL A 95 24.08 0.23 2.48
C VAL A 95 24.95 0.63 3.69
N THR A 96 24.55 0.28 4.89
CA THR A 96 25.33 0.70 6.03
C THR A 96 26.76 0.14 5.98
N ASN A 97 26.89 -1.18 5.83
CA ASN A 97 28.21 -1.82 5.78
C ASN A 97 28.71 -2.02 4.35
N THR A 98 27.84 -2.61 3.56
CA THR A 98 28.08 -2.97 2.16
C THR A 98 27.89 -1.81 1.18
N ALA A 99 27.80 -0.57 1.65
CA ALA A 99 27.55 0.54 0.72
C ALA A 99 28.63 0.55 -0.34
N THR A 100 29.85 0.26 0.05
CA THR A 100 30.91 0.21 -0.91
C THR A 100 30.74 -1.06 -1.73
N ILE A 101 30.37 -0.90 -3.00
CA ILE A 101 30.16 -2.06 -3.86
C ILE A 101 30.98 -1.95 -5.15
N MET A 102 31.74 -3.00 -5.44
CA MET A 102 32.57 -3.01 -6.64
C MET A 102 32.78 -4.43 -7.13
N GLY B 1 0.54 14.37 -30.87
CA GLY B 1 1.66 13.38 -30.79
C GLY B 1 1.13 12.07 -30.24
N GLY B 2 0.16 11.48 -30.94
CA GLY B 2 -0.43 10.22 -30.50
C GLY B 2 -1.83 10.44 -29.91
N SER B 3 -2.86 9.88 -30.56
CA SER B 3 -4.24 10.02 -30.10
C SER B 3 -4.60 8.89 -29.12
N PRO B 4 -5.72 8.99 -28.45
CA PRO B 4 -6.18 7.95 -27.47
C PRO B 4 -6.32 6.56 -28.10
N THR B 5 -6.00 5.54 -27.29
CA THR B 5 -6.05 4.13 -27.71
C THR B 5 -4.90 3.79 -28.60
N SER B 6 -4.10 4.77 -28.94
CA SER B 6 -2.98 4.50 -29.78
C SER B 6 -1.90 3.96 -28.90
N ILE B 7 -0.99 3.26 -29.51
CA ILE B 7 0.12 2.74 -28.78
C ILE B 7 0.93 3.92 -28.24
N LEU B 8 0.67 5.11 -28.80
CA LEU B 8 1.37 6.28 -28.37
C LEU B 8 0.82 6.70 -27.00
N ASP B 9 -0.51 6.74 -26.88
CA ASP B 9 -1.07 7.06 -25.60
C ASP B 9 -0.61 5.99 -24.62
N ILE B 10 -0.57 4.75 -25.11
CA ILE B 10 -0.12 3.60 -24.32
C ILE B 10 1.06 3.97 -23.47
N ARG B 11 0.91 3.61 -22.17
CA ARG B 11 1.95 3.86 -21.17
C ARG B 11 1.89 2.80 -20.07
N GLN B 12 3.07 2.34 -19.63
CA GLN B 12 3.15 1.40 -18.52
C GLN B 12 2.68 2.09 -17.31
N GLY B 13 1.59 1.57 -16.69
CA GLY B 13 1.10 2.19 -15.46
C GLY B 13 2.28 2.38 -14.54
N PRO B 14 2.25 3.40 -13.69
CA PRO B 14 3.41 3.71 -12.81
C PRO B 14 4.05 2.46 -12.26
N LYS B 15 3.20 1.53 -11.91
CA LYS B 15 3.64 0.26 -11.37
C LYS B 15 3.21 -0.88 -12.28
N GLU B 16 2.51 -0.56 -13.38
CA GLU B 16 2.01 -1.62 -14.24
C GLU B 16 3.13 -2.52 -14.62
N PRO B 17 3.04 -3.80 -14.25
CA PRO B 17 4.10 -4.77 -14.55
C PRO B 17 4.48 -4.74 -15.99
N PHE B 18 5.80 -4.76 -16.28
CA PHE B 18 6.23 -4.72 -17.64
C PHE B 18 5.59 -5.89 -18.32
N ARG B 19 5.57 -7.01 -17.64
CA ARG B 19 4.92 -8.20 -18.17
C ARG B 19 3.44 -7.88 -18.51
N ASP B 20 2.83 -6.96 -17.72
CA ASP B 20 1.44 -6.53 -17.96
C ASP B 20 1.41 -5.37 -18.96
N TYR B 21 2.08 -4.26 -18.64
CA TYR B 21 2.09 -3.12 -19.52
C TYR B 21 2.44 -3.55 -20.89
N VAL B 22 3.57 -4.21 -21.03
CA VAL B 22 3.97 -4.71 -22.32
C VAL B 22 2.81 -5.55 -22.89
N ASP B 23 2.07 -6.27 -22.02
CA ASP B 23 0.92 -7.10 -22.51
C ASP B 23 -0.17 -6.18 -23.06
N ARG B 24 -0.25 -5.02 -22.43
CA ARG B 24 -1.21 -3.98 -22.82
C ARG B 24 -0.69 -3.22 -24.03
N PHE B 25 0.63 -3.05 -24.06
CA PHE B 25 1.28 -2.32 -25.13
C PHE B 25 0.99 -3.00 -26.44
N TYR B 26 1.17 -4.28 -26.46
CA TYR B 26 1.01 -4.98 -27.72
C TYR B 26 -0.45 -5.26 -28.07
N LYS B 27 -1.31 -5.45 -27.05
CA LYS B 27 -2.72 -5.68 -27.31
C LYS B 27 -3.31 -4.41 -27.91
N THR B 28 -2.88 -3.29 -27.32
CA THR B 28 -3.29 -1.97 -27.80
C THR B 28 -2.63 -1.69 -29.14
N LEU B 29 -1.37 -2.06 -29.27
CA LEU B 29 -0.66 -1.87 -30.53
C LEU B 29 -1.37 -2.67 -31.61
N ARG B 30 -1.83 -3.86 -31.24
CA ARG B 30 -2.56 -4.69 -32.18
C ARG B 30 -3.73 -3.86 -32.67
N ALA B 31 -4.31 -3.11 -31.72
CA ALA B 31 -5.42 -2.21 -32.02
C ALA B 31 -4.95 -1.02 -32.84
N GLU B 32 -3.73 -0.54 -32.53
CA GLU B 32 -3.14 0.59 -33.27
C GLU B 32 -2.91 0.14 -34.71
N GLN B 33 -3.63 0.77 -35.62
CA GLN B 33 -3.55 0.44 -37.03
C GLN B 33 -2.36 1.12 -37.67
N ALA B 34 -1.26 0.42 -37.56
CA ALA B 34 0.01 0.84 -38.09
C ALA B 34 0.56 -0.32 -38.91
N SER B 35 1.17 -0.03 -40.05
CA SER B 35 1.71 -1.10 -40.88
C SER B 35 2.71 -1.87 -40.06
N GLN B 36 3.08 -3.07 -40.50
CA GLN B 36 4.05 -3.84 -39.74
C GLN B 36 5.27 -2.97 -39.49
N GLU B 37 5.88 -2.49 -40.55
CA GLU B 37 7.03 -1.61 -40.40
C GLU B 37 6.74 -0.48 -39.43
N VAL B 38 5.46 -0.12 -39.28
CA VAL B 38 5.11 0.95 -38.35
C VAL B 38 5.02 0.39 -36.93
N LYS B 39 4.23 -0.68 -36.73
CA LYS B 39 4.10 -1.28 -35.39
C LYS B 39 5.43 -1.88 -34.92
N ASN B 40 6.10 -2.62 -35.82
CA ASN B 40 7.40 -3.28 -35.49
C ASN B 40 8.45 -2.31 -34.89
N TRP B 41 8.67 -1.15 -35.50
CA TRP B 41 9.64 -0.21 -34.94
C TRP B 41 8.99 0.68 -33.86
N MET B 42 7.66 0.83 -33.93
CA MET B 42 6.98 1.61 -32.91
C MET B 42 7.20 0.98 -31.59
N THR B 43 7.08 -0.30 -31.53
CA THR B 43 7.23 -0.91 -30.25
C THR B 43 8.57 -0.52 -29.71
N GLU B 44 9.54 -0.59 -30.59
CA GLU B 44 10.91 -0.23 -30.27
C GLU B 44 11.09 1.23 -29.95
N THR B 45 10.37 2.12 -30.61
CA THR B 45 10.55 3.53 -30.29
C THR B 45 9.65 3.97 -29.15
N LEU B 46 8.52 3.32 -28.99
CA LEU B 46 7.59 3.69 -27.91
C LEU B 46 7.94 2.91 -26.63
N LEU B 47 7.79 1.56 -26.71
CA LEU B 47 7.91 0.68 -25.54
C LEU B 47 8.97 1.16 -24.56
N VAL B 48 10.11 1.62 -25.01
CA VAL B 48 11.11 2.11 -24.05
C VAL B 48 10.71 3.51 -23.46
N GLN B 49 10.32 4.44 -24.34
CA GLN B 49 9.96 5.84 -23.95
C GLN B 49 8.73 6.05 -23.08
N ASN B 50 7.66 5.30 -23.34
CA ASN B 50 6.42 5.50 -22.58
C ASN B 50 6.21 4.41 -21.57
N ALA B 51 7.26 3.65 -21.28
CA ALA B 51 7.08 2.53 -20.39
C ALA B 51 7.34 2.82 -18.91
N ASN B 52 6.50 3.68 -18.28
CA ASN B 52 6.64 3.86 -16.86
C ASN B 52 8.01 4.37 -16.53
N PRO B 53 8.19 5.67 -16.22
CA PRO B 53 9.53 6.23 -15.88
C PRO B 53 10.43 5.16 -15.25
N ASP B 54 9.86 4.23 -14.39
CA ASP B 54 10.67 3.09 -13.81
C ASP B 54 11.18 2.12 -14.90
N CYS B 55 10.27 1.42 -15.60
CA CYS B 55 10.73 0.44 -16.60
C CYS B 55 11.43 1.13 -17.73
N LYS B 56 10.80 2.19 -18.20
CA LYS B 56 11.35 2.97 -19.28
C LYS B 56 12.81 3.29 -18.99
N THR B 57 13.09 3.71 -17.73
CA THR B 57 14.44 4.04 -17.35
C THR B 57 15.27 2.76 -17.28
N ILE B 58 14.60 1.61 -16.99
CA ILE B 58 15.26 0.29 -16.92
C ILE B 58 15.67 -0.24 -18.28
N LEU B 59 14.82 -0.10 -19.27
CA LEU B 59 15.19 -0.57 -20.58
C LEU B 59 16.46 0.16 -20.96
N LYS B 60 16.43 1.47 -20.70
CA LYS B 60 17.56 2.36 -20.97
C LYS B 60 18.69 2.07 -19.98
N ALA B 61 18.33 1.75 -18.74
CA ALA B 61 19.33 1.46 -17.71
C ALA B 61 20.17 0.29 -18.15
N LEU B 62 19.48 -0.69 -18.70
CA LEU B 62 20.12 -1.85 -19.23
C LEU B 62 21.01 -1.42 -20.38
N GLY B 63 20.61 -0.29 -20.98
CA GLY B 63 21.27 0.22 -22.14
C GLY B 63 20.31 0.04 -23.32
N PRO B 64 19.87 1.14 -23.95
CA PRO B 64 18.90 1.08 -25.10
C PRO B 64 19.20 -0.01 -26.10
N GLY B 65 18.16 -0.43 -26.81
CA GLY B 65 18.29 -1.53 -27.75
C GLY B 65 18.33 -2.84 -26.98
N ALA B 66 18.22 -2.72 -25.63
CA ALA B 66 18.25 -3.88 -24.75
C ALA B 66 17.29 -4.91 -25.25
N THR B 67 17.70 -6.16 -25.12
CA THR B 67 16.85 -7.23 -25.53
C THR B 67 15.57 -7.15 -24.73
N LEU B 68 14.45 -7.52 -25.35
CA LEU B 68 13.18 -7.46 -24.65
C LEU B 68 13.25 -8.31 -23.41
N GLU B 69 14.17 -9.27 -23.40
CA GLU B 69 14.36 -10.14 -22.24
C GLU B 69 15.31 -9.45 -21.28
N GLU B 70 16.22 -8.66 -21.85
CA GLU B 70 17.13 -7.91 -21.02
C GLU B 70 16.27 -7.06 -20.13
N MET B 71 15.17 -6.52 -20.70
CA MET B 71 14.25 -5.77 -19.89
C MET B 71 13.28 -6.74 -19.20
N MET B 72 12.63 -7.62 -19.93
CA MET B 72 11.73 -8.57 -19.30
C MET B 72 12.39 -9.23 -18.03
N THR B 73 13.72 -9.24 -17.97
CA THR B 73 14.40 -9.74 -16.79
C THR B 73 14.55 -8.59 -15.77
N ALA B 74 14.74 -7.33 -16.25
CA ALA B 74 14.93 -6.17 -15.35
C ALA B 74 13.61 -5.48 -14.94
N CYS B 75 12.77 -5.11 -15.93
CA CYS B 75 11.50 -4.40 -15.69
C CYS B 75 10.44 -5.30 -15.05
N GLN B 76 10.61 -6.61 -15.17
CA GLN B 76 9.68 -7.54 -14.56
C GLN B 76 9.76 -7.35 -13.06
N GLY B 77 10.95 -6.93 -12.60
CA GLY B 77 11.16 -6.68 -11.20
C GLY B 77 10.47 -5.38 -10.79
N VAL B 78 10.19 -4.47 -11.79
CA VAL B 78 9.47 -3.19 -11.48
C VAL B 78 7.96 -3.39 -11.29
N GLY B 79 7.46 -2.90 -10.17
CA GLY B 79 6.05 -2.96 -9.87
C GLY B 79 5.76 -3.28 -8.42
N GLY B 80 6.46 -4.26 -7.89
CA GLY B 80 6.24 -4.69 -6.52
C GLY B 80 7.36 -4.27 -5.58
N PRO B 81 7.24 -4.63 -4.29
CA PRO B 81 8.25 -4.29 -3.24
C PRO B 81 9.59 -4.91 -3.54
N GLY B 82 9.61 -5.95 -4.42
CA GLY B 82 10.90 -6.40 -4.90
C GLY B 82 11.57 -5.16 -5.45
N HIS B 83 10.72 -4.27 -5.97
CA HIS B 83 11.10 -2.98 -6.48
C HIS B 83 11.00 -1.85 -5.50
N LYS B 84 9.80 -1.68 -4.94
CA LYS B 84 9.61 -0.59 -4.02
C LYS B 84 10.70 -0.66 -2.91
N ALA B 85 11.26 -1.86 -2.72
CA ALA B 85 12.34 -2.10 -1.77
C ALA B 85 13.74 -1.92 -2.37
N ARG B 86 14.03 -2.66 -3.47
CA ARG B 86 15.35 -2.59 -4.10
C ARG B 86 15.68 -1.13 -4.35
N VAL B 87 14.67 -0.40 -4.83
CA VAL B 87 14.80 1.00 -5.07
C VAL B 87 14.89 1.73 -3.73
N LEU B 88 14.02 1.40 -2.75
CA LEU B 88 14.08 2.14 -1.46
C LEU B 88 15.50 2.19 -0.94
N ALA B 89 16.20 1.08 -0.99
CA ALA B 89 17.58 1.03 -0.50
C ALA B 89 18.50 1.93 -1.33
N GLU B 90 18.35 1.83 -2.66
CA GLU B 90 19.18 2.61 -3.58
C GLU B 90 18.86 4.09 -3.63
N ALA B 91 17.60 4.46 -3.79
CA ALA B 91 17.27 5.88 -3.82
C ALA B 91 17.73 6.46 -2.49
N MET B 92 17.53 5.65 -1.45
CA MET B 92 18.01 6.01 -0.11
C MET B 92 19.53 6.23 -0.20
N SER B 93 20.20 5.40 -1.02
CA SER B 93 21.65 5.55 -1.18
C SER B 93 21.95 6.60 -2.27
N GLN B 94 20.94 7.01 -3.01
CA GLN B 94 21.11 8.04 -4.01
C GLN B 94 21.33 9.38 -3.32
N VAL B 95 20.68 9.52 -2.17
CA VAL B 95 20.78 10.72 -1.34
C VAL B 95 21.97 10.59 -0.34
N THR B 96 22.42 9.37 -0.08
CA THR B 96 23.50 9.21 0.87
C THR B 96 24.81 9.66 0.24
N ASN B 97 25.12 9.07 -0.91
CA ASN B 97 26.34 9.40 -1.64
C ASN B 97 26.12 10.48 -2.71
N THR B 98 25.02 10.34 -3.42
CA THR B 98 24.68 11.22 -4.54
C THR B 98 23.70 12.36 -4.19
N ALA B 99 23.44 12.64 -2.93
CA ALA B 99 22.47 13.69 -2.61
C ALA B 99 22.92 15.00 -3.26
N THR B 100 24.23 15.26 -3.26
CA THR B 100 24.69 16.47 -3.91
C THR B 100 24.55 16.24 -5.40
N ILE B 101 23.59 16.95 -6.01
CA ILE B 101 23.34 16.79 -7.43
C ILE B 101 23.40 18.15 -8.14
N MET B 102 24.21 18.22 -9.19
CA MET B 102 24.34 19.46 -9.95
C MET B 102 24.76 19.17 -11.39
N GLY C 1 -19.03 26.85 -4.50
CA GLY C 1 -17.86 27.16 -5.36
C GLY C 1 -17.30 25.86 -5.94
N GLY C 2 -18.13 25.16 -6.70
CA GLY C 2 -17.71 23.90 -7.30
C GLY C 2 -18.50 22.70 -6.73
N SER C 3 -19.69 22.45 -7.30
CA SER C 3 -20.53 21.34 -6.86
C SER C 3 -20.20 20.07 -7.66
N PRO C 4 -20.64 18.91 -7.21
CA PRO C 4 -20.38 17.60 -7.89
C PRO C 4 -20.82 17.60 -9.36
N THR C 5 -20.22 16.69 -10.14
CA THR C 5 -20.48 16.53 -11.58
C THR C 5 -19.65 17.52 -12.36
N SER C 6 -19.74 18.79 -11.97
CA SER C 6 -18.95 19.81 -12.60
C SER C 6 -17.48 19.53 -12.41
N ILE C 7 -16.70 19.92 -13.39
CA ILE C 7 -15.27 19.73 -13.36
C ILE C 7 -14.67 20.51 -12.20
N LEU C 8 -15.49 21.33 -11.57
CA LEU C 8 -15.01 22.10 -10.43
C LEU C 8 -14.82 21.12 -9.28
N ASP C 9 -15.84 20.29 -9.09
CA ASP C 9 -15.80 19.25 -8.09
C ASP C 9 -15.14 18.05 -8.70
N ILE C 10 -13.93 18.28 -9.18
CA ILE C 10 -13.17 17.24 -9.80
C ILE C 10 -11.72 17.35 -9.39
N ARG C 11 -11.24 16.38 -8.62
CA ARG C 11 -9.85 16.36 -8.19
C ARG C 11 -9.22 14.99 -8.35
N GLN C 12 -7.89 14.99 -8.48
CA GLN C 12 -7.12 13.76 -8.65
C GLN C 12 -7.08 12.98 -7.38
N GLY C 13 -7.20 11.69 -7.56
CA GLY C 13 -7.07 10.79 -6.45
C GLY C 13 -5.56 10.80 -6.07
N PRO C 14 -5.23 10.97 -4.78
CA PRO C 14 -3.82 11.07 -4.36
C PRO C 14 -3.04 9.90 -4.93
N LYS C 15 -3.73 8.75 -5.03
CA LYS C 15 -3.13 7.56 -5.63
C LYS C 15 -3.51 7.46 -7.09
N GLU C 16 -4.59 8.13 -7.47
CA GLU C 16 -5.03 8.14 -8.85
C GLU C 16 -3.98 8.84 -9.67
N PRO C 17 -3.29 8.15 -10.57
CA PRO C 17 -2.25 8.76 -11.43
C PRO C 17 -2.74 9.98 -12.12
N PHE C 18 -1.81 10.87 -12.46
CA PHE C 18 -2.18 12.05 -13.17
C PHE C 18 -2.85 11.65 -14.46
N ARG C 19 -2.33 10.57 -15.05
CA ARG C 19 -2.91 10.04 -16.28
C ARG C 19 -4.36 9.57 -16.00
N ASP C 20 -4.57 9.04 -14.78
CA ASP C 20 -5.89 8.56 -14.35
C ASP C 20 -6.74 9.69 -13.81
N TYR C 21 -6.12 10.78 -13.48
CA TYR C 21 -6.87 11.89 -13.00
C TYR C 21 -7.23 12.77 -14.15
N VAL C 22 -6.28 13.04 -15.00
CA VAL C 22 -6.57 13.84 -16.15
C VAL C 22 -7.71 13.18 -16.92
N ASP C 23 -7.69 11.84 -16.96
CA ASP C 23 -8.75 11.10 -17.63
C ASP C 23 -10.07 11.24 -16.84
N ARG C 24 -10.02 11.00 -15.55
CA ARG C 24 -11.22 11.12 -14.74
C ARG C 24 -11.71 12.53 -14.81
N PHE C 25 -10.77 13.44 -14.73
CA PHE C 25 -11.06 14.84 -14.81
C PHE C 25 -11.90 15.01 -16.01
N TYR C 26 -11.35 14.63 -17.20
CA TYR C 26 -12.11 14.83 -18.42
C TYR C 26 -13.37 13.99 -18.52
N LYS C 27 -13.34 12.73 -18.16
CA LYS C 27 -14.56 11.91 -18.22
C LYS C 27 -15.68 12.68 -17.55
N THR C 28 -15.36 13.28 -16.41
CA THR C 28 -16.32 14.11 -15.70
C THR C 28 -16.63 15.38 -16.49
N LEU C 29 -15.58 16.04 -17.07
CA LEU C 29 -15.80 17.32 -17.79
C LEU C 29 -16.79 17.11 -18.90
N ARG C 30 -16.66 15.98 -19.56
CA ARG C 30 -17.56 15.70 -20.63
C ARG C 30 -18.94 15.82 -20.07
N ALA C 31 -19.11 15.35 -18.82
CA ALA C 31 -20.41 15.42 -18.14
C ALA C 31 -20.84 16.86 -17.83
N GLU C 32 -19.91 17.72 -17.42
CA GLU C 32 -20.27 19.14 -17.17
C GLU C 32 -20.60 19.74 -18.54
N GLN C 33 -21.83 20.17 -18.73
CA GLN C 33 -22.21 20.69 -20.03
C GLN C 33 -21.79 22.14 -20.23
N ALA C 34 -20.49 22.35 -20.31
CA ALA C 34 -19.97 23.69 -20.54
C ALA C 34 -19.66 23.89 -22.03
N SER C 35 -19.83 25.09 -22.52
CA SER C 35 -19.57 25.34 -23.93
C SER C 35 -18.08 25.23 -24.22
N GLN C 36 -17.71 25.29 -25.50
CA GLN C 36 -16.28 25.19 -25.90
C GLN C 36 -15.48 26.38 -25.36
N GLU C 37 -16.16 27.53 -25.32
CA GLU C 37 -15.57 28.78 -24.84
C GLU C 37 -15.12 28.64 -23.38
N VAL C 38 -15.97 28.07 -22.55
CA VAL C 38 -15.63 27.86 -21.16
C VAL C 38 -15.11 26.45 -20.84
N LYS C 39 -15.90 25.40 -21.13
CA LYS C 39 -15.51 24.01 -20.80
C LYS C 39 -14.02 23.84 -21.03
N ASN C 40 -13.53 24.45 -22.10
CA ASN C 40 -12.13 24.38 -22.40
C ASN C 40 -11.31 25.09 -21.34
N TRP C 41 -11.53 26.40 -21.18
CA TRP C 41 -10.76 27.18 -20.22
C TRP C 41 -10.77 26.52 -18.84
N MET C 42 -11.77 25.65 -18.56
CA MET C 42 -11.86 24.93 -17.26
C MET C 42 -10.83 23.85 -17.20
N THR C 43 -10.70 23.19 -18.31
CA THR C 43 -9.75 22.12 -18.41
C THR C 43 -8.37 22.63 -18.05
N GLU C 44 -8.15 23.95 -18.15
CA GLU C 44 -6.82 24.49 -17.84
C GLU C 44 -6.58 24.85 -16.36
N THR C 45 -7.41 25.70 -15.79
CA THR C 45 -7.23 26.11 -14.39
C THR C 45 -7.63 24.99 -13.41
N LEU C 46 -8.75 24.26 -13.70
CA LEU C 46 -9.21 23.16 -12.79
C LEU C 46 -8.29 21.95 -12.84
N LEU C 47 -7.85 21.60 -14.04
CA LEU C 47 -7.01 20.43 -14.20
C LEU C 47 -5.71 20.53 -13.42
N VAL C 48 -5.09 21.70 -13.46
CA VAL C 48 -3.83 21.89 -12.77
C VAL C 48 -4.02 22.00 -11.25
N GLN C 49 -4.94 22.87 -10.83
CA GLN C 49 -5.20 23.13 -9.40
C GLN C 49 -5.92 21.99 -8.69
N ASN C 50 -6.68 21.17 -9.42
CA ASN C 50 -7.41 20.05 -8.81
C ASN C 50 -6.64 18.75 -9.03
N ALA C 51 -5.41 18.88 -9.50
CA ALA C 51 -4.63 17.71 -9.84
C ALA C 51 -3.84 17.05 -8.71
N ASN C 52 -4.43 16.84 -7.50
CA ASN C 52 -3.64 16.14 -6.49
C ASN C 52 -2.39 16.95 -6.18
N PRO C 53 -2.34 17.68 -5.07
CA PRO C 53 -1.15 18.55 -4.78
C PRO C 53 0.16 17.94 -5.31
N ASP C 54 0.31 16.61 -5.31
CA ASP C 54 1.52 16.04 -5.86
C ASP C 54 1.64 16.40 -7.35
N CYS C 55 0.73 15.91 -8.21
CA CYS C 55 0.84 16.25 -9.64
C CYS C 55 0.71 17.74 -9.81
N LYS C 56 -0.31 18.28 -9.20
CA LYS C 56 -0.60 19.70 -9.24
C LYS C 56 0.61 20.55 -8.97
N THR C 57 1.38 20.21 -7.93
CA THR C 57 2.56 20.97 -7.66
C THR C 57 3.60 20.61 -8.72
N ILE C 58 3.64 19.31 -9.12
CA ILE C 58 4.57 18.86 -10.16
C ILE C 58 4.41 19.68 -11.39
N LEU C 59 3.17 20.02 -11.70
CA LEU C 59 2.89 20.82 -12.87
C LEU C 59 3.65 22.10 -12.66
N LYS C 60 3.54 22.62 -11.43
CA LYS C 60 4.24 23.85 -11.05
C LYS C 60 5.73 23.61 -11.05
N ALA C 61 6.11 22.38 -10.75
CA ALA C 61 7.48 22.01 -10.76
C ALA C 61 7.95 22.09 -12.20
N LEU C 62 7.16 21.48 -13.11
CA LEU C 62 7.46 21.50 -14.52
C LEU C 62 7.40 22.92 -15.00
N GLY C 63 6.71 23.75 -14.20
CA GLY C 63 6.50 25.11 -14.56
C GLY C 63 5.35 25.10 -15.56
N PRO C 64 4.59 26.16 -15.67
CA PRO C 64 3.44 26.23 -16.63
C PRO C 64 3.90 26.29 -18.09
N GLY C 65 3.04 25.83 -18.99
CA GLY C 65 3.37 25.84 -20.43
C GLY C 65 3.51 24.43 -20.94
N ALA C 66 3.74 23.51 -20.00
CA ALA C 66 3.86 22.13 -20.33
C ALA C 66 2.67 21.73 -21.16
N THR C 67 2.78 20.59 -21.76
CA THR C 67 1.70 20.09 -22.50
C THR C 67 0.97 19.11 -21.60
N LEU C 68 -0.32 18.93 -21.81
CA LEU C 68 -1.05 17.99 -20.98
C LEU C 68 -0.33 16.63 -21.03
N GLU C 69 0.35 16.39 -22.16
CA GLU C 69 1.10 15.18 -22.35
C GLU C 69 2.36 15.22 -21.46
N GLU C 70 2.97 16.43 -21.34
CA GLU C 70 4.17 16.58 -20.54
C GLU C 70 3.87 16.44 -19.06
N MET C 71 2.87 17.21 -18.53
CA MET C 71 2.52 17.08 -17.07
C MET C 71 2.08 15.69 -16.83
N MET C 72 1.56 15.07 -17.88
CA MET C 72 1.18 13.69 -17.71
C MET C 72 2.41 12.86 -17.37
N THR C 73 3.52 13.04 -18.13
CA THR C 73 4.74 12.24 -17.90
C THR C 73 5.35 12.47 -16.51
N ALA C 74 5.62 13.72 -16.12
CA ALA C 74 6.21 13.97 -14.80
C ALA C 74 5.35 13.45 -13.69
N CYS C 75 4.06 13.64 -13.89
CA CYS C 75 3.05 13.21 -12.92
C CYS C 75 2.63 11.74 -13.19
N GLN C 76 3.24 11.11 -14.20
CA GLN C 76 2.94 9.71 -14.53
C GLN C 76 3.78 8.80 -13.63
N GLY C 77 4.97 9.32 -13.24
CA GLY C 77 5.86 8.64 -12.34
C GLY C 77 5.25 8.55 -10.95
N VAL C 78 4.08 9.22 -10.76
CA VAL C 78 3.36 9.19 -9.50
C VAL C 78 2.35 8.04 -9.49
N GLY C 79 2.44 7.18 -8.47
CA GLY C 79 1.50 6.09 -8.32
C GLY C 79 2.20 4.80 -7.93
N GLY C 80 3.26 4.52 -8.66
CA GLY C 80 4.02 3.32 -8.39
C GLY C 80 5.20 3.68 -7.51
N PRO C 81 6.09 2.75 -7.31
CA PRO C 81 7.31 2.98 -6.49
C PRO C 81 8.10 4.20 -7.02
N GLY C 82 7.79 4.70 -8.27
CA GLY C 82 8.48 5.85 -8.78
C GLY C 82 8.27 6.92 -7.74
N HIS C 83 7.04 6.94 -7.17
CA HIS C 83 6.78 7.89 -6.09
C HIS C 83 7.21 7.45 -4.81
N LYS C 84 6.83 6.31 -4.50
CA LYS C 84 7.22 5.81 -3.26
C LYS C 84 8.78 5.85 -3.19
N ALA C 85 9.47 5.95 -4.36
CA ALA C 85 10.95 6.02 -4.45
C ALA C 85 11.52 7.45 -4.43
N ARG C 86 11.21 8.22 -5.49
CA ARG C 86 11.71 9.58 -5.65
C ARG C 86 11.22 10.51 -4.55
N VAL C 87 9.92 10.42 -4.25
CA VAL C 87 9.35 11.26 -3.22
C VAL C 87 10.03 10.96 -1.92
N LEU C 88 10.20 9.68 -1.64
CA LEU C 88 10.85 9.32 -0.40
C LEU C 88 12.29 9.79 -0.35
N ALA C 89 13.03 9.61 -1.43
CA ALA C 89 14.41 10.05 -1.44
C ALA C 89 14.48 11.55 -1.23
N GLU C 90 13.56 12.26 -1.87
CA GLU C 90 13.53 13.72 -1.79
C GLU C 90 13.07 14.23 -0.47
N ALA C 91 12.02 13.64 0.09
CA ALA C 91 11.55 14.04 1.39
C ALA C 91 12.61 13.66 2.41
N MET C 92 13.19 12.47 2.17
CA MET C 92 14.27 11.95 3.00
C MET C 92 15.36 13.01 3.06
N SER C 93 15.62 13.66 1.93
CA SER C 93 16.69 14.67 1.89
C SER C 93 16.16 16.10 1.88
N GLN C 94 14.86 16.26 1.76
CA GLN C 94 14.28 17.59 1.77
C GLN C 94 14.60 18.17 3.11
N VAL C 95 14.59 17.31 4.10
CA VAL C 95 14.90 17.74 5.41
C VAL C 95 16.40 17.62 5.69
N THR C 96 17.08 16.69 5.03
CA THR C 96 18.51 16.56 5.30
C THR C 96 19.21 17.89 5.02
N ASN C 97 18.95 18.45 3.84
CA ASN C 97 19.55 19.73 3.47
C ASN C 97 18.64 20.91 3.79
N THR C 98 17.36 20.76 3.45
CA THR C 98 16.35 21.81 3.60
C THR C 98 15.49 21.71 4.87
N ALA C 99 15.88 20.92 5.88
CA ALA C 99 15.00 20.80 7.06
C ALA C 99 14.72 22.16 7.63
N THR C 100 15.71 23.03 7.63
CA THR C 100 15.45 24.35 8.14
C THR C 100 14.59 25.07 7.11
N ILE C 101 13.33 25.30 7.45
CA ILE C 101 12.41 25.94 6.52
C ILE C 101 11.78 27.16 7.19
N MET C 102 11.89 28.31 6.53
CA MET C 102 11.32 29.53 7.08
C MET C 102 10.99 30.52 5.95
N GLY D 1 -24.03 10.70 23.17
CA GLY D 1 -24.25 11.76 22.15
C GLY D 1 -23.47 11.40 20.89
N GLY D 2 -24.01 11.79 19.73
CA GLY D 2 -23.35 11.50 18.46
C GLY D 2 -23.33 10.00 18.16
N SER D 3 -24.50 9.36 18.24
CA SER D 3 -24.62 7.92 17.96
C SER D 3 -24.26 7.63 16.50
N PRO D 4 -23.96 6.41 16.16
CA PRO D 4 -23.59 6.03 14.76
C PRO D 4 -24.62 6.55 13.74
N THR D 5 -24.10 6.90 12.54
CA THR D 5 -24.93 7.43 11.44
C THR D 5 -25.19 8.93 11.59
N SER D 6 -24.97 9.42 12.78
CA SER D 6 -25.17 10.80 13.02
C SER D 6 -24.05 11.54 12.36
N ILE D 7 -24.29 12.75 11.98
CA ILE D 7 -23.19 13.50 11.41
C ILE D 7 -22.12 13.63 12.47
N LEU D 8 -22.53 13.45 13.71
CA LEU D 8 -21.60 13.56 14.76
C LEU D 8 -20.56 12.50 14.60
N ASP D 9 -21.03 11.24 14.41
CA ASP D 9 -20.12 10.12 14.19
C ASP D 9 -19.59 10.10 12.77
N ILE D 10 -19.81 11.19 12.05
CA ILE D 10 -19.30 11.27 10.70
C ILE D 10 -17.85 11.71 10.76
N ARG D 11 -16.96 10.73 10.69
CA ARG D 11 -15.53 11.00 10.73
C ARG D 11 -14.87 10.51 9.49
N GLN D 12 -14.12 11.40 8.87
CA GLN D 12 -13.36 11.02 7.69
C GLN D 12 -12.47 9.87 8.08
N GLY D 13 -12.24 9.01 7.15
CA GLY D 13 -11.41 7.89 7.40
C GLY D 13 -9.97 8.35 7.51
N PRO D 14 -9.14 7.52 8.11
CA PRO D 14 -7.71 7.84 8.23
C PRO D 14 -7.05 7.97 6.87
N LYS D 15 -7.72 7.36 5.86
CA LYS D 15 -7.26 7.43 4.49
C LYS D 15 -8.33 8.07 3.59
N GLU D 16 -9.58 8.06 4.04
CA GLU D 16 -10.69 8.63 3.25
C GLU D 16 -10.41 10.08 2.90
N PRO D 17 -10.43 10.45 1.63
CA PRO D 17 -10.17 11.86 1.23
C PRO D 17 -11.19 12.81 1.71
N PHE D 18 -10.79 14.07 1.78
CA PHE D 18 -11.68 15.10 2.22
C PHE D 18 -12.73 15.25 1.21
N ARG D 19 -12.38 14.97 -0.05
CA ARG D 19 -13.33 15.07 -1.13
C ARG D 19 -14.46 14.09 -0.87
N ASP D 20 -14.10 12.87 -0.56
CA ASP D 20 -15.13 11.88 -0.24
C ASP D 20 -15.76 12.17 1.12
N TYR D 21 -14.93 12.57 2.07
CA TYR D 21 -15.41 12.79 3.40
C TYR D 21 -16.49 13.85 3.43
N VAL D 22 -16.19 14.97 2.85
CA VAL D 22 -17.14 16.02 2.82
C VAL D 22 -18.45 15.58 2.14
N ASP D 23 -18.37 14.85 1.02
CA ASP D 23 -19.61 14.40 0.33
C ASP D 23 -20.42 13.44 1.22
N ARG D 24 -19.71 12.55 1.89
CA ARG D 24 -20.40 11.63 2.79
C ARG D 24 -20.98 12.40 3.98
N PHE D 25 -20.21 13.37 4.48
CA PHE D 25 -20.59 14.16 5.65
C PHE D 25 -21.99 14.74 5.47
N TYR D 26 -22.16 15.48 4.40
CA TYR D 26 -23.42 16.13 4.15
C TYR D 26 -24.56 15.12 3.79
N LYS D 27 -24.29 14.09 2.98
CA LYS D 27 -25.35 13.11 2.64
C LYS D 27 -25.80 12.46 3.95
N THR D 28 -24.81 12.00 4.71
CA THR D 28 -25.06 11.40 6.01
C THR D 28 -25.78 12.42 6.86
N LEU D 29 -25.32 13.67 6.79
CA LEU D 29 -25.96 14.78 7.51
C LEU D 29 -27.43 14.79 7.10
N ARG D 30 -27.70 14.53 5.81
CA ARG D 30 -29.07 14.49 5.32
C ARG D 30 -29.78 13.34 6.00
N ALA D 31 -29.00 12.27 6.25
CA ALA D 31 -29.48 11.06 6.92
C ALA D 31 -29.73 11.34 8.40
N GLU D 32 -28.89 12.20 8.98
CA GLU D 32 -29.06 12.60 10.36
C GLU D 32 -30.13 13.64 10.29
N GLN D 33 -30.64 14.11 11.41
CA GLN D 33 -31.71 15.09 11.34
C GLN D 33 -31.34 16.43 11.94
N ALA D 34 -30.95 17.35 11.09
CA ALA D 34 -30.69 18.70 11.52
C ALA D 34 -31.30 19.65 10.46
N SER D 35 -31.77 20.81 10.87
CA SER D 35 -32.34 21.77 9.91
C SER D 35 -31.18 22.32 9.08
N GLN D 36 -31.47 23.16 8.10
CA GLN D 36 -30.37 23.69 7.30
C GLN D 36 -29.46 24.50 8.23
N GLU D 37 -30.12 25.22 9.17
CA GLU D 37 -29.42 26.07 10.18
C GLU D 37 -28.63 25.24 11.22
N VAL D 38 -29.24 24.13 11.71
CA VAL D 38 -28.58 23.24 12.66
C VAL D 38 -27.40 22.57 11.98
N LYS D 39 -27.66 22.16 10.75
CA LYS D 39 -26.68 21.49 9.94
C LYS D 39 -25.48 22.37 9.55
N ASN D 40 -25.71 23.64 9.23
CA ASN D 40 -24.62 24.51 8.68
C ASN D 40 -23.46 24.78 9.63
N TRP D 41 -23.75 25.25 10.84
CA TRP D 41 -22.69 25.50 11.81
C TRP D 41 -22.12 24.13 12.23
N MET D 42 -22.97 23.06 12.11
CA MET D 42 -22.57 21.68 12.38
C MET D 42 -21.62 21.26 11.28
N THR D 43 -21.93 21.61 10.07
CA THR D 43 -21.04 21.24 9.04
C THR D 43 -19.76 22.00 9.26
N GLU D 44 -19.88 23.20 9.75
CA GLU D 44 -18.72 23.98 10.04
C GLU D 44 -17.94 23.47 11.25
N THR D 45 -18.65 23.06 12.26
CA THR D 45 -18.01 22.59 13.48
C THR D 45 -17.68 21.12 13.38
N LEU D 46 -18.65 20.29 13.07
CA LEU D 46 -18.37 18.85 12.98
C LEU D 46 -17.37 18.54 11.90
N LEU D 47 -17.57 19.08 10.69
CA LEU D 47 -16.67 18.75 9.57
C LEU D 47 -15.19 18.88 9.94
N VAL D 48 -14.80 20.06 10.30
CA VAL D 48 -13.42 20.32 10.60
C VAL D 48 -12.92 19.40 11.72
N GLN D 49 -13.76 19.15 12.71
CA GLN D 49 -13.34 18.34 13.90
C GLN D 49 -13.44 16.83 13.72
N ASN D 50 -14.27 16.38 12.83
CA ASN D 50 -14.43 14.95 12.60
C ASN D 50 -13.98 14.63 11.22
N ALA D 51 -13.03 15.39 10.73
CA ALA D 51 -12.56 15.17 9.40
C ALA D 51 -11.21 14.49 9.37
N ASN D 52 -11.02 13.31 10.02
CA ASN D 52 -9.73 12.66 9.88
C ASN D 52 -8.62 13.64 10.29
N PRO D 53 -8.06 13.55 11.50
CA PRO D 53 -7.01 14.51 11.95
C PRO D 53 -6.07 14.95 10.80
N ASP D 54 -5.82 14.12 9.79
CA ASP D 54 -4.98 14.59 8.69
C ASP D 54 -5.65 15.81 8.05
N CYS D 55 -6.94 15.68 7.75
CA CYS D 55 -7.68 16.79 7.15
C CYS D 55 -8.13 17.75 8.22
N LYS D 56 -8.74 17.20 9.24
CA LYS D 56 -9.20 17.98 10.37
C LYS D 56 -8.08 18.87 10.88
N THR D 57 -6.90 18.30 11.09
CA THR D 57 -5.79 19.12 11.55
C THR D 57 -5.42 20.06 10.41
N ILE D 58 -5.36 19.51 9.14
CA ILE D 58 -5.01 20.32 7.95
C ILE D 58 -5.80 21.56 7.95
N LEU D 59 -7.02 21.42 8.35
CA LEU D 59 -7.86 22.53 8.42
C LEU D 59 -7.22 23.53 9.37
N LYS D 60 -6.98 23.14 10.62
CA LYS D 60 -6.35 24.07 11.55
C LYS D 60 -5.04 24.56 10.94
N ALA D 61 -4.43 23.68 10.12
CA ALA D 61 -3.17 23.99 9.42
C ALA D 61 -3.38 25.15 8.46
N LEU D 62 -4.54 25.17 7.82
CA LEU D 62 -4.91 26.25 6.90
C LEU D 62 -5.43 27.44 7.71
N GLY D 63 -5.58 27.22 9.04
CA GLY D 63 -6.11 28.23 9.92
C GLY D 63 -7.64 28.18 9.85
N PRO D 64 -8.34 28.17 11.00
CA PRO D 64 -9.86 28.17 11.04
C PRO D 64 -10.46 29.37 10.28
N GLY D 65 -11.51 29.10 9.51
CA GLY D 65 -12.16 30.12 8.68
C GLY D 65 -11.91 29.78 7.20
N ALA D 66 -11.14 28.68 6.96
CA ALA D 66 -10.81 28.28 5.61
C ALA D 66 -12.06 28.15 4.79
N THR D 67 -11.90 28.24 3.46
CA THR D 67 -13.04 28.08 2.61
C THR D 67 -13.28 26.59 2.47
N LEU D 68 -14.53 26.17 2.50
CA LEU D 68 -14.79 24.75 2.41
C LEU D 68 -14.00 24.21 1.24
N GLU D 69 -14.01 24.95 0.15
CA GLU D 69 -13.26 24.55 -1.02
C GLU D 69 -11.78 24.47 -0.72
N GLU D 70 -11.23 25.48 -0.01
CA GLU D 70 -9.78 25.46 0.29
C GLU D 70 -9.43 24.18 1.04
N MET D 71 -10.01 24.01 2.25
CA MET D 71 -9.76 22.78 3.03
C MET D 71 -10.11 21.57 2.19
N MET D 72 -11.01 21.72 1.22
CA MET D 72 -11.38 20.55 0.43
C MET D 72 -10.14 19.95 -0.21
N THR D 73 -9.51 20.78 -1.07
CA THR D 73 -8.28 20.46 -1.80
C THR D 73 -7.12 20.11 -0.85
N ALA D 74 -6.90 20.94 0.19
CA ALA D 74 -5.76 20.65 1.10
C ALA D 74 -5.93 19.31 1.76
N CYS D 75 -7.12 19.13 2.32
CA CYS D 75 -7.48 17.93 3.05
C CYS D 75 -7.54 16.73 2.10
N GLN D 76 -8.06 16.99 0.90
CA GLN D 76 -8.23 16.00 -0.16
C GLN D 76 -6.94 15.35 -0.61
N GLY D 77 -5.84 16.13 -0.63
CA GLY D 77 -4.61 15.58 -1.11
C GLY D 77 -4.34 14.30 -0.37
N VAL D 78 -4.66 14.32 0.94
CA VAL D 78 -4.51 13.18 1.80
C VAL D 78 -5.00 11.91 1.11
N GLY D 79 -4.42 10.78 1.54
CA GLY D 79 -4.71 9.47 0.99
C GLY D 79 -3.41 8.80 0.56
N GLY D 80 -3.34 8.44 -0.71
CA GLY D 80 -2.17 7.84 -1.29
C GLY D 80 -1.02 8.85 -1.26
N PRO D 81 -0.21 8.93 -2.30
CA PRO D 81 0.92 9.87 -2.34
C PRO D 81 0.56 11.24 -1.76
N GLY D 82 -0.71 11.61 -1.77
CA GLY D 82 -1.02 12.88 -1.19
C GLY D 82 -0.54 12.93 0.26
N HIS D 83 -0.73 11.85 1.03
CA HIS D 83 -0.24 11.86 2.42
C HIS D 83 1.02 11.21 2.63
N LYS D 84 1.27 10.25 1.92
CA LYS D 84 2.48 9.63 2.12
C LYS D 84 3.59 10.57 1.61
N ALA D 85 3.35 11.22 0.47
CA ALA D 85 4.35 12.09 -0.12
C ALA D 85 4.58 13.39 0.62
N ARG D 86 3.51 14.19 0.73
CA ARG D 86 3.64 15.49 1.38
C ARG D 86 4.05 15.33 2.82
N VAL D 87 3.41 14.35 3.48
CA VAL D 87 3.71 14.15 4.87
C VAL D 87 5.11 13.73 5.00
N LEU D 88 5.56 12.80 4.16
CA LEU D 88 6.96 12.39 4.27
C LEU D 88 7.85 13.66 4.27
N ALA D 89 7.50 14.68 3.49
CA ALA D 89 8.27 15.93 3.53
C ALA D 89 8.24 16.56 4.94
N GLU D 90 7.10 16.47 5.63
CA GLU D 90 6.99 17.02 7.00
C GLU D 90 7.33 16.01 8.09
N ALA D 91 6.99 14.75 7.86
CA ALA D 91 7.30 13.67 8.80
C ALA D 91 8.81 13.57 8.90
N MET D 92 9.46 13.78 7.78
CA MET D 92 10.90 13.75 7.71
C MET D 92 11.54 14.80 8.63
N SER D 93 10.99 16.02 8.65
CA SER D 93 11.56 17.01 9.55
C SER D 93 10.84 16.94 10.88
N GLN D 94 9.71 16.21 10.91
CA GLN D 94 8.94 16.10 12.15
C GLN D 94 9.81 15.44 13.19
N VAL D 95 10.53 14.39 12.78
CA VAL D 95 11.48 13.74 13.69
C VAL D 95 12.90 14.39 13.58
N THR D 96 13.43 14.52 12.37
CA THR D 96 14.78 15.06 12.21
C THR D 96 14.96 16.42 12.90
N ASN D 97 14.07 17.36 12.65
CA ASN D 97 14.17 18.68 13.26
C ASN D 97 13.45 18.76 14.59
N THR D 98 12.27 18.18 14.61
CA THR D 98 11.38 18.22 15.77
C THR D 98 11.46 16.95 16.65
N ALA D 99 12.52 16.15 16.52
CA ALA D 99 12.57 14.92 17.33
C ALA D 99 12.43 15.28 18.79
N THR D 100 13.03 16.39 19.19
CA THR D 100 12.87 16.81 20.56
C THR D 100 11.51 17.51 20.68
N ILE D 101 10.59 16.86 21.38
CA ILE D 101 9.25 17.42 21.54
C ILE D 101 8.92 17.60 23.01
N MET D 102 8.56 18.82 23.39
CA MET D 102 8.22 19.11 24.78
C MET D 102 7.29 20.31 24.88
N GLY E 1 -10.57 -20.26 25.42
CA GLY E 1 -11.05 -18.96 25.95
C GLY E 1 -11.17 -17.96 24.80
N GLY E 2 -12.37 -17.85 24.23
CA GLY E 2 -12.60 -16.92 23.14
C GLY E 2 -12.47 -17.62 21.78
N SER E 3 -13.57 -18.20 21.30
CA SER E 3 -13.59 -18.89 20.01
C SER E 3 -13.93 -17.91 18.89
N PRO E 4 -13.69 -18.28 17.65
CA PRO E 4 -13.97 -17.39 16.47
C PRO E 4 -15.40 -16.86 16.43
N THR E 5 -15.55 -15.60 15.97
CA THR E 5 -16.85 -14.92 15.84
C THR E 5 -17.23 -14.25 17.14
N SER E 6 -16.90 -14.90 18.24
CA SER E 6 -17.18 -14.27 19.47
C SER E 6 -16.36 -13.02 19.51
N ILE E 7 -16.83 -12.02 20.17
CA ILE E 7 -16.08 -10.81 20.26
C ILE E 7 -14.66 -11.10 20.79
N LEU E 8 -14.48 -12.24 21.42
CA LEU E 8 -13.18 -12.51 21.93
C LEU E 8 -12.25 -12.57 20.75
N ASP E 9 -12.73 -13.22 19.70
CA ASP E 9 -12.00 -13.34 18.44
C ASP E 9 -11.83 -12.00 17.75
N ILE E 10 -12.87 -11.17 17.79
CA ILE E 10 -12.85 -9.85 17.14
C ILE E 10 -11.47 -9.15 17.30
N ARG E 11 -10.77 -8.90 16.18
CA ARG E 11 -9.46 -8.23 16.28
C ARG E 11 -9.26 -7.24 15.17
N GLN E 12 -8.79 -6.05 15.57
CA GLN E 12 -8.53 -5.00 14.63
C GLN E 12 -7.42 -5.43 13.77
N GLY E 13 -7.72 -5.49 12.51
CA GLY E 13 -6.71 -5.80 11.57
C GLY E 13 -5.71 -4.71 11.74
N PRO E 14 -4.48 -4.97 11.44
CA PRO E 14 -3.47 -3.91 11.63
C PRO E 14 -3.89 -2.63 10.86
N LYS E 15 -4.25 -2.79 9.57
CA LYS E 15 -4.70 -1.65 8.75
C LYS E 15 -6.13 -1.30 9.07
N GLU E 16 -6.83 -2.25 9.66
CA GLU E 16 -8.21 -2.05 9.97
C GLU E 16 -8.32 -0.79 10.79
N PRO E 17 -9.02 0.21 10.32
CA PRO E 17 -9.17 1.43 11.08
C PRO E 17 -9.99 1.07 12.24
N PHE E 18 -9.72 1.73 13.38
CA PHE E 18 -10.48 1.44 14.56
C PHE E 18 -11.96 1.42 14.22
N ARG E 19 -12.35 2.31 13.28
CA ARG E 19 -13.74 2.43 12.88
C ARG E 19 -14.26 1.12 12.29
N ASP E 20 -13.43 0.40 11.51
CA ASP E 20 -13.89 -0.86 10.92
C ASP E 20 -13.91 -1.95 11.96
N TYR E 21 -12.82 -2.01 12.66
CA TYR E 21 -12.63 -3.01 13.71
C TYR E 21 -13.65 -2.91 14.85
N VAL E 22 -13.95 -1.66 15.23
CA VAL E 22 -14.87 -1.39 16.31
C VAL E 22 -16.29 -1.75 15.84
N ASP E 23 -16.65 -1.33 14.62
CA ASP E 23 -17.96 -1.70 14.06
C ASP E 23 -18.00 -3.22 13.98
N ARG E 24 -16.94 -3.84 13.46
CA ARG E 24 -16.86 -5.30 13.41
C ARG E 24 -16.93 -5.86 14.84
N PHE E 25 -16.29 -5.18 15.76
CA PHE E 25 -16.34 -5.60 17.13
C PHE E 25 -17.80 -5.58 17.61
N TYR E 26 -18.39 -4.41 17.63
CA TYR E 26 -19.77 -4.27 18.10
C TYR E 26 -20.80 -4.99 17.21
N LYS E 27 -20.57 -5.01 15.91
CA LYS E 27 -21.48 -5.69 14.98
C LYS E 27 -21.52 -7.17 15.33
N THR E 28 -20.33 -7.73 15.61
CA THR E 28 -20.23 -9.12 15.98
C THR E 28 -20.48 -9.30 17.48
N LEU E 29 -20.33 -8.22 18.28
CA LEU E 29 -20.57 -8.29 19.72
C LEU E 29 -22.02 -8.65 19.91
N ARG E 30 -22.88 -8.03 19.10
CA ARG E 30 -24.28 -8.37 19.11
C ARG E 30 -24.36 -9.87 18.86
N ALA E 31 -23.54 -10.32 17.90
CA ALA E 31 -23.48 -11.74 17.55
C ALA E 31 -22.97 -12.59 18.71
N GLU E 32 -22.08 -12.05 19.54
CA GLU E 32 -21.67 -12.83 20.68
C GLU E 32 -22.88 -12.83 21.59
N GLN E 33 -23.45 -13.99 21.81
CA GLN E 33 -24.70 -14.06 22.58
C GLN E 33 -24.51 -13.70 24.02
N ALA E 34 -24.52 -12.42 24.26
CA ALA E 34 -24.37 -11.91 25.59
C ALA E 34 -25.40 -10.81 25.87
N SER E 35 -26.26 -11.00 26.86
CA SER E 35 -27.20 -9.95 27.22
C SER E 35 -26.36 -8.68 27.41
N GLN E 36 -26.98 -7.52 27.28
CA GLN E 36 -26.25 -6.25 27.42
C GLN E 36 -25.19 -6.31 28.54
N GLU E 37 -25.57 -6.91 29.66
CA GLU E 37 -24.69 -7.03 30.84
C GLU E 37 -23.35 -7.74 30.57
N VAL E 38 -23.37 -8.75 29.69
CA VAL E 38 -22.15 -9.47 29.39
C VAL E 38 -21.41 -8.83 28.21
N LYS E 39 -22.14 -8.33 27.23
CA LYS E 39 -21.47 -7.67 26.09
C LYS E 39 -20.85 -6.33 26.47
N ASN E 40 -21.52 -5.59 27.38
CA ASN E 40 -21.07 -4.23 27.67
C ASN E 40 -19.64 -4.13 28.14
N TRP E 41 -19.20 -4.96 29.08
CA TRP E 41 -17.83 -4.80 29.51
C TRP E 41 -16.88 -5.35 28.45
N MET E 42 -17.37 -6.27 27.61
CA MET E 42 -16.55 -6.75 26.51
C MET E 42 -16.16 -5.54 25.70
N THR E 43 -17.15 -4.64 25.48
CA THR E 43 -16.90 -3.43 24.71
C THR E 43 -15.63 -2.80 25.22
N GLU E 44 -15.45 -2.88 26.51
CA GLU E 44 -14.30 -2.30 27.16
C GLU E 44 -13.06 -3.17 27.20
N THR E 45 -13.16 -4.33 27.83
CA THR E 45 -12.01 -5.21 28.00
C THR E 45 -11.52 -5.83 26.70
N LEU E 46 -12.42 -6.17 25.82
CA LEU E 46 -12.01 -6.79 24.55
C LEU E 46 -11.66 -5.74 23.50
N LEU E 47 -12.40 -4.65 23.45
CA LEU E 47 -12.12 -3.68 22.41
C LEU E 47 -10.71 -3.19 22.49
N VAL E 48 -10.29 -2.78 23.66
CA VAL E 48 -8.96 -2.28 23.81
C VAL E 48 -7.93 -3.41 23.62
N GLN E 49 -8.19 -4.57 24.20
CA GLN E 49 -7.26 -5.70 24.12
C GLN E 49 -7.07 -6.25 22.71
N ASN E 50 -8.12 -6.29 21.90
CA ASN E 50 -7.97 -6.84 20.55
C ASN E 50 -8.11 -5.78 19.49
N ALA E 51 -7.76 -4.57 19.85
CA ALA E 51 -7.87 -3.49 18.92
C ALA E 51 -6.54 -3.15 18.28
N ASN E 52 -5.88 -4.11 17.57
CA ASN E 52 -4.65 -3.73 16.87
C ASN E 52 -3.62 -3.10 17.84
N PRO E 53 -2.55 -3.79 18.21
CA PRO E 53 -1.57 -3.24 19.19
C PRO E 53 -1.41 -1.72 19.07
N ASP E 54 -1.55 -1.17 17.88
CA ASP E 54 -1.45 0.28 17.73
C ASP E 54 -2.63 1.00 18.41
N CYS E 55 -3.89 0.63 18.07
CA CYS E 55 -5.06 1.31 18.68
C CYS E 55 -5.16 0.89 20.12
N LYS E 56 -4.66 -0.29 20.37
CA LYS E 56 -4.61 -0.85 21.70
C LYS E 56 -3.66 -0.02 22.55
N THR E 57 -2.52 0.39 21.93
CA THR E 57 -1.55 1.19 22.64
C THR E 57 -2.02 2.64 22.71
N ILE E 58 -2.74 3.09 21.66
CA ILE E 58 -3.29 4.46 21.64
C ILE E 58 -4.23 4.66 22.78
N LEU E 59 -5.09 3.68 22.92
CA LEU E 59 -6.08 3.73 23.93
C LEU E 59 -5.43 3.94 25.29
N LYS E 60 -4.41 3.15 25.60
CA LYS E 60 -3.72 3.28 26.89
C LYS E 60 -3.19 4.70 27.01
N ALA E 61 -2.85 5.27 25.86
CA ALA E 61 -2.35 6.63 25.80
C ALA E 61 -3.48 7.65 25.88
N LEU E 62 -4.67 7.21 25.52
CA LEU E 62 -5.82 8.08 25.58
C LEU E 62 -6.22 8.28 27.04
N GLY E 63 -5.56 7.54 27.95
CA GLY E 63 -5.88 7.64 29.36
C GLY E 63 -7.21 6.96 29.67
N PRO E 64 -7.21 5.80 30.30
CA PRO E 64 -8.49 5.08 30.66
C PRO E 64 -9.53 6.03 31.27
N GLY E 65 -10.80 5.68 31.06
CA GLY E 65 -11.93 6.51 31.51
C GLY E 65 -12.42 7.33 30.32
N ALA E 66 -11.47 7.50 29.36
CA ALA E 66 -11.73 8.21 28.14
C ALA E 66 -12.97 7.71 27.51
N THR E 67 -13.68 8.63 26.90
CA THR E 67 -14.84 8.26 26.17
C THR E 67 -14.44 7.60 24.89
N LEU E 68 -15.17 6.54 24.54
CA LEU E 68 -14.98 5.80 23.29
C LEU E 68 -14.96 6.78 22.11
N GLU E 69 -15.46 8.00 22.32
CA GLU E 69 -15.42 8.96 21.23
C GLU E 69 -13.98 9.41 21.02
N GLU E 70 -13.30 9.72 22.14
CA GLU E 70 -11.91 10.17 22.13
C GLU E 70 -10.93 9.12 21.59
N MET E 71 -11.10 7.83 21.91
CA MET E 71 -10.15 6.82 21.39
C MET E 71 -10.45 6.48 19.95
N MET E 72 -11.73 6.31 19.64
CA MET E 72 -12.13 5.96 18.28
C MET E 72 -11.42 6.85 17.27
N THR E 73 -11.44 8.16 17.51
CA THR E 73 -10.77 9.12 16.65
C THR E 73 -9.22 8.89 16.64
N ALA E 74 -8.63 8.71 17.84
CA ALA E 74 -7.18 8.50 17.93
C ALA E 74 -6.78 7.26 17.18
N CYS E 75 -7.56 6.24 17.45
CA CYS E 75 -7.36 4.97 16.85
C CYS E 75 -7.77 5.08 15.38
N GLN E 76 -8.69 5.98 15.11
CA GLN E 76 -9.13 6.21 13.75
C GLN E 76 -7.95 6.66 12.95
N GLY E 77 -6.95 7.31 13.64
CA GLY E 77 -5.74 7.81 12.97
C GLY E 77 -4.95 6.66 12.33
N VAL E 78 -5.33 5.43 12.71
CA VAL E 78 -4.67 4.23 12.26
C VAL E 78 -5.18 3.73 10.90
N GLY E 79 -4.29 3.10 10.14
CA GLY E 79 -4.63 2.57 8.83
C GLY E 79 -4.15 3.49 7.73
N GLY E 80 -4.92 4.54 7.46
CA GLY E 80 -4.52 5.49 6.45
C GLY E 80 -3.14 6.02 6.78
N PRO E 81 -2.61 6.91 5.96
CA PRO E 81 -1.26 7.47 6.17
C PRO E 81 -1.16 8.14 7.54
N GLY E 82 -2.32 8.37 8.17
CA GLY E 82 -2.32 9.01 9.45
C GLY E 82 -1.61 8.09 10.39
N HIS E 83 -1.58 6.79 10.04
CA HIS E 83 -0.93 5.86 10.89
C HIS E 83 0.51 5.82 10.72
N LYS E 84 0.86 5.72 9.55
CA LYS E 84 2.20 5.73 9.29
C LYS E 84 2.71 7.12 9.72
N ALA E 85 1.89 8.17 9.51
CA ALA E 85 2.30 9.55 9.84
C ALA E 85 2.67 9.72 11.34
N ARG E 86 1.71 9.42 12.23
CA ARG E 86 1.94 9.48 13.66
C ARG E 86 3.07 8.53 14.08
N VAL E 87 2.96 7.28 13.63
CA VAL E 87 3.96 6.30 13.96
C VAL E 87 5.33 6.73 13.46
N LEU E 88 5.40 7.22 12.24
CA LEU E 88 6.67 7.62 11.68
C LEU E 88 7.31 8.64 12.59
N ALA E 89 6.53 9.60 13.06
CA ALA E 89 7.03 10.65 13.95
C ALA E 89 7.60 10.14 15.28
N GLU E 90 6.94 9.14 15.89
CA GLU E 90 7.38 8.63 17.18
C GLU E 90 8.37 7.50 17.05
N ALA E 91 8.10 6.53 16.25
CA ALA E 91 9.07 5.43 16.11
C ALA E 91 10.41 5.95 15.55
N MET E 92 10.33 6.79 14.51
CA MET E 92 11.53 7.33 13.89
C MET E 92 12.30 8.17 14.90
N SER E 93 11.55 8.93 15.72
CA SER E 93 12.16 9.78 16.75
C SER E 93 12.40 8.99 18.03
N GLN E 94 11.92 7.75 18.08
CA GLN E 94 12.11 6.92 19.25
C GLN E 94 13.45 6.24 19.17
N VAL E 95 13.66 5.48 18.12
CA VAL E 95 14.92 4.80 18.00
C VAL E 95 16.07 5.82 18.01
N THR E 96 15.92 6.93 17.28
CA THR E 96 16.99 7.93 17.24
C THR E 96 17.53 8.32 18.63
N ASN E 97 16.66 8.81 19.51
CA ASN E 97 17.11 9.21 20.86
C ASN E 97 16.99 8.05 21.85
N THR E 98 15.83 7.42 21.80
CA THR E 98 15.48 6.28 22.65
C THR E 98 16.09 4.96 22.17
N ALA E 99 17.10 5.01 21.30
CA ALA E 99 17.67 3.77 20.77
C ALA E 99 18.10 2.87 21.91
N THR E 100 18.63 3.47 22.96
CA THR E 100 19.02 2.66 24.11
C THR E 100 17.77 2.37 24.92
N ILE E 101 17.34 1.12 24.92
CA ILE E 101 16.14 0.73 25.65
C ILE E 101 16.45 -0.41 26.61
N MET E 102 16.10 -0.22 27.89
CA MET E 102 16.35 -1.23 28.90
C MET E 102 15.09 -1.47 29.74
N GLY F 1 5.12 -32.89 1.05
CA GLY F 1 5.29 -32.23 2.37
C GLY F 1 4.16 -31.22 2.59
N GLY F 2 2.99 -31.54 2.04
CA GLY F 2 1.83 -30.67 2.16
C GLY F 2 1.21 -30.37 0.79
N SER F 3 0.16 -31.11 0.43
CA SER F 3 -0.52 -30.93 -0.86
C SER F 3 -1.64 -29.87 -0.73
N PRO F 4 -2.00 -29.23 -1.81
CA PRO F 4 -3.06 -28.16 -1.81
C PRO F 4 -4.39 -28.58 -1.21
N THR F 5 -5.02 -27.62 -0.52
CA THR F 5 -6.32 -27.80 0.14
C THR F 5 -6.22 -28.55 1.44
N SER F 6 -5.12 -29.25 1.67
CA SER F 6 -4.99 -29.97 2.91
C SER F 6 -4.59 -28.96 3.96
N ILE F 7 -4.88 -29.22 5.22
CA ILE F 7 -4.48 -28.25 6.26
C ILE F 7 -2.94 -28.04 6.25
N LEU F 8 -2.24 -28.98 5.61
CA LEU F 8 -0.79 -28.92 5.50
C LEU F 8 -0.38 -27.81 4.54
N ASP F 9 -1.12 -27.71 3.44
CA ASP F 9 -0.86 -26.67 2.46
C ASP F 9 -1.71 -25.44 2.80
N ILE F 10 -1.99 -25.30 4.08
CA ILE F 10 -2.75 -24.17 4.54
C ILE F 10 -1.78 -23.14 5.04
N ARG F 11 -1.79 -21.95 4.44
CA ARG F 11 -0.85 -20.92 4.85
C ARG F 11 -1.42 -19.54 4.84
N GLN F 12 -0.91 -18.78 5.79
CA GLN F 12 -1.26 -17.38 5.90
C GLN F 12 -0.59 -16.64 4.78
N GLY F 13 -1.35 -15.97 3.97
CA GLY F 13 -0.77 -15.20 2.92
C GLY F 13 0.24 -14.26 3.51
N PRO F 14 1.25 -13.83 2.75
CA PRO F 14 2.30 -12.93 3.30
C PRO F 14 1.68 -11.82 4.15
N LYS F 15 0.63 -11.21 3.63
CA LYS F 15 -0.06 -10.15 4.38
C LYS F 15 -1.31 -10.66 5.07
N GLU F 16 -1.72 -11.89 4.74
CA GLU F 16 -2.93 -12.43 5.32
C GLU F 16 -2.87 -12.34 6.83
N PRO F 17 -3.85 -11.78 7.46
CA PRO F 17 -3.83 -11.72 8.92
C PRO F 17 -3.71 -13.11 9.47
N PHE F 18 -3.10 -13.20 10.65
CA PHE F 18 -2.97 -14.47 11.33
C PHE F 18 -4.34 -14.94 11.71
N ARG F 19 -5.13 -14.00 12.22
CA ARG F 19 -6.47 -14.32 12.62
C ARG F 19 -7.23 -14.85 11.41
N ASP F 20 -7.06 -14.15 10.31
CA ASP F 20 -7.70 -14.55 9.06
C ASP F 20 -7.16 -15.90 8.65
N TYR F 21 -5.86 -16.06 8.84
CA TYR F 21 -5.17 -17.27 8.48
C TYR F 21 -5.71 -18.49 9.21
N VAL F 22 -5.89 -18.34 10.51
CA VAL F 22 -6.36 -19.45 11.31
C VAL F 22 -7.84 -19.79 11.05
N ASP F 23 -8.61 -18.81 10.56
CA ASP F 23 -10.05 -19.03 10.29
C ASP F 23 -10.28 -20.06 9.15
N ARG F 24 -9.46 -19.97 8.10
CA ARG F 24 -9.59 -20.90 7.00
C ARG F 24 -8.79 -22.17 7.28
N PHE F 25 -7.76 -22.04 8.18
CA PHE F 25 -6.85 -23.16 8.54
C PHE F 25 -7.67 -24.34 9.03
N TYR F 26 -8.39 -24.08 10.11
CA TYR F 26 -9.23 -25.06 10.71
C TYR F 26 -10.34 -25.42 9.71
N LYS F 27 -10.86 -24.43 9.02
CA LYS F 27 -11.86 -24.69 8.01
C LYS F 27 -11.25 -25.68 7.00
N THR F 28 -9.98 -25.49 6.74
CA THR F 28 -9.31 -26.35 5.81
C THR F 28 -9.13 -27.69 6.46
N LEU F 29 -8.92 -27.66 7.78
CA LEU F 29 -8.70 -28.87 8.53
C LEU F 29 -9.93 -29.78 8.39
N ARG F 30 -11.12 -29.19 8.51
CA ARG F 30 -12.38 -29.92 8.29
C ARG F 30 -12.35 -30.44 6.86
N ALA F 31 -11.80 -29.63 5.98
CA ALA F 31 -11.65 -30.03 4.59
C ALA F 31 -10.67 -31.20 4.52
N GLU F 32 -9.75 -31.22 5.49
CA GLU F 32 -8.77 -32.29 5.54
C GLU F 32 -9.27 -33.38 6.47
N GLN F 33 -9.39 -34.58 5.94
CA GLN F 33 -9.87 -35.65 6.76
C GLN F 33 -8.78 -36.16 7.69
N ALA F 34 -8.37 -35.30 8.62
CA ALA F 34 -7.41 -35.67 9.66
C ALA F 34 -8.26 -36.00 10.88
N SER F 35 -7.90 -37.06 11.62
CA SER F 35 -8.70 -37.48 12.78
C SER F 35 -8.58 -36.47 13.93
N GLN F 36 -9.43 -36.59 14.95
CA GLN F 36 -9.37 -35.66 16.09
C GLN F 36 -8.00 -35.74 16.75
N GLU F 37 -7.45 -36.93 16.81
CA GLU F 37 -6.14 -37.12 17.40
C GLU F 37 -5.08 -36.40 16.56
N VAL F 38 -5.27 -36.41 15.25
CA VAL F 38 -4.33 -35.73 14.34
C VAL F 38 -4.62 -34.22 14.29
N LYS F 39 -5.81 -33.86 13.84
CA LYS F 39 -6.24 -32.46 13.77
C LYS F 39 -5.90 -31.69 15.07
N ASN F 40 -6.11 -32.31 16.23
CA ASN F 40 -5.79 -31.64 17.51
C ASN F 40 -4.28 -31.24 17.57
N TRP F 41 -3.40 -32.12 17.09
CA TRP F 41 -1.99 -31.75 17.08
C TRP F 41 -1.64 -31.04 15.75
N MET F 42 -2.48 -31.21 14.69
CA MET F 42 -2.24 -30.58 13.38
C MET F 42 -2.48 -29.11 13.49
N THR F 43 -3.51 -28.80 14.21
CA THR F 43 -3.86 -27.44 14.43
C THR F 43 -2.76 -26.74 15.20
N GLU F 44 -1.89 -27.54 15.82
CA GLU F 44 -0.81 -26.95 16.61
C GLU F 44 0.49 -26.63 15.85
N THR F 45 1.13 -27.65 15.27
CA THR F 45 2.42 -27.44 14.58
C THR F 45 2.25 -26.75 13.22
N LEU F 46 1.24 -27.16 12.43
CA LEU F 46 1.02 -26.54 11.11
C LEU F 46 0.63 -25.10 11.24
N LEU F 47 -0.12 -24.78 12.26
CA LEU F 47 -0.55 -23.43 12.41
C LEU F 47 0.64 -22.48 12.62
N VAL F 48 1.58 -22.89 13.45
CA VAL F 48 2.73 -22.06 13.77
C VAL F 48 3.67 -21.84 12.60
N GLN F 49 3.95 -22.90 11.85
CA GLN F 49 4.93 -22.87 10.72
C GLN F 49 4.34 -22.41 9.37
N ASN F 50 3.04 -22.29 9.28
CA ASN F 50 2.42 -21.88 8.02
C ASN F 50 1.86 -20.48 8.10
N ALA F 51 1.77 -19.97 9.30
CA ALA F 51 1.16 -18.69 9.49
C ALA F 51 2.01 -17.50 9.04
N ASN F 52 2.53 -17.42 7.76
CA ASN F 52 3.27 -16.20 7.38
C ASN F 52 4.54 -15.98 8.23
N PRO F 53 5.73 -16.12 7.67
CA PRO F 53 7.00 -15.96 8.45
C PRO F 53 6.92 -14.84 9.51
N ASP F 54 6.11 -13.82 9.29
CA ASP F 54 5.93 -12.77 10.31
C ASP F 54 5.15 -13.27 11.53
N CYS F 55 4.08 -14.02 11.31
CA CYS F 55 3.33 -14.50 12.44
C CYS F 55 4.05 -15.70 12.94
N LYS F 56 4.32 -16.56 12.00
CA LYS F 56 5.04 -17.76 12.24
C LYS F 56 6.21 -17.55 13.19
N THR F 57 6.97 -16.46 12.98
CA THR F 57 8.11 -16.19 13.85
C THR F 57 7.58 -15.66 15.19
N ILE F 58 6.52 -14.80 15.11
CA ILE F 58 5.87 -14.27 16.31
C ILE F 58 5.44 -15.42 17.19
N LEU F 59 4.95 -16.48 16.55
CA LEU F 59 4.54 -17.64 17.28
C LEU F 59 5.71 -18.16 18.07
N LYS F 60 6.89 -18.10 17.48
CA LYS F 60 8.08 -18.55 18.17
C LYS F 60 8.45 -17.49 19.23
N ALA F 61 8.15 -16.24 18.88
CA ALA F 61 8.41 -15.08 19.74
C ALA F 61 7.58 -15.14 21.02
N LEU F 62 6.38 -15.67 20.91
CA LEU F 62 5.50 -15.75 22.05
C LEU F 62 6.08 -16.74 23.03
N GLY F 63 6.81 -17.71 22.46
CA GLY F 63 7.44 -18.73 23.24
C GLY F 63 6.73 -20.06 22.97
N PRO F 64 7.33 -21.00 22.23
CA PRO F 64 6.70 -22.35 21.96
C PRO F 64 6.03 -22.94 23.22
N GLY F 65 4.84 -23.45 23.00
CA GLY F 65 3.98 -23.94 24.06
C GLY F 65 2.85 -22.94 24.18
N ALA F 66 2.82 -22.00 23.18
CA ALA F 66 1.83 -20.94 23.09
C ALA F 66 0.42 -21.47 23.00
N THR F 67 -0.46 -20.55 23.30
CA THR F 67 -1.85 -20.79 23.26
C THR F 67 -2.34 -20.22 21.97
N LEU F 68 -3.30 -20.87 21.33
CA LEU F 68 -3.80 -20.33 20.07
C LEU F 68 -4.15 -18.89 20.24
N GLU F 69 -4.59 -18.55 21.43
CA GLU F 69 -4.93 -17.21 21.72
C GLU F 69 -3.67 -16.36 21.68
N GLU F 70 -2.58 -16.93 22.22
CA GLU F 70 -1.28 -16.25 22.32
C GLU F 70 -0.76 -15.79 20.92
N MET F 71 -0.95 -16.59 19.90
CA MET F 71 -0.55 -16.20 18.54
C MET F 71 -1.67 -15.43 17.84
N MET F 72 -2.94 -15.74 18.11
CA MET F 72 -4.02 -14.95 17.50
C MET F 72 -3.84 -13.48 17.94
N THR F 73 -3.65 -13.31 19.26
CA THR F 73 -3.40 -12.03 19.91
C THR F 73 -2.07 -11.37 19.45
N ALA F 74 -1.00 -12.16 19.21
CA ALA F 74 0.30 -11.52 18.81
C ALA F 74 0.44 -11.26 17.35
N CYS F 75 0.17 -12.33 16.61
CA CYS F 75 0.32 -12.31 15.17
C CYS F 75 -0.64 -11.36 14.54
N GLN F 76 -1.61 -10.94 15.32
CA GLN F 76 -2.61 -10.01 14.84
C GLN F 76 -1.92 -8.77 14.39
N GLY F 77 -0.83 -8.43 15.11
CA GLY F 77 -0.04 -7.25 14.81
C GLY F 77 0.50 -7.26 13.38
N VAL F 78 0.39 -8.45 12.73
CA VAL F 78 0.83 -8.66 11.35
C VAL F 78 -0.25 -8.39 10.27
N GLY F 79 0.16 -7.62 9.25
CA GLY F 79 -0.70 -7.34 8.12
C GLY F 79 -0.55 -5.90 7.66
N GLY F 80 -1.58 -5.15 7.96
CA GLY F 80 -1.65 -3.76 7.60
C GLY F 80 -0.56 -2.99 8.31
N PRO F 81 -0.58 -1.67 8.20
CA PRO F 81 0.46 -0.85 8.80
C PRO F 81 0.50 -1.11 10.31
N GLY F 82 -0.56 -1.75 10.87
CA GLY F 82 -0.48 -2.06 12.30
C GLY F 82 0.80 -2.90 12.50
N HIS F 83 1.22 -3.57 11.41
CA HIS F 83 2.44 -4.35 11.42
C HIS F 83 3.64 -3.61 11.02
N LYS F 84 3.51 -3.04 9.87
CA LYS F 84 4.59 -2.32 9.31
C LYS F 84 5.07 -1.30 10.33
N ALA F 85 4.12 -0.77 11.09
CA ALA F 85 4.40 0.23 12.10
C ALA F 85 5.37 -0.27 13.16
N ARG F 86 5.04 -1.40 13.77
CA ARG F 86 5.91 -1.96 14.79
C ARG F 86 7.21 -2.39 14.14
N VAL F 87 7.13 -2.67 12.82
CA VAL F 87 8.30 -3.13 12.06
C VAL F 87 9.15 -1.99 11.50
N LEU F 88 8.60 -0.79 11.40
CA LEU F 88 9.37 0.35 10.88
C LEU F 88 10.56 0.62 11.77
N ALA F 89 10.25 0.98 13.01
CA ALA F 89 11.27 1.29 14.01
C ALA F 89 12.17 0.09 14.33
N GLU F 90 11.61 -1.11 14.18
CA GLU F 90 12.33 -2.32 14.51
C GLU F 90 13.13 -2.81 13.33
N ALA F 91 12.76 -2.39 12.14
CA ALA F 91 13.54 -2.74 10.96
C ALA F 91 14.62 -1.67 10.88
N MET F 92 14.18 -0.48 11.23
CA MET F 92 15.03 0.67 11.29
C MET F 92 16.10 0.45 12.35
N SER F 93 15.68 -0.02 13.53
CA SER F 93 16.64 -0.25 14.59
C SER F 93 17.26 -1.62 14.46
N GLN F 94 16.71 -2.48 13.60
CA GLN F 94 17.33 -3.78 13.45
C GLN F 94 18.70 -3.53 12.90
N VAL F 95 18.76 -2.64 11.90
CA VAL F 95 20.03 -2.26 11.30
C VAL F 95 20.83 -1.32 12.22
N THR F 96 20.21 -0.33 12.83
CA THR F 96 20.97 0.59 13.66
C THR F 96 21.78 -0.12 14.74
N ASN F 97 21.14 -0.98 15.51
CA ASN F 97 21.84 -1.71 16.58
C ASN F 97 22.41 -3.05 16.11
N THR F 98 21.62 -3.76 15.32
CA THR F 98 21.98 -5.09 14.83
C THR F 98 22.57 -5.10 13.41
N ALA F 99 23.04 -3.96 12.89
CA ALA F 99 23.54 -3.95 11.51
C ALA F 99 24.61 -5.01 11.34
N THR F 100 25.43 -5.20 12.36
CA THR F 100 26.43 -6.25 12.26
C THR F 100 25.75 -7.57 12.58
N ILE F 101 25.59 -8.42 11.57
CA ILE F 101 24.92 -9.70 11.76
C ILE F 101 25.85 -10.84 11.32
N MET F 102 26.06 -11.80 12.22
CA MET F 102 26.93 -12.93 11.91
C MET F 102 26.63 -14.10 12.83
#